data_1ITW
#
_entry.id   1ITW
#
_cell.length_a   110.4051
_cell.length_b   119.0229
_cell.length_c   128.2170
_cell.angle_alpha   90.0000
_cell.angle_beta   99.0058
_cell.angle_gamma   90.0000
#
_symmetry.space_group_name_H-M   'P 1 21 1'
#
loop_
_entity.id
_entity.type
_entity.pdbx_description
1 polymer 'Isocitrate dehydrogenase'
2 non-polymer 'MANGANESE (II) ION'
3 non-polymer 'ISOCITRIC ACID'
4 water water
#
_entity_poly.entity_id   1
_entity_poly.type   'polypeptide(L)'
_entity_poly.pdbx_seq_one_letter_code
;MSTPKIIYTLTDEAPALATYSLLPIIKAFTGSSGIAVETRDISLAGRLIATFPEYLTDTQKISDDLAELGKLATTPDANI
IKLPNISASVPQLKAAIKELQQQGYKLPDYPEEPKTDTEKDVKARYDKIKGSAVNPVLREGNSDRRAPLSVKNYARKHPH
KMGAWSADSKSHVAHMDNGDFYGSEKAALIGAPGSVKIELIAKDGSSTVLKAKTSVQAGEIIDSSVMSKNALRNFIAAEI
EDAKKQGVLLSVHLKATMMKVSDPIMFGQIVSEFYKDALTKHAEVLKQIGFDVNNGIGDLYARIKTLPEAKQKEIEADIQ
AVYAQRPQLAMVNSDKGITNLHVPSDVIVDASMPAMIRDSGKMWGPDGKLHDTKAVIPDRCYAGVYQVVIEDCKQHGAFD
PTTMGSVPNVGLMAQKAEEYGSHDKTFQIPADGVVRVTDESGKLLLEQSVEAGDIWRMCQAKDAPIQDWVKLAVNRARAT
NTPAVFWLDPARAHDAQVIAKVERYLKDYDTSGLDIRILSPVEATRFSLARIREGKDTISVTGNVLRDYLTDLFPIMELG
TSAKMLSIVPLMSGGGLFETGAGGSAPKHVQQFLEEGYLRWDSLGEFLALAASLEHLGNAYKNPKALVLASTLDQATGKI
LDNNKSPARKVGEIDNRGSHFYLALYWAQALAAQTEDKELQAQFTGIAKALTDNETKIVGELAAAQGKPVDIAGYYHPNT
DLTSKAMRPSATFNAALAPLA
;
_entity_poly.pdbx_strand_id   A,B,C,D
#
# COMPACT_ATOMS: atom_id res chain seq x y z
N SER A 2 31.91 19.31 49.95
CA SER A 2 33.17 19.41 49.16
C SER A 2 33.99 18.13 49.25
N THR A 3 33.87 17.41 50.36
CA THR A 3 34.60 16.15 50.52
C THR A 3 34.08 15.15 49.51
N PRO A 4 34.99 14.41 48.84
CA PRO A 4 34.57 13.39 47.85
C PRO A 4 33.66 12.40 48.54
N LYS A 5 32.54 12.05 47.91
CA LYS A 5 31.59 11.13 48.50
C LYS A 5 31.42 9.80 47.77
N ILE A 6 31.21 8.75 48.54
CA ILE A 6 30.91 7.44 47.99
C ILE A 6 29.51 7.16 48.51
N ILE A 7 28.58 6.87 47.60
CA ILE A 7 27.21 6.58 48.01
C ILE A 7 27.10 5.08 48.21
N TYR A 8 26.62 4.68 49.37
CA TYR A 8 26.44 3.28 49.71
C TYR A 8 24.94 3.02 49.81
N THR A 9 24.42 2.14 48.96
CA THR A 9 22.99 1.87 48.99
C THR A 9 22.55 0.98 50.14
N LEU A 10 21.50 1.41 50.83
CA LEU A 10 20.93 0.62 51.91
C LEU A 10 19.82 -0.16 51.20
N THR A 11 19.92 -1.49 51.21
CA THR A 11 18.92 -2.28 50.52
C THR A 11 18.05 -3.13 51.41
N ASP A 12 17.88 -4.40 51.04
CA ASP A 12 17.01 -5.30 51.78
C ASP A 12 17.65 -6.56 52.33
N GLU A 13 16.89 -7.19 53.24
CA GLU A 13 17.22 -8.47 53.83
C GLU A 13 18.68 -8.74 54.21
N ALA A 14 19.30 -9.75 53.59
CA ALA A 14 20.68 -10.12 53.94
C ALA A 14 21.74 -9.03 53.76
N PRO A 15 21.87 -8.45 52.55
CA PRO A 15 22.90 -7.41 52.40
C PRO A 15 22.65 -6.21 53.32
N ALA A 16 21.38 -5.93 53.61
CA ALA A 16 21.03 -4.82 54.50
C ALA A 16 21.58 -5.10 55.91
N LEU A 17 21.45 -6.34 56.37
CA LEU A 17 21.97 -6.69 57.68
C LEU A 17 23.49 -6.58 57.68
N ALA A 18 24.13 -7.15 56.66
CA ALA A 18 25.59 -7.10 56.53
C ALA A 18 26.11 -5.67 56.58
N THR A 19 25.35 -4.76 55.97
CA THR A 19 25.74 -3.35 55.93
C THR A 19 25.84 -2.71 57.33
N TYR A 20 25.00 -3.13 58.28
CA TYR A 20 25.08 -2.55 59.62
C TYR A 20 26.44 -2.84 60.25
N SER A 21 27.05 -3.94 59.84
CA SER A 21 28.36 -4.32 60.35
C SER A 21 29.50 -3.74 59.52
N LEU A 22 29.39 -3.83 58.21
CA LEU A 22 30.46 -3.36 57.31
C LEU A 22 30.57 -1.85 57.11
N LEU A 23 29.45 -1.15 56.99
CA LEU A 23 29.48 0.29 56.76
C LEU A 23 30.29 1.06 57.80
N PRO A 24 30.10 0.77 59.10
CA PRO A 24 30.88 1.49 60.12
C PRO A 24 32.37 1.27 59.90
N ILE A 25 32.73 0.05 59.48
CA ILE A 25 34.14 -0.26 59.23
C ILE A 25 34.66 0.58 58.07
N ILE A 26 33.88 0.62 56.99
CA ILE A 26 34.27 1.39 55.81
C ILE A 26 34.46 2.86 56.18
N LYS A 27 33.51 3.41 56.93
CA LYS A 27 33.60 4.82 57.33
C LYS A 27 34.85 5.09 58.15
N ALA A 28 35.17 4.18 59.07
CA ALA A 28 36.34 4.34 59.93
C ALA A 28 37.65 4.29 59.14
N PHE A 29 37.76 3.35 58.20
CA PHE A 29 38.96 3.23 57.41
C PHE A 29 39.16 4.33 56.36
N THR A 30 38.07 4.91 55.86
CA THR A 30 38.17 5.95 54.84
C THR A 30 38.21 7.40 55.34
N GLY A 31 37.79 7.60 56.58
CA GLY A 31 37.76 8.94 57.15
C GLY A 31 39.02 9.77 57.04
N SER A 32 40.15 9.25 57.52
CA SER A 32 41.40 9.98 57.49
C SER A 32 41.90 10.36 56.10
N SER A 33 41.36 9.72 55.08
CA SER A 33 41.78 10.00 53.71
C SER A 33 40.92 11.06 53.01
N GLY A 34 40.10 11.76 53.77
CA GLY A 34 39.25 12.80 53.20
C GLY A 34 38.12 12.26 52.34
N ILE A 35 37.56 11.12 52.75
CA ILE A 35 36.47 10.52 52.01
C ILE A 35 35.25 10.45 52.88
N ALA A 36 34.10 10.77 52.30
CA ALA A 36 32.85 10.72 53.03
C ALA A 36 31.98 9.63 52.43
N VAL A 37 31.27 8.88 53.28
CA VAL A 37 30.39 7.82 52.80
C VAL A 37 28.97 8.21 53.18
N GLU A 38 28.11 8.37 52.19
CA GLU A 38 26.72 8.71 52.44
C GLU A 38 25.86 7.55 51.99
N THR A 39 24.75 7.35 52.69
CA THR A 39 23.84 6.27 52.34
C THR A 39 22.61 6.81 51.63
N ARG A 40 21.98 5.94 50.86
CA ARG A 40 20.74 6.26 50.16
C ARG A 40 19.89 5.03 50.35
N ASP A 41 18.64 5.25 50.73
CA ASP A 41 17.73 4.15 50.99
C ASP A 41 16.92 3.72 49.78
N ILE A 42 17.26 2.55 49.23
CA ILE A 42 16.53 2.03 48.10
C ILE A 42 15.85 0.71 48.49
N SER A 43 15.70 0.49 49.78
CA SER A 43 15.04 -0.71 50.27
C SER A 43 13.58 -0.66 49.82
N LEU A 44 12.95 -1.82 49.74
CA LEU A 44 11.55 -1.91 49.33
C LEU A 44 10.71 -0.99 50.21
N ALA A 45 10.87 -1.11 51.52
CA ALA A 45 10.10 -0.29 52.45
C ALA A 45 10.39 1.21 52.28
N GLY A 46 11.65 1.57 52.09
CA GLY A 46 11.99 2.97 51.91
C GLY A 46 11.37 3.54 50.64
N ARG A 47 11.40 2.75 49.57
CA ARG A 47 10.83 3.22 48.31
C ARG A 47 9.31 3.38 48.42
N LEU A 48 8.69 2.55 49.26
CA LEU A 48 7.24 2.63 49.48
C LEU A 48 6.91 3.90 50.28
N ILE A 49 7.65 4.11 51.36
CA ILE A 49 7.44 5.29 52.21
C ILE A 49 7.67 6.59 51.42
N ALA A 50 8.75 6.64 50.66
CA ALA A 50 9.08 7.82 49.86
C ALA A 50 7.99 8.17 48.85
N THR A 51 7.23 7.18 48.43
CA THR A 51 6.19 7.38 47.42
C THR A 51 4.86 7.97 47.87
N PHE A 52 4.50 7.81 49.13
CA PHE A 52 3.21 8.32 49.62
C PHE A 52 3.30 9.30 50.79
N PRO A 53 4.01 10.41 50.61
CA PRO A 53 4.16 11.42 51.66
C PRO A 53 2.83 11.95 52.20
N GLU A 54 1.84 12.07 51.32
CA GLU A 54 0.54 12.61 51.75
C GLU A 54 -0.17 11.76 52.79
N TYR A 55 0.21 10.49 52.91
CA TYR A 55 -0.40 9.61 53.90
C TYR A 55 0.45 9.52 55.16
N LEU A 56 1.54 10.28 55.21
CA LEU A 56 2.45 10.21 56.34
C LEU A 56 2.60 11.45 57.21
N THR A 57 3.03 11.23 58.46
CA THR A 57 3.26 12.33 59.41
C THR A 57 4.58 12.96 58.98
N ASP A 58 4.83 14.20 59.42
CA ASP A 58 6.06 14.87 59.05
C ASP A 58 7.31 14.06 59.36
N THR A 59 7.31 13.38 60.51
CA THR A 59 8.48 12.59 60.90
C THR A 59 8.64 11.26 60.17
N GLN A 60 7.57 10.74 59.58
CA GLN A 60 7.63 9.47 58.86
C GLN A 60 8.16 9.61 57.43
N LYS A 61 8.01 10.81 56.87
CA LYS A 61 8.45 11.07 55.51
C LYS A 61 9.96 10.99 55.35
N ILE A 62 10.40 10.50 54.19
CA ILE A 62 11.82 10.38 53.89
C ILE A 62 12.03 10.79 52.44
N SER A 63 13.26 11.16 52.11
CA SER A 63 13.59 11.56 50.75
C SER A 63 13.44 10.41 49.76
N ASP A 64 13.12 10.75 48.53
CA ASP A 64 12.98 9.78 47.45
C ASP A 64 14.40 9.49 46.95
N ASP A 65 15.10 8.60 47.64
CA ASP A 65 16.49 8.30 47.28
C ASP A 65 16.72 7.62 45.92
N LEU A 66 15.73 6.89 45.42
CA LEU A 66 15.90 6.24 44.12
C LEU A 66 15.99 7.34 43.05
N ALA A 67 15.10 8.32 43.12
CA ALA A 67 15.10 9.43 42.16
C ALA A 67 16.41 10.21 42.28
N GLU A 68 16.82 10.47 43.52
CA GLU A 68 18.07 11.19 43.78
C GLU A 68 19.23 10.44 43.14
N LEU A 69 19.28 9.12 43.34
CA LEU A 69 20.35 8.31 42.76
C LEU A 69 20.34 8.38 41.23
N GLY A 70 19.15 8.33 40.64
CA GLY A 70 19.05 8.40 39.20
C GLY A 70 19.66 9.68 38.66
N LYS A 71 19.41 10.78 39.37
CA LYS A 71 19.97 12.06 38.97
C LYS A 71 21.49 12.00 39.13
N LEU A 72 21.94 11.46 40.26
CA LEU A 72 23.37 11.36 40.55
C LEU A 72 24.08 10.53 39.49
N ALA A 73 23.43 9.47 39.02
CA ALA A 73 24.00 8.58 38.02
C ALA A 73 24.33 9.27 36.71
N THR A 74 23.74 10.44 36.48
CA THR A 74 24.03 11.18 35.26
C THR A 74 24.93 12.38 35.52
N THR A 75 25.61 12.39 36.66
CA THR A 75 26.55 13.47 37.00
C THR A 75 27.95 12.88 36.84
N PRO A 76 28.93 13.70 36.46
CA PRO A 76 30.33 13.29 36.25
C PRO A 76 31.10 12.70 37.42
N ASP A 77 30.80 13.13 38.64
CA ASP A 77 31.56 12.65 39.79
C ASP A 77 30.89 11.59 40.65
N ALA A 78 29.78 11.04 40.16
CA ALA A 78 29.08 10.02 40.92
C ALA A 78 29.96 8.81 41.21
N ASN A 79 29.81 8.24 42.40
CA ASN A 79 30.57 7.06 42.81
C ASN A 79 29.59 6.32 43.71
N ILE A 80 28.93 5.33 43.13
CA ILE A 80 27.90 4.58 43.83
C ILE A 80 28.21 3.11 43.99
N ILE A 81 27.99 2.58 45.19
CA ILE A 81 28.19 1.16 45.45
C ILE A 81 26.76 0.64 45.67
N LYS A 82 26.32 -0.21 44.75
CA LYS A 82 24.98 -0.77 44.76
C LYS A 82 24.93 -2.24 45.19
N LEU A 83 24.20 -2.53 46.25
CA LEU A 83 24.08 -3.91 46.73
C LEU A 83 22.79 -4.55 46.23
N PRO A 84 22.70 -5.89 46.28
CA PRO A 84 21.50 -6.58 45.81
C PRO A 84 20.26 -6.07 46.54
N ASN A 85 19.14 -6.02 45.84
CA ASN A 85 17.91 -5.53 46.44
C ASN A 85 16.71 -6.28 45.88
N ILE A 86 15.58 -6.12 46.55
CA ILE A 86 14.36 -6.80 46.14
C ILE A 86 13.67 -6.21 44.90
N SER A 87 13.28 -7.10 43.99
CA SER A 87 12.49 -6.72 42.82
C SER A 87 11.21 -7.41 43.28
N ALA A 88 10.40 -6.66 44.00
CA ALA A 88 9.19 -7.20 44.61
C ALA A 88 8.09 -7.84 43.79
N SER A 89 7.65 -8.99 44.28
CA SER A 89 6.52 -9.73 43.72
C SER A 89 5.35 -9.07 44.46
N VAL A 90 4.12 -9.31 44.03
CA VAL A 90 2.99 -8.71 44.73
C VAL A 90 2.95 -9.15 46.19
N PRO A 91 3.24 -10.45 46.46
CA PRO A 91 3.22 -10.92 47.84
C PRO A 91 4.23 -10.16 48.72
N GLN A 92 5.40 -9.87 48.18
CA GLN A 92 6.40 -9.13 48.94
C GLN A 92 5.91 -7.70 49.14
N LEU A 93 5.35 -7.12 48.10
CA LEU A 93 4.83 -5.75 48.16
C LEU A 93 3.78 -5.64 49.27
N LYS A 94 2.83 -6.58 49.27
CA LYS A 94 1.77 -6.58 50.28
C LYS A 94 2.33 -6.80 51.68
N ALA A 95 3.32 -7.68 51.80
CA ALA A 95 3.94 -7.96 53.08
C ALA A 95 4.62 -6.70 53.64
N ALA A 96 5.31 -5.97 52.77
CA ALA A 96 5.99 -4.76 53.19
C ALA A 96 4.98 -3.70 53.58
N ILE A 97 3.91 -3.58 52.80
CA ILE A 97 2.87 -2.60 53.11
C ILE A 97 2.27 -2.94 54.47
N LYS A 98 1.93 -4.21 54.69
CA LYS A 98 1.36 -4.63 55.96
C LYS A 98 2.27 -4.31 57.14
N GLU A 99 3.56 -4.62 57.01
CA GLU A 99 4.52 -4.36 58.08
C GLU A 99 4.55 -2.88 58.44
N LEU A 100 4.60 -2.03 57.42
CA LEU A 100 4.63 -0.58 57.63
C LEU A 100 3.35 -0.08 58.29
N GLN A 101 2.21 -0.61 57.88
CA GLN A 101 0.93 -0.21 58.48
C GLN A 101 0.94 -0.60 59.96
N GLN A 102 1.47 -1.79 60.26
CA GLN A 102 1.52 -2.24 61.64
C GLN A 102 2.45 -1.34 62.45
N GLN A 103 3.40 -0.72 61.76
CA GLN A 103 4.34 0.18 62.40
C GLN A 103 3.78 1.60 62.50
N GLY A 104 2.55 1.79 62.03
CA GLY A 104 1.93 3.11 62.10
C GLY A 104 1.96 3.95 60.85
N TYR A 105 2.52 3.43 59.76
CA TYR A 105 2.54 4.20 58.50
C TYR A 105 1.21 3.91 57.81
N LYS A 106 0.36 4.93 57.72
CA LYS A 106 -0.96 4.77 57.12
C LYS A 106 -0.99 4.67 55.60
N LEU A 107 -0.16 3.78 55.05
CA LEU A 107 -0.11 3.58 53.61
C LEU A 107 -1.41 2.90 53.18
N PRO A 108 -1.88 3.22 51.97
CA PRO A 108 -3.11 2.61 51.49
C PRO A 108 -2.86 1.15 51.11
N ASP A 109 -3.89 0.33 51.16
CA ASP A 109 -3.75 -1.08 50.78
C ASP A 109 -3.48 -1.16 49.29
N TYR A 110 -2.90 -2.28 48.86
CA TYR A 110 -2.64 -2.49 47.45
C TYR A 110 -3.94 -3.00 46.85
N PRO A 111 -4.57 -2.25 45.94
CA PRO A 111 -5.82 -2.72 45.35
C PRO A 111 -5.56 -3.50 44.05
N GLU A 112 -5.72 -4.82 44.10
CA GLU A 112 -5.47 -5.65 42.92
C GLU A 112 -6.46 -5.40 41.78
N GLU A 113 -7.68 -5.03 42.14
CA GLU A 113 -8.73 -4.74 41.18
C GLU A 113 -9.40 -3.42 41.54
N PRO A 114 -8.75 -2.29 41.19
CA PRO A 114 -9.19 -0.92 41.45
C PRO A 114 -10.54 -0.60 40.80
N LYS A 115 -11.44 -0.01 41.57
CA LYS A 115 -12.75 0.35 41.06
C LYS A 115 -13.12 1.78 41.43
N THR A 116 -12.18 2.50 42.03
CA THR A 116 -12.40 3.89 42.43
C THR A 116 -11.20 4.74 42.01
N ASP A 117 -11.41 6.04 41.85
CA ASP A 117 -10.34 6.93 41.45
C ASP A 117 -9.14 6.80 42.37
N THR A 118 -9.42 6.68 43.67
CA THR A 118 -8.35 6.56 44.66
C THR A 118 -7.58 5.26 44.50
N GLU A 119 -8.29 4.14 44.35
CA GLU A 119 -7.62 2.85 44.18
C GLU A 119 -6.80 2.82 42.89
N LYS A 120 -7.33 3.42 41.83
CA LYS A 120 -6.63 3.45 40.55
C LYS A 120 -5.33 4.21 40.66
N ASP A 121 -5.38 5.38 41.31
CA ASP A 121 -4.19 6.19 41.51
C ASP A 121 -3.18 5.41 42.36
N VAL A 122 -3.68 4.80 43.44
CA VAL A 122 -2.83 4.04 44.33
C VAL A 122 -2.18 2.83 43.69
N LYS A 123 -2.95 2.03 42.95
CA LYS A 123 -2.37 0.86 42.31
C LYS A 123 -1.31 1.25 41.29
N ALA A 124 -1.56 2.31 40.52
CA ALA A 124 -0.61 2.76 39.52
C ALA A 124 0.72 3.11 40.16
N ARG A 125 0.68 3.78 41.31
CA ARG A 125 1.89 4.15 42.01
C ARG A 125 2.61 2.95 42.60
N TYR A 126 1.87 2.04 43.20
CA TYR A 126 2.45 0.83 43.79
C TYR A 126 3.08 -0.03 42.69
N ASP A 127 2.44 -0.05 41.52
CA ASP A 127 2.96 -0.85 40.40
C ASP A 127 4.33 -0.38 39.90
N LYS A 128 4.63 0.90 40.05
CA LYS A 128 5.92 1.43 39.62
C LYS A 128 7.00 1.05 40.63
N ILE A 129 6.58 0.67 41.83
CA ILE A 129 7.50 0.31 42.90
C ILE A 129 7.87 -1.17 42.89
N LYS A 130 6.93 -2.04 42.53
CA LYS A 130 7.21 -3.47 42.51
C LYS A 130 8.01 -3.85 41.28
N GLY A 131 8.44 -5.11 41.24
CA GLY A 131 9.23 -5.57 40.11
C GLY A 131 10.65 -5.03 40.09
N SER A 132 11.29 -5.07 38.92
CA SER A 132 12.66 -4.60 38.77
C SER A 132 12.69 -3.08 38.56
N ALA A 133 12.53 -2.35 39.65
CA ALA A 133 12.46 -0.89 39.62
C ALA A 133 13.76 -0.13 39.80
N VAL A 134 14.74 -0.75 40.44
CA VAL A 134 16.01 -0.07 40.70
C VAL A 134 17.04 -0.05 39.58
N ASN A 135 17.33 -1.22 39.00
CA ASN A 135 18.33 -1.30 37.95
C ASN A 135 18.11 -0.34 36.77
N PRO A 136 16.89 -0.23 36.25
CA PRO A 136 16.63 0.68 35.12
C PRO A 136 16.97 2.13 35.42
N VAL A 137 16.93 2.51 36.69
CA VAL A 137 17.24 3.87 37.07
C VAL A 137 18.74 4.10 37.23
N LEU A 138 19.44 3.15 37.86
CA LEU A 138 20.87 3.31 38.09
C LEU A 138 21.80 2.99 36.92
N ARG A 139 21.38 2.07 36.06
CA ARG A 139 22.24 1.67 34.96
C ARG A 139 22.32 2.64 33.79
N GLU A 140 22.95 3.78 34.02
CA GLU A 140 23.13 4.82 33.01
C GLU A 140 24.53 4.66 32.42
N GLY A 141 24.89 3.42 32.15
CA GLY A 141 26.19 3.12 31.59
C GLY A 141 26.17 1.67 31.15
N ASN A 142 27.27 1.20 30.58
CA ASN A 142 27.31 -0.18 30.13
C ASN A 142 27.97 -1.08 31.17
N SER A 143 28.01 -2.37 30.89
CA SER A 143 28.53 -3.33 31.85
C SER A 143 29.90 -4.00 31.61
N ASP A 144 30.75 -3.91 32.63
CA ASP A 144 32.07 -4.54 32.62
C ASP A 144 31.95 -5.53 33.79
N ARG A 145 31.51 -6.74 33.50
CA ARG A 145 31.31 -7.76 34.52
C ARG A 145 32.28 -8.92 34.35
N ARG A 146 33.08 -9.16 35.38
CA ARG A 146 34.09 -10.21 35.35
C ARG A 146 34.51 -10.57 36.77
N ALA A 147 34.97 -11.80 36.95
CA ALA A 147 35.43 -12.24 38.25
C ALA A 147 36.84 -11.70 38.40
N PRO A 148 37.22 -11.29 39.63
CA PRO A 148 38.57 -10.76 39.86
C PRO A 148 39.59 -11.89 39.69
N LEU A 149 40.84 -11.53 39.38
CA LEU A 149 41.89 -12.52 39.22
C LEU A 149 42.03 -13.36 40.50
N SER A 150 41.90 -12.71 41.65
CA SER A 150 42.02 -13.40 42.93
C SER A 150 41.03 -14.55 43.06
N VAL A 151 39.79 -14.30 42.66
CA VAL A 151 38.74 -15.31 42.72
C VAL A 151 38.99 -16.41 41.71
N LYS A 152 39.40 -16.05 40.49
CA LYS A 152 39.69 -17.06 39.48
C LYS A 152 40.83 -17.97 39.94
N ASN A 153 41.93 -17.38 40.41
CA ASN A 153 43.07 -18.17 40.86
C ASN A 153 42.69 -19.08 42.03
N TYR A 154 41.84 -18.59 42.91
CA TYR A 154 41.43 -19.38 44.06
C TYR A 154 40.60 -20.58 43.63
N ALA A 155 39.74 -20.35 42.63
CA ALA A 155 38.89 -21.43 42.12
C ALA A 155 39.76 -22.50 41.48
N ARG A 156 40.78 -22.06 40.73
CA ARG A 156 41.70 -22.96 40.07
C ARG A 156 42.37 -23.89 41.06
N LYS A 157 42.73 -23.35 42.22
CA LYS A 157 43.41 -24.11 43.25
C LYS A 157 42.45 -24.89 44.14
N HIS A 158 41.19 -24.45 44.20
CA HIS A 158 40.19 -25.12 45.02
C HIS A 158 38.93 -25.37 44.20
N PRO A 159 39.01 -26.31 43.25
CA PRO A 159 37.94 -26.71 42.34
C PRO A 159 36.61 -27.05 43.01
N HIS A 160 35.53 -26.45 42.52
CA HIS A 160 34.20 -26.72 43.05
C HIS A 160 33.70 -27.97 42.33
N LYS A 161 32.62 -28.55 42.82
CA LYS A 161 32.09 -29.75 42.19
C LYS A 161 31.38 -29.46 40.87
N MET A 162 31.62 -30.32 39.90
CA MET A 162 30.99 -30.21 38.60
C MET A 162 30.37 -31.56 38.26
N GLY A 163 29.07 -31.57 37.96
CA GLY A 163 28.41 -32.81 37.63
C GLY A 163 29.00 -33.45 36.39
N ALA A 164 29.23 -34.76 36.45
CA ALA A 164 29.79 -35.48 35.31
C ALA A 164 28.77 -35.49 34.18
N TRP A 165 29.26 -35.40 32.94
CA TRP A 165 28.40 -35.41 31.77
C TRP A 165 28.54 -36.69 30.95
N SER A 166 27.41 -37.21 30.50
CA SER A 166 27.37 -38.43 29.70
C SER A 166 27.05 -38.07 28.26
N ALA A 167 27.69 -38.75 27.32
CA ALA A 167 27.44 -38.50 25.91
C ALA A 167 26.03 -38.99 25.56
N ASP A 168 25.45 -39.81 26.43
CA ASP A 168 24.11 -40.35 26.21
C ASP A 168 23.02 -39.50 26.87
N SER A 169 23.41 -38.34 27.38
CA SER A 169 22.45 -37.44 28.01
C SER A 169 21.31 -37.11 27.05
N LYS A 170 20.09 -37.10 27.57
CA LYS A 170 18.92 -36.79 26.75
C LYS A 170 18.52 -35.32 26.92
N SER A 171 19.27 -34.58 27.70
CA SER A 171 18.98 -33.16 27.93
C SER A 171 19.26 -32.30 26.71
N HIS A 172 18.47 -31.25 26.55
CA HIS A 172 18.61 -30.33 25.44
C HIS A 172 17.68 -29.14 25.64
N VAL A 173 17.87 -28.11 24.82
CA VAL A 173 17.01 -26.94 24.86
C VAL A 173 15.99 -27.16 23.74
N ALA A 174 14.73 -26.83 24.01
CA ALA A 174 13.68 -26.95 23.00
C ALA A 174 13.21 -25.53 22.71
N HIS A 175 13.27 -25.12 21.44
CA HIS A 175 12.85 -23.80 21.03
C HIS A 175 11.99 -23.90 19.77
N MET A 176 11.25 -22.82 19.48
CA MET A 176 10.40 -22.79 18.30
C MET A 176 11.25 -22.75 17.03
N ASP A 177 10.66 -23.14 15.89
CA ASP A 177 11.36 -23.12 14.61
C ASP A 177 10.88 -21.94 13.77
N ASN A 178 9.76 -21.36 14.18
CA ASN A 178 9.17 -20.22 13.48
C ASN A 178 8.06 -19.63 14.34
N GLY A 179 7.56 -18.46 13.95
CA GLY A 179 6.49 -17.84 14.70
C GLY A 179 6.92 -17.19 16.02
N ASP A 180 8.22 -17.06 16.22
CA ASP A 180 8.74 -16.46 17.45
C ASP A 180 9.23 -15.02 17.23
N PHE A 181 9.73 -14.36 18.28
CA PHE A 181 10.22 -12.99 18.13
C PHE A 181 11.39 -12.97 17.15
N TYR A 182 12.26 -13.96 17.27
CA TYR A 182 13.43 -14.06 16.41
C TYR A 182 13.08 -14.07 14.93
N GLY A 183 12.10 -14.87 14.55
CA GLY A 183 11.73 -14.96 13.15
C GLY A 183 10.96 -13.81 12.54
N SER A 184 10.46 -12.92 13.36
CA SER A 184 9.66 -11.79 12.88
C SER A 184 10.29 -10.42 13.11
N GLU A 185 11.52 -10.41 13.61
CA GLU A 185 12.17 -9.14 13.88
C GLU A 185 12.38 -8.27 12.65
N LYS A 186 12.03 -6.99 12.81
CA LYS A 186 12.17 -6.00 11.77
C LYS A 186 12.75 -4.79 12.48
N ALA A 187 13.67 -4.09 11.84
CA ALA A 187 14.30 -2.93 12.48
C ALA A 187 14.40 -1.73 11.55
N ALA A 188 14.59 -0.56 12.14
CA ALA A 188 14.72 0.68 11.38
C ALA A 188 15.71 1.58 12.09
N LEU A 189 16.51 2.31 11.31
CA LEU A 189 17.48 3.24 11.86
C LEU A 189 16.89 4.64 11.75
N ILE A 190 16.66 5.28 12.90
CA ILE A 190 16.07 6.61 12.93
C ILE A 190 17.01 7.66 12.33
N GLY A 191 16.49 8.43 11.37
CA GLY A 191 17.31 9.44 10.73
C GLY A 191 17.46 10.73 11.52
N ALA A 192 16.37 11.21 12.11
CA ALA A 192 16.41 12.45 12.87
C ALA A 192 15.55 12.39 14.12
N PRO A 193 15.77 13.33 15.06
CA PRO A 193 15.00 13.37 16.30
C PRO A 193 13.51 13.46 15.98
N GLY A 194 12.69 12.85 16.84
CA GLY A 194 11.26 12.87 16.65
C GLY A 194 10.59 11.90 17.59
N SER A 195 9.50 11.28 17.14
CA SER A 195 8.79 10.31 17.96
C SER A 195 7.93 9.46 17.04
N VAL A 196 7.64 8.25 17.49
CA VAL A 196 6.82 7.36 16.68
C VAL A 196 5.54 6.97 17.37
N LYS A 197 4.58 6.58 16.55
CA LYS A 197 3.26 6.18 16.99
C LYS A 197 3.10 4.69 16.71
N ILE A 198 2.54 3.96 17.66
CA ILE A 198 2.32 2.52 17.50
C ILE A 198 0.82 2.29 17.41
N GLU A 199 0.35 1.86 16.25
CA GLU A 199 -1.07 1.63 16.02
C GLU A 199 -1.40 0.26 15.46
N LEU A 200 -2.58 -0.22 15.82
CA LEU A 200 -3.08 -1.50 15.36
C LEU A 200 -4.21 -1.23 14.38
N ILE A 201 -4.04 -1.69 13.14
CA ILE A 201 -5.07 -1.52 12.12
C ILE A 201 -5.76 -2.88 12.04
N ALA A 202 -6.94 -2.98 12.62
CA ALA A 202 -7.69 -4.24 12.63
C ALA A 202 -8.27 -4.59 11.27
N LYS A 203 -8.76 -5.82 11.15
CA LYS A 203 -9.37 -6.28 9.91
C LYS A 203 -10.68 -5.53 9.73
N ASP A 204 -11.41 -5.37 10.83
CA ASP A 204 -12.70 -4.69 10.79
C ASP A 204 -12.57 -3.21 10.45
N GLY A 205 -11.41 -2.83 9.92
CA GLY A 205 -11.16 -1.45 9.54
C GLY A 205 -10.70 -0.55 10.68
N SER A 206 -11.24 -0.80 11.86
CA SER A 206 -10.92 -0.03 13.05
C SER A 206 -9.41 0.16 13.27
N SER A 207 -9.08 1.20 14.05
CA SER A 207 -7.70 1.51 14.37
C SER A 207 -7.60 1.76 15.86
N THR A 208 -6.58 1.16 16.50
CA THR A 208 -6.39 1.32 17.93
C THR A 208 -4.96 1.78 18.22
N VAL A 209 -4.82 2.93 18.86
CA VAL A 209 -3.49 3.43 19.19
C VAL A 209 -2.98 2.66 20.39
N LEU A 210 -1.89 1.93 20.23
CA LEU A 210 -1.34 1.15 21.33
C LEU A 210 -0.47 2.02 22.23
N LYS A 211 0.30 2.92 21.60
CA LYS A 211 1.16 3.85 22.34
C LYS A 211 1.33 5.05 21.42
N ALA A 212 0.64 6.14 21.78
CA ALA A 212 0.64 7.36 20.99
C ALA A 212 1.99 7.99 20.68
N LYS A 213 2.87 8.05 21.67
CA LYS A 213 4.16 8.68 21.47
C LYS A 213 5.34 8.00 22.14
N THR A 214 6.42 7.87 21.39
CA THR A 214 7.67 7.28 21.87
C THR A 214 8.77 8.10 21.21
N SER A 215 9.44 8.94 21.99
CA SER A 215 10.50 9.79 21.46
C SER A 215 11.67 8.96 20.95
N VAL A 216 12.25 9.38 19.83
CA VAL A 216 13.39 8.69 19.26
C VAL A 216 14.48 9.69 18.89
N GLN A 217 15.73 9.26 19.02
CA GLN A 217 16.88 10.11 18.72
C GLN A 217 17.47 9.75 17.37
N ALA A 218 18.26 10.67 16.82
CA ALA A 218 18.91 10.41 15.54
C ALA A 218 19.87 9.24 15.78
N GLY A 219 19.94 8.32 14.82
CA GLY A 219 20.83 7.19 14.96
C GLY A 219 20.33 6.09 15.87
N GLU A 220 19.14 6.27 16.44
CA GLU A 220 18.58 5.25 17.33
C GLU A 220 18.07 4.05 16.53
N ILE A 221 18.22 2.86 17.09
CA ILE A 221 17.74 1.67 16.42
C ILE A 221 16.47 1.21 17.13
N ILE A 222 15.41 1.00 16.36
CA ILE A 222 14.16 0.50 16.92
C ILE A 222 13.79 -0.75 16.13
N ASP A 223 13.21 -1.73 16.82
CA ASP A 223 12.80 -2.95 16.16
C ASP A 223 11.54 -3.53 16.77
N SER A 224 10.75 -4.20 15.92
CA SER A 224 9.51 -4.82 16.37
C SER A 224 9.60 -6.30 16.08
N SER A 225 8.89 -7.09 16.88
CA SER A 225 8.87 -8.53 16.69
C SER A 225 7.60 -9.04 17.35
N VAL A 226 7.19 -10.25 16.97
CA VAL A 226 5.97 -10.80 17.53
C VAL A 226 6.06 -12.30 17.80
N MET A 227 5.53 -12.68 18.95
CA MET A 227 5.49 -14.09 19.34
C MET A 227 4.07 -14.55 19.00
N SER A 228 3.97 -15.46 18.03
CA SER A 228 2.66 -15.95 17.60
C SER A 228 2.01 -16.90 18.59
N LYS A 229 0.79 -16.58 19.00
CA LYS A 229 0.08 -17.42 19.94
C LYS A 229 -0.17 -18.82 19.38
N ASN A 230 -0.57 -18.91 18.12
CA ASN A 230 -0.80 -20.22 17.51
C ASN A 230 0.48 -21.05 17.43
N ALA A 231 1.57 -20.42 16.99
CA ALA A 231 2.84 -21.13 16.87
C ALA A 231 3.38 -21.56 18.23
N LEU A 232 3.19 -20.72 19.23
CA LEU A 232 3.68 -21.04 20.57
C LEU A 232 2.91 -22.23 21.12
N ARG A 233 1.59 -22.21 21.00
CA ARG A 233 0.76 -23.30 21.48
C ARG A 233 1.12 -24.63 20.80
N ASN A 234 1.26 -24.59 19.48
CA ASN A 234 1.61 -25.79 18.73
C ASN A 234 3.00 -26.29 19.11
N PHE A 235 3.92 -25.36 19.35
CA PHE A 235 5.27 -25.74 19.77
C PHE A 235 5.19 -26.41 21.14
N ILE A 236 4.48 -25.77 22.07
CA ILE A 236 4.35 -26.31 23.41
C ILE A 236 3.71 -27.70 23.41
N ALA A 237 2.63 -27.85 22.66
CA ALA A 237 1.94 -29.13 22.57
C ALA A 237 2.90 -30.22 22.08
N ALA A 238 3.65 -29.90 21.03
CA ALA A 238 4.59 -30.85 20.46
C ALA A 238 5.73 -31.21 21.42
N GLU A 239 6.24 -30.23 22.15
CA GLU A 239 7.33 -30.47 23.09
C GLU A 239 6.83 -31.26 24.30
N ILE A 240 5.58 -31.05 24.70
CA ILE A 240 5.01 -31.78 25.81
C ILE A 240 5.00 -33.27 25.45
N GLU A 241 4.55 -33.57 24.23
CA GLU A 241 4.49 -34.95 23.74
C GLU A 241 5.86 -35.60 23.64
N ASP A 242 6.83 -34.85 23.11
CA ASP A 242 8.18 -35.37 22.93
C ASP A 242 8.90 -35.63 24.25
N ALA A 243 8.66 -34.78 25.24
CA ALA A 243 9.29 -34.95 26.55
C ALA A 243 8.76 -36.25 27.16
N LYS A 244 7.45 -36.48 27.00
CA LYS A 244 6.81 -37.67 27.53
C LYS A 244 7.36 -38.90 26.79
N LYS A 245 7.51 -38.78 25.47
CA LYS A 245 8.03 -39.87 24.66
C LYS A 245 9.46 -40.25 25.05
N GLN A 246 10.32 -39.25 25.21
CA GLN A 246 11.71 -39.50 25.57
C GLN A 246 11.91 -39.80 27.05
N GLY A 247 10.88 -39.53 27.85
CA GLY A 247 10.98 -39.80 29.27
C GLY A 247 11.86 -38.83 30.03
N VAL A 248 11.83 -37.55 29.65
CA VAL A 248 12.62 -36.54 30.33
C VAL A 248 11.71 -35.52 31.01
N LEU A 249 12.27 -34.76 31.94
CA LEU A 249 11.50 -33.75 32.66
C LEU A 249 11.26 -32.53 31.78
N LEU A 250 10.06 -31.97 31.86
CA LEU A 250 9.75 -30.79 31.08
C LEU A 250 10.02 -29.61 32.00
N SER A 251 10.89 -28.70 31.57
CA SER A 251 11.21 -27.52 32.36
C SER A 251 10.99 -26.29 31.49
N VAL A 252 10.81 -25.14 32.12
CA VAL A 252 10.56 -23.89 31.42
C VAL A 252 11.46 -22.82 31.98
N HIS A 253 12.21 -22.15 31.11
CA HIS A 253 13.15 -21.13 31.53
C HIS A 253 12.88 -19.75 30.93
N LEU A 254 12.21 -18.90 31.71
CA LEU A 254 11.87 -17.54 31.29
C LEU A 254 12.44 -16.52 32.28
N LYS A 255 12.15 -15.23 32.05
CA LYS A 255 12.64 -14.15 32.90
C LYS A 255 11.39 -13.33 33.26
N ALA A 256 10.46 -13.99 33.95
CA ALA A 256 9.18 -13.40 34.31
C ALA A 256 9.14 -12.11 35.12
N THR A 257 9.98 -11.98 36.14
CA THR A 257 9.97 -10.77 36.95
C THR A 257 10.40 -9.52 36.18
N MET A 258 11.50 -9.61 35.44
CA MET A 258 11.97 -8.45 34.71
C MET A 258 11.18 -8.22 33.42
N MET A 259 10.98 -9.27 32.63
CA MET A 259 10.22 -9.17 31.38
C MET A 259 8.75 -9.31 31.79
N LYS A 260 8.33 -8.37 32.64
CA LYS A 260 7.00 -8.34 33.24
C LYS A 260 5.77 -8.42 32.34
N VAL A 261 5.92 -8.13 31.04
CA VAL A 261 4.76 -8.23 30.16
C VAL A 261 4.78 -9.51 29.33
N SER A 262 5.84 -9.67 28.53
CA SER A 262 5.93 -10.84 27.63
C SER A 262 6.03 -12.23 28.27
N ASP A 263 6.90 -12.36 29.26
CA ASP A 263 7.13 -13.67 29.85
C ASP A 263 5.99 -14.27 30.65
N PRO A 264 5.27 -13.45 31.44
CA PRO A 264 4.16 -14.07 32.17
C PRO A 264 3.10 -14.56 31.18
N ILE A 265 2.98 -13.86 30.05
CA ILE A 265 2.00 -14.27 29.04
C ILE A 265 2.44 -15.59 28.43
N MET A 266 3.71 -15.70 28.09
CA MET A 266 4.23 -16.94 27.51
C MET A 266 4.10 -18.06 28.53
N PHE A 267 4.38 -17.74 29.80
CA PHE A 267 4.28 -18.71 30.88
C PHE A 267 2.83 -19.20 30.96
N GLY A 268 1.90 -18.25 30.91
CA GLY A 268 0.49 -18.59 30.97
C GLY A 268 0.06 -19.48 29.83
N GLN A 269 0.56 -19.23 28.63
CA GLN A 269 0.20 -20.06 27.49
C GLN A 269 0.68 -21.49 27.67
N ILE A 270 1.82 -21.65 28.34
CA ILE A 270 2.37 -22.98 28.61
C ILE A 270 1.51 -23.67 29.66
N VAL A 271 1.14 -22.93 30.69
CA VAL A 271 0.28 -23.48 31.75
C VAL A 271 -1.07 -23.87 31.16
N SER A 272 -1.61 -23.01 30.29
CA SER A 272 -2.90 -23.29 29.68
C SER A 272 -2.91 -24.59 28.87
N GLU A 273 -1.87 -24.80 28.06
CA GLU A 273 -1.80 -26.00 27.24
C GLU A 273 -1.51 -27.25 28.07
N PHE A 274 -0.61 -27.13 29.04
CA PHE A 274 -0.26 -28.26 29.90
C PHE A 274 -1.45 -28.79 30.68
N TYR A 275 -2.18 -27.89 31.32
CA TYR A 275 -3.33 -28.28 32.15
C TYR A 275 -4.68 -28.12 31.43
N LYS A 276 -4.66 -28.06 30.10
CA LYS A 276 -5.90 -27.83 29.35
C LYS A 276 -7.13 -28.68 29.69
N ASP A 277 -6.95 -29.96 29.97
CA ASP A 277 -8.11 -30.80 30.29
C ASP A 277 -8.84 -30.28 31.52
N ALA A 278 -8.08 -29.94 32.55
CA ALA A 278 -8.66 -29.44 33.79
C ALA A 278 -9.16 -28.00 33.67
N LEU A 279 -8.35 -27.14 33.07
CA LEU A 279 -8.72 -25.73 32.93
C LEU A 279 -9.97 -25.54 32.07
N THR A 280 -10.12 -26.37 31.05
CA THR A 280 -11.28 -26.28 30.17
C THR A 280 -12.53 -26.77 30.89
N LYS A 281 -12.42 -27.92 31.53
CA LYS A 281 -13.54 -28.51 32.25
C LYS A 281 -14.09 -27.54 33.30
N HIS A 282 -13.19 -26.91 34.06
CA HIS A 282 -13.60 -25.99 35.11
C HIS A 282 -13.49 -24.52 34.70
N ALA A 283 -13.61 -24.25 33.41
CA ALA A 283 -13.52 -22.90 32.89
C ALA A 283 -14.39 -21.88 33.62
N GLU A 284 -15.69 -22.14 33.68
CA GLU A 284 -16.62 -21.22 34.33
C GLU A 284 -16.29 -20.86 35.77
N VAL A 285 -16.06 -21.87 36.61
CA VAL A 285 -15.75 -21.61 38.02
C VAL A 285 -14.38 -20.93 38.19
N LEU A 286 -13.44 -21.21 37.29
CA LEU A 286 -12.13 -20.60 37.38
C LEU A 286 -12.21 -19.11 37.07
N LYS A 287 -13.11 -18.75 36.15
CA LYS A 287 -13.27 -17.34 35.80
C LYS A 287 -13.93 -16.65 36.99
N GLN A 288 -14.88 -17.34 37.61
CA GLN A 288 -15.60 -16.81 38.75
C GLN A 288 -14.65 -16.45 39.91
N ILE A 289 -13.68 -17.32 40.18
CA ILE A 289 -12.74 -17.05 41.26
C ILE A 289 -11.56 -16.18 40.81
N GLY A 290 -11.62 -15.69 39.58
CA GLY A 290 -10.58 -14.82 39.05
C GLY A 290 -9.21 -15.43 38.80
N PHE A 291 -9.17 -16.71 38.45
CA PHE A 291 -7.91 -17.39 38.17
C PHE A 291 -7.11 -16.67 37.10
N ASP A 292 -5.84 -16.44 37.37
CA ASP A 292 -4.95 -15.77 36.43
C ASP A 292 -3.84 -16.73 36.03
N VAL A 293 -4.06 -17.43 34.92
CA VAL A 293 -3.11 -18.40 34.40
C VAL A 293 -1.69 -17.85 34.24
N ASN A 294 -1.59 -16.55 33.98
CA ASN A 294 -0.29 -15.91 33.82
C ASN A 294 0.49 -15.89 35.15
N ASN A 295 -0.20 -16.17 36.25
CA ASN A 295 0.46 -16.19 37.54
C ASN A 295 0.75 -17.63 37.98
N GLY A 296 0.69 -18.56 37.03
CA GLY A 296 0.98 -19.96 37.34
C GLY A 296 -0.17 -20.75 37.92
N ILE A 297 -0.01 -22.07 37.96
CA ILE A 297 -1.05 -22.94 38.49
C ILE A 297 -1.18 -22.74 40.00
N GLY A 298 -0.15 -22.15 40.61
CA GLY A 298 -0.18 -21.89 42.03
C GLY A 298 -1.30 -20.90 42.33
N ASP A 299 -1.65 -20.09 41.33
CA ASP A 299 -2.71 -19.11 41.48
C ASP A 299 -4.05 -19.82 41.61
N LEU A 300 -4.21 -20.94 40.90
CA LEU A 300 -5.43 -21.71 40.96
C LEU A 300 -5.62 -22.31 42.35
N TYR A 301 -4.54 -22.91 42.89
CA TYR A 301 -4.63 -23.52 44.22
C TYR A 301 -4.96 -22.52 45.31
N ALA A 302 -4.50 -21.29 45.14
CA ALA A 302 -4.76 -20.24 46.12
C ALA A 302 -6.21 -19.77 46.07
N ARG A 303 -6.73 -19.61 44.85
CA ARG A 303 -8.08 -19.12 44.66
C ARG A 303 -9.22 -20.13 44.81
N ILE A 304 -8.93 -21.43 44.70
CA ILE A 304 -10.00 -22.42 44.84
C ILE A 304 -10.34 -22.66 46.31
N LYS A 305 -9.50 -22.17 47.21
CA LYS A 305 -9.72 -22.34 48.64
C LYS A 305 -11.00 -21.65 49.12
N THR A 306 -11.65 -20.90 48.23
CA THR A 306 -12.88 -20.20 48.58
C THR A 306 -14.10 -20.98 48.11
N LEU A 307 -13.88 -22.05 47.35
CA LEU A 307 -14.97 -22.87 46.85
C LEU A 307 -15.32 -23.99 47.82
N PRO A 308 -16.49 -24.61 47.66
CA PRO A 308 -16.89 -25.70 48.55
C PRO A 308 -15.81 -26.78 48.51
N GLU A 309 -15.58 -27.45 49.64
CA GLU A 309 -14.56 -28.48 49.71
C GLU A 309 -14.78 -29.55 48.65
N ALA A 310 -16.03 -29.76 48.27
CA ALA A 310 -16.36 -30.75 47.25
C ALA A 310 -15.77 -30.34 45.90
N LYS A 311 -15.81 -29.05 45.60
CA LYS A 311 -15.27 -28.53 44.34
C LYS A 311 -13.76 -28.58 44.33
N GLN A 312 -13.14 -28.16 45.42
CA GLN A 312 -11.68 -28.18 45.53
C GLN A 312 -11.19 -29.60 45.25
N LYS A 313 -11.83 -30.57 45.90
CA LYS A 313 -11.49 -31.98 45.75
C LYS A 313 -11.53 -32.39 44.28
N GLU A 314 -12.64 -32.09 43.60
CA GLU A 314 -12.80 -32.43 42.19
C GLU A 314 -11.72 -31.79 41.32
N ILE A 315 -11.54 -30.48 41.46
CA ILE A 315 -10.54 -29.77 40.67
C ILE A 315 -9.14 -30.36 40.89
N GLU A 316 -8.74 -30.51 42.14
CA GLU A 316 -7.43 -31.06 42.45
C GLU A 316 -7.26 -32.45 41.86
N ALA A 317 -8.35 -33.21 41.81
CA ALA A 317 -8.31 -34.56 41.26
C ALA A 317 -8.09 -34.50 39.76
N ASP A 318 -8.80 -33.61 39.08
CA ASP A 318 -8.66 -33.49 37.64
C ASP A 318 -7.26 -33.02 37.26
N ILE A 319 -6.63 -32.25 38.14
CA ILE A 319 -5.27 -31.77 37.90
C ILE A 319 -4.32 -32.97 37.97
N GLN A 320 -4.55 -33.85 38.95
CA GLN A 320 -3.72 -35.04 39.10
C GLN A 320 -3.89 -35.98 37.92
N ALA A 321 -5.08 -35.98 37.32
CA ALA A 321 -5.33 -36.82 36.15
C ALA A 321 -4.48 -36.27 35.01
N VAL A 322 -4.30 -34.95 34.99
CA VAL A 322 -3.49 -34.31 33.97
C VAL A 322 -2.04 -34.78 34.08
N TYR A 323 -1.49 -34.73 35.28
CA TYR A 323 -0.11 -35.14 35.53
C TYR A 323 0.15 -36.58 35.10
N ALA A 324 -0.87 -37.43 35.19
CA ALA A 324 -0.75 -38.83 34.81
C ALA A 324 -0.71 -39.00 33.29
N GLN A 325 -1.19 -38.00 32.57
CA GLN A 325 -1.22 -38.06 31.11
C GLN A 325 -0.07 -37.29 30.48
N ARG A 326 0.56 -36.40 31.25
CA ARG A 326 1.65 -35.58 30.76
C ARG A 326 3.04 -36.03 31.21
N PRO A 327 4.08 -35.46 30.61
CA PRO A 327 5.45 -35.82 31.01
C PRO A 327 5.64 -35.21 32.39
N GLN A 328 6.62 -35.70 33.15
CA GLN A 328 6.87 -35.15 34.47
C GLN A 328 7.52 -33.78 34.35
N LEU A 329 7.18 -32.89 35.27
CA LEU A 329 7.73 -31.53 35.29
C LEU A 329 8.94 -31.43 36.20
N ALA A 330 9.85 -30.51 35.88
CA ALA A 330 11.01 -30.27 36.72
C ALA A 330 10.38 -29.65 37.96
N MET A 331 10.97 -29.88 39.13
CA MET A 331 10.38 -29.37 40.36
C MET A 331 11.19 -28.31 41.07
N VAL A 332 10.50 -27.31 41.62
CA VAL A 332 11.13 -26.24 42.37
C VAL A 332 11.29 -26.75 43.81
N ASN A 333 10.30 -27.51 44.27
CA ASN A 333 10.33 -28.13 45.61
C ASN A 333 9.50 -29.41 45.54
N SER A 334 10.18 -30.52 45.30
CA SER A 334 9.51 -31.82 45.17
C SER A 334 8.74 -32.25 46.42
N ASP A 335 9.30 -32.01 47.60
CA ASP A 335 8.61 -32.41 48.83
C ASP A 335 7.25 -31.74 48.97
N LYS A 336 7.15 -30.50 48.51
CA LYS A 336 5.89 -29.77 48.60
C LYS A 336 5.08 -29.84 47.32
N GLY A 337 5.58 -30.57 46.33
CA GLY A 337 4.87 -30.70 45.08
C GLY A 337 4.80 -29.40 44.27
N ILE A 338 5.77 -28.52 44.48
CA ILE A 338 5.80 -27.25 43.74
C ILE A 338 6.56 -27.47 42.44
N THR A 339 5.83 -27.42 41.33
CA THR A 339 6.41 -27.62 40.00
C THR A 339 6.94 -26.33 39.38
N ASN A 340 7.59 -26.50 38.23
CA ASN A 340 8.17 -25.43 37.42
C ASN A 340 7.03 -24.52 36.94
N LEU A 341 5.81 -25.05 36.93
CA LEU A 341 4.65 -24.30 36.46
C LEU A 341 3.80 -23.64 37.55
N HIS A 342 4.20 -23.73 38.81
CA HIS A 342 3.41 -23.13 39.89
C HIS A 342 3.53 -21.61 39.97
N VAL A 343 4.76 -21.10 39.91
CA VAL A 343 5.02 -19.67 40.01
C VAL A 343 5.98 -19.20 38.90
N PRO A 344 5.52 -18.27 38.04
CA PRO A 344 6.36 -17.76 36.95
C PRO A 344 7.75 -17.28 37.35
N SER A 345 7.87 -16.70 38.53
CA SER A 345 9.15 -16.17 38.98
C SER A 345 10.10 -17.14 39.69
N ASP A 346 9.64 -18.36 39.95
CA ASP A 346 10.49 -19.34 40.65
C ASP A 346 11.76 -19.71 39.87
N VAL A 347 11.58 -20.09 38.61
CA VAL A 347 12.70 -20.49 37.78
C VAL A 347 13.08 -19.34 36.85
N ILE A 348 14.28 -18.81 37.02
CA ILE A 348 14.77 -17.68 36.23
C ILE A 348 15.90 -18.12 35.31
N VAL A 349 15.67 -18.04 34.01
CA VAL A 349 16.63 -18.47 33.00
C VAL A 349 18.12 -18.17 33.19
N ASP A 350 18.48 -16.94 33.55
CA ASP A 350 19.91 -16.63 33.69
C ASP A 350 20.62 -17.49 34.73
N ALA A 351 19.91 -17.87 35.78
CA ALA A 351 20.50 -18.71 36.83
C ALA A 351 20.11 -20.18 36.71
N SER A 352 18.92 -20.45 36.22
CA SER A 352 18.47 -21.84 36.11
C SER A 352 19.18 -22.66 35.05
N MET A 353 19.50 -22.07 33.92
CA MET A 353 20.18 -22.84 32.88
C MET A 353 21.59 -23.22 33.28
N PRO A 354 22.37 -22.28 33.82
CA PRO A 354 23.74 -22.65 34.22
C PRO A 354 23.71 -23.70 35.34
N ALA A 355 22.74 -23.58 36.25
CA ALA A 355 22.63 -24.52 37.36
C ALA A 355 22.38 -25.92 36.80
N MET A 356 21.49 -26.00 35.82
CA MET A 356 21.17 -27.27 35.17
C MET A 356 22.38 -27.83 34.42
N ILE A 357 23.04 -27.00 33.62
CA ILE A 357 24.21 -27.42 32.86
C ILE A 357 25.33 -27.92 33.77
N ARG A 358 25.57 -27.21 34.86
CA ARG A 358 26.63 -27.60 35.80
C ARG A 358 26.29 -28.93 36.46
N ASP A 359 25.02 -29.13 36.81
CA ASP A 359 24.62 -30.36 37.48
C ASP A 359 24.27 -31.49 36.49
N SER A 360 25.23 -31.82 35.64
CA SER A 360 25.10 -32.89 34.65
C SER A 360 23.96 -32.71 33.64
N GLY A 361 23.44 -31.48 33.54
CA GLY A 361 22.35 -31.21 32.62
C GLY A 361 21.03 -31.72 33.16
N LYS A 362 20.92 -31.77 34.48
CA LYS A 362 19.73 -32.28 35.13
C LYS A 362 18.98 -31.30 36.04
N MET A 363 17.74 -31.65 36.36
CA MET A 363 16.90 -30.87 37.25
C MET A 363 16.14 -31.85 38.15
N TRP A 364 15.50 -31.34 39.21
CA TRP A 364 14.76 -32.20 40.14
C TRP A 364 13.43 -32.69 39.60
N GLY A 365 13.16 -33.97 39.78
CA GLY A 365 11.91 -34.55 39.33
C GLY A 365 10.95 -34.74 40.49
N PRO A 366 9.70 -35.14 40.23
CA PRO A 366 8.72 -35.35 41.30
C PRO A 366 9.20 -36.32 42.37
N ASP A 367 10.11 -37.21 42.01
CA ASP A 367 10.65 -38.19 42.96
C ASP A 367 11.76 -37.64 43.84
N GLY A 368 12.12 -36.39 43.63
CA GLY A 368 13.18 -35.80 44.44
C GLY A 368 14.58 -36.13 43.98
N LYS A 369 14.69 -36.75 42.81
CA LYS A 369 15.98 -37.10 42.26
C LYS A 369 16.26 -36.29 40.99
N LEU A 370 17.50 -36.29 40.53
CA LEU A 370 17.89 -35.57 39.32
C LEU A 370 17.58 -36.41 38.08
N HIS A 371 17.15 -35.74 37.01
CA HIS A 371 16.81 -36.41 35.76
C HIS A 371 17.12 -35.49 34.59
N ASP A 372 17.39 -36.06 33.43
CA ASP A 372 17.65 -35.27 32.24
C ASP A 372 16.41 -34.43 31.98
N THR A 373 16.57 -33.33 31.25
CA THR A 373 15.44 -32.46 31.00
C THR A 373 15.42 -31.78 29.65
N LYS A 374 14.20 -31.51 29.17
CA LYS A 374 13.98 -30.79 27.94
C LYS A 374 13.72 -29.37 28.45
N ALA A 375 14.70 -28.49 28.26
CA ALA A 375 14.59 -27.11 28.74
C ALA A 375 13.93 -26.23 27.70
N VAL A 376 12.67 -25.86 27.96
CA VAL A 376 11.94 -25.02 27.03
C VAL A 376 12.31 -23.54 27.14
N ILE A 377 12.79 -23.00 26.02
CA ILE A 377 13.17 -21.59 25.87
C ILE A 377 12.57 -21.37 24.49
N PRO A 378 11.30 -20.97 24.43
CA PRO A 378 10.58 -20.75 23.17
C PRO A 378 11.26 -19.94 22.07
N ASP A 379 11.71 -18.73 22.40
CA ASP A 379 12.32 -17.88 21.39
C ASP A 379 13.76 -18.22 21.03
N ARG A 380 14.03 -18.24 19.73
CA ARG A 380 15.34 -18.58 19.20
C ARG A 380 16.48 -17.59 19.42
N CYS A 381 16.20 -16.35 19.80
CA CYS A 381 17.28 -15.38 19.97
C CYS A 381 18.44 -15.86 20.81
N TYR A 382 18.16 -16.45 21.96
CA TYR A 382 19.22 -16.88 22.85
C TYR A 382 19.24 -18.37 23.18
N ALA A 383 18.18 -19.07 22.78
CA ALA A 383 18.09 -20.51 23.06
C ALA A 383 19.27 -21.29 22.54
N GLY A 384 19.73 -20.94 21.33
CA GLY A 384 20.85 -21.62 20.72
C GLY A 384 22.16 -21.60 21.51
N VAL A 385 22.43 -20.49 22.18
CA VAL A 385 23.65 -20.37 22.96
C VAL A 385 23.72 -21.49 24.00
N TYR A 386 22.62 -21.71 24.72
CA TYR A 386 22.56 -22.75 25.75
C TYR A 386 22.65 -24.16 25.14
N GLN A 387 22.03 -24.35 23.98
CA GLN A 387 22.09 -25.66 23.35
C GLN A 387 23.54 -26.00 23.01
N VAL A 388 24.28 -25.01 22.52
CA VAL A 388 25.68 -25.22 22.16
C VAL A 388 26.50 -25.65 23.37
N VAL A 389 26.23 -25.06 24.53
CA VAL A 389 26.96 -25.42 25.74
C VAL A 389 26.65 -26.87 26.13
N ILE A 390 25.38 -27.23 26.08
CA ILE A 390 24.96 -28.59 26.40
C ILE A 390 25.64 -29.61 25.47
N GLU A 391 25.64 -29.31 24.17
CA GLU A 391 26.26 -30.22 23.20
C GLU A 391 27.76 -30.30 23.45
N ASP A 392 28.35 -29.17 23.84
CA ASP A 392 29.79 -29.13 24.13
C ASP A 392 30.12 -30.06 25.30
N CYS A 393 29.27 -30.06 26.32
CA CYS A 393 29.49 -30.89 27.49
C CYS A 393 29.25 -32.37 27.21
N LYS A 394 28.26 -32.67 26.35
CA LYS A 394 27.98 -34.06 25.99
C LYS A 394 29.19 -34.64 25.26
N GLN A 395 29.80 -33.83 24.40
CA GLN A 395 30.95 -34.26 23.61
C GLN A 395 32.29 -34.21 24.31
N HIS A 396 32.49 -33.21 25.17
CA HIS A 396 33.77 -33.07 25.87
C HIS A 396 33.73 -33.32 27.37
N GLY A 397 32.56 -33.57 27.92
CA GLY A 397 32.45 -33.81 29.35
C GLY A 397 32.38 -32.50 30.12
N ALA A 398 32.27 -32.59 31.45
CA ALA A 398 32.17 -31.39 32.26
C ALA A 398 33.39 -30.47 32.11
N PHE A 399 33.19 -29.19 32.39
CA PHE A 399 34.29 -28.24 32.32
C PHE A 399 35.20 -28.51 33.49
N ASP A 400 36.49 -28.24 33.32
CA ASP A 400 37.50 -28.44 34.36
C ASP A 400 37.93 -27.07 34.90
N PRO A 401 37.46 -26.72 36.10
CA PRO A 401 37.81 -25.42 36.70
C PRO A 401 39.30 -25.22 36.93
N THR A 402 40.06 -26.32 37.02
CA THR A 402 41.49 -26.23 37.26
C THR A 402 42.31 -25.82 36.05
N THR A 403 41.73 -25.93 34.86
CA THR A 403 42.48 -25.59 33.65
C THR A 403 41.77 -24.65 32.67
N MET A 404 40.45 -24.57 32.76
CA MET A 404 39.69 -23.74 31.83
C MET A 404 40.02 -22.24 31.90
N GLY A 405 39.85 -21.56 30.77
CA GLY A 405 40.11 -20.13 30.71
C GLY A 405 38.91 -19.36 31.24
N SER A 406 38.79 -18.09 30.85
CA SER A 406 37.68 -17.25 31.29
C SER A 406 37.01 -16.50 30.16
N VAL A 407 35.72 -16.22 30.34
CA VAL A 407 34.97 -15.46 29.36
C VAL A 407 34.26 -14.31 30.08
N PRO A 408 34.92 -13.15 30.15
CA PRO A 408 34.37 -11.95 30.79
C PRO A 408 33.32 -11.39 29.84
N ASN A 409 32.59 -10.37 30.27
CA ASN A 409 31.57 -9.78 29.42
C ASN A 409 31.56 -8.26 29.43
N VAL A 410 31.36 -7.70 28.24
CA VAL A 410 31.23 -6.25 28.05
C VAL A 410 29.81 -6.16 27.47
N GLY A 411 28.90 -5.69 28.30
CA GLY A 411 27.51 -5.65 27.88
C GLY A 411 26.85 -4.31 27.66
N LEU A 412 25.99 -4.27 26.64
CA LEU A 412 25.26 -3.08 26.28
C LEU A 412 24.01 -3.00 27.14
N MET A 413 23.91 -1.97 27.98
CA MET A 413 22.71 -1.81 28.79
C MET A 413 22.32 -0.37 29.10
N ALA A 414 23.22 0.58 28.80
CA ALA A 414 22.93 1.98 29.07
C ALA A 414 21.58 2.42 28.51
N GLN A 415 20.84 3.15 29.34
CA GLN A 415 19.53 3.67 28.97
C GLN A 415 18.50 2.61 28.62
N LYS A 416 18.39 1.58 29.46
CA LYS A 416 17.41 0.51 29.26
C LYS A 416 17.45 -0.06 27.84
N ALA A 417 18.65 -0.35 27.36
CA ALA A 417 18.84 -0.87 26.01
C ALA A 417 18.14 -2.20 25.69
N GLU A 418 17.65 -2.29 24.47
CA GLU A 418 17.01 -3.49 23.95
C GLU A 418 15.84 -4.03 24.80
N GLU A 419 15.80 -5.34 25.01
CA GLU A 419 14.70 -5.95 25.76
C GLU A 419 14.38 -5.33 27.12
N TYR A 420 15.40 -4.83 27.82
CA TYR A 420 15.17 -4.24 29.13
C TYR A 420 14.28 -3.00 29.17
N GLY A 421 14.09 -2.34 28.04
CA GLY A 421 13.24 -1.16 28.02
C GLY A 421 12.03 -1.36 27.13
N SER A 422 11.71 -2.62 26.85
CA SER A 422 10.59 -2.98 25.97
C SER A 422 9.23 -3.14 26.62
N HIS A 423 9.19 -3.22 27.94
CA HIS A 423 7.95 -3.43 28.67
C HIS A 423 6.79 -2.50 28.33
N ASP A 424 7.04 -1.19 28.23
CA ASP A 424 5.96 -0.25 27.92
C ASP A 424 5.62 -0.21 26.43
N LYS A 425 6.28 -1.06 25.66
CA LYS A 425 6.04 -1.15 24.22
C LYS A 425 5.69 -2.58 23.84
N THR A 426 5.23 -3.34 24.82
CA THR A 426 4.83 -4.73 24.60
C THR A 426 3.33 -4.84 24.80
N PHE A 427 2.62 -5.36 23.81
CA PHE A 427 1.17 -5.47 23.90
C PHE A 427 0.64 -6.80 23.41
N GLN A 428 -0.33 -7.37 24.13
CA GLN A 428 -0.95 -8.61 23.68
C GLN A 428 -2.01 -8.09 22.71
N ILE A 429 -1.97 -8.55 21.47
CA ILE A 429 -2.87 -8.09 20.42
C ILE A 429 -4.34 -8.47 20.61
N PRO A 430 -5.21 -7.46 20.65
CA PRO A 430 -6.66 -7.60 20.83
C PRO A 430 -7.37 -8.27 19.67
N ALA A 431 -6.95 -7.96 18.44
CA ALA A 431 -7.60 -8.54 17.27
C ALA A 431 -6.67 -8.66 16.07
N ASP A 432 -7.05 -9.50 15.11
CA ASP A 432 -6.24 -9.69 13.92
C ASP A 432 -6.06 -8.37 13.19
N GLY A 433 -4.88 -8.19 12.61
CA GLY A 433 -4.62 -6.97 11.87
C GLY A 433 -3.15 -6.81 11.62
N VAL A 434 -2.69 -5.57 11.66
CA VAL A 434 -1.30 -5.27 11.43
C VAL A 434 -0.91 -4.12 12.34
N VAL A 435 0.26 -4.21 12.94
CA VAL A 435 0.75 -3.14 13.81
C VAL A 435 1.67 -2.28 12.98
N ARG A 436 1.48 -0.98 13.05
CA ARG A 436 2.30 -0.04 12.29
C ARG A 436 2.98 0.97 13.18
N VAL A 437 4.26 1.19 12.92
CA VAL A 437 5.04 2.17 13.67
C VAL A 437 5.38 3.28 12.69
N THR A 438 4.89 4.48 12.96
CA THR A 438 5.13 5.61 12.07
C THR A 438 5.71 6.81 12.81
N ASP A 439 6.51 7.60 12.13
CA ASP A 439 7.11 8.78 12.74
C ASP A 439 6.16 9.97 12.59
N GLU A 440 6.54 11.12 13.13
CA GLU A 440 5.70 12.31 13.06
C GLU A 440 5.27 12.74 11.66
N SER A 441 6.09 12.46 10.67
CA SER A 441 5.77 12.84 9.29
C SER A 441 4.88 11.80 8.61
N GLY A 442 4.49 10.77 9.36
CA GLY A 442 3.63 9.75 8.81
C GLY A 442 4.37 8.67 8.03
N LYS A 443 5.69 8.69 8.08
CA LYS A 443 6.48 7.69 7.37
C LYS A 443 6.36 6.35 8.10
N LEU A 444 6.10 5.29 7.34
CA LEU A 444 5.97 3.94 7.91
C LEU A 444 7.34 3.35 8.17
N LEU A 445 7.68 3.15 9.44
CA LEU A 445 8.97 2.60 9.83
C LEU A 445 8.99 1.08 10.04
N LEU A 446 7.95 0.57 10.68
CA LEU A 446 7.84 -0.87 10.95
C LEU A 446 6.39 -1.31 10.77
N GLU A 447 6.19 -2.45 10.11
CA GLU A 447 4.85 -2.99 9.90
C GLU A 447 4.87 -4.49 10.14
N GLN A 448 3.97 -4.94 11.00
CA GLN A 448 3.89 -6.35 11.36
C GLN A 448 2.47 -6.89 11.42
N SER A 449 2.21 -7.96 10.66
CA SER A 449 0.90 -8.60 10.67
C SER A 449 0.80 -9.35 11.98
N VAL A 450 -0.34 -9.28 12.63
CA VAL A 450 -0.52 -9.96 13.91
C VAL A 450 -1.89 -10.63 14.01
N GLU A 451 -2.00 -11.55 14.95
CA GLU A 451 -3.25 -12.25 15.18
C GLU A 451 -3.63 -12.03 16.62
N ALA A 452 -4.93 -12.06 16.90
CA ALA A 452 -5.40 -11.85 18.27
C ALA A 452 -4.66 -12.80 19.22
N GLY A 453 -4.23 -12.28 20.36
CA GLY A 453 -3.52 -13.10 21.33
C GLY A 453 -2.01 -13.07 21.20
N ASP A 454 -1.49 -12.60 20.07
CA ASP A 454 -0.05 -12.54 19.87
C ASP A 454 0.59 -11.52 20.79
N ILE A 455 1.90 -11.61 20.96
CA ILE A 455 2.63 -10.68 21.80
C ILE A 455 3.52 -9.86 20.86
N TRP A 456 3.21 -8.58 20.73
CA TRP A 456 3.98 -7.68 19.87
C TRP A 456 4.83 -6.82 20.79
N ARG A 457 6.06 -6.55 20.40
CA ARG A 457 6.94 -5.72 21.22
C ARG A 457 7.89 -4.90 20.36
N MET A 458 8.34 -3.78 20.90
CA MET A 458 9.29 -2.93 20.20
C MET A 458 10.42 -2.61 21.17
N CYS A 459 11.65 -2.67 20.68
CA CYS A 459 12.83 -2.39 21.47
C CYS A 459 13.56 -1.18 20.90
N GLN A 460 14.35 -0.53 21.73
CA GLN A 460 15.13 0.64 21.32
C GLN A 460 16.56 0.48 21.80
N ALA A 461 17.51 0.93 20.99
CA ALA A 461 18.93 0.89 21.34
C ALA A 461 19.49 2.20 20.80
N LYS A 462 19.98 3.06 21.69
CA LYS A 462 20.50 4.36 21.30
C LYS A 462 21.96 4.36 20.88
N ASP A 463 22.32 5.34 20.04
CA ASP A 463 23.67 5.41 19.53
C ASP A 463 24.78 5.71 20.53
N ALA A 464 24.54 6.62 21.48
CA ALA A 464 25.56 6.95 22.46
C ALA A 464 25.91 5.70 23.27
N PRO A 465 24.90 4.98 23.77
CA PRO A 465 25.20 3.76 24.53
C PRO A 465 26.05 2.79 23.71
N ILE A 466 25.69 2.62 22.44
CA ILE A 466 26.43 1.73 21.57
C ILE A 466 27.88 2.16 21.33
N GLN A 467 28.13 3.45 21.15
CA GLN A 467 29.50 3.92 20.95
C GLN A 467 30.34 3.67 22.20
N ASP A 468 29.76 3.94 23.36
CA ASP A 468 30.45 3.75 24.63
C ASP A 468 30.73 2.27 24.86
N TRP A 469 29.79 1.43 24.44
CA TRP A 469 29.89 -0.03 24.55
C TRP A 469 31.08 -0.52 23.72
N VAL A 470 31.21 -0.01 22.50
CA VAL A 470 32.34 -0.39 21.66
C VAL A 470 33.63 0.10 22.31
N LYS A 471 33.61 1.32 22.84
CA LYS A 471 34.79 1.90 23.48
C LYS A 471 35.27 1.01 24.63
N LEU A 472 34.32 0.56 25.43
CA LEU A 472 34.61 -0.31 26.57
C LEU A 472 35.22 -1.64 26.11
N ALA A 473 34.67 -2.19 25.04
CA ALA A 473 35.16 -3.46 24.51
C ALA A 473 36.63 -3.33 24.06
N VAL A 474 36.95 -2.26 23.33
CA VAL A 474 38.31 -2.06 22.88
C VAL A 474 39.22 -1.83 24.09
N ASN A 475 38.70 -1.13 25.09
CA ASN A 475 39.43 -0.87 26.32
C ASN A 475 39.84 -2.18 27.01
N ARG A 476 38.87 -3.08 27.18
CA ARG A 476 39.13 -4.36 27.84
C ARG A 476 40.07 -5.26 27.05
N ALA A 477 39.90 -5.27 25.73
CA ALA A 477 40.76 -6.09 24.87
C ALA A 477 42.19 -5.61 24.95
N ARG A 478 42.38 -4.30 24.94
CA ARG A 478 43.72 -3.73 25.01
C ARG A 478 44.36 -3.92 26.38
N ALA A 479 43.58 -3.74 27.44
CA ALA A 479 44.10 -3.89 28.79
C ALA A 479 44.52 -5.32 29.12
N THR A 480 43.82 -6.29 28.54
CA THR A 480 44.11 -7.69 28.82
C THR A 480 44.75 -8.45 27.66
N ASN A 481 44.95 -7.76 26.54
CA ASN A 481 45.55 -8.38 25.35
C ASN A 481 44.88 -9.72 25.09
N THR A 482 43.56 -9.71 25.13
CA THR A 482 42.76 -10.91 24.93
C THR A 482 41.79 -10.69 23.78
N PRO A 483 41.60 -11.71 22.93
CA PRO A 483 40.68 -11.58 21.79
C PRO A 483 39.26 -11.27 22.28
N ALA A 484 38.56 -10.42 21.54
CA ALA A 484 37.19 -10.07 21.92
C ALA A 484 36.26 -10.44 20.77
N VAL A 485 35.07 -10.88 21.12
CA VAL A 485 34.10 -11.27 20.10
C VAL A 485 32.75 -10.60 20.34
N PHE A 486 32.22 -9.96 19.30
CA PHE A 486 30.92 -9.33 19.38
C PHE A 486 29.94 -10.41 18.97
N TRP A 487 28.95 -10.69 19.83
CA TRP A 487 27.95 -11.72 19.55
C TRP A 487 26.75 -11.06 18.87
N LEU A 488 26.76 -11.06 17.54
CA LEU A 488 25.68 -10.46 16.77
C LEU A 488 25.30 -11.35 15.60
N ASP A 489 24.00 -11.58 15.44
CA ASP A 489 23.47 -12.44 14.38
C ASP A 489 23.06 -11.62 13.17
N PRO A 490 23.79 -11.74 12.05
CA PRO A 490 23.46 -10.98 10.84
C PRO A 490 22.02 -11.21 10.35
N ALA A 491 21.44 -12.34 10.76
CA ALA A 491 20.09 -12.69 10.35
C ALA A 491 19.02 -11.92 11.13
N ARG A 492 19.39 -11.37 12.27
CA ARG A 492 18.45 -10.58 13.07
C ARG A 492 18.51 -9.14 12.57
N ALA A 493 17.37 -8.55 12.25
CA ALA A 493 17.32 -7.17 11.77
C ALA A 493 17.96 -6.23 12.80
N HIS A 494 17.72 -6.47 14.08
CA HIS A 494 18.30 -5.62 15.12
C HIS A 494 19.82 -5.73 15.10
N ASP A 495 20.33 -6.95 15.28
CA ASP A 495 21.78 -7.20 15.30
C ASP A 495 22.47 -6.64 14.06
N ALA A 496 21.82 -6.76 12.90
CA ALA A 496 22.40 -6.27 11.65
C ALA A 496 22.63 -4.76 11.75
N GLN A 497 21.68 -4.05 12.35
CA GLN A 497 21.83 -2.61 12.51
C GLN A 497 22.97 -2.33 13.49
N VAL A 498 23.11 -3.17 14.51
CA VAL A 498 24.17 -2.99 15.51
C VAL A 498 25.53 -3.29 14.88
N ILE A 499 25.56 -4.28 14.01
CA ILE A 499 26.80 -4.66 13.32
C ILE A 499 27.32 -3.50 12.47
N ALA A 500 26.42 -2.80 11.79
CA ALA A 500 26.82 -1.68 10.95
C ALA A 500 27.51 -0.62 11.82
N LYS A 501 26.91 -0.32 12.97
CA LYS A 501 27.49 0.65 13.89
C LYS A 501 28.82 0.18 14.48
N VAL A 502 28.88 -1.08 14.88
CA VAL A 502 30.11 -1.63 15.46
C VAL A 502 31.27 -1.61 14.45
N GLU A 503 30.99 -1.94 13.20
CA GLU A 503 32.04 -1.96 12.18
C GLU A 503 32.57 -0.55 11.96
N ARG A 504 31.69 0.44 12.06
CA ARG A 504 32.08 1.82 11.86
C ARG A 504 32.85 2.36 13.08
N TYR A 505 32.31 2.15 14.26
CA TYR A 505 32.94 2.65 15.47
C TYR A 505 34.27 2.02 15.84
N LEU A 506 34.49 0.77 15.42
CA LEU A 506 35.76 0.13 15.71
C LEU A 506 36.87 0.89 14.99
N LYS A 507 36.53 1.52 13.88
CA LYS A 507 37.50 2.28 13.10
C LYS A 507 37.91 3.56 13.81
N ASP A 508 37.23 3.89 14.90
CA ASP A 508 37.57 5.08 15.66
C ASP A 508 38.69 4.78 16.65
N TYR A 509 39.17 3.54 16.66
CA TYR A 509 40.24 3.16 17.57
C TYR A 509 41.41 2.47 16.91
N ASP A 510 42.56 2.52 17.58
CA ASP A 510 43.74 1.85 17.09
C ASP A 510 43.62 0.44 17.66
N THR A 511 43.28 -0.52 16.80
CA THR A 511 43.11 -1.90 17.21
C THR A 511 44.17 -2.80 16.56
N SER A 512 45.24 -2.18 16.08
CA SER A 512 46.31 -2.89 15.39
C SER A 512 46.77 -4.23 15.99
N GLY A 513 47.19 -4.22 17.25
CA GLY A 513 47.64 -5.47 17.84
C GLY A 513 46.55 -6.29 18.50
N LEU A 514 45.30 -5.93 18.24
CA LEU A 514 44.17 -6.63 18.83
C LEU A 514 43.54 -7.67 17.92
N ASP A 515 42.79 -8.58 18.53
CA ASP A 515 42.08 -9.65 17.83
C ASP A 515 40.60 -9.42 18.12
N ILE A 516 39.92 -8.73 17.22
CA ILE A 516 38.51 -8.42 17.41
C ILE A 516 37.68 -8.96 16.24
N ARG A 517 36.60 -9.66 16.56
CA ARG A 517 35.75 -10.20 15.49
C ARG A 517 34.27 -10.17 15.85
N ILE A 518 33.43 -10.39 14.84
CA ILE A 518 31.99 -10.41 15.04
C ILE A 518 31.50 -11.79 14.60
N LEU A 519 30.77 -12.46 15.48
CA LEU A 519 30.24 -13.79 15.18
C LEU A 519 28.82 -13.90 15.72
N SER A 520 28.01 -14.75 15.08
CA SER A 520 26.65 -14.94 15.56
C SER A 520 26.77 -15.60 16.94
N PRO A 521 25.75 -15.46 17.80
CA PRO A 521 25.79 -16.05 19.13
C PRO A 521 26.26 -17.51 19.14
N VAL A 522 25.70 -18.32 18.26
CA VAL A 522 26.08 -19.73 18.22
C VAL A 522 27.55 -19.92 17.85
N GLU A 523 28.03 -19.22 16.82
CA GLU A 523 29.43 -19.33 16.42
C GLU A 523 30.33 -18.77 17.51
N ALA A 524 29.87 -17.69 18.12
CA ALA A 524 30.62 -17.03 19.19
C ALA A 524 30.77 -17.97 20.37
N THR A 525 29.71 -18.72 20.66
CA THR A 525 29.72 -19.66 21.77
C THR A 525 30.69 -20.79 21.49
N ARG A 526 30.62 -21.37 20.29
CA ARG A 526 31.53 -22.46 19.94
C ARG A 526 32.98 -22.00 19.98
N PHE A 527 33.25 -20.82 19.43
CA PHE A 527 34.59 -20.26 19.42
C PHE A 527 35.13 -20.08 20.85
N SER A 528 34.30 -19.50 21.71
CA SER A 528 34.70 -19.25 23.09
C SER A 528 34.89 -20.51 23.93
N LEU A 529 34.03 -21.51 23.72
CA LEU A 529 34.15 -22.76 24.46
C LEU A 529 35.39 -23.54 24.06
N ALA A 530 35.75 -23.47 22.78
CA ALA A 530 36.94 -24.17 22.30
C ALA A 530 38.15 -23.55 23.00
N ARG A 531 38.19 -22.23 23.05
CA ARG A 531 39.29 -21.54 23.72
C ARG A 531 39.27 -21.78 25.23
N ILE A 532 38.09 -21.74 25.84
CA ILE A 532 38.02 -21.93 27.28
C ILE A 532 38.55 -23.29 27.73
N ARG A 533 38.24 -24.34 26.98
CA ARG A 533 38.71 -25.67 27.36
C ARG A 533 40.21 -25.84 27.16
N GLU A 534 40.82 -25.01 26.32
CA GLU A 534 42.26 -25.12 26.16
C GLU A 534 42.96 -24.12 27.08
N GLY A 535 42.21 -23.57 28.03
CA GLY A 535 42.76 -22.63 28.99
C GLY A 535 42.93 -21.20 28.52
N LYS A 536 42.30 -20.83 27.41
CA LYS A 536 42.44 -19.47 26.89
C LYS A 536 41.22 -18.61 27.21
N ASP A 537 41.43 -17.29 27.25
CA ASP A 537 40.34 -16.37 27.54
C ASP A 537 39.79 -15.73 26.28
N THR A 538 38.52 -15.33 26.33
CA THR A 538 37.86 -14.68 25.22
C THR A 538 36.86 -13.71 25.81
N ILE A 539 36.92 -12.47 25.37
CA ILE A 539 35.99 -11.48 25.89
C ILE A 539 34.70 -11.56 25.07
N SER A 540 33.57 -11.66 25.75
CA SER A 540 32.29 -11.67 25.04
C SER A 540 31.76 -10.23 25.11
N VAL A 541 31.44 -9.68 23.94
CA VAL A 541 30.91 -8.33 23.85
C VAL A 541 29.50 -8.55 23.31
N THR A 542 28.51 -8.29 24.15
CA THR A 542 27.12 -8.57 23.79
C THR A 542 26.07 -7.55 24.18
N GLY A 543 24.85 -7.83 23.73
CA GLY A 543 23.71 -6.99 24.05
C GLY A 543 23.29 -7.24 25.49
N ASN A 544 22.25 -6.52 25.91
CA ASN A 544 21.74 -6.58 27.28
C ASN A 544 21.36 -7.95 27.83
N VAL A 545 20.57 -8.72 27.08
CA VAL A 545 20.15 -10.04 27.55
C VAL A 545 21.32 -11.02 27.62
N LEU A 546 22.17 -11.03 26.60
CA LEU A 546 23.31 -11.95 26.62
C LEU A 546 24.26 -11.55 27.74
N ARG A 547 24.29 -10.26 28.08
CA ARG A 547 25.13 -9.80 29.19
C ARG A 547 24.61 -10.54 30.41
N ASP A 548 23.29 -10.51 30.60
CA ASP A 548 22.66 -11.17 31.73
C ASP A 548 22.97 -12.69 31.75
N TYR A 549 22.75 -13.34 30.63
CA TYR A 549 22.96 -14.79 30.56
C TYR A 549 24.41 -15.23 30.74
N LEU A 550 25.31 -14.62 29.98
CA LEU A 550 26.71 -15.00 30.03
C LEU A 550 27.44 -14.69 31.32
N THR A 551 26.97 -13.67 32.06
CA THR A 551 27.65 -13.34 33.31
C THR A 551 27.20 -14.21 34.47
N ASP A 552 26.29 -15.12 34.19
CA ASP A 552 25.86 -16.07 35.21
C ASP A 552 26.49 -17.39 34.76
N LEU A 553 26.32 -17.68 33.48
CA LEU A 553 26.82 -18.92 32.88
C LEU A 553 28.31 -19.22 33.11
N PHE A 554 29.18 -18.35 32.63
CA PHE A 554 30.61 -18.62 32.79
C PHE A 554 31.12 -18.60 34.23
N PRO A 555 30.66 -17.66 35.06
CA PRO A 555 31.13 -17.65 36.45
C PRO A 555 30.74 -18.95 37.16
N ILE A 556 29.56 -19.48 36.85
CA ILE A 556 29.10 -20.74 37.45
C ILE A 556 30.02 -21.89 37.04
N MET A 557 30.36 -21.98 35.76
CA MET A 557 31.23 -23.05 35.30
C MET A 557 32.65 -22.91 35.82
N GLU A 558 33.16 -21.69 35.81
CA GLU A 558 34.52 -21.40 36.24
C GLU A 558 34.75 -21.32 37.75
N LEU A 559 33.75 -20.84 38.46
CA LEU A 559 33.87 -20.61 39.90
C LEU A 559 32.86 -21.32 40.79
N GLY A 560 31.83 -21.89 40.19
CA GLY A 560 30.81 -22.56 40.97
C GLY A 560 29.87 -21.57 41.61
N THR A 561 30.03 -20.30 41.26
CA THR A 561 29.20 -19.24 41.82
C THR A 561 29.29 -17.98 40.98
N SER A 562 28.20 -17.22 40.96
CA SER A 562 28.16 -15.97 40.23
C SER A 562 28.01 -14.84 41.24
N ALA A 563 28.33 -15.15 42.50
CA ALA A 563 28.22 -14.18 43.59
C ALA A 563 29.56 -13.61 44.04
N LYS A 564 30.62 -13.90 43.31
CA LYS A 564 31.94 -13.39 43.65
C LYS A 564 32.60 -12.70 42.48
N MET A 565 32.21 -11.46 42.22
CA MET A 565 32.84 -10.76 41.12
C MET A 565 32.55 -9.29 40.98
N LEU A 566 33.21 -8.71 40.00
CA LEU A 566 33.09 -7.29 39.70
C LEU A 566 31.97 -7.06 38.71
N SER A 567 31.20 -6.01 38.97
CA SER A 567 30.12 -5.61 38.10
C SER A 567 30.27 -4.10 38.07
N ILE A 568 31.23 -3.65 37.26
CA ILE A 568 31.57 -2.24 37.11
C ILE A 568 30.73 -1.60 36.01
N VAL A 569 30.17 -0.44 36.32
CA VAL A 569 29.36 0.29 35.36
C VAL A 569 29.96 1.67 35.15
N PRO A 570 30.72 1.84 34.05
CA PRO A 570 31.33 3.15 33.77
C PRO A 570 30.20 4.01 33.26
N LEU A 571 29.63 4.82 34.15
CA LEU A 571 28.52 5.67 33.78
C LEU A 571 28.90 6.58 32.60
N MET A 572 28.00 6.73 31.66
CA MET A 572 28.27 7.56 30.50
C MET A 572 28.56 9.02 30.83
N SER A 573 28.08 9.50 31.97
CA SER A 573 28.35 10.89 32.35
C SER A 573 29.76 11.05 32.94
N GLY A 574 30.43 9.94 33.20
CA GLY A 574 31.78 10.01 33.74
C GLY A 574 31.95 9.40 35.12
N GLY A 575 30.84 9.19 35.82
CA GLY A 575 30.91 8.63 37.15
C GLY A 575 31.12 7.12 37.15
N GLY A 576 31.06 6.54 38.33
CA GLY A 576 31.23 5.10 38.45
C GLY A 576 30.17 4.48 39.33
N LEU A 577 29.64 3.35 38.88
CA LEU A 577 28.62 2.61 39.63
C LEU A 577 29.19 1.21 39.80
N PHE A 578 29.23 0.74 41.05
CA PHE A 578 29.78 -0.58 41.33
C PHE A 578 28.76 -1.46 42.03
N GLU A 579 28.24 -2.44 41.30
CA GLU A 579 27.25 -3.38 41.85
C GLU A 579 27.97 -4.54 42.52
N THR A 580 27.68 -4.75 43.80
CA THR A 580 28.35 -5.79 44.57
C THR A 580 27.91 -7.21 44.27
N GLY A 581 26.71 -7.37 43.72
CA GLY A 581 26.23 -8.71 43.41
C GLY A 581 25.15 -8.69 42.34
N ALA A 582 25.05 -9.79 41.60
CA ALA A 582 24.06 -9.91 40.54
C ALA A 582 22.80 -10.65 40.97
N GLY A 583 22.82 -11.23 42.17
CA GLY A 583 21.67 -11.99 42.64
C GLY A 583 20.63 -11.30 43.50
N GLY A 584 19.86 -12.12 44.23
CA GLY A 584 18.83 -11.60 45.11
C GLY A 584 19.38 -11.24 46.47
N SER A 585 18.50 -10.82 47.39
CA SER A 585 18.91 -10.42 48.72
C SER A 585 18.78 -11.52 49.78
N ALA A 586 18.73 -12.76 49.34
CA ALA A 586 18.69 -13.94 50.21
C ALA A 586 17.77 -13.96 51.43
N PRO A 587 16.46 -14.11 51.21
CA PRO A 587 15.50 -14.15 52.32
C PRO A 587 15.86 -15.25 53.33
N LYS A 588 16.36 -16.37 52.82
CA LYS A 588 16.73 -17.49 53.67
C LYS A 588 17.86 -17.17 54.65
N HIS A 589 18.78 -16.30 54.24
CA HIS A 589 19.87 -15.91 55.12
C HIS A 589 19.34 -15.12 56.30
N VAL A 590 18.32 -14.31 56.05
CA VAL A 590 17.70 -13.51 57.09
C VAL A 590 16.96 -14.43 58.05
N GLN A 591 16.29 -15.43 57.50
CA GLN A 591 15.56 -16.39 58.32
C GLN A 591 16.48 -17.08 59.33
N GLN A 592 17.65 -17.51 58.89
CA GLN A 592 18.58 -18.17 59.81
C GLN A 592 19.07 -17.18 60.86
N PHE A 593 19.29 -15.94 60.45
CA PHE A 593 19.77 -14.92 61.38
C PHE A 593 18.75 -14.65 62.48
N LEU A 594 17.48 -14.57 62.10
CA LEU A 594 16.43 -14.31 63.08
C LEU A 594 16.20 -15.54 63.98
N GLU A 595 16.34 -16.73 63.40
CA GLU A 595 16.14 -17.98 64.14
C GLU A 595 17.29 -18.37 65.07
N GLU A 596 18.53 -18.15 64.64
CA GLU A 596 19.69 -18.53 65.46
C GLU A 596 20.87 -17.57 65.49
N GLY A 597 20.64 -16.32 65.11
CA GLY A 597 21.72 -15.34 65.13
C GLY A 597 22.98 -15.63 64.33
N TYR A 598 22.81 -16.25 63.16
CA TYR A 598 23.95 -16.54 62.28
C TYR A 598 23.60 -16.00 60.89
N LEU A 599 24.45 -15.13 60.34
CA LEU A 599 24.22 -14.57 59.01
C LEU A 599 25.27 -15.13 58.08
N ARG A 600 24.85 -15.96 57.12
CA ARG A 600 25.82 -16.57 56.22
C ARG A 600 26.12 -15.79 54.95
N TRP A 601 25.51 -14.61 54.81
CA TRP A 601 25.74 -13.76 53.63
C TRP A 601 27.22 -13.52 53.39
N ASP A 602 27.66 -13.70 52.14
CA ASP A 602 29.07 -13.48 51.79
C ASP A 602 29.21 -12.06 51.28
N SER A 603 29.96 -11.23 51.99
CA SER A 603 30.16 -9.83 51.60
C SER A 603 31.32 -9.62 50.62
N LEU A 604 31.90 -10.71 50.11
CA LEU A 604 33.04 -10.56 49.20
C LEU A 604 32.77 -9.53 48.11
N GLY A 605 31.59 -9.60 47.50
CA GLY A 605 31.25 -8.67 46.42
C GLY A 605 31.32 -7.21 46.87
N GLU A 606 31.00 -6.97 48.13
CA GLU A 606 31.06 -5.63 48.67
C GLU A 606 32.52 -5.22 48.80
N PHE A 607 33.37 -6.14 49.24
CA PHE A 607 34.80 -5.82 49.39
C PHE A 607 35.39 -5.47 48.03
N LEU A 608 35.06 -6.28 47.02
CA LEU A 608 35.55 -6.07 45.67
C LEU A 608 35.10 -4.72 45.11
N ALA A 609 33.81 -4.42 45.26
CA ALA A 609 33.25 -3.17 44.77
C ALA A 609 33.87 -1.96 45.45
N LEU A 610 34.10 -2.06 46.75
CA LEU A 610 34.68 -0.96 47.51
C LEU A 610 36.08 -0.61 47.04
N ALA A 611 36.87 -1.64 46.73
CA ALA A 611 38.23 -1.40 46.25
C ALA A 611 38.19 -0.69 44.90
N ALA A 612 37.23 -1.07 44.06
CA ALA A 612 37.09 -0.47 42.74
C ALA A 612 36.65 0.98 42.90
N SER A 613 35.74 1.19 43.85
CA SER A 613 35.21 2.52 44.14
C SER A 613 36.31 3.44 44.67
N LEU A 614 37.14 2.91 45.57
CA LEU A 614 38.23 3.71 46.13
C LEU A 614 39.24 4.08 45.06
N GLU A 615 39.55 3.13 44.19
CA GLU A 615 40.49 3.39 43.12
C GLU A 615 39.92 4.48 42.19
N HIS A 616 38.62 4.37 41.89
CA HIS A 616 37.96 5.35 41.03
C HIS A 616 38.05 6.74 41.66
N LEU A 617 37.77 6.81 42.95
CA LEU A 617 37.83 8.09 43.66
C LEU A 617 39.25 8.61 43.70
N GLY A 618 40.20 7.72 43.97
CA GLY A 618 41.60 8.12 44.01
C GLY A 618 42.07 8.75 42.72
N ASN A 619 41.69 8.16 41.58
CA ASN A 619 42.10 8.69 40.28
C ASN A 619 41.34 9.94 39.88
N ALA A 620 40.05 10.00 40.19
CA ALA A 620 39.21 11.14 39.84
C ALA A 620 39.58 12.37 40.67
N TYR A 621 39.82 12.17 41.96
CA TYR A 621 40.16 13.28 42.83
C TYR A 621 41.66 13.45 43.11
N LYS A 622 42.49 12.65 42.46
CA LYS A 622 43.93 12.73 42.67
C LYS A 622 44.21 12.64 44.17
N ASN A 623 43.63 11.61 44.80
CA ASN A 623 43.77 11.38 46.23
C ASN A 623 44.66 10.15 46.41
N PRO A 624 45.96 10.37 46.72
CA PRO A 624 46.95 9.31 46.92
C PRO A 624 46.56 8.31 48.01
N LYS A 625 45.98 8.82 49.09
CA LYS A 625 45.58 7.97 50.20
C LYS A 625 44.49 6.98 49.79
N ALA A 626 43.58 7.43 48.94
CA ALA A 626 42.48 6.59 48.48
C ALA A 626 43.05 5.40 47.69
N LEU A 627 44.09 5.67 46.89
CA LEU A 627 44.71 4.62 46.08
C LEU A 627 45.41 3.61 47.00
N VAL A 628 45.99 4.10 48.08
CA VAL A 628 46.66 3.22 49.03
C VAL A 628 45.58 2.39 49.74
N LEU A 629 44.47 3.04 50.08
CA LEU A 629 43.37 2.34 50.73
C LEU A 629 42.88 1.22 49.80
N ALA A 630 42.81 1.50 48.51
CA ALA A 630 42.36 0.51 47.55
C ALA A 630 43.34 -0.66 47.42
N SER A 631 44.63 -0.37 47.30
CA SER A 631 45.64 -1.42 47.17
C SER A 631 45.69 -2.33 48.38
N THR A 632 45.64 -1.73 49.57
CA THR A 632 45.67 -2.51 50.80
C THR A 632 44.40 -3.33 50.98
N LEU A 633 43.27 -2.81 50.48
CA LEU A 633 42.01 -3.54 50.58
C LEU A 633 42.12 -4.75 49.65
N ASP A 634 42.75 -4.58 48.50
CA ASP A 634 42.93 -5.70 47.55
C ASP A 634 43.70 -6.79 48.29
N GLN A 635 44.74 -6.41 49.02
CA GLN A 635 45.54 -7.39 49.75
C GLN A 635 44.72 -8.08 50.84
N ALA A 636 43.94 -7.29 51.57
CA ALA A 636 43.11 -7.82 52.65
C ALA A 636 42.08 -8.80 52.11
N THR A 637 41.50 -8.46 50.96
CA THR A 637 40.49 -9.31 50.34
C THR A 637 41.15 -10.62 49.88
N GLY A 638 42.38 -10.52 49.39
CA GLY A 638 43.09 -11.72 48.96
C GLY A 638 43.34 -12.65 50.14
N LYS A 639 43.58 -12.07 51.31
CA LYS A 639 43.82 -12.87 52.50
C LYS A 639 42.51 -13.49 52.99
N ILE A 640 41.40 -12.78 52.82
CA ILE A 640 40.12 -13.34 53.22
C ILE A 640 39.97 -14.67 52.47
N LEU A 641 40.36 -14.66 51.20
CA LEU A 641 40.28 -15.85 50.37
C LEU A 641 41.33 -16.90 50.71
N ASP A 642 42.60 -16.49 50.73
CA ASP A 642 43.68 -17.42 51.03
C ASP A 642 43.65 -18.01 52.44
N ASN A 643 43.16 -17.25 53.41
CA ASN A 643 43.11 -17.73 54.79
C ASN A 643 41.73 -18.25 55.17
N ASN A 644 40.87 -18.41 54.16
CA ASN A 644 39.52 -18.93 54.34
C ASN A 644 38.74 -18.26 55.47
N LYS A 645 38.61 -16.93 55.40
CA LYS A 645 37.88 -16.19 56.42
C LYS A 645 36.51 -15.70 55.98
N SER A 646 35.91 -16.39 55.01
CA SER A 646 34.56 -16.06 54.54
C SER A 646 33.61 -16.80 55.47
N PRO A 647 32.32 -16.40 55.47
CA PRO A 647 31.32 -17.05 56.33
C PRO A 647 31.17 -18.53 56.07
N ALA A 648 30.76 -19.24 57.12
CA ALA A 648 30.54 -20.69 57.04
C ALA A 648 29.04 -20.87 56.83
N ARG A 649 28.43 -21.86 57.49
CA ARG A 649 27.00 -22.06 57.31
C ARG A 649 26.11 -22.35 58.53
N LYS A 650 26.66 -22.93 59.60
CA LYS A 650 25.78 -23.25 60.72
C LYS A 650 25.81 -22.30 61.93
N VAL A 651 26.61 -22.66 62.92
CA VAL A 651 26.76 -21.88 64.14
C VAL A 651 28.04 -22.29 64.86
N GLY A 652 28.71 -21.30 65.44
CA GLY A 652 29.95 -21.58 66.15
C GLY A 652 31.11 -20.97 65.40
N GLU A 653 31.13 -21.20 64.09
CA GLU A 653 32.17 -20.68 63.23
C GLU A 653 31.88 -19.22 62.87
N ILE A 654 32.86 -18.54 62.28
CA ILE A 654 32.66 -17.14 61.93
C ILE A 654 31.53 -16.97 60.94
N ASP A 655 30.76 -15.91 61.09
CA ASP A 655 29.67 -15.65 60.15
C ASP A 655 29.98 -14.34 59.43
N ASN A 656 28.99 -13.71 58.84
CA ASN A 656 29.21 -12.46 58.11
C ASN A 656 30.00 -11.44 58.94
N ARG A 657 29.62 -11.28 60.20
CA ARG A 657 30.29 -10.33 61.07
C ARG A 657 31.75 -10.72 61.31
N GLY A 658 32.00 -12.01 61.45
CA GLY A 658 33.36 -12.46 61.66
C GLY A 658 34.22 -12.17 60.43
N SER A 659 33.65 -12.33 59.24
CA SER A 659 34.43 -12.08 58.02
C SER A 659 34.80 -10.59 57.94
N HIS A 660 33.90 -9.73 58.41
CA HIS A 660 34.18 -8.30 58.38
C HIS A 660 35.31 -7.98 59.35
N PHE A 661 35.39 -8.69 60.46
CA PHE A 661 36.48 -8.44 61.40
C PHE A 661 37.79 -8.80 60.73
N TYR A 662 37.83 -9.96 60.08
CA TYR A 662 39.05 -10.37 59.42
C TYR A 662 39.42 -9.39 58.30
N LEU A 663 38.41 -8.82 57.65
CA LEU A 663 38.72 -7.85 56.60
C LEU A 663 39.42 -6.66 57.27
N ALA A 664 38.84 -6.17 58.37
CA ALA A 664 39.41 -5.06 59.10
C ALA A 664 40.83 -5.37 59.58
N LEU A 665 41.02 -6.58 60.09
CA LEU A 665 42.32 -7.01 60.59
C LEU A 665 43.36 -6.96 59.48
N TYR A 666 43.07 -7.63 58.37
CA TYR A 666 44.00 -7.70 57.25
C TYR A 666 44.22 -6.35 56.58
N TRP A 667 43.16 -5.56 56.48
CA TRP A 667 43.25 -4.23 55.88
C TRP A 667 44.14 -3.33 56.76
N ALA A 668 43.88 -3.32 58.06
CA ALA A 668 44.67 -2.51 58.99
C ALA A 668 46.13 -2.94 58.97
N GLN A 669 46.37 -4.26 58.95
CA GLN A 669 47.73 -4.78 58.93
C GLN A 669 48.44 -4.34 57.64
N ALA A 670 47.73 -4.43 56.51
CA ALA A 670 48.31 -4.04 55.22
C ALA A 670 48.65 -2.55 55.23
N LEU A 671 47.75 -1.74 55.80
CA LEU A 671 47.97 -0.30 55.88
C LEU A 671 49.15 0.05 56.77
N ALA A 672 49.35 -0.75 57.81
CA ALA A 672 50.44 -0.50 58.74
C ALA A 672 51.79 -0.93 58.17
N ALA A 673 51.78 -1.82 57.18
CA ALA A 673 53.02 -2.32 56.59
C ALA A 673 53.41 -1.72 55.24
N GLN A 674 52.48 -1.02 54.59
CA GLN A 674 52.77 -0.43 53.29
C GLN A 674 53.73 0.75 53.39
N THR A 675 54.55 0.89 52.36
CA THR A 675 55.56 1.93 52.29
C THR A 675 55.27 3.05 51.29
N GLU A 676 54.01 3.33 51.00
CA GLU A 676 53.69 4.40 50.06
C GLU A 676 53.20 5.67 50.74
N ASP A 677 52.55 5.53 51.90
CA ASP A 677 52.02 6.70 52.62
C ASP A 677 52.33 6.58 54.11
N LYS A 678 53.24 7.43 54.58
CA LYS A 678 53.66 7.40 55.98
C LYS A 678 52.55 7.76 56.97
N GLU A 679 51.69 8.69 56.58
CA GLU A 679 50.60 9.09 57.47
C GLU A 679 49.64 7.93 57.72
N LEU A 680 49.29 7.20 56.67
CA LEU A 680 48.39 6.06 56.85
C LEU A 680 49.07 4.97 57.64
N GLN A 681 50.36 4.76 57.39
CA GLN A 681 51.10 3.74 58.10
C GLN A 681 51.12 4.02 59.59
N ALA A 682 51.37 5.27 59.95
CA ALA A 682 51.41 5.67 61.36
C ALA A 682 50.04 5.54 62.00
N GLN A 683 49.03 6.03 61.29
CA GLN A 683 47.66 5.97 61.79
C GLN A 683 47.13 4.56 62.01
N PHE A 684 47.42 3.63 61.11
CA PHE A 684 46.92 2.27 61.26
C PHE A 684 47.80 1.30 62.05
N THR A 685 48.98 1.76 62.46
CA THR A 685 49.88 0.92 63.25
C THR A 685 49.18 0.50 64.55
N GLY A 686 48.61 1.46 65.26
CA GLY A 686 47.92 1.16 66.51
C GLY A 686 46.65 0.37 66.30
N ILE A 687 45.96 0.65 65.20
CA ILE A 687 44.72 -0.06 64.86
C ILE A 687 45.05 -1.52 64.59
N ALA A 688 46.06 -1.75 63.77
CA ALA A 688 46.47 -3.12 63.43
C ALA A 688 46.89 -3.87 64.70
N LYS A 689 47.62 -3.21 65.58
CA LYS A 689 48.05 -3.83 66.82
C LYS A 689 46.84 -4.22 67.67
N ALA A 690 45.90 -3.30 67.85
CA ALA A 690 44.70 -3.57 68.63
C ALA A 690 43.89 -4.74 68.08
N LEU A 691 43.66 -4.75 66.78
CA LEU A 691 42.90 -5.84 66.15
C LEU A 691 43.69 -7.15 66.24
N THR A 692 45.00 -7.07 66.04
CA THR A 692 45.85 -8.27 66.09
C THR A 692 45.88 -8.88 67.49
N ASP A 693 46.13 -8.04 68.49
CA ASP A 693 46.20 -8.50 69.87
C ASP A 693 44.86 -8.98 70.42
N ASN A 694 43.78 -8.52 69.81
CA ASN A 694 42.44 -8.89 70.26
C ASN A 694 41.67 -9.80 69.31
N GLU A 695 42.37 -10.44 68.39
CA GLU A 695 41.71 -11.32 67.43
C GLU A 695 40.84 -12.38 68.12
N THR A 696 41.46 -13.16 69.01
CA THR A 696 40.74 -14.21 69.72
C THR A 696 39.56 -13.67 70.52
N LYS A 697 39.80 -12.60 71.27
CA LYS A 697 38.75 -11.99 72.09
C LYS A 697 37.59 -11.47 71.24
N ILE A 698 37.91 -10.82 70.12
CA ILE A 698 36.87 -10.28 69.25
C ILE A 698 36.07 -11.39 68.59
N VAL A 699 36.77 -12.38 68.04
CA VAL A 699 36.10 -13.50 67.39
C VAL A 699 35.17 -14.17 68.40
N GLY A 700 35.61 -14.24 69.65
CA GLY A 700 34.80 -14.85 70.69
C GLY A 700 33.54 -14.04 70.99
N GLU A 701 33.66 -12.72 71.06
CA GLU A 701 32.51 -11.88 71.31
C GLU A 701 31.52 -11.99 70.15
N LEU A 702 32.02 -12.06 68.93
CA LEU A 702 31.15 -12.20 67.77
C LEU A 702 30.44 -13.55 67.80
N ALA A 703 31.17 -14.59 68.17
CA ALA A 703 30.59 -15.93 68.23
C ALA A 703 29.52 -16.03 69.30
N ALA A 704 29.67 -15.26 70.37
CA ALA A 704 28.71 -15.27 71.48
C ALA A 704 27.36 -14.71 71.06
N ALA A 705 27.32 -13.98 69.94
CA ALA A 705 26.07 -13.40 69.47
C ALA A 705 25.28 -14.44 68.66
N GLN A 706 25.89 -15.60 68.46
CA GLN A 706 25.25 -16.70 67.72
C GLN A 706 24.60 -17.72 68.65
N GLY A 707 23.63 -18.47 68.12
CA GLY A 707 22.99 -19.49 68.92
C GLY A 707 21.65 -19.20 69.54
N LYS A 708 21.13 -17.99 69.34
CA LYS A 708 19.84 -17.64 69.91
C LYS A 708 18.99 -16.87 68.91
N PRO A 709 17.67 -16.81 69.13
CA PRO A 709 16.80 -16.08 68.20
C PRO A 709 17.12 -14.60 68.28
N VAL A 710 16.93 -13.89 67.19
CA VAL A 710 17.19 -12.45 67.17
C VAL A 710 15.93 -11.72 66.75
N ASP A 711 15.56 -10.70 67.52
CA ASP A 711 14.37 -9.92 67.21
C ASP A 711 14.76 -8.49 66.90
N ILE A 712 14.49 -8.06 65.67
CA ILE A 712 14.82 -6.71 65.26
C ILE A 712 13.58 -5.88 64.99
N ALA A 713 12.45 -6.37 65.52
CA ALA A 713 11.16 -5.69 65.40
C ALA A 713 10.76 -5.35 63.98
N GLY A 714 10.82 -6.33 63.09
CA GLY A 714 10.45 -6.07 61.71
C GLY A 714 11.22 -6.97 60.76
N TYR A 715 11.02 -6.74 59.47
CA TYR A 715 11.69 -7.53 58.45
C TYR A 715 12.05 -6.61 57.29
N TYR A 716 11.04 -5.99 56.69
CA TYR A 716 11.27 -5.08 55.58
C TYR A 716 11.71 -3.70 56.06
N HIS A 717 11.32 -3.36 57.29
CA HIS A 717 11.64 -2.05 57.89
C HIS A 717 11.85 -2.25 59.40
N PRO A 718 12.93 -2.97 59.77
CA PRO A 718 13.23 -3.24 61.17
C PRO A 718 13.70 -2.02 61.97
N ASN A 719 13.68 -2.16 63.29
CA ASN A 719 14.13 -1.10 64.18
C ASN A 719 15.64 -1.01 63.99
N THR A 720 16.12 0.15 63.55
CA THR A 720 17.55 0.34 63.29
C THR A 720 18.45 0.19 64.50
N ASP A 721 17.98 0.59 65.68
CA ASP A 721 18.78 0.46 66.90
C ASP A 721 19.00 -1.02 67.22
N LEU A 722 17.92 -1.80 67.19
CA LEU A 722 18.01 -3.23 67.49
C LEU A 722 18.86 -3.99 66.48
N THR A 723 18.71 -3.62 65.20
CA THR A 723 19.48 -4.29 64.16
C THR A 723 20.96 -3.97 64.28
N SER A 724 21.27 -2.70 64.52
CA SER A 724 22.64 -2.24 64.67
C SER A 724 23.29 -2.98 65.85
N LYS A 725 22.56 -3.06 66.96
CA LYS A 725 23.04 -3.73 68.15
C LYS A 725 23.38 -5.19 67.85
N ALA A 726 22.47 -5.88 67.18
CA ALA A 726 22.65 -7.28 66.85
C ALA A 726 23.80 -7.48 65.86
N MET A 727 23.97 -6.55 64.91
CA MET A 727 25.02 -6.69 63.92
C MET A 727 26.40 -6.22 64.39
N ARG A 728 26.47 -5.51 65.51
CA ARG A 728 27.76 -5.03 66.04
C ARG A 728 27.83 -5.39 67.52
N PRO A 729 27.85 -6.70 67.82
CA PRO A 729 27.90 -7.20 69.21
C PRO A 729 29.24 -7.22 69.94
N SER A 730 30.33 -6.92 69.25
CA SER A 730 31.64 -6.95 69.90
C SER A 730 32.10 -5.57 70.40
N ALA A 731 32.06 -5.38 71.72
CA ALA A 731 32.47 -4.11 72.29
C ALA A 731 33.97 -3.90 72.06
N THR A 732 34.72 -4.99 72.07
CA THR A 732 36.16 -4.92 71.86
C THR A 732 36.48 -4.47 70.43
N PHE A 733 35.75 -5.01 69.47
CA PHE A 733 35.97 -4.64 68.06
C PHE A 733 35.59 -3.17 67.88
N ASN A 734 34.43 -2.79 68.42
CA ASN A 734 33.98 -1.42 68.30
C ASN A 734 35.00 -0.45 68.90
N ALA A 735 35.53 -0.79 70.08
CA ALA A 735 36.49 0.06 70.74
C ALA A 735 37.81 0.16 69.98
N ALA A 736 38.22 -0.93 69.34
CA ALA A 736 39.48 -0.96 68.59
C ALA A 736 39.51 0.03 67.44
N LEU A 737 38.35 0.36 66.86
CA LEU A 737 38.32 1.30 65.74
C LEU A 737 37.99 2.72 66.19
N ALA A 738 37.78 2.90 67.48
CA ALA A 738 37.43 4.21 68.04
C ALA A 738 38.36 5.37 67.65
N PRO A 739 39.68 5.14 67.69
CA PRO A 739 40.62 6.22 67.33
C PRO A 739 40.49 6.72 65.89
N LEU A 740 39.84 5.93 65.04
CA LEU A 740 39.71 6.26 63.63
C LEU A 740 38.86 7.46 63.24
N ALA A 741 39.51 8.37 62.52
CA ALA A 741 38.90 9.60 62.03
C ALA A 741 39.40 9.81 60.61
N SER B 2 54.23 46.12 -3.77
CA SER B 2 53.94 45.16 -4.88
C SER B 2 54.86 43.94 -4.79
N THR B 3 55.09 43.46 -3.57
CA THR B 3 55.94 42.29 -3.35
C THR B 3 55.50 41.12 -4.21
N PRO B 4 56.43 40.51 -4.96
CA PRO B 4 56.14 39.37 -5.83
C PRO B 4 55.29 38.36 -5.07
N LYS B 5 54.29 37.79 -5.74
CA LYS B 5 53.40 36.84 -5.09
C LYS B 5 53.22 35.52 -5.83
N ILE B 6 53.22 34.43 -5.08
CA ILE B 6 52.99 33.10 -5.63
C ILE B 6 51.70 32.59 -4.99
N ILE B 7 50.75 32.18 -5.83
CA ILE B 7 49.48 31.67 -5.34
C ILE B 7 49.52 30.15 -5.23
N TYR B 8 49.24 29.64 -4.03
CA TYR B 8 49.23 28.19 -3.80
C TYR B 8 47.75 27.80 -3.62
N THR B 9 47.24 26.96 -4.50
CA THR B 9 45.84 26.55 -4.42
C THR B 9 45.55 25.53 -3.33
N LEU B 10 44.51 25.81 -2.56
CA LEU B 10 44.06 24.89 -1.51
C LEU B 10 43.00 24.07 -2.21
N THR B 11 43.23 22.77 -2.32
CA THR B 11 42.28 21.92 -3.03
C THR B 11 41.54 20.91 -2.15
N ASP B 12 41.47 19.67 -2.62
CA ASP B 12 40.74 18.62 -1.91
C ASP B 12 41.54 17.40 -1.49
N GLU B 13 40.93 16.65 -0.59
CA GLU B 13 41.46 15.39 -0.09
C GLU B 13 42.97 15.30 0.18
N ALA B 14 43.64 14.36 -0.48
CA ALA B 14 45.07 14.14 -0.24
C ALA B 14 46.01 15.33 -0.45
N PRO B 15 45.98 15.97 -1.63
CA PRO B 15 46.87 17.12 -1.86
C PRO B 15 46.59 18.19 -0.81
N ALA B 16 45.31 18.32 -0.47
CA ALA B 16 44.87 19.29 0.51
C ALA B 16 45.54 19.00 1.86
N LEU B 17 45.59 17.74 2.25
CA LEU B 17 46.22 17.35 3.50
C LEU B 17 47.72 17.66 3.45
N ALA B 18 48.37 17.21 2.40
CA ALA B 18 49.81 17.43 2.23
C ALA B 18 50.16 18.91 2.33
N THR B 19 49.28 19.76 1.82
CA THR B 19 49.50 21.20 1.84
C THR B 19 49.63 21.75 3.26
N TYR B 20 48.88 21.20 4.22
CA TYR B 20 48.98 21.67 5.59
C TYR B 20 50.39 21.49 6.15
N SER B 21 51.11 20.51 5.61
CA SER B 21 52.47 20.25 6.03
C SER B 21 53.51 21.01 5.20
N LEU B 22 53.34 20.99 3.88
CA LEU B 22 54.30 21.63 2.99
C LEU B 22 54.25 23.16 2.92
N LEU B 23 53.05 23.74 2.86
CA LEU B 23 52.94 25.18 2.75
C LEU B 23 53.72 25.95 3.82
N PRO B 24 53.61 25.52 5.09
CA PRO B 24 54.36 26.23 6.13
C PRO B 24 55.86 26.16 5.84
N ILE B 25 56.31 25.04 5.28
CA ILE B 25 57.72 24.88 4.94
C ILE B 25 58.06 25.86 3.81
N ILE B 26 57.19 25.94 2.82
CA ILE B 26 57.41 26.85 1.69
C ILE B 26 57.52 28.30 2.17
N LYS B 27 56.59 28.72 3.04
CA LYS B 27 56.61 30.09 3.54
C LYS B 27 57.87 30.38 4.36
N ALA B 28 58.31 29.39 5.15
CA ALA B 28 59.49 29.54 5.97
C ALA B 28 60.75 29.74 5.12
N PHE B 29 60.85 28.99 4.02
CA PHE B 29 62.02 29.10 3.15
C PHE B 29 62.03 30.29 2.22
N THR B 30 60.86 30.86 1.93
CA THR B 30 60.80 32.00 1.01
C THR B 30 60.63 33.33 1.72
N GLY B 31 60.43 33.29 3.03
CA GLY B 31 60.21 34.50 3.80
C GLY B 31 61.26 35.60 3.77
N SER B 32 62.53 35.24 3.61
CA SER B 32 63.58 36.25 3.59
C SER B 32 64.00 36.68 2.19
N SER B 33 63.33 36.15 1.17
CA SER B 33 63.68 36.48 -0.21
C SER B 33 62.74 37.45 -0.91
N GLY B 34 61.88 38.11 -0.15
CA GLY B 34 60.95 39.06 -0.73
C GLY B 34 59.91 38.38 -1.59
N ILE B 35 59.38 37.27 -1.09
CA ILE B 35 58.36 36.52 -1.82
C ILE B 35 57.16 36.31 -0.92
N ALA B 36 55.98 36.59 -1.44
CA ALA B 36 54.76 36.41 -0.69
C ALA B 36 54.03 35.20 -1.26
N VAL B 37 53.56 34.33 -0.37
CA VAL B 37 52.82 33.16 -0.81
C VAL B 37 51.41 33.30 -0.27
N GLU B 38 50.44 33.35 -1.17
CA GLU B 38 49.06 33.48 -0.75
C GLU B 38 48.27 32.26 -1.21
N THR B 39 47.26 31.91 -0.46
CA THR B 39 46.43 30.77 -0.80
C THR B 39 45.12 31.25 -1.39
N ARG B 40 44.53 30.39 -2.23
CA ARG B 40 43.24 30.66 -2.85
C ARG B 40 42.52 29.32 -2.72
N ASP B 41 41.26 29.37 -2.31
CA ASP B 41 40.48 28.16 -2.09
C ASP B 41 39.65 27.70 -3.27
N ILE B 42 40.10 26.65 -3.94
CA ILE B 42 39.35 26.10 -5.07
C ILE B 42 38.87 24.69 -4.73
N SER B 43 38.79 24.39 -3.44
CA SER B 43 38.32 23.08 -2.99
C SER B 43 36.85 22.96 -3.40
N LEU B 44 36.34 21.74 -3.45
CA LEU B 44 34.95 21.50 -3.83
C LEU B 44 34.03 22.23 -2.87
N ALA B 45 34.31 22.11 -1.58
CA ALA B 45 33.48 22.77 -0.56
C ALA B 45 33.56 24.28 -0.65
N GLY B 46 34.76 24.81 -0.87
CA GLY B 46 34.92 26.25 -0.98
C GLY B 46 34.20 26.85 -2.18
N ARG B 47 34.25 26.13 -3.30
CA ARG B 47 33.57 26.62 -4.50
C ARG B 47 32.06 26.60 -4.32
N LEU B 48 31.56 25.64 -3.54
CA LEU B 48 30.13 25.54 -3.26
C LEU B 48 29.70 26.72 -2.39
N ILE B 49 30.47 26.98 -1.33
CA ILE B 49 30.17 28.08 -0.40
C ILE B 49 30.18 29.43 -1.12
N ALA B 50 31.18 29.63 -1.96
CA ALA B 50 31.31 30.89 -2.69
C ALA B 50 30.18 31.13 -3.67
N THR B 51 29.51 30.06 -4.09
CA THR B 51 28.43 30.15 -5.06
C THR B 51 27.05 30.51 -4.51
N PHE B 52 26.79 30.23 -3.24
CA PHE B 52 25.49 30.54 -2.65
C PHE B 52 25.54 31.46 -1.43
N PRO B 53 26.07 32.67 -1.59
CA PRO B 53 26.18 33.64 -0.51
C PRO B 53 24.85 33.99 0.17
N GLU B 54 23.77 34.06 -0.61
CA GLU B 54 22.46 34.42 -0.07
C GLU B 54 21.90 33.44 0.96
N TYR B 55 22.44 32.23 1.00
CA TYR B 55 21.99 31.22 1.96
C TYR B 55 22.90 31.17 3.18
N LEU B 56 23.87 32.08 3.23
CA LEU B 56 24.84 32.08 4.32
C LEU B 56 24.88 33.31 5.21
N THR B 57 25.45 33.12 6.39
CA THR B 57 25.62 34.21 7.33
C THR B 57 26.84 34.97 6.83
N ASP B 58 27.00 36.21 7.26
CA ASP B 58 28.12 37.03 6.83
C ASP B 58 29.47 36.36 7.11
N THR B 59 29.55 35.63 8.20
CA THR B 59 30.79 34.95 8.58
C THR B 59 31.10 33.71 7.75
N GLN B 60 30.06 33.02 7.28
CA GLN B 60 30.24 31.81 6.49
C GLN B 60 30.65 32.12 5.05
N LYS B 61 30.32 33.31 4.58
CA LYS B 61 30.65 33.70 3.21
C LYS B 61 32.16 33.77 2.98
N ILE B 62 32.58 33.41 1.77
CA ILE B 62 33.99 33.48 1.40
C ILE B 62 34.07 34.01 -0.01
N SER B 63 35.22 34.55 -0.37
CA SER B 63 35.41 35.10 -1.71
C SER B 63 35.42 34.00 -2.76
N ASP B 64 34.99 34.34 -3.97
CA ASP B 64 34.96 33.40 -5.09
C ASP B 64 36.38 33.36 -5.64
N ASP B 65 37.23 32.54 -5.05
CA ASP B 65 38.62 32.46 -5.48
C ASP B 65 38.87 31.92 -6.88
N LEU B 66 37.99 31.05 -7.37
CA LEU B 66 38.19 30.51 -8.72
C LEU B 66 38.07 31.66 -9.74
N ALA B 67 37.05 32.49 -9.58
CA ALA B 67 36.85 33.62 -10.49
C ALA B 67 38.05 34.56 -10.40
N GLU B 68 38.49 34.81 -9.17
CA GLU B 68 39.62 35.68 -8.91
C GLU B 68 40.87 35.14 -9.60
N LEU B 69 41.06 33.83 -9.55
CA LEU B 69 42.22 33.21 -10.20
C LEU B 69 42.12 33.38 -11.71
N GLY B 70 40.90 33.32 -12.24
CA GLY B 70 40.71 33.49 -13.67
C GLY B 70 41.20 34.85 -14.14
N LYS B 71 40.84 35.89 -13.41
CA LYS B 71 41.26 37.25 -13.77
C LYS B 71 42.76 37.39 -13.59
N LEU B 72 43.26 36.86 -12.47
CA LEU B 72 44.69 36.90 -12.19
C LEU B 72 45.47 36.24 -13.33
N ALA B 73 44.91 35.15 -13.86
CA ALA B 73 45.56 34.42 -14.94
C ALA B 73 45.75 35.22 -16.22
N THR B 74 45.07 36.37 -16.33
CA THR B 74 45.20 37.20 -17.51
C THR B 74 46.13 38.39 -17.28
N THR B 75 46.84 38.37 -16.15
CA THR B 75 47.78 39.45 -15.83
C THR B 75 49.19 38.89 -15.84
N PRO B 76 50.18 39.72 -16.20
CA PRO B 76 51.60 39.34 -16.28
C PRO B 76 52.23 38.83 -14.99
N ASP B 77 51.78 39.34 -13.85
CA ASP B 77 52.33 38.94 -12.55
C ASP B 77 51.83 37.59 -12.04
N ALA B 78 50.89 36.98 -12.75
CA ALA B 78 50.35 35.70 -12.33
C ALA B 78 51.41 34.64 -12.14
N ASN B 79 51.37 33.95 -10.99
CA ASN B 79 52.28 32.87 -10.69
C ASN B 79 51.46 31.96 -9.78
N ILE B 80 50.89 30.93 -10.38
CA ILE B 80 50.01 30.01 -9.67
C ILE B 80 50.49 28.56 -9.63
N ILE B 81 50.43 27.96 -8.45
CA ILE B 81 50.80 26.57 -8.29
C ILE B 81 49.46 25.86 -8.05
N LYS B 82 49.06 25.05 -9.02
CA LYS B 82 47.79 24.34 -9.01
C LYS B 82 47.93 22.85 -8.70
N LEU B 83 47.34 22.43 -7.58
CA LEU B 83 47.37 21.03 -7.15
C LEU B 83 46.12 20.30 -7.64
N PRO B 84 46.18 18.97 -7.76
CA PRO B 84 45.02 18.19 -8.22
C PRO B 84 43.79 18.55 -7.38
N ASN B 85 42.63 18.55 -8.01
CA ASN B 85 41.39 18.87 -7.30
C ASN B 85 40.26 18.01 -7.82
N ILE B 86 39.14 18.02 -7.12
CA ILE B 86 37.99 17.22 -7.52
C ILE B 86 37.16 17.80 -8.66
N SER B 87 36.82 16.93 -9.61
CA SER B 87 35.91 17.28 -10.71
C SER B 87 34.73 16.48 -10.20
N ALA B 88 33.91 17.12 -9.38
CA ALA B 88 32.78 16.49 -8.72
C ALA B 88 31.73 15.73 -9.50
N SER B 89 31.44 14.53 -9.03
CA SER B 89 30.40 13.68 -9.61
C SER B 89 29.19 14.07 -8.76
N VAL B 90 27.99 13.67 -9.16
CA VAL B 90 26.81 14.02 -8.37
C VAL B 90 26.92 13.49 -6.93
N PRO B 91 27.36 12.23 -6.76
CA PRO B 91 27.48 11.71 -5.39
C PRO B 91 28.41 12.58 -4.54
N GLN B 92 29.55 12.98 -5.12
CA GLN B 92 30.51 13.81 -4.40
C GLN B 92 29.89 15.16 -4.08
N LEU B 93 29.16 15.72 -5.03
CA LEU B 93 28.50 17.01 -4.85
C LEU B 93 27.51 16.93 -3.69
N LYS B 94 26.72 15.87 -3.66
CA LYS B 94 25.74 15.67 -2.61
C LYS B 94 26.39 15.45 -1.24
N ALA B 95 27.50 14.72 -1.22
CA ALA B 95 28.21 14.45 0.02
C ALA B 95 28.80 15.74 0.59
N ALA B 96 29.33 16.60 -0.29
CA ALA B 96 29.91 17.86 0.13
C ALA B 96 28.84 18.81 0.64
N ILE B 97 27.69 18.85 -0.04
CA ILE B 97 26.59 19.71 0.38
C ILE B 97 26.10 19.28 1.76
N LYS B 98 25.91 17.97 1.91
CA LYS B 98 25.45 17.40 3.17
C LYS B 98 26.38 17.75 4.33
N GLU B 99 27.68 17.58 4.11
CA GLU B 99 28.66 17.88 5.14
C GLU B 99 28.57 19.34 5.55
N LEU B 100 28.47 20.23 4.57
CA LEU B 100 28.36 21.65 4.84
C LEU B 100 27.07 21.97 5.60
N GLN B 101 25.98 21.30 5.25
CA GLN B 101 24.71 21.53 5.93
C GLN B 101 24.85 21.11 7.39
N GLN B 102 25.47 19.97 7.63
CA GLN B 102 25.68 19.49 8.99
C GLN B 102 26.51 20.51 9.77
N GLN B 103 27.35 21.24 9.05
CA GLN B 103 28.20 22.24 9.69
C GLN B 103 27.51 23.60 9.86
N GLY B 104 26.24 23.68 9.50
CA GLY B 104 25.52 24.93 9.65
C GLY B 104 25.31 25.75 8.39
N TYR B 105 25.92 25.36 7.28
CA TYR B 105 25.74 26.10 6.03
C TYR B 105 24.41 25.68 5.44
N LYS B 106 23.44 26.59 5.43
CA LYS B 106 22.10 26.30 4.92
C LYS B 106 21.98 26.25 3.40
N LEU B 107 22.90 25.53 2.75
CA LEU B 107 22.88 25.38 1.31
C LEU B 107 21.70 24.52 0.88
N PRO B 108 21.12 24.82 -0.29
CA PRO B 108 19.98 24.02 -0.77
C PRO B 108 20.44 22.64 -1.23
N ASP B 109 19.54 21.66 -1.16
CA ASP B 109 19.90 20.32 -1.60
C ASP B 109 20.04 20.32 -3.11
N TYR B 110 20.76 19.35 -3.65
CA TYR B 110 20.93 19.24 -5.09
C TYR B 110 19.72 18.52 -5.65
N PRO B 111 18.90 19.20 -6.46
CA PRO B 111 17.71 18.57 -7.04
C PRO B 111 18.05 17.87 -8.34
N GLU B 112 18.13 16.54 -8.29
CA GLU B 112 18.46 15.74 -9.47
C GLU B 112 17.38 15.84 -10.54
N GLU B 113 16.12 15.87 -10.10
CA GLU B 113 14.98 15.95 -11.01
C GLU B 113 14.11 17.15 -10.63
N PRO B 114 14.56 18.37 -10.96
CA PRO B 114 13.86 19.63 -10.67
C PRO B 114 12.43 19.67 -11.18
N LYS B 115 11.51 20.04 -10.29
CA LYS B 115 10.09 20.14 -10.66
C LYS B 115 9.56 21.53 -10.40
N THR B 116 10.39 22.40 -9.84
CA THR B 116 10.00 23.77 -9.55
C THR B 116 11.03 24.74 -10.09
N ASP B 117 10.66 26.01 -10.19
CA ASP B 117 11.58 27.03 -10.68
C ASP B 117 12.79 27.14 -9.78
N THR B 118 12.56 27.13 -8.47
CA THR B 118 13.66 27.23 -7.52
C THR B 118 14.62 26.06 -7.68
N GLU B 119 14.08 24.84 -7.77
CA GLU B 119 14.93 23.67 -7.93
C GLU B 119 15.72 23.75 -9.23
N LYS B 120 15.06 24.17 -10.29
CA LYS B 120 15.70 24.30 -11.60
C LYS B 120 16.86 25.29 -11.55
N ASP B 121 16.63 26.44 -10.93
CA ASP B 121 17.67 27.46 -10.82
C ASP B 121 18.81 26.95 -9.94
N VAL B 122 18.46 26.27 -8.86
CA VAL B 122 19.48 25.74 -7.95
C VAL B 122 20.32 24.69 -8.67
N LYS B 123 19.67 23.78 -9.38
CA LYS B 123 20.40 22.74 -10.09
C LYS B 123 21.38 23.32 -11.11
N ALA B 124 20.96 24.39 -11.79
CA ALA B 124 21.81 25.02 -12.80
C ALA B 124 23.00 25.68 -12.12
N ARG B 125 22.78 26.26 -10.93
CA ARG B 125 23.87 26.91 -10.19
C ARG B 125 24.88 25.81 -9.85
N TYR B 126 24.39 24.74 -9.24
CA TYR B 126 25.23 23.61 -8.84
C TYR B 126 25.91 22.94 -10.01
N ASP B 127 25.20 22.80 -11.13
CA ASP B 127 25.79 22.14 -12.30
C ASP B 127 27.01 22.88 -12.85
N LYS B 128 27.16 24.15 -12.49
CA LYS B 128 28.33 24.90 -12.95
C LYS B 128 29.51 24.61 -12.03
N ILE B 129 29.22 24.09 -10.84
CA ILE B 129 30.25 23.77 -9.86
C ILE B 129 30.78 22.34 -9.97
N LYS B 130 29.91 21.40 -10.33
CA LYS B 130 30.34 20.01 -10.45
C LYS B 130 31.11 19.80 -11.74
N GLY B 131 31.69 18.61 -11.89
CA GLY B 131 32.45 18.32 -13.09
C GLY B 131 33.78 19.05 -13.16
N SER B 132 34.36 19.10 -14.35
CA SER B 132 35.65 19.75 -14.57
C SER B 132 35.44 21.25 -14.68
N ALA B 133 35.30 21.91 -13.54
CA ALA B 133 35.04 23.35 -13.51
C ALA B 133 36.27 24.23 -13.33
N VAL B 134 37.36 23.66 -12.82
CA VAL B 134 38.55 24.44 -12.55
C VAL B 134 39.53 24.67 -13.71
N ASN B 135 39.91 23.59 -14.38
CA ASN B 135 40.87 23.71 -15.48
C ASN B 135 40.47 24.70 -16.59
N PRO B 136 39.20 24.71 -17.01
CA PRO B 136 38.80 25.65 -18.07
C PRO B 136 39.06 27.11 -17.71
N VAL B 137 39.01 27.42 -16.42
CA VAL B 137 39.24 28.78 -15.97
C VAL B 137 40.71 29.15 -15.82
N LEU B 138 41.51 28.21 -15.33
CA LEU B 138 42.94 28.46 -15.13
C LEU B 138 43.81 28.32 -16.36
N ARG B 139 43.42 27.44 -17.27
CA ARG B 139 44.24 27.21 -18.46
C ARG B 139 44.15 28.29 -19.53
N GLU B 140 44.70 29.46 -19.21
CA GLU B 140 44.73 30.59 -20.13
C GLU B 140 46.10 30.61 -20.77
N GLY B 141 46.56 29.43 -21.17
CA GLY B 141 47.86 29.30 -21.79
C GLY B 141 47.95 27.88 -22.32
N ASN B 142 49.03 27.57 -23.01
CA ASN B 142 49.18 26.23 -23.53
C ASN B 142 50.02 25.36 -22.62
N SER B 143 50.15 24.09 -23.00
CA SER B 143 50.82 23.10 -22.17
C SER B 143 52.20 22.56 -22.52
N ASP B 144 53.11 22.70 -21.56
CA ASP B 144 54.46 22.18 -21.68
C ASP B 144 54.53 21.10 -20.60
N ARG B 145 54.28 19.85 -21.00
CA ARG B 145 54.31 18.72 -20.07
C ARG B 145 55.42 17.73 -20.41
N ARG B 146 56.30 17.51 -19.44
CA ARG B 146 57.44 16.61 -19.62
C ARG B 146 58.01 16.25 -18.26
N ALA B 147 58.69 15.11 -18.21
CA ALA B 147 59.31 14.70 -16.96
C ALA B 147 60.67 15.39 -16.89
N PRO B 148 61.07 15.83 -15.70
CA PRO B 148 62.36 16.50 -15.52
C PRO B 148 63.45 15.48 -15.81
N LEU B 149 64.63 15.95 -16.19
CA LEU B 149 65.75 15.06 -16.49
C LEU B 149 66.04 14.17 -15.27
N SER B 150 65.89 14.74 -14.07
CA SER B 150 66.15 13.99 -12.83
C SER B 150 65.22 12.79 -12.67
N VAL B 151 63.96 12.95 -13.06
CA VAL B 151 62.97 11.88 -12.94
C VAL B 151 63.21 10.81 -13.99
N LYS B 152 63.56 11.23 -15.21
CA LYS B 152 63.83 10.29 -16.29
C LYS B 152 65.08 9.45 -15.94
N ASN B 153 66.13 10.13 -15.47
CA ASN B 153 67.35 9.43 -15.10
C ASN B 153 67.09 8.43 -13.99
N TYR B 154 66.18 8.77 -13.08
CA TYR B 154 65.86 7.87 -11.98
C TYR B 154 65.16 6.60 -12.47
N ALA B 155 64.18 6.77 -13.34
CA ALA B 155 63.44 5.64 -13.89
C ALA B 155 64.36 4.72 -14.66
N ARG B 156 65.29 5.32 -15.39
CA ARG B 156 66.25 4.57 -16.19
C ARG B 156 67.11 3.64 -15.33
N LYS B 157 67.46 4.12 -14.13
CA LYS B 157 68.29 3.33 -13.22
C LYS B 157 67.45 2.47 -12.25
N HIS B 158 66.18 2.81 -12.13
CA HIS B 158 65.26 2.09 -11.25
C HIS B 158 64.00 1.79 -12.05
N PRO B 159 64.13 0.91 -13.05
CA PRO B 159 63.06 0.48 -13.96
C PRO B 159 61.84 -0.11 -13.29
N HIS B 160 60.67 0.41 -13.66
CA HIS B 160 59.41 -0.08 -13.11
C HIS B 160 59.05 -1.32 -13.91
N LYS B 161 58.11 -2.11 -13.40
CA LYS B 161 57.69 -3.32 -14.09
C LYS B 161 56.82 -3.02 -15.31
N MET B 162 57.09 -3.73 -16.39
CA MET B 162 56.34 -3.59 -17.63
C MET B 162 55.85 -4.98 -18.01
N GLY B 163 54.55 -5.12 -18.21
CA GLY B 163 53.99 -6.41 -18.58
C GLY B 163 54.56 -6.94 -19.88
N ALA B 164 54.87 -8.24 -19.91
CA ALA B 164 55.41 -8.85 -21.11
C ALA B 164 54.35 -8.88 -22.21
N TRP B 165 54.77 -8.64 -23.45
CA TRP B 165 53.85 -8.66 -24.57
C TRP B 165 54.04 -9.88 -25.46
N SER B 166 52.93 -10.41 -25.96
CA SER B 166 52.97 -11.56 -26.86
C SER B 166 52.52 -11.15 -28.24
N ALA B 167 53.24 -11.59 -29.27
CA ALA B 167 52.90 -11.24 -30.64
C ALA B 167 51.51 -11.73 -31.02
N ASP B 168 51.06 -12.82 -30.39
CA ASP B 168 49.75 -13.35 -30.72
C ASP B 168 48.65 -12.77 -29.82
N SER B 169 48.96 -11.65 -29.17
CA SER B 169 47.98 -10.99 -28.32
C SER B 169 46.72 -10.72 -29.15
N LYS B 170 45.55 -10.84 -28.54
CA LYS B 170 44.30 -10.58 -29.24
C LYS B 170 43.74 -9.20 -28.92
N SER B 171 44.46 -8.46 -28.08
CA SER B 171 44.02 -7.11 -27.71
C SER B 171 44.14 -6.14 -28.86
N HIS B 172 43.18 -5.23 -28.94
CA HIS B 172 43.16 -4.23 -30.00
C HIS B 172 42.11 -3.16 -29.70
N VAL B 173 42.19 -2.07 -30.46
CA VAL B 173 41.24 -0.99 -30.32
C VAL B 173 40.17 -1.22 -31.39
N ALA B 174 38.90 -1.05 -31.01
CA ALA B 174 37.82 -1.21 -31.96
C ALA B 174 37.15 0.14 -32.07
N HIS B 175 37.13 0.70 -33.28
CA HIS B 175 36.50 1.99 -33.51
C HIS B 175 35.55 1.92 -34.70
N MET B 176 34.68 2.91 -34.81
CA MET B 176 33.71 2.94 -35.90
C MET B 176 34.42 3.13 -37.24
N ASP B 177 33.74 2.76 -38.31
CA ASP B 177 34.29 2.90 -39.66
C ASP B 177 33.58 4.01 -40.43
N ASN B 178 32.48 4.50 -39.87
CA ASN B 178 31.69 5.57 -40.47
C ASN B 178 30.64 6.03 -39.46
N GLY B 179 30.05 7.18 -39.74
CA GLY B 179 29.01 7.69 -38.86
C GLY B 179 29.49 8.28 -37.54
N ASP B 180 30.80 8.53 -37.41
CA ASP B 180 31.33 9.10 -36.18
C ASP B 180 31.66 10.59 -36.37
N PHE B 181 32.18 11.22 -35.33
CA PHE B 181 32.55 12.64 -35.39
C PHE B 181 33.61 12.84 -36.47
N TYR B 182 34.61 11.96 -36.46
CA TYR B 182 35.71 12.02 -37.41
C TYR B 182 35.25 12.09 -38.86
N GLY B 183 34.38 11.17 -39.25
CA GLY B 183 33.91 11.13 -40.62
C GLY B 183 32.94 12.22 -41.04
N SER B 184 32.42 13.00 -40.09
CA SER B 184 31.46 14.04 -40.43
C SER B 184 31.96 15.45 -40.15
N GLU B 185 33.23 15.57 -39.79
CA GLU B 185 33.77 16.88 -39.46
C GLU B 185 33.82 17.87 -40.61
N LYS B 186 33.37 19.09 -40.33
CA LYS B 186 33.37 20.18 -41.28
C LYS B 186 33.87 21.41 -40.53
N ALA B 187 34.67 22.24 -41.18
CA ALA B 187 35.20 23.41 -40.51
C ALA B 187 35.05 24.68 -41.32
N ALA B 188 35.23 25.81 -40.64
CA ALA B 188 35.15 27.12 -41.28
C ALA B 188 36.10 28.05 -40.55
N LEU B 189 36.73 28.95 -41.31
CA LEU B 189 37.64 29.91 -40.73
C LEU B 189 36.88 31.23 -40.69
N ILE B 190 36.65 31.74 -39.47
CA ILE B 190 35.91 32.99 -39.30
C ILE B 190 36.69 34.16 -39.89
N GLY B 191 36.03 34.91 -40.77
CA GLY B 191 36.67 36.04 -41.40
C GLY B 191 36.79 37.24 -40.49
N ALA B 192 35.68 37.68 -39.93
CA ALA B 192 35.65 38.84 -39.05
C ALA B 192 34.90 38.56 -37.74
N PRO B 193 35.13 39.40 -36.72
CA PRO B 193 34.49 39.26 -35.41
C PRO B 193 32.96 39.30 -35.53
N GLY B 194 32.29 38.54 -34.67
CA GLY B 194 30.84 38.51 -34.69
C GLY B 194 30.32 37.38 -33.82
N SER B 195 29.25 36.74 -34.24
CA SER B 195 28.68 35.64 -33.49
C SER B 195 27.94 34.74 -34.47
N VAL B 196 27.75 33.48 -34.08
CA VAL B 196 27.03 32.55 -34.93
C VAL B 196 25.82 32.00 -34.21
N LYS B 197 24.87 31.53 -34.99
CA LYS B 197 23.63 30.97 -34.48
C LYS B 197 23.59 29.49 -34.89
N ILE B 198 23.20 28.62 -33.96
CA ILE B 198 23.11 27.20 -34.25
C ILE B 198 21.63 26.82 -34.18
N GLU B 199 21.08 26.38 -35.31
CA GLU B 199 19.66 26.02 -35.38
C GLU B 199 19.43 24.70 -36.11
N LEU B 200 18.41 23.99 -35.68
CA LEU B 200 18.04 22.71 -36.30
C LEU B 200 16.82 22.94 -37.18
N ILE B 201 16.94 22.62 -38.46
CA ILE B 201 15.84 22.78 -39.39
C ILE B 201 15.23 21.39 -39.60
N ALA B 202 14.08 21.15 -39.00
CA ALA B 202 13.40 19.86 -39.10
C ALA B 202 12.89 19.60 -40.52
N LYS B 203 12.45 18.37 -40.77
CA LYS B 203 11.93 17.99 -42.08
C LYS B 203 10.73 18.85 -42.45
N ASP B 204 9.92 19.21 -41.45
CA ASP B 204 8.74 20.03 -41.69
C ASP B 204 9.11 21.50 -41.83
N GLY B 205 10.39 21.77 -42.06
CA GLY B 205 10.85 23.14 -42.22
C GLY B 205 10.91 23.95 -40.94
N SER B 206 10.35 23.40 -39.86
CA SER B 206 10.35 24.09 -38.58
C SER B 206 11.78 24.35 -38.12
N SER B 207 11.96 25.40 -37.32
CA SER B 207 13.28 25.75 -36.82
C SER B 207 13.37 25.76 -35.29
N THR B 208 14.35 25.05 -34.76
CA THR B 208 14.56 25.00 -33.33
C THR B 208 15.95 25.55 -33.07
N VAL B 209 16.03 26.67 -32.36
CA VAL B 209 17.32 27.26 -32.06
C VAL B 209 17.98 26.44 -30.96
N LEU B 210 19.17 25.94 -31.24
CA LEU B 210 19.90 25.15 -30.26
C LEU B 210 20.76 26.07 -29.39
N LYS B 211 21.34 27.09 -30.02
CA LYS B 211 22.18 28.04 -29.31
C LYS B 211 22.10 29.35 -30.09
N ALA B 212 21.32 30.29 -29.55
CA ALA B 212 21.11 31.58 -30.21
C ALA B 212 22.38 32.36 -30.54
N LYS B 213 23.33 32.41 -29.60
CA LYS B 213 24.53 33.18 -29.87
C LYS B 213 25.83 32.62 -29.30
N THR B 214 26.84 32.61 -30.16
CA THR B 214 28.18 32.15 -29.81
C THR B 214 29.13 33.12 -30.47
N SER B 215 29.79 33.95 -29.66
CA SER B 215 30.73 34.92 -30.20
C SER B 215 31.91 34.22 -30.87
N VAL B 216 32.38 34.81 -31.97
CA VAL B 216 33.53 34.27 -32.69
C VAL B 216 34.46 35.42 -33.05
N GLN B 217 35.76 35.13 -33.05
CA GLN B 217 36.78 36.13 -33.36
C GLN B 217 37.29 35.94 -34.77
N ALA B 218 37.94 36.98 -35.28
CA ALA B 218 38.53 36.91 -36.60
C ALA B 218 39.61 35.84 -36.51
N GLY B 219 39.74 35.02 -37.56
CA GLY B 219 40.76 33.99 -37.55
C GLY B 219 40.45 32.78 -36.68
N GLU B 220 39.29 32.76 -36.05
CA GLU B 220 38.93 31.63 -35.20
C GLU B 220 38.47 30.47 -36.09
N ILE B 221 38.75 29.25 -35.65
CA ILE B 221 38.34 28.07 -36.39
C ILE B 221 37.20 27.41 -35.66
N ILE B 222 36.10 27.17 -36.37
CA ILE B 222 34.97 26.47 -35.77
C ILE B 222 34.70 25.26 -36.65
N ASP B 223 34.31 24.16 -36.00
CA ASP B 223 34.01 22.93 -36.71
C ASP B 223 32.87 22.17 -36.06
N SER B 224 32.06 21.53 -36.89
CA SER B 224 30.93 20.74 -36.41
C SER B 224 31.12 19.30 -36.85
N SER B 225 30.51 18.39 -36.12
CA SER B 225 30.59 16.98 -36.43
C SER B 225 29.44 16.30 -35.71
N VAL B 226 29.12 15.09 -36.12
CA VAL B 226 28.02 14.38 -35.48
C VAL B 226 28.27 12.89 -35.35
N MET B 227 27.88 12.36 -34.19
CA MET B 227 27.99 10.94 -33.91
C MET B 227 26.59 10.39 -34.17
N SER B 228 26.47 9.57 -35.22
CA SER B 228 25.20 8.99 -35.59
C SER B 228 24.77 7.91 -34.60
N LYS B 229 23.55 8.05 -34.09
CA LYS B 229 23.01 7.09 -33.13
C LYS B 229 22.92 5.70 -33.76
N ASN B 230 22.39 5.62 -34.97
CA ASN B 230 22.27 4.32 -35.65
C ASN B 230 23.64 3.69 -35.92
N ALA B 231 24.58 4.48 -36.45
CA ALA B 231 25.91 3.96 -36.74
C ALA B 231 26.59 3.44 -35.47
N LEU B 232 26.48 4.19 -34.38
CA LEU B 232 27.08 3.78 -33.13
C LEU B 232 26.46 2.48 -32.64
N ARG B 233 25.13 2.37 -32.75
CA ARG B 233 24.45 1.15 -32.31
C ARG B 233 24.88 -0.06 -33.14
N ASN B 234 24.86 0.10 -34.46
CA ASN B 234 25.25 -0.98 -35.36
C ASN B 234 26.69 -1.42 -35.09
N PHE B 235 27.54 -0.44 -34.79
CA PHE B 235 28.95 -0.70 -34.50
C PHE B 235 29.09 -1.50 -33.20
N ILE B 236 28.42 -1.05 -32.14
CA ILE B 236 28.47 -1.70 -30.85
C ILE B 236 27.99 -3.15 -30.93
N ALA B 237 26.87 -3.36 -31.61
CA ALA B 237 26.32 -4.69 -31.78
C ALA B 237 27.35 -5.60 -32.43
N ALA B 238 27.97 -5.11 -33.50
CA ALA B 238 28.97 -5.87 -34.22
C ALA B 238 30.20 -6.19 -33.37
N GLU B 239 30.66 -5.20 -32.60
CA GLU B 239 31.84 -5.42 -31.77
C GLU B 239 31.52 -6.37 -30.61
N ILE B 240 30.28 -6.32 -30.14
CA ILE B 240 29.89 -7.20 -29.04
C ILE B 240 30.00 -8.65 -29.49
N GLU B 241 29.55 -8.93 -30.71
CA GLU B 241 29.61 -10.28 -31.25
C GLU B 241 31.03 -10.74 -31.53
N ASP B 242 31.85 -9.84 -32.07
CA ASP B 242 33.22 -10.19 -32.38
C ASP B 242 34.01 -10.53 -31.12
N ALA B 243 33.85 -9.71 -30.08
CA ALA B 243 34.56 -9.95 -28.83
C ALA B 243 34.15 -11.31 -28.28
N LYS B 244 32.86 -11.63 -28.41
CA LYS B 244 32.33 -12.91 -27.95
C LYS B 244 33.00 -14.06 -28.70
N LYS B 245 33.07 -13.94 -30.02
CA LYS B 245 33.67 -14.99 -30.84
C LYS B 245 35.16 -15.19 -30.58
N GLN B 246 35.89 -14.08 -30.42
CA GLN B 246 37.32 -14.14 -30.18
C GLN B 246 37.67 -14.49 -28.75
N GLY B 247 36.69 -14.39 -27.86
CA GLY B 247 36.92 -14.71 -26.46
C GLY B 247 37.80 -13.70 -25.73
N VAL B 248 37.55 -12.42 -25.97
CA VAL B 248 38.33 -11.38 -25.30
C VAL B 248 37.39 -10.51 -24.48
N LEU B 249 37.95 -9.74 -23.55
CA LEU B 249 37.14 -8.86 -22.72
C LEU B 249 36.70 -7.62 -23.48
N LEU B 250 35.42 -7.28 -23.34
CA LEU B 250 34.89 -6.07 -23.98
C LEU B 250 35.08 -4.91 -23.01
N SER B 251 35.83 -3.89 -23.42
CA SER B 251 36.03 -2.71 -22.57
C SER B 251 35.64 -1.46 -23.34
N VAL B 252 35.31 -0.39 -22.60
CA VAL B 252 34.90 0.88 -23.19
C VAL B 252 35.74 2.00 -22.57
N HIS B 253 36.35 2.82 -23.42
CA HIS B 253 37.23 3.90 -22.96
C HIS B 253 36.78 5.28 -23.41
N LEU B 254 36.10 5.98 -22.51
CA LEU B 254 35.58 7.32 -22.78
C LEU B 254 36.12 8.34 -21.76
N LYS B 255 35.69 9.59 -21.91
CA LYS B 255 36.12 10.68 -21.02
C LYS B 255 34.85 11.34 -20.51
N ALA B 256 34.00 10.53 -19.89
CA ALA B 256 32.69 10.95 -19.40
C ALA B 256 32.60 12.16 -18.47
N THR B 257 33.50 12.26 -17.51
CA THR B 257 33.43 13.40 -16.59
C THR B 257 33.68 14.75 -17.26
N MET B 258 34.75 14.85 -18.06
CA MET B 258 35.05 16.11 -18.74
C MET B 258 34.13 16.35 -19.94
N MET B 259 33.98 15.34 -20.80
CA MET B 259 33.10 15.45 -21.97
C MET B 259 31.69 15.12 -21.47
N LYS B 260 31.20 15.96 -20.56
CA LYS B 260 29.92 15.79 -19.91
C LYS B 260 28.65 15.65 -20.75
N VAL B 261 28.68 16.05 -22.00
CA VAL B 261 27.47 15.91 -22.79
C VAL B 261 27.52 14.70 -23.71
N SER B 262 28.52 14.66 -24.58
CA SER B 262 28.65 13.58 -25.55
C SER B 262 28.99 12.19 -25.02
N ASP B 263 29.98 12.10 -24.14
CA ASP B 263 30.40 10.78 -23.66
C ASP B 263 29.41 10.02 -22.80
N PRO B 264 28.66 10.69 -21.92
CA PRO B 264 27.70 9.91 -21.13
C PRO B 264 26.61 9.36 -22.06
N ILE B 265 26.28 10.11 -23.10
CA ILE B 265 25.27 9.67 -24.06
C ILE B 265 25.74 8.46 -24.85
N MET B 266 26.99 8.47 -25.30
CA MET B 266 27.53 7.35 -26.04
C MET B 266 27.57 6.14 -25.12
N PHE B 267 27.99 6.37 -23.88
CA PHE B 267 28.08 5.32 -22.88
C PHE B 267 26.69 4.70 -22.73
N GLY B 268 25.68 5.56 -22.69
CA GLY B 268 24.31 5.11 -22.56
C GLY B 268 23.86 4.25 -23.71
N GLN B 269 24.29 4.59 -24.93
CA GLN B 269 23.90 3.81 -26.09
C GLN B 269 24.57 2.44 -26.06
N ILE B 270 25.79 2.38 -25.52
CA ILE B 270 26.51 1.13 -25.40
C ILE B 270 25.85 0.25 -24.36
N VAL B 271 25.39 0.87 -23.27
CA VAL B 271 24.71 0.15 -22.21
C VAL B 271 23.37 -0.35 -22.73
N SER B 272 22.68 0.50 -23.48
CA SER B 272 21.37 0.15 -24.04
C SER B 272 21.45 -1.08 -24.94
N GLU B 273 22.46 -1.14 -25.80
CA GLU B 273 22.61 -2.27 -26.70
C GLU B 273 23.08 -3.51 -25.98
N PHE B 274 24.04 -3.36 -25.06
CA PHE B 274 24.56 -4.50 -24.33
C PHE B 274 23.48 -5.22 -23.53
N TYR B 275 22.69 -4.47 -22.77
CA TYR B 275 21.64 -5.05 -21.94
C TYR B 275 20.25 -4.98 -22.57
N LYS B 276 20.19 -4.86 -23.90
CA LYS B 276 18.92 -4.74 -24.62
C LYS B 276 17.83 -5.72 -24.21
N ASP B 277 18.15 -7.01 -24.11
CA ASP B 277 17.15 -8.00 -23.74
C ASP B 277 16.45 -7.65 -22.42
N ALA B 278 17.23 -7.38 -21.39
CA ALA B 278 16.69 -7.05 -20.08
C ALA B 278 16.02 -5.67 -20.04
N LEU B 279 16.67 -4.68 -20.63
CA LEU B 279 16.13 -3.31 -20.63
C LEU B 279 14.79 -3.23 -21.36
N THR B 280 14.68 -3.95 -22.47
CA THR B 280 13.45 -3.94 -23.24
C THR B 280 12.31 -4.60 -22.46
N LYS B 281 12.59 -5.73 -21.83
CA LYS B 281 11.60 -6.47 -21.06
C LYS B 281 11.02 -5.68 -19.88
N HIS B 282 11.86 -4.93 -19.19
CA HIS B 282 11.42 -4.16 -18.02
C HIS B 282 11.35 -2.66 -18.31
N ALA B 283 11.11 -2.33 -19.58
CA ALA B 283 11.02 -0.94 -20.01
C ALA B 283 10.11 -0.07 -19.15
N GLU B 284 8.86 -0.51 -18.96
CA GLU B 284 7.89 0.25 -18.19
C GLU B 284 8.27 0.52 -16.74
N VAL B 285 8.70 -0.50 -16.02
CA VAL B 285 9.09 -0.30 -14.63
C VAL B 285 10.37 0.52 -14.52
N LEU B 286 11.27 0.36 -15.48
CA LEU B 286 12.53 1.11 -15.46
C LEU B 286 12.25 2.59 -15.63
N LYS B 287 11.27 2.91 -16.46
CA LYS B 287 10.89 4.29 -16.70
C LYS B 287 10.24 4.85 -15.43
N GLN B 288 9.53 4.00 -14.71
CA GLN B 288 8.86 4.40 -13.49
C GLN B 288 9.82 4.78 -12.37
N ILE B 289 10.92 4.05 -12.22
CA ILE B 289 11.87 4.36 -11.17
C ILE B 289 12.88 5.42 -11.62
N GLY B 290 12.68 5.93 -12.84
CA GLY B 290 13.55 6.97 -13.37
C GLY B 290 14.95 6.53 -13.77
N PHE B 291 15.06 5.32 -14.30
CA PHE B 291 16.36 4.79 -14.73
C PHE B 291 17.00 5.65 -15.81
N ASP B 292 18.26 6.02 -15.59
CA ASP B 292 18.99 6.83 -16.54
C ASP B 292 20.17 6.01 -17.05
N VAL B 293 19.99 5.39 -18.22
CA VAL B 293 21.01 4.55 -18.80
C VAL B 293 22.33 5.28 -19.03
N ASN B 294 22.27 6.61 -19.11
CA ASN B 294 23.47 7.40 -19.32
C ASN B 294 24.34 7.45 -18.07
N ASN B 295 23.80 6.94 -16.96
CA ASN B 295 24.56 6.91 -15.71
C ASN B 295 25.05 5.49 -15.42
N GLY B 296 24.99 4.62 -16.42
CA GLY B 296 25.46 3.25 -16.24
C GLY B 296 24.44 2.27 -15.71
N ILE B 297 24.76 0.97 -15.82
CA ILE B 297 23.86 -0.06 -15.33
C ILE B 297 23.80 0.02 -13.81
N GLY B 298 24.77 0.69 -13.21
CA GLY B 298 24.80 0.84 -11.77
C GLY B 298 23.64 1.68 -11.29
N ASP B 299 23.15 2.55 -12.17
CA ASP B 299 22.03 3.42 -11.84
C ASP B 299 20.77 2.57 -11.70
N LEU B 300 20.68 1.50 -12.48
CA LEU B 300 19.54 0.60 -12.42
C LEU B 300 19.50 -0.12 -11.08
N TYR B 301 20.62 -0.73 -10.71
CA TYR B 301 20.70 -1.45 -9.45
C TYR B 301 20.37 -0.55 -8.25
N ALA B 302 20.72 0.73 -8.36
CA ALA B 302 20.45 1.68 -7.28
C ALA B 302 18.97 2.08 -7.24
N ARG B 303 18.33 2.11 -8.40
CA ARG B 303 16.92 2.50 -8.47
C ARG B 303 15.91 1.37 -8.29
N ILE B 304 16.29 0.13 -8.59
CA ILE B 304 15.35 -0.97 -8.45
C ILE B 304 15.14 -1.38 -7.00
N LYS B 305 15.98 -0.88 -6.10
CA LYS B 305 15.87 -1.21 -4.68
C LYS B 305 14.62 -0.58 -4.07
N THR B 306 13.80 0.04 -4.92
CA THR B 306 12.57 0.68 -4.47
C THR B 306 11.37 -0.10 -5.00
N LEU B 307 11.64 -1.32 -5.48
CA LEU B 307 10.60 -2.18 -6.02
C LEU B 307 10.48 -3.44 -5.15
N PRO B 308 9.39 -4.21 -5.33
CA PRO B 308 9.18 -5.43 -4.55
C PRO B 308 10.34 -6.43 -4.71
N GLU B 309 10.66 -7.15 -3.64
CA GLU B 309 11.75 -8.12 -3.66
C GLU B 309 11.65 -9.03 -4.88
N ALA B 310 10.44 -9.46 -5.21
CA ALA B 310 10.23 -10.33 -6.36
C ALA B 310 10.67 -9.68 -7.66
N LYS B 311 10.33 -8.41 -7.83
CA LYS B 311 10.69 -7.68 -9.05
C LYS B 311 12.20 -7.48 -9.16
N GLN B 312 12.84 -7.16 -8.03
CA GLN B 312 14.28 -6.95 -8.02
C GLN B 312 14.98 -8.24 -8.44
N LYS B 313 14.50 -9.36 -7.90
CA LYS B 313 15.07 -10.67 -8.20
C LYS B 313 14.95 -10.99 -9.69
N GLU B 314 13.79 -10.70 -10.26
CA GLU B 314 13.55 -10.96 -11.68
C GLU B 314 14.47 -10.13 -12.57
N ILE B 315 14.52 -8.83 -12.31
CA ILE B 315 15.37 -7.93 -13.11
C ILE B 315 16.83 -8.36 -13.04
N GLU B 316 17.32 -8.61 -11.84
CA GLU B 316 18.71 -9.03 -11.67
C GLU B 316 18.98 -10.33 -12.41
N ALA B 317 18.06 -11.29 -12.31
CA ALA B 317 18.21 -12.57 -12.98
C ALA B 317 18.30 -12.36 -14.49
N ASP B 318 17.41 -11.51 -15.02
CA ASP B 318 17.40 -11.23 -16.46
C ASP B 318 18.70 -10.59 -16.89
N ILE B 319 19.31 -9.81 -16.00
CA ILE B 319 20.57 -9.17 -16.32
C ILE B 319 21.67 -10.23 -16.37
N GLN B 320 21.60 -11.20 -15.47
CA GLN B 320 22.59 -12.28 -15.46
C GLN B 320 22.44 -13.09 -16.75
N ALA B 321 21.21 -13.18 -17.25
CA ALA B 321 20.94 -13.91 -18.47
C ALA B 321 21.63 -13.22 -19.64
N VAL B 322 21.69 -11.89 -19.58
CA VAL B 322 22.35 -11.13 -20.63
C VAL B 322 23.83 -11.48 -20.61
N TYR B 323 24.42 -11.48 -19.42
CA TYR B 323 25.83 -11.81 -19.24
C TYR B 323 26.21 -13.17 -19.82
N ALA B 324 25.28 -14.12 -19.76
CA ALA B 324 25.52 -15.46 -20.28
C ALA B 324 25.57 -15.49 -21.79
N GLN B 325 24.87 -14.56 -22.43
CA GLN B 325 24.81 -14.49 -23.88
C GLN B 325 25.84 -13.52 -24.49
N ARG B 326 26.34 -12.60 -23.68
CA ARG B 326 27.31 -11.61 -24.16
C ARG B 326 28.76 -11.92 -23.80
N PRO B 327 29.71 -11.27 -24.48
CA PRO B 327 31.10 -11.52 -24.16
C PRO B 327 31.32 -10.99 -22.75
N GLN B 328 32.42 -11.37 -22.12
CA GLN B 328 32.71 -10.89 -20.77
C GLN B 328 33.20 -9.45 -20.82
N LEU B 329 32.79 -8.66 -19.83
CA LEU B 329 33.18 -7.27 -19.75
C LEU B 329 34.42 -7.09 -18.89
N ALA B 330 35.21 -6.07 -19.21
CA ALA B 330 36.39 -5.75 -18.42
C ALA B 330 35.79 -5.32 -17.08
N MET B 331 36.52 -5.55 -15.99
CA MET B 331 36.00 -5.23 -14.66
C MET B 331 36.75 -4.12 -13.93
N VAL B 332 35.98 -3.25 -13.29
CA VAL B 332 36.53 -2.15 -12.51
C VAL B 332 36.92 -2.74 -11.16
N ASN B 333 36.01 -3.52 -10.59
CA ASN B 333 36.22 -4.20 -9.32
C ASN B 333 35.60 -5.58 -9.45
N SER B 334 36.40 -6.57 -9.82
CA SER B 334 35.89 -7.92 -9.99
C SER B 334 35.31 -8.52 -8.71
N ASP B 335 35.88 -8.16 -7.56
CA ASP B 335 35.39 -8.69 -6.29
C ASP B 335 33.96 -8.28 -5.98
N LYS B 336 33.54 -7.12 -6.48
CA LYS B 336 32.18 -6.65 -6.23
C LYS B 336 31.31 -6.72 -7.47
N GLY B 337 31.84 -7.32 -8.54
CA GLY B 337 31.09 -7.43 -9.77
C GLY B 337 30.84 -6.09 -10.44
N ILE B 338 31.75 -5.14 -10.23
CA ILE B 338 31.61 -3.83 -10.86
C ILE B 338 32.26 -3.87 -12.23
N THR B 339 31.43 -3.83 -13.27
CA THR B 339 31.93 -3.89 -14.65
C THR B 339 32.24 -2.52 -15.24
N ASN B 340 32.84 -2.54 -16.42
CA ASN B 340 33.21 -1.34 -17.17
C ASN B 340 31.93 -0.54 -17.49
N LEU B 341 30.78 -1.19 -17.46
CA LEU B 341 29.52 -0.51 -17.78
C LEU B 341 28.67 -0.07 -16.59
N HIS B 342 29.19 -0.18 -15.37
CA HIS B 342 28.43 0.22 -14.19
C HIS B 342 28.35 1.73 -13.97
N VAL B 343 29.49 2.41 -14.09
CA VAL B 343 29.56 3.86 -13.88
C VAL B 343 30.38 4.50 -15.00
N PRO B 344 29.76 5.43 -15.76
CA PRO B 344 30.43 6.12 -16.88
C PRO B 344 31.80 6.72 -16.56
N SER B 345 31.95 7.25 -15.35
CA SER B 345 33.20 7.90 -14.97
C SER B 345 34.32 7.02 -14.39
N ASP B 346 34.05 5.73 -14.22
CA ASP B 346 35.05 4.80 -13.67
C ASP B 346 36.28 4.59 -14.55
N VAL B 347 36.06 4.28 -15.82
CA VAL B 347 37.15 4.05 -16.75
C VAL B 347 37.36 5.30 -17.60
N ILE B 348 38.51 5.94 -17.43
CA ILE B 348 38.83 7.17 -18.15
C ILE B 348 39.95 6.93 -19.16
N VAL B 349 39.59 6.99 -20.44
CA VAL B 349 40.50 6.74 -21.55
C VAL B 349 41.97 7.20 -21.43
N ASP B 350 42.21 8.44 -20.99
CA ASP B 350 43.59 8.90 -20.91
C ASP B 350 44.47 8.08 -19.97
N ALA B 351 43.86 7.55 -18.91
CA ALA B 351 44.61 6.73 -17.95
C ALA B 351 44.41 5.24 -18.15
N SER B 352 43.22 4.85 -18.59
CA SER B 352 42.90 3.43 -18.79
C SER B 352 43.64 2.78 -19.94
N MET B 353 43.76 3.48 -21.06
CA MET B 353 44.46 2.87 -22.19
C MET B 353 45.94 2.67 -21.89
N PRO B 354 46.62 3.66 -21.31
CA PRO B 354 48.04 3.44 -21.01
C PRO B 354 48.24 2.33 -19.97
N ALA B 355 47.32 2.25 -19.01
CA ALA B 355 47.38 1.24 -17.96
C ALA B 355 47.25 -0.15 -18.59
N MET B 356 46.34 -0.27 -19.54
CA MET B 356 46.11 -1.53 -20.23
C MET B 356 47.31 -1.90 -21.11
N ILE B 357 47.83 -0.93 -21.87
CA ILE B 357 48.97 -1.17 -22.73
C ILE B 357 50.20 -1.57 -21.91
N ARG B 358 50.38 -0.94 -20.77
CA ARG B 358 51.53 -1.24 -19.91
C ARG B 358 51.39 -2.66 -19.34
N ASP B 359 50.17 -3.04 -18.97
CA ASP B 359 49.95 -4.36 -18.40
C ASP B 359 49.71 -5.43 -19.47
N SER B 360 50.67 -5.58 -20.38
CA SER B 360 50.60 -6.58 -21.44
C SER B 360 49.39 -6.47 -22.37
N GLY B 361 48.71 -5.33 -22.35
CA GLY B 361 47.55 -5.15 -23.19
C GLY B 361 46.32 -5.83 -22.63
N LYS B 362 46.30 -6.02 -21.31
CA LYS B 362 45.19 -6.70 -20.66
C LYS B 362 44.44 -5.86 -19.62
N MET B 363 43.27 -6.34 -19.25
CA MET B 363 42.43 -5.70 -18.23
C MET B 363 41.85 -6.81 -17.36
N TRP B 364 41.25 -6.44 -16.24
CA TRP B 364 40.67 -7.41 -15.32
C TRP B 364 39.39 -8.04 -15.83
N GLY B 365 39.29 -9.36 -15.72
CA GLY B 365 38.11 -10.07 -16.15
C GLY B 365 37.28 -10.47 -14.93
N PRO B 366 36.08 -11.02 -15.11
CA PRO B 366 35.22 -11.42 -13.99
C PRO B 366 35.90 -12.38 -13.00
N ASP B 367 36.86 -13.17 -13.49
CA ASP B 367 37.58 -14.11 -12.64
C ASP B 367 38.66 -13.44 -11.81
N GLY B 368 38.81 -12.13 -11.97
CA GLY B 368 39.82 -11.40 -11.21
C GLY B 368 41.22 -11.59 -11.75
N LYS B 369 41.33 -12.08 -12.98
CA LYS B 369 42.61 -12.29 -13.63
C LYS B 369 42.68 -11.39 -14.85
N LEU B 370 43.89 -11.19 -15.38
CA LEU B 370 44.08 -10.35 -16.56
C LEU B 370 43.84 -11.14 -17.86
N HIS B 371 43.17 -10.49 -18.82
CA HIS B 371 42.89 -11.10 -20.12
C HIS B 371 42.99 -10.06 -21.22
N ASP B 372 43.18 -10.53 -22.45
CA ASP B 372 43.26 -9.63 -23.59
C ASP B 372 41.91 -8.92 -23.72
N THR B 373 41.91 -7.76 -24.34
CA THR B 373 40.66 -7.02 -24.47
C THR B 373 40.48 -6.29 -25.78
N LYS B 374 39.21 -6.14 -26.15
CA LYS B 374 38.82 -5.37 -27.33
C LYS B 374 38.49 -4.03 -26.67
N ALA B 375 39.35 -3.03 -26.88
CA ALA B 375 39.14 -1.72 -26.29
C ALA B 375 38.31 -0.84 -27.22
N VAL B 376 37.06 -0.61 -26.83
CA VAL B 376 36.16 0.21 -27.64
C VAL B 376 36.34 1.71 -27.47
N ILE B 377 36.76 2.34 -28.56
CA ILE B 377 36.95 3.78 -28.62
C ILE B 377 36.18 4.10 -29.91
N PRO B 378 34.88 4.38 -29.78
CA PRO B 378 34.01 4.69 -30.92
C PRO B 378 34.55 5.58 -32.01
N ASP B 379 34.89 6.81 -31.67
CA ASP B 379 35.37 7.76 -32.66
C ASP B 379 36.81 7.57 -33.14
N ARG B 380 37.00 7.69 -34.46
CA ARG B 380 38.31 7.51 -35.08
C ARG B 380 39.36 8.61 -34.87
N CYS B 381 38.96 9.78 -34.39
CA CYS B 381 39.96 10.85 -34.22
C CYS B 381 41.24 10.41 -33.52
N TYR B 382 41.10 9.74 -32.39
CA TYR B 382 42.29 9.35 -31.64
C TYR B 382 42.49 7.85 -31.42
N ALA B 383 41.48 7.06 -31.77
CA ALA B 383 41.55 5.61 -31.61
C ALA B 383 42.78 5.01 -32.29
N GLY B 384 43.07 5.47 -33.50
CA GLY B 384 44.20 4.96 -34.25
C GLY B 384 45.55 5.08 -33.56
N VAL B 385 45.72 6.14 -32.77
CA VAL B 385 46.98 6.34 -32.08
C VAL B 385 47.26 5.17 -31.13
N TYR B 386 46.26 4.80 -30.33
CA TYR B 386 46.42 3.69 -29.39
C TYR B 386 46.65 2.36 -30.11
N GLN B 387 45.97 2.16 -31.24
CA GLN B 387 46.11 0.92 -32.00
C GLN B 387 47.55 0.78 -32.48
N VAL B 388 48.16 1.89 -32.87
CA VAL B 388 49.54 1.89 -33.34
C VAL B 388 50.45 1.42 -32.21
N VAL B 389 50.23 1.94 -31.01
CA VAL B 389 51.05 1.58 -29.86
C VAL B 389 50.91 0.10 -29.53
N ILE B 390 49.69 -0.41 -29.64
CA ILE B 390 49.40 -1.82 -29.36
C ILE B 390 50.15 -2.72 -30.35
N GLU B 391 50.06 -2.37 -31.64
CA GLU B 391 50.73 -3.17 -32.66
C GLU B 391 52.25 -3.08 -32.49
N ASP B 392 52.73 -1.93 -32.05
CA ASP B 392 54.16 -1.73 -31.83
C ASP B 392 54.64 -2.69 -30.74
N CYS B 393 53.82 -2.84 -29.70
CA CYS B 393 54.15 -3.72 -28.59
C CYS B 393 54.04 -5.19 -28.98
N LYS B 394 53.08 -5.53 -29.82
CA LYS B 394 52.93 -6.92 -30.27
C LYS B 394 54.12 -7.30 -31.13
N GLN B 395 54.63 -6.33 -31.90
CA GLN B 395 55.76 -6.59 -32.79
C GLN B 395 57.12 -6.55 -32.12
N HIS B 396 57.34 -5.56 -31.25
CA HIS B 396 58.64 -5.41 -30.59
C HIS B 396 58.65 -5.75 -29.10
N GLY B 397 57.49 -6.04 -28.55
CA GLY B 397 57.41 -6.36 -27.13
C GLY B 397 57.28 -5.12 -26.26
N ALA B 398 57.33 -5.34 -24.96
CA ALA B 398 57.22 -4.26 -23.98
C ALA B 398 58.31 -3.21 -24.12
N PHE B 399 57.99 -1.96 -23.79
CA PHE B 399 58.97 -0.89 -23.85
C PHE B 399 59.99 -1.14 -22.75
N ASP B 400 61.24 -0.72 -22.99
CA ASP B 400 62.31 -0.92 -22.02
C ASP B 400 62.68 0.43 -21.39
N PRO B 401 62.18 0.69 -20.17
CA PRO B 401 62.45 1.93 -19.44
C PRO B 401 63.93 2.27 -19.31
N THR B 402 64.80 1.26 -19.29
CA THR B 402 66.23 1.49 -19.15
C THR B 402 66.92 2.05 -20.38
N THR B 403 66.30 1.87 -21.55
CA THR B 403 66.93 2.35 -22.77
C THR B 403 66.08 3.25 -23.68
N MET B 404 64.78 3.28 -23.44
CA MET B 404 63.88 4.07 -24.29
C MET B 404 64.05 5.58 -24.17
N GLY B 405 63.74 6.29 -25.26
CA GLY B 405 63.83 7.73 -25.24
C GLY B 405 62.60 8.34 -24.61
N SER B 406 62.33 9.61 -24.92
CA SER B 406 61.18 10.30 -24.36
C SER B 406 60.36 11.03 -25.41
N VAL B 407 59.06 11.15 -25.13
CA VAL B 407 58.15 11.87 -26.01
C VAL B 407 57.39 12.89 -25.18
N PRO B 408 57.97 14.10 -25.04
CA PRO B 408 57.35 15.20 -24.28
C PRO B 408 56.19 15.72 -25.11
N ASN B 409 55.41 16.64 -24.54
CA ASN B 409 54.27 17.19 -25.27
C ASN B 409 54.11 18.69 -25.14
N VAL B 410 53.72 19.33 -26.25
CA VAL B 410 53.45 20.76 -26.29
C VAL B 410 52.01 20.75 -26.76
N GLY B 411 51.08 21.02 -25.84
CA GLY B 411 49.67 20.96 -26.18
C GLY B 411 48.87 22.23 -26.25
N LEU B 412 47.99 22.28 -27.24
CA LEU B 412 47.12 23.43 -27.45
C LEU B 412 45.91 23.34 -26.52
N MET B 413 45.77 24.29 -25.61
CA MET B 413 44.62 24.25 -24.73
C MET B 413 44.09 25.61 -24.27
N ALA B 414 44.84 26.68 -24.56
CA ALA B 414 44.42 28.02 -24.14
C ALA B 414 42.99 28.38 -24.56
N GLN B 415 42.25 28.95 -23.62
CA GLN B 415 40.87 29.35 -23.87
C GLN B 415 39.94 28.22 -24.27
N LYS B 416 39.95 27.14 -23.50
CA LYS B 416 39.09 25.97 -23.73
C LYS B 416 39.12 25.53 -25.18
N ALA B 417 40.32 25.39 -25.74
CA ALA B 417 40.49 25.00 -27.13
C ALA B 417 39.92 23.65 -27.52
N GLU B 418 39.33 23.60 -28.70
CA GLU B 418 38.78 22.38 -29.28
C GLU B 418 37.72 21.64 -28.44
N GLU B 419 37.83 20.32 -28.34
CA GLU B 419 36.83 19.54 -27.59
C GLU B 419 36.56 20.04 -26.17
N TYR B 420 37.57 20.57 -25.50
CA TYR B 420 37.39 21.04 -24.13
C TYR B 420 36.39 22.16 -23.94
N GLY B 421 36.07 22.88 -25.01
CA GLY B 421 35.10 23.96 -24.87
C GLY B 421 33.82 23.70 -25.65
N SER B 422 33.64 22.45 -26.08
CA SER B 422 32.48 22.06 -26.88
C SER B 422 31.18 21.71 -26.15
N HIS B 423 31.25 21.55 -24.84
CA HIS B 423 30.09 21.15 -24.07
C HIS B 423 28.81 21.98 -24.25
N ASP B 424 28.93 23.31 -24.23
CA ASP B 424 27.73 24.14 -24.37
C ASP B 424 27.29 24.29 -25.82
N LYS B 425 27.93 23.51 -26.70
CA LYS B 425 27.61 23.53 -28.13
C LYS B 425 27.42 22.09 -28.60
N THR B 426 27.05 21.22 -27.67
CA THR B 426 26.82 19.81 -27.97
C THR B 426 25.35 19.53 -27.66
N PHE B 427 24.65 18.98 -28.65
CA PHE B 427 23.22 18.69 -28.48
C PHE B 427 22.80 17.34 -29.04
N GLN B 428 21.91 16.65 -28.31
CA GLN B 428 21.38 15.40 -28.81
C GLN B 428 20.19 15.86 -29.63
N ILE B 429 20.25 15.58 -30.93
CA ILE B 429 19.22 16.01 -31.88
C ILE B 429 17.80 15.50 -31.59
N PRO B 430 16.85 16.44 -31.46
CA PRO B 430 15.43 16.16 -31.18
C PRO B 430 14.70 15.49 -32.35
N ALA B 431 15.07 15.86 -33.57
CA ALA B 431 14.42 15.30 -34.74
C ALA B 431 15.28 15.39 -36.00
N ASP B 432 14.94 14.57 -36.99
CA ASP B 432 15.64 14.54 -38.26
C ASP B 432 15.64 15.92 -38.92
N GLY B 433 16.73 16.25 -39.59
CA GLY B 433 16.82 17.54 -40.25
C GLY B 433 18.27 17.90 -40.49
N VAL B 434 18.56 19.19 -40.52
CA VAL B 434 19.92 19.65 -40.72
C VAL B 434 20.24 20.73 -39.70
N VAL B 435 21.46 20.72 -39.19
CA VAL B 435 21.88 21.72 -38.23
C VAL B 435 22.67 22.76 -39.02
N ARG B 436 22.28 24.02 -38.90
CA ARG B 436 22.97 25.08 -39.62
C ARG B 436 23.61 26.08 -38.67
N VAL B 437 24.82 26.50 -39.02
CA VAL B 437 25.55 27.49 -38.23
C VAL B 437 25.73 28.70 -39.15
N THR B 438 25.08 29.80 -38.78
CA THR B 438 25.14 31.03 -39.57
C THR B 438 25.66 32.20 -38.76
N ASP B 439 26.36 33.11 -39.42
CA ASP B 439 26.90 34.28 -38.73
C ASP B 439 25.85 35.39 -38.73
N GLU B 440 26.21 36.54 -38.16
CA GLU B 440 25.29 37.67 -38.06
C GLU B 440 24.72 38.15 -39.40
N SER B 441 25.48 38.01 -40.48
CA SER B 441 25.01 38.45 -41.79
C SER B 441 24.08 37.42 -42.43
N GLY B 442 23.94 36.27 -41.79
CA GLY B 442 23.08 35.24 -42.31
C GLY B 442 23.79 34.25 -43.22
N LYS B 443 25.11 34.35 -43.29
CA LYS B 443 25.89 33.45 -44.13
C LYS B 443 26.01 32.06 -43.50
N LEU B 444 25.74 31.03 -44.30
CA LEU B 444 25.83 29.65 -43.85
C LEU B 444 27.30 29.24 -43.76
N LEU B 445 27.77 28.97 -42.55
CA LEU B 445 29.16 28.57 -42.34
C LEU B 445 29.33 27.06 -42.28
N LEU B 446 28.44 26.38 -41.56
CA LEU B 446 28.49 24.94 -41.43
C LEU B 446 27.09 24.36 -41.52
N GLU B 447 26.97 23.25 -42.24
CA GLU B 447 25.68 22.58 -42.40
C GLU B 447 25.87 21.08 -42.26
N GLN B 448 25.02 20.45 -41.46
CA GLN B 448 25.14 19.01 -41.23
C GLN B 448 23.80 18.31 -41.08
N SER B 449 23.59 17.27 -41.89
CA SER B 449 22.36 16.50 -41.81
C SER B 449 22.46 15.66 -40.54
N VAL B 450 21.35 15.56 -39.82
CA VAL B 450 21.32 14.79 -38.58
C VAL B 450 20.01 14.01 -38.44
N GLU B 451 20.04 13.03 -37.54
CA GLU B 451 18.86 12.22 -37.27
C GLU B 451 18.56 12.29 -35.79
N ALA B 452 17.30 12.09 -35.43
CA ALA B 452 16.90 12.12 -34.02
C ALA B 452 17.80 11.21 -33.21
N GLY B 453 18.27 11.70 -32.07
CA GLY B 453 19.11 10.88 -31.21
C GLY B 453 20.60 11.06 -31.45
N ASP B 454 20.96 11.67 -32.58
CA ASP B 454 22.36 11.90 -32.92
C ASP B 454 22.98 12.92 -31.96
N ILE B 455 24.31 12.91 -31.89
CA ILE B 455 25.02 13.84 -31.03
C ILE B 455 25.78 14.83 -31.92
N TRP B 456 25.27 16.06 -32.01
CA TRP B 456 25.91 17.11 -32.81
C TRP B 456 26.74 17.99 -31.88
N ARG B 457 27.90 18.43 -32.36
CA ARG B 457 28.77 19.26 -31.54
C ARG B 457 29.55 20.25 -32.41
N MET B 458 29.93 21.37 -31.80
CA MET B 458 30.73 22.37 -32.48
C MET B 458 31.91 22.71 -31.58
N CYS B 459 33.09 22.82 -32.19
CA CYS B 459 34.30 23.13 -31.46
C CYS B 459 34.87 24.46 -31.97
N GLN B 460 35.61 25.12 -31.09
CA GLN B 460 36.24 26.40 -31.40
C GLN B 460 37.72 26.32 -31.04
N ALA B 461 38.56 26.97 -31.87
CA ALA B 461 39.99 27.03 -31.63
C ALA B 461 40.40 28.42 -32.11
N LYS B 462 40.83 29.26 -31.16
CA LYS B 462 41.21 30.64 -31.47
C LYS B 462 42.64 30.81 -31.99
N ASP B 463 42.83 31.87 -32.77
CA ASP B 463 44.14 32.12 -33.37
C ASP B 463 45.28 32.48 -32.42
N ALA B 464 45.03 33.32 -31.42
CA ALA B 464 46.10 33.68 -30.51
C ALA B 464 46.65 32.42 -29.83
N PRO B 465 45.77 31.56 -29.31
CA PRO B 465 46.27 30.32 -28.67
C PRO B 465 47.16 29.54 -29.62
N ILE B 466 46.71 29.39 -30.86
CA ILE B 466 47.47 28.65 -31.86
C ILE B 466 48.84 29.26 -32.11
N GLN B 467 48.91 30.59 -32.25
CA GLN B 467 50.21 31.22 -32.47
C GLN B 467 51.13 30.97 -31.29
N ASP B 468 50.60 31.10 -30.09
CA ASP B 468 51.39 30.88 -28.88
C ASP B 468 51.84 29.42 -28.81
N TRP B 469 50.96 28.53 -29.23
CA TRP B 469 51.23 27.09 -29.25
C TRP B 469 52.44 26.80 -30.13
N VAL B 470 52.45 27.38 -31.33
CA VAL B 470 53.57 27.21 -32.25
C VAL B 470 54.85 27.76 -31.62
N LYS B 471 54.75 28.94 -31.04
CA LYS B 471 55.91 29.58 -30.40
C LYS B 471 56.50 28.67 -29.33
N LEU B 472 55.64 28.04 -28.54
CA LEU B 472 56.09 27.13 -27.50
C LEU B 472 56.78 25.92 -28.12
N ALA B 473 56.19 25.41 -29.21
CA ALA B 473 56.77 24.26 -29.90
C ALA B 473 58.21 24.58 -30.34
N VAL B 474 58.38 25.72 -31.00
CA VAL B 474 59.70 26.14 -31.47
C VAL B 474 60.64 26.33 -30.29
N ASN B 475 60.13 26.93 -29.22
CA ASN B 475 60.92 27.16 -28.02
C ASN B 475 61.50 25.83 -27.50
N ARG B 476 60.64 24.81 -27.39
CA ARG B 476 61.08 23.51 -26.89
C ARG B 476 62.06 22.81 -27.82
N ALA B 477 61.84 22.93 -29.13
CA ALA B 477 62.72 22.29 -30.09
C ALA B 477 64.12 22.88 -29.97
N ARG B 478 64.17 24.20 -29.83
CA ARG B 478 65.43 24.91 -29.71
C ARG B 478 66.16 24.60 -28.40
N ALA B 479 65.40 24.56 -27.30
CA ALA B 479 65.99 24.29 -25.99
C ALA B 479 66.53 22.88 -25.82
N THR B 480 65.96 21.91 -26.53
CA THR B 480 66.38 20.53 -26.40
C THR B 480 67.07 19.97 -27.65
N ASN B 481 67.04 20.73 -28.73
CA ASN B 481 67.63 20.27 -30.00
C ASN B 481 67.09 18.88 -30.31
N THR B 482 65.77 18.76 -30.21
CA THR B 482 65.08 17.51 -30.46
C THR B 482 64.03 17.76 -31.54
N PRO B 483 63.79 16.77 -32.42
CA PRO B 483 62.79 16.92 -33.48
C PRO B 483 61.42 17.16 -32.88
N ALA B 484 60.63 18.00 -33.53
CA ALA B 484 59.29 18.30 -33.05
C ALA B 484 58.34 17.93 -34.19
N VAL B 485 57.28 17.21 -33.83
CA VAL B 485 56.30 16.77 -34.80
C VAL B 485 54.89 17.26 -34.44
N PHE B 486 54.24 17.96 -35.36
CA PHE B 486 52.87 18.42 -35.14
C PHE B 486 52.00 17.26 -35.58
N TRP B 487 51.15 16.77 -34.68
CA TRP B 487 50.25 15.67 -34.97
C TRP B 487 48.94 16.23 -35.54
N LEU B 488 48.84 16.29 -36.86
CA LEU B 488 47.64 16.83 -37.50
C LEU B 488 47.24 16.01 -38.72
N ASP B 489 45.97 15.63 -38.77
CA ASP B 489 45.42 14.81 -39.85
C ASP B 489 44.82 15.66 -40.96
N PRO B 490 45.44 15.66 -42.15
CA PRO B 490 44.97 16.43 -43.30
C PRO B 490 43.55 16.06 -43.70
N ALA B 491 43.13 14.85 -43.33
CA ALA B 491 41.79 14.37 -43.65
C ALA B 491 40.70 15.05 -42.83
N ARG B 492 41.07 15.55 -41.65
CA ARG B 492 40.11 16.22 -40.78
C ARG B 492 40.00 17.69 -41.18
N ALA B 493 38.77 18.18 -41.33
CA ALA B 493 38.57 19.57 -41.71
C ALA B 493 39.15 20.50 -40.64
N HIS B 494 39.03 20.11 -39.37
CA HIS B 494 39.58 20.93 -38.29
C HIS B 494 41.09 21.00 -38.39
N ASP B 495 41.73 19.85 -38.39
CA ASP B 495 43.18 19.77 -38.47
C ASP B 495 43.74 20.49 -39.70
N ALA B 496 43.04 20.37 -40.83
CA ALA B 496 43.50 21.03 -42.06
C ALA B 496 43.61 22.53 -41.84
N GLN B 497 42.62 23.11 -41.17
CA GLN B 497 42.65 24.54 -40.86
C GLN B 497 43.83 24.85 -39.94
N VAL B 498 44.12 23.96 -39.00
CA VAL B 498 45.22 24.17 -38.08
C VAL B 498 46.57 24.06 -38.79
N ILE B 499 46.64 23.14 -39.74
CA ILE B 499 47.87 22.96 -40.51
C ILE B 499 48.21 24.23 -41.29
N ALA B 500 47.19 24.87 -41.86
CA ALA B 500 47.42 26.10 -42.61
C ALA B 500 48.06 27.15 -41.70
N LYS B 501 47.55 27.26 -40.48
CA LYS B 501 48.08 28.22 -39.53
C LYS B 501 49.50 27.86 -39.09
N VAL B 502 49.71 26.59 -38.77
CA VAL B 502 51.04 26.14 -38.34
C VAL B 502 52.10 26.35 -39.41
N GLU B 503 51.76 26.03 -40.65
CA GLU B 503 52.73 26.21 -41.74
C GLU B 503 53.07 27.69 -41.86
N ARG B 504 52.07 28.53 -41.61
CA ARG B 504 52.28 29.97 -41.70
C ARG B 504 53.06 30.52 -40.50
N TYR B 505 52.67 30.15 -39.29
CA TYR B 505 53.36 30.67 -38.11
C TYR B 505 54.77 30.16 -37.87
N LEU B 506 55.13 29.04 -38.46
CA LEU B 506 56.49 28.54 -38.31
C LEU B 506 57.43 29.47 -39.09
N LYS B 507 56.88 30.14 -40.10
CA LYS B 507 57.67 31.07 -40.90
C LYS B 507 58.00 32.33 -40.10
N ASP B 508 57.39 32.49 -38.94
CA ASP B 508 57.66 33.65 -38.10
C ASP B 508 58.87 33.43 -37.20
N TYR B 509 59.52 32.27 -37.32
CA TYR B 509 60.69 31.98 -36.49
C TYR B 509 61.87 31.44 -37.28
N ASP B 510 63.06 31.65 -36.72
CA ASP B 510 64.27 31.13 -37.32
C ASP B 510 64.33 29.70 -36.86
N THR B 511 63.98 28.78 -37.75
CA THR B 511 63.98 27.36 -37.43
C THR B 511 65.25 26.71 -37.94
N SER B 512 66.21 27.54 -38.31
CA SER B 512 67.49 27.07 -38.80
C SER B 512 68.10 26.06 -37.84
N GLY B 513 68.48 24.91 -38.37
CA GLY B 513 69.09 23.89 -37.53
C GLY B 513 68.09 23.00 -36.80
N LEU B 514 66.82 23.37 -36.83
CA LEU B 514 65.79 22.59 -36.16
C LEU B 514 65.14 21.56 -37.09
N ASP B 515 64.54 20.54 -36.49
CA ASP B 515 63.87 19.47 -37.23
C ASP B 515 62.39 19.50 -36.83
N ILE B 516 61.58 20.17 -37.64
CA ILE B 516 60.15 20.29 -37.36
C ILE B 516 59.35 19.76 -38.55
N ARG B 517 58.35 18.95 -38.27
CA ARG B 517 57.53 18.43 -39.35
C ARG B 517 56.09 18.24 -38.91
N ILE B 518 55.21 18.03 -39.90
CA ILE B 518 53.81 17.83 -39.65
C ILE B 518 53.44 16.46 -40.18
N LEU B 519 52.91 15.60 -39.31
CA LEU B 519 52.51 14.25 -39.69
C LEU B 519 51.13 13.96 -39.10
N SER B 520 50.41 13.01 -39.72
CA SER B 520 49.10 12.63 -39.21
C SER B 520 49.38 11.92 -37.87
N PRO B 521 48.38 11.87 -36.98
CA PRO B 521 48.57 11.21 -35.68
C PRO B 521 49.17 9.81 -35.80
N VAL B 522 48.65 9.01 -36.73
CA VAL B 522 49.15 7.66 -36.93
C VAL B 522 50.61 7.66 -37.37
N GLU B 523 50.95 8.48 -38.36
CA GLU B 523 52.33 8.53 -38.83
C GLU B 523 53.25 9.11 -37.76
N ALA B 524 52.75 10.07 -36.99
CA ALA B 524 53.54 10.69 -35.93
C ALA B 524 53.80 9.67 -34.83
N THR B 525 52.83 8.82 -34.55
CA THR B 525 53.00 7.79 -33.53
C THR B 525 54.09 6.81 -33.98
N ARG B 526 54.01 6.36 -35.23
CA ARG B 526 55.00 5.44 -35.76
C ARG B 526 56.40 6.03 -35.68
N PHE B 527 56.55 7.26 -36.18
CA PHE B 527 57.83 7.96 -36.17
C PHE B 527 58.39 8.08 -34.77
N SER B 528 57.54 8.51 -33.84
CA SER B 528 57.94 8.69 -32.45
C SER B 528 58.30 7.38 -31.74
N LEU B 529 57.56 6.31 -32.03
CA LEU B 529 57.84 5.02 -31.40
C LEU B 529 59.12 4.41 -31.98
N ALA B 530 59.38 4.66 -33.26
CA ALA B 530 60.58 4.13 -33.88
C ALA B 530 61.78 4.76 -33.20
N ARG B 531 61.71 6.07 -32.96
CA ARG B 531 62.78 6.80 -32.30
C ARG B 531 62.89 6.45 -30.81
N ILE B 532 61.75 6.32 -30.14
CA ILE B 532 61.77 6.04 -28.72
C ILE B 532 62.42 4.70 -28.39
N ARG B 533 62.22 3.69 -29.23
CA ARG B 533 62.84 2.40 -28.96
C ARG B 533 64.33 2.43 -29.24
N GLU B 534 64.77 3.40 -30.05
CA GLU B 534 66.18 3.56 -30.38
C GLU B 534 66.84 4.43 -29.31
N GLY B 535 66.05 4.85 -28.33
CA GLY B 535 66.58 5.70 -27.26
C GLY B 535 66.62 7.16 -27.65
N LYS B 536 65.84 7.54 -28.66
CA LYS B 536 65.82 8.93 -29.12
C LYS B 536 64.54 9.65 -28.69
N ASP B 537 64.65 10.97 -28.54
CA ASP B 537 63.52 11.77 -28.12
C ASP B 537 62.79 12.43 -29.28
N THR B 538 61.48 12.62 -29.12
CA THR B 538 60.68 13.26 -30.15
C THR B 538 59.60 14.09 -29.46
N ILE B 539 59.57 15.39 -29.74
CA ILE B 539 58.56 16.23 -29.12
C ILE B 539 57.25 16.11 -29.88
N SER B 540 56.15 15.89 -29.16
CA SER B 540 54.84 15.82 -29.79
C SER B 540 54.17 17.16 -29.57
N VAL B 541 53.69 17.76 -30.66
CA VAL B 541 53.01 19.06 -30.61
C VAL B 541 51.60 18.72 -31.09
N THR B 542 50.65 18.77 -30.16
CA THR B 542 49.30 18.34 -30.48
C THR B 542 48.17 19.23 -29.97
N GLY B 543 46.95 18.86 -30.38
CA GLY B 543 45.75 19.56 -29.94
C GLY B 543 45.49 19.21 -28.49
N ASN B 544 44.39 19.73 -27.94
CA ASN B 544 44.00 19.54 -26.55
C ASN B 544 43.80 18.09 -26.07
N VAL B 545 43.05 17.31 -26.83
CA VAL B 545 42.79 15.92 -26.46
C VAL B 545 44.05 15.05 -26.54
N LEU B 546 44.81 15.18 -27.61
CA LEU B 546 46.03 14.40 -27.76
C LEU B 546 47.01 14.78 -26.66
N ARG B 547 46.94 16.04 -26.23
CA ARG B 547 47.80 16.52 -25.15
C ARG B 547 47.48 15.64 -23.93
N ASP B 548 46.20 15.53 -23.64
CA ASP B 548 45.72 14.73 -22.54
C ASP B 548 46.18 13.27 -22.64
N TYR B 549 45.91 12.64 -23.79
CA TYR B 549 46.27 11.25 -24.01
C TYR B 549 47.75 10.95 -23.97
N LEU B 550 48.53 11.73 -24.71
CA LEU B 550 49.98 11.52 -24.79
C LEU B 550 50.74 11.82 -23.51
N THR B 551 50.26 12.75 -22.70
CA THR B 551 50.98 13.07 -21.47
C THR B 551 50.71 12.08 -20.36
N ASP B 552 49.89 11.09 -20.64
CA ASP B 552 49.63 10.04 -19.67
C ASP B 552 50.33 8.81 -20.24
N LEU B 553 50.10 8.57 -21.53
CA LEU B 553 50.68 7.43 -22.24
C LEU B 553 52.18 7.28 -22.09
N PHE B 554 52.95 8.29 -22.52
CA PHE B 554 54.39 8.16 -22.44
C PHE B 554 55.00 8.17 -21.04
N PRO B 555 54.46 8.99 -20.12
CA PRO B 555 55.03 8.99 -18.77
C PRO B 555 54.80 7.62 -18.10
N ILE B 556 53.68 6.97 -18.43
CA ILE B 556 53.37 5.66 -17.88
C ILE B 556 54.40 4.65 -18.38
N MET B 557 54.66 4.67 -19.68
CA MET B 557 55.62 3.74 -20.27
C MET B 557 57.04 4.02 -19.77
N GLU B 558 57.44 5.29 -19.85
CA GLU B 558 58.78 5.69 -19.43
C GLU B 558 59.04 5.69 -17.92
N LEU B 559 58.06 6.11 -17.14
CA LEU B 559 58.23 6.24 -15.70
C LEU B 559 57.33 5.38 -14.81
N GLY B 560 56.28 4.81 -15.39
CA GLY B 560 55.37 4.00 -14.61
C GLY B 560 54.32 4.86 -13.91
N THR B 561 54.39 6.17 -14.11
CA THR B 561 53.46 7.08 -13.48
C THR B 561 53.48 8.45 -14.14
N SER B 562 52.42 9.23 -13.95
CA SER B 562 52.33 10.57 -14.50
C SER B 562 52.33 11.55 -13.33
N ALA B 563 52.50 11.02 -12.13
CA ALA B 563 52.51 11.84 -10.93
C ALA B 563 53.87 12.43 -10.58
N LYS B 564 54.85 12.26 -11.45
CA LYS B 564 56.18 12.79 -11.19
C LYS B 564 56.69 13.58 -12.37
N MET B 565 56.01 14.66 -12.71
CA MET B 565 56.45 15.45 -13.85
C MET B 565 56.05 16.91 -13.82
N LEU B 566 56.54 17.63 -14.82
CA LEU B 566 56.26 19.05 -14.96
C LEU B 566 55.08 19.26 -15.87
N SER B 567 54.25 20.22 -15.50
CA SER B 567 53.08 20.57 -16.28
C SER B 567 53.06 22.09 -16.19
N ILE B 568 53.89 22.69 -17.04
CA ILE B 568 54.06 24.14 -17.11
C ILE B 568 53.11 24.77 -18.11
N VAL B 569 52.44 25.82 -17.68
CA VAL B 569 51.50 26.53 -18.53
C VAL B 569 51.92 27.98 -18.67
N PRO B 570 52.69 28.30 -19.72
CA PRO B 570 53.11 29.70 -19.88
C PRO B 570 51.83 30.45 -20.24
N LEU B 571 51.31 31.23 -19.30
CA LEU B 571 50.08 31.98 -19.56
C LEU B 571 50.34 33.03 -20.64
N MET B 572 49.41 33.17 -21.56
CA MET B 572 49.58 34.11 -22.67
C MET B 572 49.77 35.57 -22.23
N SER B 573 49.28 35.91 -21.05
CA SER B 573 49.44 37.26 -20.54
C SER B 573 50.84 37.44 -19.95
N GLY B 574 51.66 36.39 -20.04
CA GLY B 574 53.02 36.47 -19.52
C GLY B 574 53.23 35.88 -18.14
N GLY B 575 52.15 35.44 -17.51
CA GLY B 575 52.28 34.86 -16.19
C GLY B 575 52.61 33.38 -16.27
N GLY B 576 52.63 32.72 -15.12
CA GLY B 576 52.93 31.30 -15.09
C GLY B 576 52.00 30.49 -14.22
N LEU B 577 51.55 29.36 -14.75
CA LEU B 577 50.68 28.44 -14.04
C LEU B 577 51.43 27.10 -13.98
N PHE B 578 51.59 26.55 -12.78
CA PHE B 578 52.32 25.29 -12.68
C PHE B 578 51.45 24.24 -12.00
N GLU B 579 51.03 23.25 -12.78
CA GLU B 579 50.19 22.16 -12.28
C GLU B 579 51.05 21.01 -11.74
N THR B 580 50.87 20.73 -10.46
CA THR B 580 51.65 19.70 -9.78
C THR B 580 51.29 18.26 -10.13
N GLY B 581 50.11 18.06 -10.70
CA GLY B 581 49.68 16.72 -11.06
C GLY B 581 48.50 16.71 -12.01
N ALA B 582 48.40 15.67 -12.81
CA ALA B 582 47.33 15.54 -13.79
C ALA B 582 46.22 14.58 -13.38
N GLY B 583 46.37 13.96 -12.21
CA GLY B 583 45.36 13.01 -11.76
C GLY B 583 44.36 13.52 -10.73
N GLY B 584 43.75 12.59 -10.00
CA GLY B 584 42.77 12.96 -9.00
C GLY B 584 43.38 13.29 -7.66
N SER B 585 42.54 13.57 -6.66
CA SER B 585 43.02 13.91 -5.33
C SER B 585 43.11 12.74 -4.34
N ALA B 586 43.04 11.53 -4.88
CA ALA B 586 43.20 10.30 -4.10
C ALA B 586 42.37 10.09 -2.82
N PRO B 587 41.07 9.81 -2.96
CA PRO B 587 40.21 9.60 -1.80
C PRO B 587 40.75 8.48 -0.90
N LYS B 588 41.30 7.44 -1.53
CA LYS B 588 41.82 6.30 -0.79
C LYS B 588 43.02 6.69 0.09
N HIS B 589 43.80 7.67 -0.36
CA HIS B 589 44.93 8.13 0.43
C HIS B 589 44.37 8.76 1.72
N VAL B 590 43.29 9.51 1.57
CA VAL B 590 42.66 10.16 2.72
C VAL B 590 42.08 9.10 3.65
N GLN B 591 41.40 8.12 3.07
CA GLN B 591 40.81 7.04 3.86
C GLN B 591 41.87 6.43 4.78
N GLN B 592 43.03 6.08 4.23
CA GLN B 592 44.10 5.49 5.02
C GLN B 592 44.60 6.45 6.10
N PHE B 593 44.64 7.74 5.79
CA PHE B 593 45.09 8.73 6.76
C PHE B 593 44.13 8.86 7.94
N LEU B 594 42.83 8.85 7.66
CA LEU B 594 41.85 8.96 8.72
C LEU B 594 41.73 7.68 9.53
N GLU B 595 42.01 6.55 8.89
CA GLU B 595 41.92 5.24 9.56
C GLU B 595 43.16 4.86 10.35
N GLU B 596 44.35 5.18 9.85
CA GLU B 596 45.58 4.83 10.55
C GLU B 596 46.67 5.90 10.54
N GLY B 597 46.29 7.14 10.24
CA GLY B 597 47.24 8.23 10.24
C GLY B 597 48.49 8.10 9.39
N TYR B 598 48.32 7.55 8.19
CA TYR B 598 49.42 7.40 7.26
C TYR B 598 48.98 8.00 5.93
N LEU B 599 49.71 8.98 5.45
CA LEU B 599 49.38 9.62 4.18
C LEU B 599 50.42 9.22 3.14
N ARG B 600 50.01 8.45 2.14
CA ARG B 600 50.96 8.02 1.13
C ARG B 600 51.06 8.94 -0.09
N TRP B 601 50.35 10.05 -0.06
CA TRP B 601 50.39 11.01 -1.18
C TRP B 601 51.82 11.45 -1.48
N ASP B 602 52.22 11.38 -2.74
CA ASP B 602 53.56 11.78 -3.16
C ASP B 602 53.52 13.24 -3.60
N SER B 603 54.28 14.09 -2.90
CA SER B 603 54.33 15.52 -3.21
C SER B 603 55.43 15.92 -4.19
N LEU B 604 56.07 14.95 -4.83
CA LEU B 604 57.16 15.29 -5.76
C LEU B 604 56.70 16.33 -6.78
N GLY B 605 55.48 16.18 -7.27
CA GLY B 605 54.95 17.11 -8.25
C GLY B 605 54.93 18.53 -7.73
N GLU B 606 54.63 18.69 -6.44
CA GLU B 606 54.59 20.00 -5.82
C GLU B 606 56.01 20.56 -5.72
N PHE B 607 56.98 19.72 -5.36
CA PHE B 607 58.37 20.18 -5.24
C PHE B 607 58.86 20.70 -6.60
N LEU B 608 58.53 19.95 -7.65
CA LEU B 608 58.94 20.31 -9.00
C LEU B 608 58.29 21.62 -9.46
N ALA B 609 56.99 21.74 -9.21
CA ALA B 609 56.27 22.95 -9.59
C ALA B 609 56.80 24.16 -8.84
N LEU B 610 57.08 24.00 -7.55
CA LEU B 610 57.59 25.10 -6.74
C LEU B 610 58.90 25.63 -7.31
N ALA B 611 59.80 24.73 -7.71
CA ALA B 611 61.08 25.15 -8.29
C ALA B 611 60.81 25.96 -9.57
N ALA B 612 59.92 25.44 -10.42
CA ALA B 612 59.58 26.12 -11.67
C ALA B 612 58.98 27.49 -11.38
N SER B 613 58.13 27.55 -10.36
CA SER B 613 57.48 28.79 -9.95
C SER B 613 58.52 29.79 -9.44
N LEU B 614 59.42 29.32 -8.59
CA LEU B 614 60.46 30.17 -8.04
C LEU B 614 61.37 30.74 -9.12
N GLU B 615 61.73 29.90 -10.09
CA GLU B 615 62.60 30.36 -11.17
C GLU B 615 61.87 31.39 -12.02
N HIS B 616 60.60 31.14 -12.31
CA HIS B 616 59.80 32.06 -13.10
C HIS B 616 59.81 33.43 -12.41
N LEU B 617 59.51 33.43 -11.11
CA LEU B 617 59.47 34.66 -10.34
C LEU B 617 60.83 35.32 -10.35
N GLY B 618 61.88 34.52 -10.17
CA GLY B 618 63.22 35.03 -10.18
C GLY B 618 63.54 35.78 -11.47
N ASN B 619 63.23 35.16 -12.60
CA ASN B 619 63.50 35.78 -13.88
C ASN B 619 62.61 36.98 -14.17
N ALA B 620 61.33 36.87 -13.85
CA ALA B 620 60.38 37.95 -14.10
C ALA B 620 60.65 39.22 -13.30
N TYR B 621 61.06 39.08 -12.04
CA TYR B 621 61.32 40.25 -11.19
C TYR B 621 62.80 40.48 -10.93
N LYS B 622 63.66 39.74 -11.63
CA LYS B 622 65.10 39.87 -11.45
C LYS B 622 65.43 39.77 -9.96
N ASN B 623 64.84 38.76 -9.31
CA ASN B 623 65.07 38.52 -7.88
C ASN B 623 66.09 37.39 -7.78
N PRO B 624 67.34 37.71 -7.42
CA PRO B 624 68.43 36.75 -7.28
C PRO B 624 68.20 35.68 -6.22
N LYS B 625 67.60 36.07 -5.10
CA LYS B 625 67.33 35.13 -4.03
C LYS B 625 66.37 34.04 -4.48
N ALA B 626 65.36 34.41 -5.27
CA ALA B 626 64.39 33.45 -5.77
C ALA B 626 65.08 32.41 -6.66
N LEU B 627 66.08 32.85 -7.42
CA LEU B 627 66.81 31.94 -8.30
C LEU B 627 67.67 30.99 -7.48
N VAL B 628 68.21 31.49 -6.37
CA VAL B 628 69.03 30.63 -5.51
C VAL B 628 68.13 29.62 -4.79
N LEU B 629 66.94 30.06 -4.38
CA LEU B 629 65.99 29.16 -3.71
C LEU B 629 65.61 28.04 -4.68
N ALA B 630 65.41 28.40 -5.95
CA ALA B 630 65.04 27.43 -6.98
C ALA B 630 66.15 26.42 -7.28
N SER B 631 67.39 26.89 -7.36
CA SER B 631 68.53 26.03 -7.63
C SER B 631 68.71 25.04 -6.49
N THR B 632 68.69 25.57 -5.27
CA THR B 632 68.86 24.74 -4.09
C THR B 632 67.70 23.75 -3.96
N LEU B 633 66.51 24.16 -4.37
CA LEU B 633 65.34 23.28 -4.31
C LEU B 633 65.51 22.12 -5.28
N ASP B 634 66.11 22.39 -6.44
CA ASP B 634 66.33 21.33 -7.43
C ASP B 634 67.22 20.28 -6.82
N GLN B 635 68.31 20.71 -6.19
CA GLN B 635 69.25 19.80 -5.57
C GLN B 635 68.57 18.99 -4.47
N ALA B 636 67.71 19.65 -3.70
CA ALA B 636 67.00 18.96 -2.62
C ALA B 636 66.08 17.92 -3.23
N THR B 637 65.37 18.30 -4.28
CA THR B 637 64.45 17.39 -4.94
C THR B 637 65.20 16.21 -5.55
N GLY B 638 66.37 16.47 -6.11
CA GLY B 638 67.16 15.41 -6.70
C GLY B 638 67.58 14.42 -5.62
N LYS B 639 67.80 14.92 -4.41
CA LYS B 639 68.18 14.07 -3.29
C LYS B 639 67.00 13.24 -2.79
N ILE B 640 65.80 13.80 -2.86
CA ILE B 640 64.61 13.06 -2.45
C ILE B 640 64.54 11.81 -3.32
N LEU B 641 64.90 11.96 -4.58
CA LEU B 641 64.90 10.85 -5.52
C LEU B 641 66.07 9.89 -5.28
N ASP B 642 67.29 10.42 -5.36
CA ASP B 642 68.48 9.60 -5.17
C ASP B 642 68.57 8.90 -3.81
N ASN B 643 68.27 9.64 -2.75
CA ASN B 643 68.33 9.09 -1.40
C ASN B 643 67.00 8.43 -1.01
N ASN B 644 66.13 8.27 -2.00
CA ASN B 644 64.82 7.64 -1.83
C ASN B 644 64.07 8.04 -0.56
N LYS B 645 63.58 9.27 -0.53
CA LYS B 645 62.85 9.76 0.64
C LYS B 645 61.38 10.05 0.35
N SER B 646 60.82 9.36 -0.64
CA SER B 646 59.42 9.53 -0.98
C SER B 646 58.58 8.63 -0.08
N PRO B 647 57.28 8.94 0.06
CA PRO B 647 56.38 8.14 0.91
C PRO B 647 56.38 6.66 0.55
N ALA B 648 56.13 5.81 1.55
CA ALA B 648 56.09 4.37 1.36
C ALA B 648 54.64 3.92 1.15
N ARG B 649 54.25 2.85 1.84
CA ARG B 649 52.90 2.32 1.70
C ARG B 649 52.27 1.90 3.02
N LYS B 650 53.09 1.43 3.96
CA LYS B 650 52.58 0.98 5.24
C LYS B 650 53.12 1.71 6.47
N VAL B 651 52.30 1.75 7.51
CA VAL B 651 52.65 2.41 8.76
C VAL B 651 54.03 1.98 9.24
N GLY B 652 54.78 2.93 9.79
CA GLY B 652 56.12 2.65 10.27
C GLY B 652 57.18 3.43 9.52
N GLU B 653 57.10 3.39 8.19
CA GLU B 653 58.05 4.09 7.34
C GLU B 653 57.61 5.54 7.15
N ILE B 654 58.48 6.36 6.57
CA ILE B 654 58.14 7.76 6.34
C ILE B 654 56.95 7.88 5.41
N ASP B 655 56.07 8.84 5.69
CA ASP B 655 54.92 9.06 4.82
C ASP B 655 55.07 10.44 4.19
N ASN B 656 53.97 11.01 3.72
CA ASN B 656 54.02 12.33 3.10
C ASN B 656 54.72 13.37 3.97
N ARG B 657 54.44 13.36 5.26
CA ARG B 657 55.05 14.31 6.18
C ARG B 657 56.56 14.13 6.31
N GLY B 658 57.01 12.88 6.37
CA GLY B 658 58.42 12.60 6.47
C GLY B 658 59.15 13.06 5.22
N SER B 659 58.51 12.90 4.07
CA SER B 659 59.15 13.31 2.81
C SER B 659 59.33 14.83 2.82
N HIS B 660 58.37 15.54 3.41
CA HIS B 660 58.47 16.99 3.49
C HIS B 660 59.65 17.36 4.39
N PHE B 661 59.86 16.57 5.45
CA PHE B 661 60.98 16.84 6.35
C PHE B 661 62.30 16.73 5.61
N TYR B 662 62.45 15.67 4.82
CA TYR B 662 63.69 15.48 4.09
C TYR B 662 63.87 16.56 3.04
N LEU B 663 62.77 17.06 2.49
CA LEU B 663 62.87 18.11 1.50
C LEU B 663 63.44 19.35 2.20
N ALA B 664 62.91 19.63 3.40
CA ALA B 664 63.37 20.77 4.18
C ALA B 664 64.84 20.62 4.56
N LEU B 665 65.19 19.42 5.04
CA LEU B 665 66.56 19.11 5.43
C LEU B 665 67.56 19.35 4.29
N TYR B 666 67.29 18.71 3.16
CA TYR B 666 68.16 18.83 2.00
C TYR B 666 68.18 20.25 1.45
N TRP B 667 67.02 20.90 1.45
CA TRP B 667 66.94 22.27 0.93
C TRP B 667 67.76 23.20 1.81
N ALA B 668 67.66 23.01 3.13
CA ALA B 668 68.40 23.84 4.07
C ALA B 668 69.91 23.59 3.96
N GLN B 669 70.29 22.32 3.80
CA GLN B 669 71.71 21.98 3.68
C GLN B 669 72.27 22.59 2.41
N ALA B 670 71.47 22.59 1.35
CA ALA B 670 71.87 23.17 0.07
C ALA B 670 72.02 24.68 0.17
N LEU B 671 71.10 25.32 0.88
CA LEU B 671 71.16 26.78 1.04
C LEU B 671 72.37 27.17 1.89
N ALA B 672 72.77 26.29 2.79
CA ALA B 672 73.90 26.55 3.67
C ALA B 672 75.24 26.30 2.97
N ALA B 673 75.21 25.48 1.93
CA ALA B 673 76.43 25.14 1.20
C ALA B 673 76.66 26.02 -0.03
N GLN B 674 75.62 26.70 -0.50
CA GLN B 674 75.76 27.56 -1.66
C GLN B 674 76.41 28.88 -1.28
N THR B 675 77.19 29.42 -2.21
CA THR B 675 77.90 30.67 -1.98
C THR B 675 77.40 31.80 -2.88
N GLU B 676 76.35 31.53 -3.64
CA GLU B 676 75.79 32.54 -4.54
C GLU B 676 75.20 33.72 -3.77
N ASP B 677 74.54 33.43 -2.66
CA ASP B 677 73.92 34.45 -1.83
C ASP B 677 74.39 34.24 -0.39
N LYS B 678 75.29 35.09 0.06
CA LYS B 678 75.84 34.98 1.41
C LYS B 678 74.80 35.16 2.52
N GLU B 679 73.83 36.04 2.31
CA GLU B 679 72.81 36.27 3.33
C GLU B 679 71.98 35.00 3.54
N LEU B 680 71.58 34.37 2.44
CA LEU B 680 70.80 33.15 2.54
C LEU B 680 71.63 32.04 3.17
N GLN B 681 72.89 31.94 2.76
CA GLN B 681 73.78 30.91 3.30
C GLN B 681 73.91 31.08 4.81
N ALA B 682 74.12 32.32 5.24
CA ALA B 682 74.26 32.63 6.66
C ALA B 682 72.99 32.32 7.43
N GLN B 683 71.85 32.59 6.81
CA GLN B 683 70.57 32.34 7.46
C GLN B 683 70.25 30.86 7.63
N PHE B 684 70.45 30.07 6.58
CA PHE B 684 70.13 28.64 6.65
C PHE B 684 71.22 27.75 7.23
N THR B 685 72.35 28.35 7.61
CA THR B 685 73.42 27.57 8.22
C THR B 685 72.90 26.97 9.51
N GLY B 686 72.20 27.79 10.30
CA GLY B 686 71.66 27.33 11.56
C GLY B 686 70.46 26.40 11.38
N ILE B 687 69.64 26.68 10.38
CA ILE B 687 68.45 25.87 10.11
C ILE B 687 68.91 24.46 9.69
N ALA B 688 69.88 24.42 8.79
CA ALA B 688 70.43 23.15 8.31
C ALA B 688 71.00 22.34 9.48
N LYS B 689 71.70 23.00 10.39
CA LYS B 689 72.27 22.32 11.54
C LYS B 689 71.19 21.72 12.43
N ALA B 690 70.15 22.50 12.69
CA ALA B 690 69.04 22.04 13.53
C ALA B 690 68.35 20.81 12.96
N LEU B 691 68.03 20.86 11.66
CA LEU B 691 67.36 19.75 11.00
C LEU B 691 68.27 18.53 10.89
N THR B 692 69.55 18.76 10.63
CA THR B 692 70.50 17.66 10.51
C THR B 692 70.69 16.94 11.84
N ASP B 693 70.95 17.70 12.89
CA ASP B 693 71.17 17.11 14.21
C ASP B 693 69.93 16.43 14.78
N ASN B 694 68.75 16.86 14.34
CA ASN B 694 67.50 16.29 14.83
C ASN B 694 66.80 15.35 13.86
N GLU B 695 67.51 14.90 12.82
CA GLU B 695 66.91 14.00 11.83
C GLU B 695 66.19 12.83 12.50
N THR B 696 66.93 12.02 13.23
CA THR B 696 66.37 10.85 13.89
C THR B 696 65.19 11.18 14.80
N LYS B 697 65.38 12.18 15.65
CA LYS B 697 64.34 12.60 16.59
C LYS B 697 63.06 13.00 15.85
N ILE B 698 63.20 13.83 14.82
CA ILE B 698 62.05 14.27 14.04
C ILE B 698 61.36 13.12 13.32
N VAL B 699 62.13 12.32 12.59
CA VAL B 699 61.56 11.19 11.87
C VAL B 699 60.82 10.28 12.85
N GLY B 700 61.37 10.14 14.05
CA GLY B 700 60.73 9.31 15.06
C GLY B 700 59.42 9.93 15.50
N GLU B 701 59.42 11.24 15.72
CA GLU B 701 58.22 11.94 16.14
C GLU B 701 57.13 11.85 15.07
N LEU B 702 57.52 11.95 13.80
CA LEU B 702 56.56 11.85 12.71
C LEU B 702 56.00 10.44 12.62
N ALA B 703 56.88 9.46 12.87
CA ALA B 703 56.50 8.06 12.84
C ALA B 703 55.53 7.73 13.97
N ALA B 704 55.76 8.33 15.13
CA ALA B 704 54.90 8.10 16.29
C ALA B 704 53.48 8.60 16.03
N ALA B 705 53.33 9.52 15.07
CA ALA B 705 52.01 10.06 14.75
C ALA B 705 51.22 9.08 13.90
N GLN B 706 51.87 8.03 13.42
CA GLN B 706 51.23 7.03 12.59
C GLN B 706 50.59 5.90 13.39
N GLY B 707 49.73 5.13 12.74
CA GLY B 707 49.09 4.00 13.39
C GLY B 707 47.78 4.20 14.11
N LYS B 708 47.42 5.45 14.39
CA LYS B 708 46.17 5.73 15.09
C LYS B 708 45.19 6.44 14.18
N PRO B 709 43.88 6.33 14.47
CA PRO B 709 42.88 7.00 13.64
C PRO B 709 43.03 8.51 13.78
N VAL B 710 42.58 9.25 12.77
CA VAL B 710 42.66 10.71 12.81
C VAL B 710 41.27 11.28 12.55
N ASP B 711 40.86 12.23 13.39
CA ASP B 711 39.56 12.86 13.28
C ASP B 711 39.75 14.35 13.02
N ILE B 712 39.37 14.82 11.83
CA ILE B 712 39.53 16.23 11.50
C ILE B 712 38.19 16.94 11.35
N ALA B 713 37.17 16.36 11.99
CA ALA B 713 35.81 16.92 11.98
C ALA B 713 35.29 17.24 10.59
N GLY B 714 35.49 16.33 9.65
CA GLY B 714 35.00 16.57 8.30
C GLY B 714 35.81 15.85 7.25
N TYR B 715 35.49 16.11 6.00
CA TYR B 715 36.17 15.47 4.88
C TYR B 715 36.38 16.49 3.76
N TYR B 716 35.28 17.03 3.25
CA TYR B 716 35.36 18.02 2.18
C TYR B 716 35.63 19.41 2.72
N HIS B 717 35.28 19.62 3.99
CA HIS B 717 35.44 20.92 4.63
C HIS B 717 35.74 20.66 6.11
N PRO B 718 36.92 20.06 6.39
CA PRO B 718 37.35 19.72 7.75
C PRO B 718 37.80 20.90 8.61
N ASN B 719 37.88 20.68 9.93
CA ASN B 719 38.33 21.73 10.82
C ASN B 719 39.80 21.96 10.49
N THR B 720 40.12 23.16 10.00
CA THR B 720 41.49 23.47 9.60
C THR B 720 42.52 23.39 10.74
N ASP B 721 42.09 23.68 11.97
CA ASP B 721 43.01 23.62 13.10
C ASP B 721 43.34 22.18 13.45
N LEU B 722 42.33 21.31 13.41
CA LEU B 722 42.55 19.90 13.70
C LEU B 722 43.41 19.29 12.60
N THR B 723 43.16 19.72 11.36
CA THR B 723 43.92 19.20 10.22
C THR B 723 45.37 19.65 10.27
N SER B 724 45.59 20.91 10.61
CA SER B 724 46.94 21.44 10.70
C SER B 724 47.73 20.69 11.78
N LYS B 725 47.09 20.43 12.91
CA LYS B 725 47.72 19.73 14.01
C LYS B 725 48.09 18.30 13.62
N ALA B 726 47.16 17.61 12.97
CA ALA B 726 47.40 16.24 12.54
C ALA B 726 48.52 16.15 11.53
N MET B 727 48.63 17.16 10.66
CA MET B 727 49.67 17.17 9.64
C MET B 727 51.02 17.74 10.06
N ARG B 728 51.10 18.35 11.23
CA ARG B 728 52.36 18.90 11.75
C ARG B 728 52.52 18.43 13.18
N PRO B 729 52.66 17.10 13.37
CA PRO B 729 52.81 16.45 14.67
C PRO B 729 54.20 16.45 15.34
N SER B 730 55.24 16.79 14.60
CA SER B 730 56.58 16.81 15.19
C SER B 730 56.93 18.15 15.84
N ALA B 731 56.89 18.17 17.17
CA ALA B 731 57.21 19.39 17.91
C ALA B 731 58.63 19.85 17.62
N THR B 732 59.55 18.89 17.42
CA THR B 732 60.94 19.22 17.14
C THR B 732 61.09 19.87 15.76
N PHE B 733 60.37 19.32 14.79
CA PHE B 733 60.42 19.87 13.43
C PHE B 733 59.79 21.26 13.45
N ASN B 734 58.62 21.38 14.08
CA ASN B 734 57.94 22.66 14.14
C ASN B 734 58.83 23.72 14.78
N ALA B 735 59.54 23.34 15.84
CA ALA B 735 60.41 24.26 16.54
C ALA B 735 61.64 24.61 15.71
N ALA B 736 62.10 23.67 14.90
CA ALA B 736 63.27 23.90 14.06
C ALA B 736 63.03 24.99 13.02
N LEU B 737 61.81 25.10 12.52
CA LEU B 737 61.50 26.12 11.52
C LEU B 737 60.80 27.35 12.10
N ALA B 738 60.49 27.31 13.39
CA ALA B 738 59.81 28.43 14.05
C ALA B 738 60.48 29.79 13.80
N PRO B 739 61.82 29.86 13.92
CA PRO B 739 62.54 31.11 13.69
C PRO B 739 62.32 31.72 12.30
N LEU B 740 61.88 30.89 11.36
CA LEU B 740 61.62 31.35 9.99
C LEU B 740 60.14 31.66 9.77
N ALA B 741 59.29 31.23 10.70
CA ALA B 741 57.86 31.44 10.59
C ALA B 741 57.45 32.88 10.84
N SER C 2 -4.87 -19.30 -47.96
CA SER C 2 -4.90 -18.54 -46.67
C SER C 2 -3.96 -17.34 -46.75
N THR C 3 -3.88 -16.71 -47.92
CA THR C 3 -3.03 -15.55 -48.12
C THR C 3 -3.67 -14.31 -47.51
N PRO C 4 -2.89 -13.51 -46.76
CA PRO C 4 -3.39 -12.29 -46.12
C PRO C 4 -4.21 -11.46 -47.10
N LYS C 5 -5.39 -11.03 -46.67
CA LYS C 5 -6.25 -10.25 -47.56
C LYS C 5 -6.78 -8.97 -46.93
N ILE C 6 -6.72 -7.88 -47.69
CA ILE C 6 -7.22 -6.59 -47.25
C ILE C 6 -8.34 -6.20 -48.20
N ILE C 7 -9.50 -5.86 -47.65
CA ILE C 7 -10.64 -5.49 -48.48
C ILE C 7 -10.73 -3.98 -48.63
N TYR C 8 -10.72 -3.51 -49.88
CA TYR C 8 -10.82 -2.09 -50.17
C TYR C 8 -12.22 -1.85 -50.72
N THR C 9 -12.96 -0.94 -50.10
CA THR C 9 -14.32 -0.66 -50.53
C THR C 9 -14.42 0.33 -51.68
N LEU C 10 -15.23 -0.02 -52.67
CA LEU C 10 -15.49 0.85 -53.80
C LEU C 10 -16.74 1.61 -53.37
N THR C 11 -16.65 2.93 -53.31
CA THR C 11 -17.79 3.71 -52.87
C THR C 11 -18.37 4.64 -53.93
N ASP C 12 -18.65 5.87 -53.54
CA ASP C 12 -19.27 6.84 -54.43
C ASP C 12 -18.49 8.13 -54.64
N GLU C 13 -18.92 8.85 -55.67
CA GLU C 13 -18.39 10.15 -56.04
C GLU C 13 -16.88 10.38 -55.89
N ALA C 14 -16.49 11.41 -55.16
CA ALA C 14 -15.07 11.74 -54.99
C ALA C 14 -14.15 10.61 -54.53
N PRO C 15 -14.47 9.95 -53.40
CA PRO C 15 -13.63 8.86 -52.90
C PRO C 15 -13.48 7.75 -53.95
N ALA C 16 -14.57 7.48 -54.65
CA ALA C 16 -14.58 6.45 -55.69
C ALA C 16 -13.60 6.80 -56.81
N LEU C 17 -13.61 8.06 -57.23
CA LEU C 17 -12.71 8.51 -58.29
C LEU C 17 -11.26 8.36 -57.82
N ALA C 18 -10.99 8.88 -56.64
CA ALA C 18 -9.65 8.81 -56.07
C ALA C 18 -9.14 7.38 -56.03
N THR C 19 -10.03 6.44 -55.76
CA THR C 19 -9.65 5.04 -55.67
C THR C 19 -9.13 4.46 -56.99
N TYR C 20 -9.61 4.99 -58.12
CA TYR C 20 -9.14 4.50 -59.41
C TYR C 20 -7.65 4.78 -59.57
N SER C 21 -7.16 5.81 -58.90
CA SER C 21 -5.75 6.16 -58.97
C SER C 21 -4.91 5.51 -57.88
N LEU C 22 -5.43 5.52 -56.66
CA LEU C 22 -4.71 4.96 -55.52
C LEU C 22 -4.65 3.44 -55.44
N LEU C 23 -5.79 2.77 -55.64
CA LEU C 23 -5.83 1.32 -55.55
C LEU C 23 -4.72 0.64 -56.36
N PRO C 24 -4.55 1.03 -57.63
CA PRO C 24 -3.49 0.40 -58.43
C PRO C 24 -2.13 0.51 -57.75
N ILE C 25 -1.88 1.67 -57.14
CA ILE C 25 -0.62 1.91 -56.44
C ILE C 25 -0.54 1.00 -55.21
N ILE C 26 -1.64 0.89 -54.49
CA ILE C 26 -1.68 0.06 -53.29
C ILE C 26 -1.38 -1.39 -53.65
N LYS C 27 -1.94 -1.87 -54.75
CA LYS C 27 -1.70 -3.25 -55.17
C LYS C 27 -0.25 -3.44 -55.60
N ALA C 28 0.30 -2.43 -56.26
CA ALA C 28 1.68 -2.49 -56.74
C ALA C 28 2.71 -2.53 -55.61
N PHE C 29 2.48 -1.74 -54.56
CA PHE C 29 3.41 -1.69 -53.44
C PHE C 29 3.27 -2.82 -52.42
N THR C 30 2.12 -3.48 -52.41
CA THR C 30 1.88 -4.57 -51.46
C THR C 30 1.98 -5.93 -52.11
N GLY C 31 2.03 -5.94 -53.44
CA GLY C 31 2.11 -7.19 -54.18
C GLY C 31 3.15 -8.20 -53.71
N SER C 32 4.42 -7.80 -53.76
CA SER C 32 5.52 -8.69 -53.37
C SER C 32 5.58 -9.07 -51.89
N SER C 33 4.83 -8.39 -51.05
CA SER C 33 4.85 -8.70 -49.62
C SER C 33 3.85 -9.79 -49.24
N GLY C 34 3.38 -10.53 -50.24
CA GLY C 34 2.44 -11.60 -49.99
C GLY C 34 1.12 -11.14 -49.40
N ILE C 35 0.58 -10.05 -49.94
CA ILE C 35 -0.69 -9.53 -49.46
C ILE C 35 -1.66 -9.40 -50.63
N ALA C 36 -2.89 -9.87 -50.42
CA ALA C 36 -3.91 -9.81 -51.46
C ALA C 36 -4.90 -8.69 -51.16
N VAL C 37 -5.09 -7.79 -52.12
CA VAL C 37 -6.01 -6.68 -51.94
C VAL C 37 -7.22 -6.87 -52.85
N GLU C 38 -8.38 -7.08 -52.24
CA GLU C 38 -9.61 -7.27 -52.99
C GLU C 38 -10.56 -6.11 -52.79
N THR C 39 -11.55 -5.99 -53.67
CA THR C 39 -12.51 -4.92 -53.59
C THR C 39 -13.92 -5.44 -53.34
N ARG C 40 -14.77 -4.58 -52.81
CA ARG C 40 -16.17 -4.89 -52.54
C ARG C 40 -16.93 -3.63 -52.88
N ASP C 41 -17.98 -3.78 -53.68
CA ASP C 41 -18.77 -2.65 -54.13
C ASP C 41 -19.92 -2.27 -53.21
N ILE C 42 -19.74 -1.19 -52.45
CA ILE C 42 -20.79 -0.72 -51.56
C ILE C 42 -21.31 0.63 -52.01
N SER C 43 -21.11 0.94 -53.29
CA SER C 43 -21.58 2.19 -53.87
C SER C 43 -23.11 2.14 -53.91
N LEU C 44 -23.74 3.31 -54.00
CA LEU C 44 -25.19 3.40 -54.04
C LEU C 44 -25.73 2.55 -55.17
N ALA C 45 -25.20 2.76 -56.38
CA ALA C 45 -25.64 2.01 -57.56
C ALA C 45 -25.38 0.52 -57.40
N GLY C 46 -24.23 0.16 -56.82
CA GLY C 46 -23.90 -1.23 -56.63
C GLY C 46 -24.84 -1.93 -55.68
N ARG C 47 -25.22 -1.24 -54.60
CA ARG C 47 -26.12 -1.81 -53.62
C ARG C 47 -27.54 -1.92 -54.20
N LEU C 48 -27.87 -1.03 -55.13
CA LEU C 48 -29.17 -1.05 -55.79
C LEU C 48 -29.23 -2.24 -56.75
N ILE C 49 -28.13 -2.47 -57.46
CA ILE C 49 -28.05 -3.57 -58.42
C ILE C 49 -28.18 -4.93 -57.75
N ALA C 50 -27.49 -5.11 -56.63
CA ALA C 50 -27.52 -6.38 -55.91
C ALA C 50 -28.84 -6.67 -55.22
N THR C 51 -29.66 -5.65 -55.04
CA THR C 51 -30.94 -5.81 -54.36
C THR C 51 -32.10 -6.28 -55.23
N PHE C 52 -31.98 -6.09 -56.55
CA PHE C 52 -33.04 -6.49 -57.48
C PHE C 52 -32.54 -7.41 -58.59
N PRO C 53 -31.91 -8.54 -58.23
CA PRO C 53 -31.39 -9.50 -59.22
C PRO C 53 -32.42 -9.99 -60.23
N GLU C 54 -33.66 -10.18 -59.78
CA GLU C 54 -34.73 -10.67 -60.65
C GLU C 54 -35.03 -9.77 -61.85
N TYR C 55 -34.75 -8.47 -61.71
CA TYR C 55 -35.00 -7.53 -62.81
C TYR C 55 -33.81 -7.41 -63.75
N LEU C 56 -32.74 -8.15 -63.48
CA LEU C 56 -31.53 -8.04 -64.30
C LEU C 56 -31.10 -9.26 -65.10
N THR C 57 -30.32 -9.00 -66.15
CA THR C 57 -29.78 -10.06 -67.00
C THR C 57 -28.61 -10.64 -66.22
N ASP C 58 -28.12 -11.81 -66.63
CA ASP C 58 -27.01 -12.43 -65.93
C ASP C 58 -25.72 -11.61 -66.00
N THR C 59 -25.60 -10.77 -67.03
CA THR C 59 -24.42 -9.93 -67.20
C THR C 59 -24.46 -8.70 -66.29
N GLN C 60 -25.67 -8.31 -65.87
CA GLN C 60 -25.85 -7.14 -65.02
C GLN C 60 -25.75 -7.45 -63.53
N LYS C 61 -26.05 -8.68 -63.16
CA LYS C 61 -26.00 -9.09 -61.76
C LYS C 61 -24.62 -8.96 -61.14
N ILE C 62 -24.59 -8.56 -59.88
CA ILE C 62 -23.35 -8.42 -59.13
C ILE C 62 -23.62 -8.97 -57.74
N SER C 63 -22.56 -9.45 -57.07
CA SER C 63 -22.71 -10.00 -55.74
C SER C 63 -23.09 -8.94 -54.71
N ASP C 64 -23.88 -9.35 -53.72
CA ASP C 64 -24.33 -8.47 -52.64
C ASP C 64 -23.14 -8.26 -51.68
N ASP C 65 -22.24 -7.36 -52.05
CA ASP C 65 -21.05 -7.12 -51.24
C ASP C 65 -21.28 -6.54 -49.86
N LEU C 66 -22.36 -5.78 -49.66
CA LEU C 66 -22.62 -5.22 -48.33
C LEU C 66 -22.90 -6.35 -47.35
N ALA C 67 -23.75 -7.28 -47.77
CA ALA C 67 -24.10 -8.42 -46.92
C ALA C 67 -22.87 -9.27 -46.67
N GLU C 68 -22.02 -9.39 -47.69
CA GLU C 68 -20.80 -10.18 -47.59
C GLU C 68 -19.83 -9.54 -46.61
N LEU C 69 -19.71 -8.22 -46.66
CA LEU C 69 -18.81 -7.51 -45.75
C LEU C 69 -19.26 -7.70 -44.30
N GLY C 70 -20.56 -7.73 -44.08
CA GLY C 70 -21.09 -7.92 -42.74
C GLY C 70 -20.65 -9.25 -42.16
N LYS C 71 -20.69 -10.29 -42.99
CA LYS C 71 -20.28 -11.62 -42.54
C LYS C 71 -18.78 -11.59 -42.28
N LEU C 72 -18.02 -11.05 -43.23
CA LEU C 72 -16.58 -10.95 -43.10
C LEU C 72 -16.21 -10.24 -41.81
N ALA C 73 -16.90 -9.15 -41.51
CA ALA C 73 -16.64 -8.37 -40.31
C ALA C 73 -16.87 -9.14 -39.02
N THR C 74 -17.48 -10.32 -39.12
CA THR C 74 -17.74 -11.14 -37.95
C THR C 74 -16.73 -12.27 -37.79
N THR C 75 -15.65 -12.20 -38.58
CA THR C 75 -14.61 -13.23 -38.52
C THR C 75 -13.24 -12.62 -38.15
N PRO C 76 -12.33 -13.45 -37.61
CA PRO C 76 -10.98 -13.07 -37.19
C PRO C 76 -10.07 -12.44 -38.25
N ASP C 77 -10.12 -12.99 -39.47
CA ASP C 77 -9.27 -12.52 -40.56
C ASP C 77 -9.73 -11.22 -41.23
N ALA C 78 -10.80 -10.64 -40.72
CA ALA C 78 -11.33 -9.40 -41.30
C ALA C 78 -10.32 -8.26 -41.27
N ASN C 79 -10.13 -7.62 -42.42
CA ASN C 79 -9.24 -6.47 -42.55
C ASN C 79 -9.87 -5.61 -43.62
N ILE C 80 -10.63 -4.60 -43.20
CA ILE C 80 -11.35 -3.76 -44.15
C ILE C 80 -11.01 -2.27 -44.08
N ILE C 81 -10.81 -1.67 -45.25
CA ILE C 81 -10.54 -0.24 -45.36
C ILE C 81 -11.83 0.32 -45.97
N LYS C 82 -12.55 1.11 -45.17
CA LYS C 82 -13.83 1.69 -45.58
C LYS C 82 -13.77 3.18 -45.89
N LEU C 83 -14.08 3.54 -47.14
CA LEU C 83 -14.08 4.93 -47.55
C LEU C 83 -15.47 5.54 -47.42
N PRO C 84 -15.56 6.87 -47.34
CA PRO C 84 -16.87 7.52 -47.21
C PRO C 84 -17.79 7.11 -48.36
N ASN C 85 -19.07 6.90 -48.05
CA ASN C 85 -20.02 6.52 -49.07
C ASN C 85 -21.32 7.30 -48.89
N ILE C 86 -22.24 7.11 -49.81
CA ILE C 86 -23.51 7.84 -49.76
C ILE C 86 -24.60 7.22 -48.88
N SER C 87 -25.22 8.07 -48.08
CA SER C 87 -26.36 7.68 -47.24
C SER C 87 -27.47 8.39 -48.02
N ALA C 88 -27.93 7.70 -49.04
CA ALA C 88 -28.93 8.20 -49.99
C ALA C 88 -30.20 8.85 -49.48
N SER C 89 -30.48 10.01 -50.05
CA SER C 89 -31.71 10.73 -49.75
C SER C 89 -32.62 10.22 -50.88
N VAL C 90 -33.91 10.52 -50.83
CA VAL C 90 -34.81 10.08 -51.87
C VAL C 90 -34.33 10.62 -53.23
N PRO C 91 -34.00 11.92 -53.29
CA PRO C 91 -33.52 12.48 -54.55
C PRO C 91 -32.34 11.70 -55.11
N GLN C 92 -31.39 11.36 -54.24
CA GLN C 92 -30.21 10.61 -54.68
C GLN C 92 -30.57 9.21 -55.14
N LEU C 93 -31.50 8.57 -54.44
CA LEU C 93 -31.94 7.23 -54.78
C LEU C 93 -32.59 7.20 -56.16
N LYS C 94 -33.44 8.20 -56.42
CA LYS C 94 -34.12 8.29 -57.72
C LYS C 94 -33.14 8.56 -58.85
N ALA C 95 -32.19 9.46 -58.60
CA ALA C 95 -31.18 9.80 -59.61
C ALA C 95 -30.35 8.58 -59.96
N ALA C 96 -30.03 7.77 -58.95
CA ALA C 96 -29.24 6.56 -59.16
C ALA C 96 -30.07 5.53 -59.92
N ILE C 97 -31.33 5.40 -59.55
CA ILE C 97 -32.22 4.45 -60.22
C ILE C 97 -32.33 4.82 -61.69
N LYS C 98 -32.58 6.10 -61.96
CA LYS C 98 -32.71 6.59 -63.33
C LYS C 98 -31.45 6.39 -64.17
N GLU C 99 -30.28 6.65 -63.58
CA GLU C 99 -29.04 6.47 -64.32
C GLU C 99 -28.90 5.01 -64.74
N LEU C 100 -29.19 4.10 -63.81
CA LEU C 100 -29.10 2.68 -64.08
C LEU C 100 -30.11 2.23 -65.12
N GLN C 101 -31.33 2.78 -65.06
CA GLN C 101 -32.36 2.43 -66.03
C GLN C 101 -31.92 2.83 -67.43
N GLN C 102 -31.31 4.01 -67.54
CA GLN C 102 -30.85 4.51 -68.84
C GLN C 102 -29.70 3.65 -69.37
N GLN C 103 -29.02 2.94 -68.47
CA GLN C 103 -27.89 2.09 -68.87
C GLN C 103 -28.35 0.67 -69.18
N GLY C 104 -29.64 0.42 -69.15
CA GLY C 104 -30.14 -0.91 -69.46
C GLY C 104 -30.62 -1.74 -68.29
N TYR C 105 -30.43 -1.25 -67.08
CA TYR C 105 -30.87 -1.99 -65.90
C TYR C 105 -32.35 -1.72 -65.69
N LYS C 106 -33.17 -2.75 -65.86
CA LYS C 106 -34.62 -2.63 -65.72
C LYS C 106 -35.11 -2.64 -64.26
N LEU C 107 -34.51 -1.81 -63.44
CA LEU C 107 -34.90 -1.71 -62.04
C LEU C 107 -36.23 -0.98 -62.00
N PRO C 108 -37.09 -1.33 -61.02
CA PRO C 108 -38.39 -0.66 -60.91
C PRO C 108 -38.23 0.76 -60.38
N ASP C 109 -39.18 1.63 -60.71
CA ASP C 109 -39.13 3.01 -60.24
C ASP C 109 -39.35 3.02 -58.74
N TYR C 110 -38.92 4.08 -58.08
CA TYR C 110 -39.13 4.21 -56.63
C TYR C 110 -40.53 4.80 -56.45
N PRO C 111 -41.46 4.03 -55.89
CA PRO C 111 -42.82 4.53 -55.69
C PRO C 111 -42.96 5.28 -54.37
N GLU C 112 -43.01 6.61 -54.44
CA GLU C 112 -43.14 7.44 -53.25
C GLU C 112 -44.50 7.24 -52.57
N GLU C 113 -45.54 7.05 -53.36
CA GLU C 113 -46.88 6.83 -52.83
C GLU C 113 -47.50 5.57 -53.42
N PRO C 114 -47.03 4.40 -52.97
CA PRO C 114 -47.51 3.09 -53.43
C PRO C 114 -49.00 2.91 -53.28
N LYS C 115 -49.65 2.35 -54.31
CA LYS C 115 -51.08 2.11 -54.28
C LYS C 115 -51.37 0.67 -54.71
N THR C 116 -50.31 -0.09 -55.00
CA THR C 116 -50.45 -1.48 -55.41
C THR C 116 -49.47 -2.34 -54.62
N ASP C 117 -49.77 -3.64 -54.52
CA ASP C 117 -48.90 -4.56 -53.78
C ASP C 117 -47.47 -4.52 -54.29
N THR C 118 -47.33 -4.47 -55.62
CA THR C 118 -46.00 -4.45 -56.22
C THR C 118 -45.23 -3.19 -55.83
N GLU C 119 -45.87 -2.03 -55.91
CA GLU C 119 -45.22 -0.78 -55.56
C GLU C 119 -44.83 -0.76 -54.09
N LYS C 120 -45.69 -1.32 -53.24
CA LYS C 120 -45.42 -1.36 -51.81
C LYS C 120 -44.22 -2.23 -51.49
N ASP C 121 -44.11 -3.39 -52.14
CA ASP C 121 -42.98 -4.27 -51.90
C ASP C 121 -41.69 -3.65 -52.43
N VAL C 122 -41.78 -3.01 -53.60
CA VAL C 122 -40.62 -2.37 -54.20
C VAL C 122 -40.14 -1.20 -53.34
N LYS C 123 -41.07 -0.37 -52.88
CA LYS C 123 -40.69 0.77 -52.02
C LYS C 123 -40.02 0.27 -50.74
N ALA C 124 -40.54 -0.81 -50.18
CA ALA C 124 -39.99 -1.37 -48.96
C ALA C 124 -38.55 -1.84 -49.20
N ARG C 125 -38.33 -2.45 -50.35
CA ARG C 125 -37.01 -2.96 -50.73
C ARG C 125 -36.05 -1.79 -50.84
N TYR C 126 -36.43 -0.77 -51.61
CA TYR C 126 -35.62 0.42 -51.81
C TYR C 126 -35.32 1.19 -50.53
N ASP C 127 -36.32 1.29 -49.64
CA ASP C 127 -36.12 2.02 -48.39
C ASP C 127 -35.04 1.42 -47.50
N LYS C 128 -34.75 0.14 -47.68
CA LYS C 128 -33.72 -0.50 -46.88
C LYS C 128 -32.35 -0.17 -47.45
N ILE C 129 -32.34 0.35 -48.67
CA ILE C 129 -31.08 0.70 -49.33
C ILE C 129 -30.71 2.17 -49.12
N LYS C 130 -31.70 3.04 -49.01
CA LYS C 130 -31.44 4.46 -48.82
C LYS C 130 -31.09 4.77 -47.37
N GLY C 131 -30.56 5.96 -47.14
CA GLY C 131 -30.20 6.34 -45.79
C GLY C 131 -28.85 5.78 -45.38
N SER C 132 -28.57 5.82 -44.07
CA SER C 132 -27.32 5.33 -43.52
C SER C 132 -27.39 3.81 -43.41
N ALA C 133 -27.20 3.13 -44.54
CA ALA C 133 -27.30 1.67 -44.60
C ALA C 133 -26.00 0.88 -44.44
N VAL C 134 -24.85 1.52 -44.67
CA VAL C 134 -23.58 0.82 -44.59
C VAL C 134 -22.96 0.69 -43.19
N ASN C 135 -22.79 1.80 -42.49
CA ASN C 135 -22.19 1.77 -41.15
C ASN C 135 -22.80 0.75 -40.17
N PRO C 136 -24.12 0.64 -40.12
CA PRO C 136 -24.74 -0.32 -39.20
C PRO C 136 -24.28 -1.76 -39.43
N VAL C 137 -23.98 -2.10 -40.68
CA VAL C 137 -23.55 -3.44 -41.03
C VAL C 137 -22.05 -3.70 -40.82
N LEU C 138 -21.22 -2.70 -41.09
CA LEU C 138 -19.77 -2.87 -40.94
C LEU C 138 -19.24 -2.65 -39.53
N ARG C 139 -19.92 -1.82 -38.74
CA ARG C 139 -19.47 -1.52 -37.41
C ARG C 139 -19.75 -2.60 -36.36
N GLU C 140 -19.04 -3.72 -36.49
CA GLU C 140 -19.16 -4.84 -35.56
C GLU C 140 -18.03 -4.72 -34.56
N GLY C 141 -17.82 -3.50 -34.06
CA GLY C 141 -16.77 -3.25 -33.10
C GLY C 141 -16.93 -1.83 -32.57
N ASN C 142 -16.06 -1.44 -31.64
CA ASN C 142 -16.14 -0.11 -31.08
C ASN C 142 -15.20 0.86 -31.79
N SER C 143 -15.27 2.12 -31.41
CA SER C 143 -14.50 3.17 -32.07
C SER C 143 -13.28 3.76 -31.39
N ASP C 144 -12.17 3.80 -32.12
CA ASP C 144 -10.93 4.38 -31.65
C ASP C 144 -10.62 5.48 -32.66
N ARG C 145 -11.22 6.64 -32.44
CA ARG C 145 -11.04 7.79 -33.31
C ARG C 145 -10.16 8.86 -32.70
N ARG C 146 -9.20 9.33 -33.50
CA ARG C 146 -8.27 10.35 -33.04
C ARG C 146 -7.39 10.76 -34.21
N ALA C 147 -6.93 12.00 -34.18
CA ALA C 147 -6.07 12.50 -35.23
C ALA C 147 -4.66 11.97 -34.99
N PRO C 148 -3.91 11.70 -36.06
CA PRO C 148 -2.54 11.19 -35.92
C PRO C 148 -1.65 12.28 -35.33
N LEU C 149 -0.60 11.89 -34.62
CA LEU C 149 0.29 12.87 -34.02
C LEU C 149 0.82 13.83 -35.09
N SER C 150 1.06 13.29 -36.28
CA SER C 150 1.57 14.07 -37.40
C SER C 150 0.62 15.22 -37.77
N VAL C 151 -0.68 14.93 -37.71
CA VAL C 151 -1.70 15.92 -38.03
C VAL C 151 -1.84 16.96 -36.92
N LYS C 152 -1.72 16.52 -35.68
CA LYS C 152 -1.83 17.43 -34.54
C LYS C 152 -0.66 18.43 -34.59
N ASN C 153 0.55 17.90 -34.79
CA ASN C 153 1.74 18.74 -34.84
C ASN C 153 1.70 19.74 -36.00
N TYR C 154 1.19 19.30 -37.15
CA TYR C 154 1.10 20.19 -38.30
C TYR C 154 0.20 21.37 -37.98
N ALA C 155 -0.97 21.07 -37.41
CA ALA C 155 -1.93 22.10 -37.05
C ALA C 155 -1.32 23.05 -36.03
N ARG C 156 -0.63 22.46 -35.06
CA ARG C 156 0.01 23.22 -33.99
C ARG C 156 0.99 24.26 -34.56
N LYS C 157 1.67 23.90 -35.63
CA LYS C 157 2.64 24.79 -36.26
C LYS C 157 2.01 25.65 -37.36
N HIS C 158 0.86 25.21 -37.84
CA HIS C 158 0.14 25.94 -38.89
C HIS C 158 -1.28 26.20 -38.42
N PRO C 159 -1.42 27.06 -37.40
CA PRO C 159 -2.70 27.43 -36.79
C PRO C 159 -3.77 27.88 -37.79
N HIS C 160 -4.94 27.26 -37.69
CA HIS C 160 -6.06 27.60 -38.56
C HIS C 160 -6.78 28.78 -37.89
N LYS C 161 -7.61 29.48 -38.64
CA LYS C 161 -8.34 30.61 -38.09
C LYS C 161 -9.39 30.16 -37.08
N MET C 162 -9.50 30.91 -35.99
CA MET C 162 -10.48 30.64 -34.95
C MET C 162 -11.20 31.94 -34.63
N GLY C 163 -12.51 31.98 -34.92
CA GLY C 163 -13.27 33.18 -34.65
C GLY C 163 -13.16 33.67 -33.22
N ALA C 164 -12.98 34.98 -33.07
CA ALA C 164 -12.86 35.57 -31.74
C ALA C 164 -14.19 35.46 -31.02
N TRP C 165 -14.12 35.17 -29.73
CA TRP C 165 -15.32 35.05 -28.90
C TRP C 165 -15.49 36.22 -27.96
N SER C 166 -16.72 36.71 -27.88
CA SER C 166 -17.04 37.84 -27.00
C SER C 166 -17.84 37.35 -25.80
N ALA C 167 -17.54 37.91 -24.63
CA ALA C 167 -18.26 37.55 -23.41
C ALA C 167 -19.70 38.04 -23.52
N ASP C 168 -19.96 38.96 -24.44
CA ASP C 168 -21.29 39.52 -24.61
C ASP C 168 -22.12 38.73 -25.63
N SER C 169 -21.53 37.68 -26.18
CA SER C 169 -22.22 36.85 -27.16
C SER C 169 -23.61 36.44 -26.70
N LYS C 170 -24.56 36.47 -27.63
CA LYS C 170 -25.95 36.10 -27.32
C LYS C 170 -26.23 34.65 -27.69
N SER C 171 -25.26 34.00 -28.33
CA SER C 171 -25.41 32.60 -28.76
C SER C 171 -25.57 31.63 -27.60
N HIS C 172 -26.41 30.62 -27.82
CA HIS C 172 -26.66 29.62 -26.81
C HIS C 172 -27.43 28.45 -27.40
N VAL C 173 -27.52 27.36 -26.64
CA VAL C 173 -28.26 26.20 -27.08
C VAL C 173 -29.60 26.28 -26.38
N ALA C 174 -30.67 26.01 -27.12
CA ALA C 174 -32.01 26.03 -26.55
C ALA C 174 -32.50 24.59 -26.54
N HIS C 175 -32.88 24.10 -25.37
CA HIS C 175 -33.37 22.74 -25.22
C HIS C 175 -34.62 22.71 -24.36
N MET C 176 -35.35 21.61 -24.41
CA MET C 176 -36.57 21.48 -23.62
C MET C 176 -36.23 21.33 -22.15
N ASP C 177 -37.21 21.61 -21.29
CA ASP C 177 -37.02 21.51 -19.84
C ASP C 177 -37.75 20.28 -19.32
N ASN C 178 -38.58 19.69 -20.17
CA ASN C 178 -39.33 18.49 -19.81
C ASN C 178 -40.09 17.97 -21.03
N GLY C 179 -40.65 16.77 -20.90
CA GLY C 179 -41.40 16.20 -22.00
C GLY C 179 -40.53 15.70 -23.14
N ASP C 180 -39.24 15.53 -22.89
CA ASP C 180 -38.32 15.04 -23.91
C ASP C 180 -37.87 13.62 -23.60
N PHE C 181 -37.04 13.05 -24.48
CA PHE C 181 -36.53 11.69 -24.29
C PHE C 181 -35.74 11.61 -22.98
N TYR C 182 -34.87 12.59 -22.77
CA TYR C 182 -34.04 12.66 -21.57
C TYR C 182 -34.86 12.52 -20.29
N GLY C 183 -35.95 13.26 -20.21
CA GLY C 183 -36.78 13.23 -19.01
C GLY C 183 -37.72 12.06 -18.82
N SER C 184 -37.88 11.21 -19.83
CA SER C 184 -38.78 10.07 -19.71
C SER C 184 -38.10 8.72 -19.87
N GLU C 185 -36.78 8.72 -19.94
CA GLU C 185 -36.02 7.49 -20.13
C GLU C 185 -36.19 6.52 -18.97
N LYS C 186 -36.45 5.26 -19.31
CA LYS C 186 -36.62 4.18 -18.34
C LYS C 186 -35.84 2.99 -18.89
N ALA C 187 -35.02 2.36 -18.04
CA ALA C 187 -34.21 1.23 -18.48
C ALA C 187 -34.46 -0.06 -17.72
N ALA C 188 -34.09 -1.18 -18.34
CA ALA C 188 -34.25 -2.50 -17.75
C ALA C 188 -33.11 -3.41 -18.20
N LEU C 189 -32.60 -4.22 -17.29
CA LEU C 189 -31.51 -5.14 -17.59
C LEU C 189 -32.06 -6.54 -17.88
N ILE C 190 -31.91 -6.99 -19.12
CA ILE C 190 -32.40 -8.30 -19.51
C ILE C 190 -31.67 -9.39 -18.72
N GLY C 191 -32.43 -10.39 -18.26
CA GLY C 191 -31.83 -11.46 -17.47
C GLY C 191 -31.49 -12.70 -18.26
N ALA C 192 -32.29 -13.04 -19.26
CA ALA C 192 -32.05 -14.22 -20.06
C ALA C 192 -32.44 -14.00 -21.52
N PRO C 193 -31.88 -14.81 -22.43
CA PRO C 193 -32.18 -14.69 -23.86
C PRO C 193 -33.67 -14.86 -24.14
N GLY C 194 -34.13 -14.21 -25.20
CA GLY C 194 -35.54 -14.31 -25.57
C GLY C 194 -35.92 -13.17 -26.49
N SER C 195 -37.13 -12.66 -26.33
CA SER C 195 -37.59 -11.54 -27.15
C SER C 195 -38.67 -10.78 -26.41
N VAL C 196 -38.68 -9.46 -26.60
CA VAL C 196 -39.67 -8.62 -25.94
C VAL C 196 -40.76 -8.22 -26.92
N LYS C 197 -41.91 -7.83 -26.38
CA LYS C 197 -43.05 -7.41 -27.18
C LYS C 197 -43.34 -5.94 -26.91
N ILE C 198 -43.58 -5.19 -27.99
CA ILE C 198 -43.89 -3.76 -27.86
C ILE C 198 -45.31 -3.54 -28.36
N GLU C 199 -46.21 -3.19 -27.44
CA GLU C 199 -47.59 -2.96 -27.82
C GLU C 199 -48.16 -1.74 -27.11
N LEU C 200 -49.10 -1.08 -27.77
CA LEU C 200 -49.75 0.10 -27.22
C LEU C 200 -51.10 -0.28 -26.63
N ILE C 201 -51.30 0.06 -25.36
CA ILE C 201 -52.56 -0.23 -24.69
C ILE C 201 -53.33 1.08 -24.53
N ALA C 202 -54.37 1.26 -25.35
CA ALA C 202 -55.17 2.46 -25.32
C ALA C 202 -56.04 2.56 -24.07
N LYS C 203 -56.55 3.77 -23.82
CA LYS C 203 -57.39 4.04 -22.66
C LYS C 203 -58.56 3.07 -22.58
N ASP C 204 -59.28 2.92 -23.69
CA ASP C 204 -60.44 2.04 -23.74
C ASP C 204 -60.07 0.56 -23.70
N GLY C 205 -58.88 0.26 -23.20
CA GLY C 205 -58.44 -1.12 -23.12
C GLY C 205 -57.89 -1.64 -24.44
N SER C 206 -58.08 -0.86 -25.50
CA SER C 206 -57.60 -1.24 -26.83
C SER C 206 -56.12 -1.61 -26.80
N SER C 207 -55.70 -2.41 -27.78
CA SER C 207 -54.31 -2.84 -27.87
C SER C 207 -53.83 -2.79 -29.32
N THR C 208 -52.67 -2.17 -29.52
CA THR C 208 -52.09 -2.07 -30.85
C THR C 208 -50.62 -2.50 -30.81
N VAL C 209 -50.34 -3.65 -31.40
CA VAL C 209 -48.98 -4.17 -31.42
C VAL C 209 -48.10 -3.31 -32.32
N LEU C 210 -47.07 -2.71 -31.73
CA LEU C 210 -46.15 -1.86 -32.46
C LEU C 210 -45.03 -2.70 -33.10
N LYS C 211 -44.52 -3.67 -32.35
CA LYS C 211 -43.46 -4.55 -32.82
C LYS C 211 -43.61 -5.90 -32.13
N ALA C 212 -44.16 -6.87 -32.85
CA ALA C 212 -44.40 -8.20 -32.32
C ALA C 212 -43.21 -8.81 -31.57
N LYS C 213 -42.07 -8.94 -32.24
CA LYS C 213 -40.90 -9.54 -31.60
C LYS C 213 -39.60 -8.77 -31.79
N THR C 214 -38.78 -8.77 -30.74
CA THR C 214 -37.48 -8.10 -30.74
C THR C 214 -36.54 -8.92 -29.85
N SER C 215 -35.69 -9.71 -30.49
CA SER C 215 -34.74 -10.56 -29.78
C SER C 215 -33.87 -9.78 -28.81
N VAL C 216 -33.72 -10.33 -27.60
CA VAL C 216 -32.89 -9.73 -26.57
C VAL C 216 -31.93 -10.77 -26.01
N GLN C 217 -30.75 -10.32 -25.60
CA GLN C 217 -29.75 -11.22 -25.05
C GLN C 217 -29.69 -11.03 -23.55
N ALA C 218 -29.01 -11.95 -22.86
CA ALA C 218 -28.87 -11.85 -21.43
C ALA C 218 -27.87 -10.73 -21.12
N GLY C 219 -28.18 -9.92 -20.11
CA GLY C 219 -27.30 -8.83 -19.74
C GLY C 219 -27.43 -7.60 -20.63
N GLU C 220 -28.26 -7.71 -21.68
CA GLU C 220 -28.45 -6.60 -22.59
C GLU C 220 -29.29 -5.52 -21.92
N ILE C 221 -28.94 -4.26 -22.19
CA ILE C 221 -29.66 -3.13 -21.62
C ILE C 221 -30.66 -2.58 -22.63
N ILE C 222 -31.90 -2.42 -22.20
CA ILE C 222 -32.93 -1.86 -23.07
C ILE C 222 -33.59 -0.71 -22.34
N ASP C 223 -33.98 0.32 -23.10
CA ASP C 223 -34.62 1.47 -22.49
C ASP C 223 -35.56 2.19 -23.43
N SER C 224 -36.65 2.70 -22.87
CA SER C 224 -37.65 3.43 -23.63
C SER C 224 -37.62 4.89 -23.18
N SER C 225 -38.10 5.76 -24.06
CA SER C 225 -38.17 7.18 -23.78
C SER C 225 -39.19 7.75 -24.75
N VAL C 226 -39.69 8.94 -24.47
CA VAL C 226 -40.68 9.54 -25.35
C VAL C 226 -40.55 11.04 -25.44
N MET C 227 -40.75 11.56 -26.65
CA MET C 227 -40.70 12.99 -26.90
C MET C 227 -42.15 13.44 -27.01
N SER C 228 -42.59 14.27 -26.08
CA SER C 228 -43.97 14.75 -26.08
C SER C 228 -44.21 15.78 -27.18
N LYS C 229 -45.19 15.50 -28.04
CA LYS C 229 -45.53 16.38 -29.13
C LYS C 229 -45.98 17.74 -28.58
N ASN C 230 -46.84 17.70 -27.57
CA ASN C 230 -47.34 18.91 -26.95
C ASN C 230 -46.23 19.72 -26.30
N ALA C 231 -45.35 19.04 -25.58
CA ALA C 231 -44.24 19.71 -24.93
C ALA C 231 -43.29 20.29 -25.96
N LEU C 232 -43.06 19.55 -27.04
CA LEU C 232 -42.17 20.02 -28.09
C LEU C 232 -42.76 21.25 -28.78
N ARG C 233 -44.06 21.20 -29.07
CA ARG C 233 -44.72 22.32 -29.72
C ARG C 233 -44.64 23.57 -28.84
N ASN C 234 -45.00 23.44 -27.58
CA ASN C 234 -44.97 24.55 -26.64
C ASN C 234 -43.56 25.14 -26.59
N PHE C 235 -42.57 24.26 -26.58
CA PHE C 235 -41.16 24.66 -26.54
C PHE C 235 -40.73 25.43 -27.79
N ILE C 236 -41.12 24.91 -28.95
CA ILE C 236 -40.78 25.56 -30.21
C ILE C 236 -41.36 26.97 -30.25
N ALA C 237 -42.62 27.09 -29.86
CA ALA C 237 -43.30 28.39 -29.85
C ALA C 237 -42.58 29.38 -28.95
N ALA C 238 -42.23 28.92 -27.76
CA ALA C 238 -41.52 29.76 -26.79
C ALA C 238 -40.16 30.21 -27.32
N GLU C 239 -39.43 29.28 -27.92
CA GLU C 239 -38.10 29.60 -28.44
C GLU C 239 -38.14 30.52 -29.64
N ILE C 240 -39.14 30.35 -30.51
CA ILE C 240 -39.26 31.21 -31.67
C ILE C 240 -39.42 32.65 -31.19
N GLU C 241 -40.32 32.85 -30.22
CA GLU C 241 -40.56 34.19 -29.70
C GLU C 241 -39.38 34.77 -28.95
N ASP C 242 -38.61 33.91 -28.26
CA ASP C 242 -37.46 34.40 -27.54
C ASP C 242 -36.36 34.82 -28.50
N ALA C 243 -36.23 34.08 -29.60
CA ALA C 243 -35.21 34.38 -30.59
C ALA C 243 -35.51 35.75 -31.20
N LYS C 244 -36.79 36.04 -31.37
CA LYS C 244 -37.20 37.31 -31.92
C LYS C 244 -36.91 38.42 -30.90
N LYS C 245 -37.20 38.16 -29.64
CA LYS C 245 -36.96 39.14 -28.58
C LYS C 245 -35.48 39.50 -28.48
N GLN C 246 -34.62 38.50 -28.47
CA GLN C 246 -33.19 38.72 -28.36
C GLN C 246 -32.52 39.16 -29.66
N GLY C 247 -33.23 39.01 -30.76
CA GLY C 247 -32.69 39.41 -32.05
C GLY C 247 -31.56 38.51 -32.51
N VAL C 248 -31.72 37.21 -32.30
CA VAL C 248 -30.71 36.24 -32.72
C VAL C 248 -31.29 35.34 -33.80
N LEU C 249 -30.40 34.74 -34.59
CA LEU C 249 -30.81 33.84 -35.65
C LEU C 249 -31.32 32.55 -35.04
N LEU C 250 -32.39 31.99 -35.61
CA LEU C 250 -32.93 30.74 -35.11
C LEU C 250 -32.36 29.61 -35.94
N SER C 251 -31.67 28.67 -35.29
CA SER C 251 -31.10 27.53 -36.00
C SER C 251 -31.60 26.24 -35.34
N VAL C 252 -31.54 25.15 -36.10
CA VAL C 252 -31.98 23.84 -35.64
C VAL C 252 -30.90 22.83 -35.98
N HIS C 253 -30.48 22.04 -34.99
CA HIS C 253 -29.42 21.07 -35.20
C HIS C 253 -29.84 19.64 -34.84
N LEU C 254 -30.17 18.87 -35.88
CA LEU C 254 -30.59 17.48 -35.71
C LEU C 254 -29.71 16.55 -36.53
N LYS C 255 -30.05 15.26 -36.51
CA LYS C 255 -29.32 14.22 -37.23
C LYS C 255 -30.39 13.49 -38.05
N ALA C 256 -31.06 14.25 -38.93
CA ALA C 256 -32.16 13.75 -39.74
C ALA C 256 -31.93 12.51 -40.61
N THR C 257 -30.81 12.47 -41.33
CA THR C 257 -30.54 11.33 -42.20
C THR C 257 -30.37 10.00 -41.46
N MET C 258 -29.56 10.00 -40.40
CA MET C 258 -29.33 8.78 -39.64
C MET C 258 -30.51 8.44 -38.71
N MET C 259 -30.99 9.42 -37.96
CA MET C 259 -32.12 9.21 -37.06
C MET C 259 -33.38 9.42 -37.90
N LYS C 260 -33.52 8.59 -38.92
CA LYS C 260 -34.61 8.67 -39.90
C LYS C 260 -36.07 8.72 -39.44
N VAL C 261 -36.35 8.32 -38.21
CA VAL C 261 -37.72 8.35 -37.74
C VAL C 261 -38.00 9.50 -36.78
N SER C 262 -37.16 9.64 -35.77
CA SER C 262 -37.33 10.68 -34.75
C SER C 262 -37.07 12.13 -35.17
N ASP C 263 -35.91 12.39 -35.75
CA ASP C 263 -35.54 13.75 -36.13
C ASP C 263 -36.39 14.37 -37.23
N PRO C 264 -36.74 13.60 -38.28
CA PRO C 264 -37.57 14.25 -39.31
C PRO C 264 -38.91 14.68 -38.69
N ILE C 265 -39.40 13.90 -37.73
CA ILE C 265 -40.66 14.26 -37.07
C ILE C 265 -40.48 15.52 -36.25
N MET C 266 -39.37 15.61 -35.52
CA MET C 266 -39.10 16.81 -34.72
C MET C 266 -38.89 18.01 -35.63
N PHE C 267 -38.16 17.80 -36.73
CA PHE C 267 -37.92 18.87 -37.69
C PHE C 267 -39.27 19.36 -38.21
N GLY C 268 -40.14 18.41 -38.53
CA GLY C 268 -41.46 18.73 -39.03
C GLY C 268 -42.28 19.56 -38.06
N GLN C 269 -42.15 19.29 -36.75
CA GLN C 269 -42.89 20.06 -35.78
C GLN C 269 -42.40 21.50 -35.76
N ILE C 270 -41.09 21.69 -35.94
CA ILE C 270 -40.54 23.04 -35.96
C ILE C 270 -41.05 23.80 -37.18
N VAL C 271 -41.06 23.12 -38.32
CA VAL C 271 -41.56 23.72 -39.55
C VAL C 271 -43.03 24.10 -39.38
N SER C 272 -43.82 23.17 -38.84
CA SER C 272 -45.24 23.40 -38.62
C SER C 272 -45.52 24.66 -37.79
N GLU C 273 -44.80 24.80 -36.68
CA GLU C 273 -44.99 25.95 -35.80
C GLU C 273 -44.46 27.25 -36.41
N PHE C 274 -43.26 27.19 -37.00
CA PHE C 274 -42.67 28.38 -37.62
C PHE C 274 -43.59 28.99 -38.69
N TYR C 275 -44.01 28.17 -39.64
CA TYR C 275 -44.85 28.60 -40.74
C TYR C 275 -46.36 28.40 -40.52
N LYS C 276 -46.76 28.23 -39.27
CA LYS C 276 -48.16 27.98 -38.93
C LYS C 276 -49.21 28.84 -39.65
N ASP C 277 -48.97 30.14 -39.73
CA ASP C 277 -49.93 31.03 -40.39
C ASP C 277 -50.19 30.62 -41.83
N ALA C 278 -49.11 30.42 -42.58
CA ALA C 278 -49.22 30.04 -43.97
C ALA C 278 -49.73 28.62 -44.16
N LEU C 279 -49.20 27.68 -43.39
CA LEU C 279 -49.60 26.28 -43.50
C LEU C 279 -51.06 26.04 -43.14
N THR C 280 -51.57 26.80 -42.18
CA THR C 280 -52.96 26.66 -41.76
C THR C 280 -53.88 27.21 -42.85
N LYS C 281 -53.62 28.44 -43.28
CA LYS C 281 -54.43 29.08 -44.31
C LYS C 281 -54.56 28.24 -45.57
N HIS C 282 -53.47 27.60 -45.99
CA HIS C 282 -53.47 26.79 -47.20
C HIS C 282 -53.49 25.27 -46.94
N ALA C 283 -54.02 24.87 -45.79
CA ALA C 283 -54.06 23.46 -45.44
C ALA C 283 -54.66 22.54 -46.51
N GLU C 284 -55.84 22.91 -47.01
CA GLU C 284 -56.51 22.10 -48.01
C GLU C 284 -55.69 21.86 -49.28
N VAL C 285 -55.15 22.93 -49.86
CA VAL C 285 -54.35 22.75 -51.07
C VAL C 285 -53.02 22.02 -50.80
N LEU C 286 -52.45 22.22 -49.61
CA LEU C 286 -51.20 21.56 -49.25
C LEU C 286 -51.40 20.07 -49.04
N LYS C 287 -52.58 19.69 -48.57
CA LYS C 287 -52.90 18.29 -48.35
C LYS C 287 -53.00 17.58 -49.69
N GLN C 288 -53.57 18.27 -50.68
CA GLN C 288 -53.74 17.71 -52.01
C GLN C 288 -52.43 17.46 -52.76
N ILE C 289 -51.47 18.37 -52.64
CA ILE C 289 -50.21 18.20 -53.33
C ILE C 289 -49.29 17.26 -52.57
N GLY C 290 -49.79 16.73 -51.45
CA GLY C 290 -49.00 15.79 -50.66
C GLY C 290 -47.82 16.38 -49.92
N PHE C 291 -47.96 17.63 -49.47
CA PHE C 291 -46.90 18.31 -48.73
C PHE C 291 -46.57 17.57 -47.44
N ASP C 292 -45.29 17.20 -47.30
CA ASP C 292 -44.82 16.50 -46.12
C ASP C 292 -43.98 17.46 -45.28
N VAL C 293 -44.58 18.00 -44.23
CA VAL C 293 -43.90 18.96 -43.35
C VAL C 293 -42.58 18.40 -42.80
N ASN C 294 -42.49 17.08 -42.65
CA ASN C 294 -41.28 16.45 -42.13
C ASN C 294 -40.12 16.52 -43.10
N ASN C 295 -40.39 16.88 -44.35
CA ASN C 295 -39.31 16.99 -45.33
C ASN C 295 -38.91 18.44 -45.57
N GLY C 296 -39.23 19.31 -44.62
CA GLY C 296 -38.87 20.72 -44.73
C GLY C 296 -39.75 21.57 -45.60
N ILE C 297 -39.58 22.89 -45.50
CA ILE C 297 -40.37 23.83 -46.28
C ILE C 297 -40.01 23.73 -47.76
N GLY C 298 -38.87 23.10 -48.05
CA GLY C 298 -38.45 22.94 -49.42
C GLY C 298 -39.41 22.00 -50.14
N ASP C 299 -40.01 21.08 -49.38
CA ASP C 299 -40.95 20.12 -49.92
C ASP C 299 -42.19 20.86 -50.44
N LEU C 300 -42.52 21.98 -49.79
CA LEU C 300 -43.66 22.79 -50.19
C LEU C 300 -43.38 23.50 -51.50
N TYR C 301 -42.21 24.12 -51.62
CA TYR C 301 -41.88 24.84 -52.84
C TYR C 301 -41.83 23.92 -54.05
N ALA C 302 -41.49 22.66 -53.82
CA ALA C 302 -41.40 21.68 -54.90
C ALA C 302 -42.77 21.23 -55.36
N ARG C 303 -43.67 20.99 -54.41
CA ARG C 303 -45.02 20.51 -54.72
C ARG C 303 -46.03 21.54 -55.20
N ILE C 304 -45.86 22.80 -54.83
CA ILE C 304 -46.82 23.82 -55.25
C ILE C 304 -46.70 24.20 -56.72
N LYS C 305 -45.68 23.68 -57.39
CA LYS C 305 -45.47 23.97 -58.80
C LYS C 305 -46.56 23.37 -59.68
N THR C 306 -47.27 22.37 -59.15
CA THR C 306 -48.34 21.73 -59.89
C THR C 306 -49.67 22.45 -59.66
N LEU C 307 -49.61 23.55 -58.93
CA LEU C 307 -50.80 24.35 -58.64
C LEU C 307 -50.87 25.54 -59.59
N PRO C 308 -52.06 26.14 -59.73
CA PRO C 308 -52.21 27.31 -60.61
C PRO C 308 -51.22 28.41 -60.23
N GLU C 309 -50.75 29.16 -61.22
CA GLU C 309 -49.80 30.25 -60.98
C GLU C 309 -50.26 31.18 -59.87
N ALA C 310 -51.52 31.60 -59.93
CA ALA C 310 -52.08 32.50 -58.92
C ALA C 310 -51.93 31.95 -57.50
N LYS C 311 -52.25 30.67 -57.32
CA LYS C 311 -52.15 30.04 -56.01
C LYS C 311 -50.70 30.05 -55.53
N GLN C 312 -49.78 29.72 -56.42
CA GLN C 312 -48.37 29.72 -56.07
C GLN C 312 -47.95 31.10 -55.58
N LYS C 313 -48.40 32.12 -56.28
CA LYS C 313 -48.08 33.51 -55.91
C LYS C 313 -48.59 33.82 -54.51
N GLU C 314 -49.83 33.42 -54.24
CA GLU C 314 -50.43 33.65 -52.93
C GLU C 314 -49.70 32.91 -51.82
N ILE C 315 -49.35 31.65 -52.06
CA ILE C 315 -48.64 30.85 -51.07
C ILE C 315 -47.25 31.42 -50.80
N GLU C 316 -46.49 31.67 -51.87
CA GLU C 316 -45.15 32.22 -51.71
C GLU C 316 -45.23 33.54 -50.96
N ALA C 317 -46.24 34.35 -51.28
CA ALA C 317 -46.44 35.63 -50.64
C ALA C 317 -46.79 35.50 -49.15
N ASP C 318 -47.58 34.48 -48.81
CA ASP C 318 -47.94 34.30 -47.41
C ASP C 318 -46.77 33.79 -46.58
N ILE C 319 -45.87 33.04 -47.21
CA ILE C 319 -44.70 32.53 -46.49
C ILE C 319 -43.76 33.70 -46.21
N GLN C 320 -43.67 34.63 -47.16
CA GLN C 320 -42.81 35.80 -46.97
C GLN C 320 -43.35 36.64 -45.83
N ALA C 321 -44.68 36.64 -45.66
CA ALA C 321 -45.32 37.38 -44.59
C ALA C 321 -44.95 36.76 -43.24
N VAL C 322 -44.76 35.43 -43.24
CA VAL C 322 -44.38 34.72 -42.02
C VAL C 322 -42.97 35.15 -41.62
N TYR C 323 -42.09 35.24 -42.60
CA TYR C 323 -40.70 35.64 -42.35
C TYR C 323 -40.63 37.04 -41.74
N ALA C 324 -41.62 37.87 -42.07
CA ALA C 324 -41.65 39.23 -41.55
C ALA C 324 -42.06 39.28 -40.08
N GLN C 325 -42.79 38.26 -39.63
CA GLN C 325 -43.26 38.21 -38.26
C GLN C 325 -42.37 37.36 -37.34
N ARG C 326 -41.63 36.43 -37.93
CA ARG C 326 -40.77 35.53 -37.16
C ARG C 326 -39.34 36.02 -37.05
N PRO C 327 -38.56 35.43 -36.14
CA PRO C 327 -37.16 35.85 -36.00
C PRO C 327 -36.50 35.33 -37.26
N GLN C 328 -35.32 35.85 -37.59
CA GLN C 328 -34.63 35.39 -38.79
C GLN C 328 -34.06 34.01 -38.59
N LEU C 329 -34.01 33.23 -39.67
CA LEU C 329 -33.47 31.88 -39.62
C LEU C 329 -32.02 31.83 -40.08
N ALA C 330 -31.27 30.88 -39.53
CA ALA C 330 -29.88 30.70 -39.94
C ALA C 330 -30.04 30.22 -41.38
N MET C 331 -29.12 30.59 -42.25
CA MET C 331 -29.21 30.23 -43.66
C MET C 331 -28.18 29.21 -44.14
N VAL C 332 -28.63 28.28 -44.97
CA VAL C 332 -27.76 27.25 -45.54
C VAL C 332 -27.09 27.89 -46.75
N ASN C 333 -27.86 28.76 -47.42
CA ASN C 333 -27.39 29.49 -48.61
C ASN C 333 -28.23 30.76 -48.69
N SER C 334 -27.69 31.86 -48.17
CA SER C 334 -28.40 33.13 -48.16
C SER C 334 -28.70 33.66 -49.56
N ASP C 335 -27.78 33.45 -50.50
CA ASP C 335 -28.00 33.95 -51.86
C ASP C 335 -29.24 33.33 -52.50
N LYS C 336 -29.46 32.05 -52.27
CA LYS C 336 -30.61 31.37 -52.84
C LYS C 336 -31.80 31.28 -51.88
N GLY C 337 -31.70 31.98 -50.77
CA GLY C 337 -32.77 31.97 -49.79
C GLY C 337 -33.08 30.61 -49.20
N ILE C 338 -32.07 29.75 -49.12
CA ILE C 338 -32.26 28.43 -48.55
C ILE C 338 -32.00 28.55 -47.05
N THR C 339 -33.06 28.34 -46.26
CA THR C 339 -32.95 28.44 -44.80
C THR C 339 -32.63 27.11 -44.14
N ASN C 340 -32.44 27.18 -42.83
CA ASN C 340 -32.14 26.03 -41.99
C ASN C 340 -33.35 25.09 -42.00
N LEU C 341 -34.52 25.62 -42.35
CA LEU C 341 -35.74 24.83 -42.37
C LEU C 341 -36.17 24.31 -43.74
N HIS C 342 -35.36 24.50 -44.76
CA HIS C 342 -35.71 24.03 -46.10
C HIS C 342 -35.59 22.52 -46.27
N VAL C 343 -34.47 21.95 -45.84
CA VAL C 343 -34.26 20.51 -45.94
C VAL C 343 -33.72 19.97 -44.61
N PRO C 344 -34.36 18.91 -44.09
CA PRO C 344 -33.96 18.30 -42.82
C PRO C 344 -32.50 17.83 -42.80
N SER C 345 -32.00 17.40 -43.94
CA SER C 345 -30.64 16.88 -44.04
C SER C 345 -29.52 17.90 -44.27
N ASP C 346 -29.87 19.15 -44.53
CA ASP C 346 -28.85 20.18 -44.77
C ASP C 346 -27.95 20.46 -43.57
N VAL C 347 -28.56 20.69 -42.40
CA VAL C 347 -27.79 20.99 -41.19
C VAL C 347 -27.70 19.75 -40.31
N ILE C 348 -26.49 19.22 -40.15
CA ILE C 348 -26.26 18.02 -39.35
C ILE C 348 -25.49 18.35 -38.06
N VAL C 349 -26.18 18.20 -36.93
CA VAL C 349 -25.63 18.52 -35.61
C VAL C 349 -24.15 18.19 -35.35
N ASP C 350 -23.69 16.99 -35.68
CA ASP C 350 -22.29 16.67 -35.42
C ASP C 350 -21.31 17.62 -36.11
N ALA C 351 -21.70 18.17 -37.25
CA ALA C 351 -20.84 19.08 -37.99
C ALA C 351 -21.21 20.56 -37.82
N SER C 352 -22.50 20.85 -37.75
CA SER C 352 -22.97 22.22 -37.63
C SER C 352 -22.66 22.92 -36.31
N MET C 353 -22.72 22.19 -35.20
CA MET C 353 -22.43 22.83 -33.92
C MET C 353 -20.96 23.22 -33.78
N PRO C 354 -20.03 22.32 -34.13
CA PRO C 354 -18.62 22.68 -34.01
C PRO C 354 -18.27 23.81 -34.98
N ALA C 355 -18.87 23.79 -36.16
CA ALA C 355 -18.63 24.82 -37.17
C ALA C 355 -19.07 26.16 -36.61
N MET C 356 -20.23 26.16 -35.97
CA MET C 356 -20.79 27.36 -35.37
C MET C 356 -19.91 27.83 -34.20
N ILE C 357 -19.54 26.91 -33.32
CA ILE C 357 -18.71 27.26 -32.18
C ILE C 357 -17.39 27.87 -32.61
N ARG C 358 -16.75 27.24 -33.60
CA ARG C 358 -15.48 27.74 -34.11
C ARG C 358 -15.62 29.16 -34.67
N ASP C 359 -16.71 29.41 -35.38
CA ASP C 359 -16.93 30.72 -35.99
C ASP C 359 -17.54 31.77 -35.07
N SER C 360 -16.93 31.94 -33.90
CA SER C 360 -17.40 32.92 -32.92
C SER C 360 -18.81 32.65 -32.41
N GLY C 361 -19.30 31.43 -32.63
CA GLY C 361 -20.64 31.08 -32.18
C GLY C 361 -21.71 31.70 -33.06
N LYS C 362 -21.37 31.94 -34.32
CA LYS C 362 -22.31 32.55 -35.25
C LYS C 362 -22.62 31.67 -36.46
N MET C 363 -23.74 31.97 -37.11
CA MET C 363 -24.16 31.25 -38.31
C MET C 363 -24.59 32.31 -39.33
N TRP C 364 -24.78 31.90 -40.58
CA TRP C 364 -25.16 32.85 -41.64
C TRP C 364 -26.60 33.34 -41.56
N GLY C 365 -26.77 34.64 -41.70
CA GLY C 365 -28.10 35.23 -41.66
C GLY C 365 -28.60 35.54 -43.05
N PRO C 366 -29.87 35.95 -43.19
CA PRO C 366 -30.44 36.28 -44.50
C PRO C 366 -29.61 37.32 -45.27
N ASP C 367 -28.95 38.21 -44.55
CA ASP C 367 -28.14 39.25 -45.18
C ASP C 367 -26.78 38.75 -45.66
N GLY C 368 -26.50 37.47 -45.45
CA GLY C 368 -25.24 36.90 -45.87
C GLY C 368 -24.08 37.17 -44.93
N LYS C 369 -24.38 37.61 -43.71
CA LYS C 369 -23.35 37.91 -42.73
C LYS C 369 -23.54 37.00 -41.51
N LEU C 370 -22.49 36.89 -40.70
CA LEU C 370 -22.55 36.06 -39.49
C LEU C 370 -23.25 36.80 -38.36
N HIS C 371 -24.02 36.06 -37.55
CA HIS C 371 -24.73 36.64 -36.42
C HIS C 371 -24.87 35.60 -35.32
N ASP C 372 -25.09 36.05 -34.08
CA ASP C 372 -25.28 35.14 -32.96
C ASP C 372 -26.54 34.32 -33.20
N THR C 373 -26.60 33.13 -32.62
CA THR C 373 -27.75 32.28 -32.83
C THR C 373 -28.21 31.46 -31.63
N LYS C 374 -29.50 31.14 -31.64
CA LYS C 374 -30.11 30.29 -30.63
C LYS C 374 -30.12 28.93 -31.31
N ALA C 375 -29.19 28.06 -30.95
CA ALA C 375 -29.11 26.74 -31.55
C ALA C 375 -30.10 25.79 -30.89
N VAL C 376 -31.15 25.44 -31.61
CA VAL C 376 -32.17 24.55 -31.07
C VAL C 376 -31.80 23.08 -31.13
N ILE C 377 -31.76 22.47 -29.95
CA ILE C 377 -31.48 21.04 -29.78
C ILE C 377 -32.51 20.67 -28.74
N PRO C 378 -33.70 20.23 -29.18
CA PRO C 378 -34.82 19.83 -28.33
C PRO C 378 -34.50 18.97 -27.11
N ASP C 379 -33.85 17.83 -27.34
CA ASP C 379 -33.55 16.92 -26.24
C ASP C 379 -32.32 17.26 -25.40
N ARG C 380 -32.47 17.12 -24.09
CA ARG C 380 -31.43 17.43 -23.11
C ARG C 380 -30.25 16.46 -23.04
N CYS C 381 -30.37 15.28 -23.63
CA CYS C 381 -29.29 14.31 -23.58
C CYS C 381 -27.91 14.86 -23.89
N TYR C 382 -27.77 15.57 -25.01
CA TYR C 382 -26.46 16.08 -25.39
C TYR C 382 -26.39 17.59 -25.59
N ALA C 383 -27.52 18.25 -25.46
CA ALA C 383 -27.56 19.70 -25.62
C ALA C 383 -26.64 20.36 -24.61
N GLY C 384 -26.63 19.83 -23.39
CA GLY C 384 -25.80 20.38 -22.33
C GLY C 384 -24.33 20.49 -22.68
N VAL C 385 -23.79 19.44 -23.30
CA VAL C 385 -22.39 19.42 -23.69
C VAL C 385 -22.02 20.65 -24.51
N TYR C 386 -22.79 20.90 -25.56
CA TYR C 386 -22.53 22.04 -26.43
C TYR C 386 -22.64 23.38 -25.69
N GLN C 387 -23.62 23.46 -24.78
CA GLN C 387 -23.82 24.67 -24.01
C GLN C 387 -22.59 24.97 -23.17
N VAL C 388 -21.99 23.93 -22.61
CA VAL C 388 -20.80 24.08 -21.80
C VAL C 388 -19.66 24.65 -22.65
N VAL C 389 -19.47 24.11 -23.83
CA VAL C 389 -18.42 24.57 -24.73
C VAL C 389 -18.63 26.04 -25.13
N ILE C 390 -19.88 26.41 -25.35
CA ILE C 390 -20.22 27.78 -25.72
C ILE C 390 -19.87 28.75 -24.58
N GLU C 391 -20.35 28.43 -23.38
CA GLU C 391 -20.09 29.26 -22.21
C GLU C 391 -18.59 29.29 -21.89
N ASP C 392 -17.90 28.21 -22.25
CA ASP C 392 -16.45 28.13 -22.00
C ASP C 392 -15.72 29.14 -22.89
N CYS C 393 -16.20 29.28 -24.12
CA CYS C 393 -15.58 30.20 -25.07
C CYS C 393 -15.96 31.66 -24.76
N LYS C 394 -17.15 31.87 -24.20
CA LYS C 394 -17.58 33.22 -23.85
C LYS C 394 -16.69 33.72 -22.71
N GLN C 395 -16.41 32.82 -21.78
CA GLN C 395 -15.60 33.16 -20.61
C GLN C 395 -14.09 33.14 -20.86
N HIS C 396 -13.61 32.14 -21.58
CA HIS C 396 -12.18 32.02 -21.84
C HIS C 396 -11.70 32.35 -23.24
N GLY C 397 -12.62 32.80 -24.11
CA GLY C 397 -12.24 33.14 -25.46
C GLY C 397 -12.00 31.91 -26.33
N ALA C 398 -11.70 32.13 -27.60
CA ALA C 398 -11.47 31.04 -28.55
C ALA C 398 -10.33 30.12 -28.14
N PHE C 399 -10.37 28.88 -28.62
CA PHE C 399 -9.32 27.91 -28.31
C PHE C 399 -8.07 28.28 -29.09
N ASP C 400 -6.91 28.06 -28.48
CA ASP C 400 -5.64 28.35 -29.13
C ASP C 400 -5.05 27.05 -29.66
N PRO C 401 -5.11 26.84 -30.98
CA PRO C 401 -4.58 25.64 -31.63
C PRO C 401 -3.11 25.37 -31.34
N THR C 402 -2.33 26.43 -31.13
CA THR C 402 -0.90 26.29 -30.88
C THR C 402 -0.56 25.71 -29.51
N THR C 403 -1.43 25.89 -28.53
CA THR C 403 -1.15 25.39 -27.18
C THR C 403 -2.14 24.40 -26.59
N MET C 404 -3.33 24.28 -27.18
CA MET C 404 -4.33 23.38 -26.64
C MET C 404 -3.98 21.91 -26.74
N GLY C 405 -4.48 21.13 -25.79
CA GLY C 405 -4.24 19.71 -25.78
C GLY C 405 -5.21 19.00 -26.72
N SER C 406 -5.44 17.71 -26.48
CA SER C 406 -6.34 16.94 -27.33
C SER C 406 -7.28 16.06 -26.53
N VAL C 407 -8.44 15.77 -27.13
CA VAL C 407 -9.43 14.92 -26.49
C VAL C 407 -9.86 13.83 -27.48
N PRO C 408 -9.12 12.71 -27.50
CA PRO C 408 -9.44 11.60 -28.41
C PRO C 408 -10.73 10.95 -27.90
N ASN C 409 -11.27 10.00 -28.65
CA ASN C 409 -12.49 9.34 -28.22
C ASN C 409 -12.50 7.84 -28.40
N VAL C 410 -13.09 7.16 -27.43
CA VAL C 410 -13.25 5.71 -27.44
C VAL C 410 -14.76 5.59 -27.38
N GLY C 411 -15.38 5.28 -28.51
CA GLY C 411 -16.82 5.20 -28.55
C GLY C 411 -17.49 3.84 -28.65
N LEU C 412 -18.61 3.72 -27.95
CA LEU C 412 -19.38 2.49 -27.96
C LEU C 412 -20.32 2.51 -29.17
N MET C 413 -20.16 1.54 -30.07
CA MET C 413 -21.03 1.49 -31.24
C MET C 413 -21.25 0.09 -31.81
N ALA C 414 -20.56 -0.90 -31.24
CA ALA C 414 -20.69 -2.27 -31.71
C ALA C 414 -22.14 -2.76 -31.73
N GLN C 415 -22.53 -3.36 -32.85
CA GLN C 415 -23.87 -3.91 -33.04
C GLN C 415 -25.00 -2.89 -32.91
N LYS C 416 -24.92 -1.81 -33.68
CA LYS C 416 -25.95 -0.78 -33.67
C LYS C 416 -26.37 -0.40 -32.26
N ALA C 417 -25.39 -0.10 -31.42
CA ALA C 417 -25.64 0.27 -30.03
C ALA C 417 -26.40 1.57 -29.83
N GLU C 418 -27.23 1.59 -28.80
CA GLU C 418 -28.01 2.75 -28.41
C GLU C 418 -28.83 3.39 -29.54
N GLU C 419 -28.85 4.72 -29.60
CA GLU C 419 -29.64 5.40 -30.63
C GLU C 419 -29.47 4.90 -32.06
N TYR C 420 -28.25 4.54 -32.44
CA TYR C 420 -28.00 4.06 -33.79
C TYR C 420 -28.83 2.86 -34.24
N GLY C 421 -29.36 2.09 -33.30
CA GLY C 421 -30.16 0.94 -33.68
C GLY C 421 -31.61 1.05 -33.23
N SER C 422 -32.03 2.26 -32.86
CA SER C 422 -33.39 2.50 -32.37
C SER C 422 -34.45 2.76 -33.44
N HIS C 423 -34.02 2.95 -34.68
CA HIS C 423 -34.95 3.25 -35.76
C HIS C 423 -36.14 2.31 -35.92
N ASP C 424 -35.91 1.00 -35.94
CA ASP C 424 -36.99 0.04 -36.09
C ASP C 424 -37.82 -0.13 -34.82
N LYS C 425 -37.47 0.61 -33.79
CA LYS C 425 -38.20 0.54 -32.52
C LYS C 425 -38.68 1.93 -32.14
N THR C 426 -38.90 2.77 -33.15
CA THR C 426 -39.37 4.12 -32.93
C THR C 426 -40.70 4.32 -33.67
N PHE C 427 -41.73 4.69 -32.93
CA PHE C 427 -43.04 4.89 -33.52
C PHE C 427 -43.71 6.17 -33.03
N GLN C 428 -44.46 6.80 -33.91
CA GLN C 428 -45.20 8.00 -33.54
C GLN C 428 -46.52 7.44 -33.01
N ILE C 429 -46.76 7.66 -31.72
CA ILE C 429 -47.97 7.15 -31.06
C ILE C 429 -49.27 7.52 -31.78
N PRO C 430 -50.11 6.50 -32.06
CA PRO C 430 -51.39 6.65 -32.74
C PRO C 430 -52.52 7.15 -31.82
N ALA C 431 -52.49 6.71 -30.57
CA ALA C 431 -53.51 7.09 -29.61
C ALA C 431 -52.97 7.11 -28.19
N ASP C 432 -53.66 7.84 -27.31
CA ASP C 432 -53.27 7.94 -25.91
C ASP C 432 -53.32 6.59 -25.23
N GLY C 433 -52.44 6.39 -24.25
CA GLY C 433 -52.39 5.13 -23.53
C GLY C 433 -51.01 4.89 -22.97
N VAL C 434 -50.62 3.63 -22.89
CA VAL C 434 -49.30 3.28 -22.37
C VAL C 434 -48.64 2.25 -23.27
N VAL C 435 -47.34 2.46 -23.53
CA VAL C 435 -46.58 1.53 -24.35
C VAL C 435 -45.93 0.54 -23.39
N ARG C 436 -46.21 -0.75 -23.59
CA ARG C 436 -45.66 -1.78 -22.74
C ARG C 436 -44.66 -2.67 -23.46
N VAL C 437 -43.58 -3.01 -22.78
CA VAL C 437 -42.55 -3.88 -23.32
C VAL C 437 -42.49 -5.09 -22.39
N THR C 438 -42.88 -6.25 -22.91
CA THR C 438 -42.90 -7.48 -22.12
C THR C 438 -42.11 -8.61 -22.77
N ASP C 439 -41.52 -9.47 -21.95
CA ASP C 439 -40.74 -10.60 -22.46
C ASP C 439 -41.66 -11.76 -22.85
N GLU C 440 -41.05 -12.86 -23.30
CA GLU C 440 -41.81 -14.04 -23.70
C GLU C 440 -42.59 -14.69 -22.58
N SER C 441 -42.21 -14.42 -21.34
CA SER C 441 -42.90 -14.99 -20.19
C SER C 441 -44.10 -14.13 -19.81
N GLY C 442 -44.21 -12.96 -20.44
CA GLY C 442 -45.32 -12.07 -20.16
C GLY C 442 -45.01 -11.03 -19.10
N LYS C 443 -43.76 -11.00 -18.64
CA LYS C 443 -43.33 -10.04 -17.63
C LYS C 443 -43.19 -8.64 -18.21
N LEU C 444 -43.63 -7.63 -17.45
CA LEU C 444 -43.55 -6.25 -17.90
C LEU C 444 -42.22 -5.63 -17.45
N LEU C 445 -41.43 -5.18 -18.42
CA LEU C 445 -40.13 -4.58 -18.13
C LEU C 445 -40.15 -3.06 -18.25
N LEU C 446 -40.80 -2.56 -19.29
CA LEU C 446 -40.89 -1.11 -19.51
C LEU C 446 -42.32 -0.67 -19.78
N GLU C 447 -42.74 0.40 -19.11
CA GLU C 447 -44.09 0.93 -19.29
C GLU C 447 -43.99 2.45 -19.31
N GLN C 448 -44.54 3.06 -20.35
CA GLN C 448 -44.51 4.51 -20.50
C GLN C 448 -45.83 5.08 -21.01
N SER C 449 -46.35 6.06 -20.29
CA SER C 449 -47.60 6.70 -20.71
C SER C 449 -47.26 7.54 -21.93
N VAL C 450 -48.12 7.53 -22.94
CA VAL C 450 -47.89 8.30 -24.14
C VAL C 450 -49.16 8.93 -24.68
N GLU C 451 -48.98 9.95 -25.52
CA GLU C 451 -50.10 10.65 -26.12
C GLU C 451 -50.00 10.59 -27.64
N ALA C 452 -51.15 10.67 -28.31
CA ALA C 452 -51.19 10.62 -29.77
C ALA C 452 -50.22 11.67 -30.32
N GLY C 453 -49.43 11.27 -31.32
CA GLY C 453 -48.49 12.20 -31.92
C GLY C 453 -47.11 12.17 -31.30
N ASP C 454 -47.00 11.52 -30.14
CA ASP C 454 -45.71 11.43 -29.46
C ASP C 454 -44.74 10.53 -30.23
N ILE C 455 -43.46 10.61 -29.86
CA ILE C 455 -42.42 9.79 -30.48
C ILE C 455 -41.85 8.88 -29.40
N TRP C 456 -42.22 7.60 -29.43
CA TRP C 456 -41.73 6.63 -28.45
C TRP C 456 -40.57 5.89 -29.10
N ARG C 457 -39.55 5.57 -28.31
CA ARG C 457 -38.40 4.86 -28.86
C ARG C 457 -37.74 3.94 -27.82
N MET C 458 -37.19 2.84 -28.31
CA MET C 458 -36.49 1.90 -27.44
C MET C 458 -35.10 1.68 -28.02
N CYS C 459 -34.09 1.73 -27.17
CA CYS C 459 -32.72 1.53 -27.62
C CYS C 459 -32.17 0.25 -27.00
N GLN C 460 -31.10 -0.28 -27.59
CA GLN C 460 -30.48 -1.51 -27.11
C GLN C 460 -28.96 -1.36 -27.01
N ALA C 461 -28.41 -1.86 -25.91
CA ALA C 461 -26.98 -1.83 -25.66
C ALA C 461 -26.62 -3.23 -25.18
N LYS C 462 -25.90 -3.99 -26.00
CA LYS C 462 -25.52 -5.34 -25.64
C LYS C 462 -24.27 -5.38 -24.76
N ASP C 463 -24.20 -6.42 -23.93
CA ASP C 463 -23.09 -6.58 -22.99
C ASP C 463 -21.71 -6.84 -23.60
N ALA C 464 -21.64 -7.69 -24.61
CA ALA C 464 -20.34 -7.96 -25.23
C ALA C 464 -19.73 -6.64 -25.68
N PRO C 465 -20.47 -5.85 -26.48
CA PRO C 465 -19.95 -4.55 -26.96
C PRO C 465 -19.44 -3.67 -25.82
N ILE C 466 -20.21 -3.61 -24.74
CA ILE C 466 -19.85 -2.78 -23.60
C ILE C 466 -18.54 -3.25 -22.96
N GLN C 467 -18.39 -4.55 -22.76
CA GLN C 467 -17.16 -5.07 -22.17
C GLN C 467 -15.96 -4.72 -23.06
N ASP C 468 -16.14 -4.88 -24.37
CA ASP C 468 -15.09 -4.59 -25.34
C ASP C 468 -14.74 -3.10 -25.30
N TRP C 469 -15.78 -2.28 -25.12
CA TRP C 469 -15.65 -0.84 -25.05
C TRP C 469 -14.79 -0.44 -23.83
N VAL C 470 -15.03 -1.10 -22.70
CA VAL C 470 -14.25 -0.80 -21.50
C VAL C 470 -12.79 -1.21 -21.71
N LYS C 471 -12.60 -2.36 -22.35
CA LYS C 471 -11.26 -2.87 -22.62
C LYS C 471 -10.47 -1.89 -23.50
N LEU C 472 -11.14 -1.35 -24.51
CA LEU C 472 -10.50 -0.41 -25.42
C LEU C 472 -10.14 0.87 -24.67
N ALA C 473 -10.99 1.26 -23.72
CA ALA C 473 -10.77 2.46 -22.93
C ALA C 473 -9.49 2.34 -22.11
N VAL C 474 -9.32 1.20 -21.45
CA VAL C 474 -8.14 0.96 -20.61
C VAL C 474 -6.90 0.87 -21.52
N ASN C 475 -7.07 0.20 -22.64
CA ASN C 475 -5.98 0.04 -23.61
C ASN C 475 -5.42 1.39 -24.02
N ARG C 476 -6.29 2.30 -24.45
CA ARG C 476 -5.86 3.62 -24.87
C ARG C 476 -5.25 4.41 -23.71
N ALA C 477 -5.85 4.26 -22.53
CA ALA C 477 -5.35 4.95 -21.35
C ALA C 477 -3.90 4.57 -21.05
N ARG C 478 -3.63 3.28 -21.07
CA ARG C 478 -2.27 2.80 -20.79
C ARG C 478 -1.30 3.06 -21.93
N ALA C 479 -1.78 2.95 -23.17
CA ALA C 479 -0.92 3.15 -24.34
C ALA C 479 -0.40 4.58 -24.45
N THR C 480 -1.13 5.54 -23.88
CA THR C 480 -0.74 6.93 -23.95
C THR C 480 -0.47 7.55 -22.57
N ASN C 481 -0.79 6.81 -21.52
CA ASN C 481 -0.60 7.29 -20.17
C ASN C 481 -1.38 8.59 -20.00
N THR C 482 -2.61 8.59 -20.51
CA THR C 482 -3.48 9.76 -20.44
C THR C 482 -4.74 9.44 -19.63
N PRO C 483 -5.20 10.40 -18.82
CA PRO C 483 -6.40 10.19 -18.01
C PRO C 483 -7.61 9.92 -18.92
N ALA C 484 -8.46 8.99 -18.52
CA ALA C 484 -9.65 8.67 -19.31
C ALA C 484 -10.89 8.98 -18.48
N VAL C 485 -11.91 9.54 -19.13
CA VAL C 485 -13.14 9.89 -18.44
C VAL C 485 -14.35 9.30 -19.15
N PHE C 486 -15.19 8.60 -18.39
CA PHE C 486 -16.41 8.02 -18.95
C PHE C 486 -17.50 9.07 -18.82
N TRP C 487 -18.10 9.43 -19.95
CA TRP C 487 -19.18 10.42 -19.98
C TRP C 487 -20.50 9.70 -19.77
N LEU C 488 -20.97 9.67 -18.52
CA LEU C 488 -22.22 8.99 -18.19
C LEU C 488 -23.01 9.79 -17.17
N ASP C 489 -24.29 9.98 -17.44
CA ASP C 489 -25.16 10.73 -16.54
C ASP C 489 -25.97 9.82 -15.63
N PRO C 490 -25.68 9.86 -14.31
CA PRO C 490 -26.39 9.01 -13.36
C PRO C 490 -27.91 9.25 -13.43
N ALA C 491 -28.28 10.47 -13.82
CA ALA C 491 -29.69 10.86 -13.92
C ALA C 491 -30.42 10.10 -15.01
N ARG C 492 -29.68 9.57 -15.99
CA ARG C 492 -30.30 8.82 -17.08
C ARG C 492 -30.40 7.34 -16.71
N ALA C 493 -31.58 6.75 -16.90
CA ALA C 493 -31.77 5.33 -16.59
C ALA C 493 -30.78 4.49 -17.40
N HIS C 494 -30.65 4.79 -18.69
CA HIS C 494 -29.73 4.05 -19.54
C HIS C 494 -28.30 4.18 -19.03
N ASP C 495 -27.84 5.41 -18.89
CA ASP C 495 -26.48 5.69 -18.42
C ASP C 495 -26.19 5.02 -17.08
N ALA C 496 -27.18 5.00 -16.19
CA ALA C 496 -27.02 4.38 -14.87
C ALA C 496 -26.70 2.90 -15.07
N GLN C 497 -27.38 2.27 -16.01
CA GLN C 497 -27.16 0.85 -16.29
C GLN C 497 -25.75 0.64 -16.81
N VAL C 498 -25.30 1.53 -17.69
CA VAL C 498 -23.96 1.44 -18.26
C VAL C 498 -22.91 1.70 -17.19
N ILE C 499 -23.22 2.58 -16.25
CA ILE C 499 -22.29 2.87 -15.16
C ILE C 499 -22.07 1.63 -14.30
N ALA C 500 -23.13 0.84 -14.13
CA ALA C 500 -23.05 -0.38 -13.32
C ALA C 500 -22.10 -1.36 -13.98
N LYS C 501 -22.25 -1.55 -15.29
CA LYS C 501 -21.40 -2.46 -16.04
C LYS C 501 -19.95 -1.97 -16.08
N VAL C 502 -19.75 -0.67 -16.30
CA VAL C 502 -18.41 -0.10 -16.35
C VAL C 502 -17.64 -0.31 -15.06
N GLU C 503 -18.24 0.07 -13.94
CA GLU C 503 -17.59 -0.08 -12.64
C GLU C 503 -17.23 -1.53 -12.37
N ARG C 504 -18.10 -2.44 -12.84
CA ARG C 504 -17.88 -3.87 -12.67
C ARG C 504 -16.77 -4.41 -13.56
N TYR C 505 -16.83 -4.07 -14.84
CA TYR C 505 -15.85 -4.55 -15.80
C TYR C 505 -14.46 -3.93 -15.64
N LEU C 506 -14.38 -2.76 -15.02
CA LEU C 506 -13.08 -2.12 -14.81
C LEU C 506 -12.27 -2.94 -13.81
N LYS C 507 -12.97 -3.77 -13.04
CA LYS C 507 -12.33 -4.61 -12.04
C LYS C 507 -11.57 -5.76 -12.72
N ASP C 508 -12.00 -6.11 -13.93
CA ASP C 508 -11.36 -7.19 -14.67
C ASP C 508 -10.00 -6.77 -15.22
N TYR C 509 -9.67 -5.49 -15.08
CA TYR C 509 -8.40 -4.97 -15.57
C TYR C 509 -7.57 -4.34 -14.45
N ASP C 510 -6.28 -4.16 -14.72
CA ASP C 510 -5.38 -3.55 -13.76
C ASP C 510 -5.24 -2.06 -14.08
N THR C 511 -6.15 -1.26 -13.55
CA THR C 511 -6.13 0.17 -13.78
C THR C 511 -5.09 0.87 -12.90
N SER C 512 -4.23 0.07 -12.29
CA SER C 512 -3.19 0.61 -11.43
C SER C 512 -2.26 1.52 -12.23
N GLY C 513 -1.97 2.69 -11.69
CA GLY C 513 -1.11 3.63 -12.38
C GLY C 513 -1.85 4.44 -13.44
N LEU C 514 -3.14 4.19 -13.58
CA LEU C 514 -3.95 4.91 -14.56
C LEU C 514 -4.91 5.88 -13.87
N ASP C 515 -5.44 6.82 -14.64
CA ASP C 515 -6.38 7.82 -14.12
C ASP C 515 -7.71 7.66 -14.83
N ILE C 516 -8.53 6.74 -14.36
CA ILE C 516 -9.84 6.49 -14.95
C ILE C 516 -10.95 6.96 -14.02
N ARG C 517 -11.91 7.69 -14.58
CA ARG C 517 -13.01 8.19 -13.77
C ARG C 517 -14.30 8.29 -14.58
N ILE C 518 -15.41 8.39 -13.88
CA ILE C 518 -16.72 8.50 -14.52
C ILE C 518 -17.33 9.84 -14.13
N LEU C 519 -17.77 10.59 -15.13
CA LEU C 519 -18.39 11.89 -14.89
C LEU C 519 -19.56 12.11 -15.83
N SER C 520 -20.53 12.91 -15.41
CA SER C 520 -21.68 13.21 -16.24
C SER C 520 -21.14 13.98 -17.44
N PRO C 521 -21.87 13.97 -18.57
CA PRO C 521 -21.41 14.69 -19.76
C PRO C 521 -20.97 16.13 -19.47
N VAL C 522 -21.83 16.88 -18.78
CA VAL C 522 -21.52 18.26 -18.44
C VAL C 522 -20.20 18.38 -17.67
N GLU C 523 -20.05 17.60 -16.60
CA GLU C 523 -18.84 17.65 -15.81
C GLU C 523 -17.62 17.15 -16.58
N ALA C 524 -17.81 16.10 -17.37
CA ALA C 524 -16.71 15.56 -18.16
C ALA C 524 -16.26 16.63 -19.13
N THR C 525 -17.22 17.42 -19.63
CA THR C 525 -16.92 18.49 -20.57
C THR C 525 -16.12 19.59 -19.89
N ARG C 526 -16.57 20.04 -18.73
CA ARG C 526 -15.87 21.08 -18.00
C ARG C 526 -14.44 20.63 -17.67
N PHE C 527 -14.30 19.38 -17.24
CA PHE C 527 -13.00 18.83 -16.91
C PHE C 527 -12.07 18.76 -18.11
N SER C 528 -12.58 18.25 -19.23
CA SER C 528 -11.79 18.11 -20.44
C SER C 528 -11.34 19.45 -21.02
N LEU C 529 -12.25 20.43 -21.02
CA LEU C 529 -11.95 21.75 -21.54
C LEU C 529 -10.91 22.45 -20.66
N ALA C 530 -11.02 22.26 -19.36
CA ALA C 530 -10.06 22.88 -18.44
C ALA C 530 -8.67 22.38 -18.78
N ARG C 531 -8.55 21.07 -18.97
CA ARG C 531 -7.26 20.47 -19.29
C ARG C 531 -6.80 20.76 -20.70
N ILE C 532 -7.73 20.77 -21.66
CA ILE C 532 -7.36 21.03 -23.04
C ILE C 532 -6.75 22.42 -23.20
N ARG C 533 -7.30 23.40 -22.48
CA ARG C 533 -6.78 24.75 -22.56
C ARG C 533 -5.42 24.83 -21.86
N GLU C 534 -5.19 23.94 -20.91
CA GLU C 534 -3.93 23.91 -20.18
C GLU C 534 -2.90 23.16 -21.00
N GLY C 535 -3.30 22.72 -22.19
CA GLY C 535 -2.41 22.00 -23.08
C GLY C 535 -2.31 20.53 -22.74
N LYS C 536 -3.18 20.05 -21.86
CA LYS C 536 -3.18 18.65 -21.45
C LYS C 536 -4.23 17.86 -22.21
N ASP C 537 -4.00 16.56 -22.36
CA ASP C 537 -4.94 15.70 -23.07
C ASP C 537 -5.86 14.94 -22.14
N THR C 538 -7.00 14.52 -22.66
CA THR C 538 -7.99 13.76 -21.91
C THR C 538 -8.72 12.85 -22.87
N ILE C 539 -8.78 11.56 -22.55
CA ILE C 539 -9.49 10.63 -23.41
C ILE C 539 -10.94 10.62 -22.97
N SER C 540 -11.84 10.75 -23.95
CA SER C 540 -13.27 10.72 -23.68
C SER C 540 -13.79 9.33 -24.06
N VAL C 541 -14.43 8.67 -23.11
CA VAL C 541 -15.00 7.34 -23.35
C VAL C 541 -16.49 7.59 -23.30
N THR C 542 -17.16 7.44 -24.44
CA THR C 542 -18.58 7.74 -24.49
C THR C 542 -19.43 6.76 -25.28
N GLY C 543 -20.73 7.03 -25.27
CA GLY C 543 -21.68 6.24 -26.00
C GLY C 543 -21.61 6.57 -27.48
N ASN C 544 -22.47 5.93 -28.27
CA ASN C 544 -22.50 6.11 -29.71
C ASN C 544 -22.71 7.55 -30.21
N VAL C 545 -23.73 8.22 -29.71
CA VAL C 545 -24.00 9.60 -30.14
C VAL C 545 -22.87 10.57 -29.77
N LEU C 546 -22.40 10.50 -28.53
CA LEU C 546 -21.32 11.39 -28.11
C LEU C 546 -20.04 11.11 -28.90
N ARG C 547 -19.85 9.86 -29.30
CA ARG C 547 -18.68 9.49 -30.10
C ARG C 547 -18.76 10.33 -31.36
N ASP C 548 -19.95 10.32 -31.98
CA ASP C 548 -20.20 11.08 -33.19
C ASP C 548 -19.92 12.57 -32.97
N TYR C 549 -20.57 13.13 -31.96
CA TYR C 549 -20.41 14.55 -31.65
C TYR C 549 -18.99 14.97 -31.31
N LEU C 550 -18.37 14.28 -30.35
CA LEU C 550 -17.03 14.64 -29.92
C LEU C 550 -15.91 14.41 -30.94
N THR C 551 -16.08 13.46 -31.85
CA THR C 551 -15.04 13.19 -32.83
C THR C 551 -15.03 14.19 -33.97
N ASP C 552 -15.95 15.15 -33.91
CA ASP C 552 -16.01 16.21 -34.91
C ASP C 552 -15.70 17.51 -34.20
N LEU C 553 -16.26 17.67 -33.00
CA LEU C 553 -16.05 18.87 -32.19
C LEU C 553 -14.58 19.20 -31.92
N PHE C 554 -13.88 18.31 -31.22
CA PHE C 554 -12.49 18.57 -30.89
C PHE C 554 -11.55 18.66 -32.08
N PRO C 555 -11.70 17.78 -33.08
CA PRO C 555 -10.80 17.89 -34.23
C PRO C 555 -10.95 19.24 -34.93
N ILE C 556 -12.18 19.77 -34.96
CA ILE C 556 -12.43 21.06 -35.60
C ILE C 556 -11.72 22.17 -34.83
N MET C 557 -11.77 22.10 -33.51
CA MET C 557 -11.13 23.12 -32.68
C MET C 557 -9.62 22.98 -32.76
N GLU C 558 -9.15 21.75 -32.68
CA GLU C 558 -7.71 21.46 -32.70
C GLU C 558 -7.04 21.57 -34.06
N LEU C 559 -7.71 21.07 -35.10
CA LEU C 559 -7.14 21.05 -36.44
C LEU C 559 -7.88 21.89 -37.48
N GLY C 560 -9.05 22.40 -37.12
CA GLY C 560 -9.82 23.20 -38.07
C GLY C 560 -10.49 22.30 -39.09
N THR C 561 -10.38 20.98 -38.89
CA THR C 561 -10.96 20.00 -39.78
C THR C 561 -11.13 18.66 -39.09
N SER C 562 -12.17 17.93 -39.48
CA SER C 562 -12.43 16.62 -38.92
C SER C 562 -12.31 15.60 -40.05
N ALA C 563 -11.63 16.00 -41.12
CA ALA C 563 -11.44 15.15 -42.28
C ALA C 563 -10.07 14.49 -42.33
N LYS C 564 -9.23 14.74 -41.34
CA LYS C 564 -7.89 14.15 -41.32
C LYS C 564 -7.62 13.38 -40.04
N MET C 565 -7.93 12.08 -40.02
CA MET C 565 -7.66 11.29 -38.83
C MET C 565 -7.96 9.81 -38.90
N LEU C 566 -7.54 9.11 -37.86
CA LEU C 566 -7.73 7.68 -37.75
C LEU C 566 -9.11 7.36 -37.22
N SER C 567 -9.73 6.34 -37.79
CA SER C 567 -11.03 5.88 -37.37
C SER C 567 -10.91 4.36 -37.36
N ILE C 568 -10.16 3.87 -36.38
CA ILE C 568 -9.90 2.46 -36.21
C ILE C 568 -11.04 1.78 -35.47
N VAL C 569 -11.48 0.64 -36.00
CA VAL C 569 -12.56 -0.12 -35.38
C VAL C 569 -12.10 -1.55 -35.13
N PRO C 570 -11.63 -1.83 -33.90
CA PRO C 570 -11.16 -3.18 -33.56
C PRO C 570 -12.37 -4.12 -33.52
N LEU C 571 -12.59 -4.86 -34.60
CA LEU C 571 -13.72 -5.78 -34.66
C LEU C 571 -13.66 -6.75 -33.49
N MET C 572 -14.81 -7.00 -32.89
CA MET C 572 -14.91 -7.91 -31.75
C MET C 572 -14.46 -9.33 -32.06
N SER C 573 -14.58 -9.73 -33.32
CA SER C 573 -14.17 -11.08 -33.73
C SER C 573 -12.66 -11.16 -33.90
N GLY C 574 -11.96 -10.05 -33.71
CA GLY C 574 -10.51 -10.04 -33.84
C GLY C 574 -9.97 -9.32 -35.07
N GLY C 575 -10.82 -9.13 -36.07
CA GLY C 575 -10.40 -8.46 -37.29
C GLY C 575 -10.29 -6.96 -37.12
N GLY C 576 -10.16 -6.26 -38.25
CA GLY C 576 -10.03 -4.82 -38.18
C GLY C 576 -10.72 -4.05 -39.29
N LEU C 577 -11.39 -2.98 -38.91
CA LEU C 577 -12.08 -2.11 -39.87
C LEU C 577 -11.47 -0.73 -39.70
N PHE C 578 -11.02 -0.14 -40.80
CA PHE C 578 -10.40 1.19 -40.74
C PHE C 578 -11.13 2.14 -41.68
N GLU C 579 -11.89 3.06 -41.09
CA GLU C 579 -12.64 4.04 -41.85
C GLU C 579 -11.72 5.21 -42.19
N THR C 580 -11.59 5.49 -43.48
CA THR C 580 -10.72 6.56 -43.97
C THR C 580 -11.20 7.98 -43.66
N GLY C 581 -12.51 8.14 -43.46
CA GLY C 581 -13.04 9.45 -43.18
C GLY C 581 -14.44 9.38 -42.60
N ALA C 582 -14.82 10.39 -41.82
CA ALA C 582 -16.14 10.41 -41.20
C ALA C 582 -17.13 11.27 -41.96
N GLY C 583 -16.68 11.92 -43.04
CA GLY C 583 -17.56 12.78 -43.79
C GLY C 583 -18.31 12.16 -44.97
N GLY C 584 -18.77 13.02 -45.88
CA GLY C 584 -19.50 12.57 -47.05
C GLY C 584 -18.59 12.26 -48.23
N SER C 585 -19.20 11.93 -49.36
CA SER C 585 -18.44 11.59 -50.55
C SER C 585 -18.13 12.77 -51.49
N ALA C 586 -18.34 13.98 -50.98
CA ALA C 586 -18.04 15.22 -51.71
C ALA C 586 -18.57 15.37 -53.14
N PRO C 587 -19.88 15.52 -53.29
CA PRO C 587 -20.49 15.67 -54.62
C PRO C 587 -19.88 16.84 -55.39
N LYS C 588 -19.64 17.94 -54.69
CA LYS C 588 -19.07 19.13 -55.33
C LYS C 588 -17.68 18.91 -55.90
N HIS C 589 -16.93 17.97 -55.34
CA HIS C 589 -15.60 17.67 -55.84
C HIS C 589 -15.73 16.99 -57.19
N VAL C 590 -16.67 16.06 -57.29
CA VAL C 590 -16.90 15.35 -58.54
C VAL C 590 -17.33 16.36 -59.60
N GLN C 591 -18.14 17.33 -59.17
CA GLN C 591 -18.60 18.36 -60.09
C GLN C 591 -17.43 19.10 -60.73
N GLN C 592 -16.49 19.55 -59.91
CA GLN C 592 -15.32 20.27 -60.43
C GLN C 592 -14.48 19.38 -61.34
N PHE C 593 -14.46 18.08 -61.07
CA PHE C 593 -13.69 17.13 -61.87
C PHE C 593 -14.29 16.93 -63.25
N LEU C 594 -15.62 16.86 -63.32
CA LEU C 594 -16.28 16.66 -64.61
C LEU C 594 -16.33 17.96 -65.41
N GLU C 595 -16.26 19.10 -64.72
CA GLU C 595 -16.31 20.39 -65.40
C GLU C 595 -14.96 20.88 -65.89
N GLU C 596 -13.92 20.75 -65.06
CA GLU C 596 -12.59 21.20 -65.47
C GLU C 596 -11.47 20.19 -65.20
N GLY C 597 -11.83 18.93 -65.02
CA GLY C 597 -10.84 17.89 -64.78
C GLY C 597 -9.91 18.07 -63.59
N TYR C 598 -10.42 18.61 -62.49
CA TYR C 598 -9.61 18.80 -61.30
C TYR C 598 -10.32 18.15 -60.11
N LEU C 599 -9.63 17.27 -59.40
CA LEU C 599 -10.22 16.59 -58.25
C LEU C 599 -9.49 17.02 -56.97
N ARG C 600 -10.15 17.84 -56.15
CA ARG C 600 -9.52 18.33 -54.93
C ARG C 600 -9.69 17.43 -53.70
N TRP C 601 -10.21 16.22 -53.90
CA TRP C 601 -10.40 15.30 -52.78
C TRP C 601 -9.07 14.96 -52.12
N ASP C 602 -9.05 14.99 -50.79
CA ASP C 602 -7.84 14.71 -50.03
C ASP C 602 -7.85 13.25 -49.58
N SER C 603 -6.91 12.46 -50.09
CA SER C 603 -6.82 11.05 -49.74
C SER C 603 -5.96 10.75 -48.52
N LEU C 604 -5.65 11.78 -47.73
CA LEU C 604 -4.82 11.58 -46.54
C LEU C 604 -5.41 10.50 -45.66
N GLY C 605 -6.72 10.53 -45.47
CA GLY C 605 -7.39 9.55 -44.64
C GLY C 605 -7.16 8.13 -45.12
N GLU C 606 -7.09 7.96 -46.44
CA GLU C 606 -6.86 6.64 -47.02
C GLU C 606 -5.44 6.18 -46.71
N PHE C 607 -4.48 7.11 -46.81
CA PHE C 607 -3.09 6.77 -46.52
C PHE C 607 -2.96 6.31 -45.07
N LEU C 608 -3.58 7.05 -44.16
CA LEU C 608 -3.53 6.73 -42.74
C LEU C 608 -4.15 5.36 -42.45
N ALA C 609 -5.33 5.11 -43.01
CA ALA C 609 -6.02 3.84 -42.82
C ALA C 609 -5.22 2.68 -43.36
N LEU C 610 -4.62 2.85 -44.53
CA LEU C 610 -3.83 1.79 -45.15
C LEU C 610 -2.67 1.40 -44.23
N ALA C 611 -2.00 2.39 -43.66
CA ALA C 611 -0.88 2.12 -42.77
C ALA C 611 -1.35 1.28 -41.60
N ALA C 612 -2.47 1.70 -40.99
CA ALA C 612 -3.03 0.98 -39.86
C ALA C 612 -3.42 -0.44 -40.27
N SER C 613 -3.98 -0.57 -41.46
CA SER C 613 -4.39 -1.86 -42.00
C SER C 613 -3.18 -2.78 -42.18
N LEU C 614 -2.12 -2.24 -42.76
CA LEU C 614 -0.90 -3.01 -43.00
C LEU C 614 -0.26 -3.47 -41.69
N GLU C 615 -0.21 -2.60 -40.70
CA GLU C 615 0.37 -2.97 -39.42
C GLU C 615 -0.48 -4.02 -38.73
N HIS C 616 -1.79 -3.90 -38.85
CA HIS C 616 -2.70 -4.86 -38.23
C HIS C 616 -2.52 -6.24 -38.87
N LEU C 617 -2.28 -6.24 -40.18
CA LEU C 617 -2.09 -7.48 -40.92
C LEU C 617 -0.73 -8.09 -40.55
N GLY C 618 0.27 -7.22 -40.45
CA GLY C 618 1.61 -7.67 -40.11
C GLY C 618 1.67 -8.34 -38.76
N ASN C 619 1.08 -7.70 -37.74
CA ASN C 619 1.09 -8.25 -36.40
C ASN C 619 0.17 -9.46 -36.26
N ALA C 620 -0.84 -9.53 -37.11
CA ALA C 620 -1.80 -10.63 -37.06
C ALA C 620 -1.26 -11.93 -37.66
N TYR C 621 -0.49 -11.82 -38.73
CA TYR C 621 0.06 -13.01 -39.38
C TYR C 621 1.59 -13.08 -39.30
N LYS C 622 2.17 -12.33 -38.36
CA LYS C 622 3.62 -12.31 -38.20
C LYS C 622 4.31 -12.10 -39.54
N ASN C 623 3.80 -11.14 -40.31
CA ASN C 623 4.36 -10.82 -41.63
C ASN C 623 5.31 -9.64 -41.52
N PRO C 624 6.62 -9.90 -41.51
CA PRO C 624 7.64 -8.86 -41.41
C PRO C 624 7.54 -7.80 -42.52
N LYS C 625 7.31 -8.25 -43.74
CA LYS C 625 7.19 -7.34 -44.88
C LYS C 625 6.06 -6.33 -44.72
N ALA C 626 4.90 -6.81 -44.27
CA ALA C 626 3.74 -5.94 -44.08
C ALA C 626 4.08 -4.83 -43.10
N LEU C 627 4.91 -5.15 -42.09
CA LEU C 627 5.32 -4.16 -41.10
C LEU C 627 6.26 -3.13 -41.68
N VAL C 628 7.12 -3.55 -42.61
CA VAL C 628 8.04 -2.63 -43.25
C VAL C 628 7.24 -1.71 -44.16
N LEU C 629 6.25 -2.29 -44.83
CA LEU C 629 5.41 -1.50 -45.72
C LEU C 629 4.70 -0.41 -44.93
N ALA C 630 4.23 -0.78 -43.73
CA ALA C 630 3.53 0.15 -42.87
C ALA C 630 4.46 1.27 -42.38
N SER C 631 5.68 0.91 -42.00
CA SER C 631 6.65 1.89 -41.52
C SER C 631 6.98 2.92 -42.59
N THR C 632 7.40 2.43 -43.75
CA THR C 632 7.75 3.32 -44.85
C THR C 632 6.56 4.15 -45.30
N LEU C 633 5.36 3.61 -45.14
CA LEU C 633 4.16 4.35 -45.54
C LEU C 633 3.92 5.52 -44.59
N ASP C 634 4.15 5.29 -43.30
CA ASP C 634 3.97 6.36 -42.31
C ASP C 634 4.92 7.49 -42.70
N GLN C 635 6.14 7.13 -43.04
CA GLN C 635 7.16 8.09 -43.43
C GLN C 635 6.74 8.88 -44.68
N ALA C 636 6.23 8.18 -45.69
CA ALA C 636 5.78 8.83 -46.92
C ALA C 636 4.65 9.80 -46.60
N THR C 637 3.75 9.39 -45.71
CA THR C 637 2.63 10.24 -45.33
C THR C 637 3.16 11.48 -44.63
N GLY C 638 4.16 11.30 -43.78
CA GLY C 638 4.75 12.42 -43.08
C GLY C 638 5.32 13.42 -44.07
N LYS C 639 5.94 12.91 -45.13
CA LYS C 639 6.53 13.76 -46.16
C LYS C 639 5.48 14.53 -46.95
N ILE C 640 4.33 13.89 -47.18
CA ILE C 640 3.25 14.57 -47.90
C ILE C 640 2.91 15.82 -47.11
N LEU C 641 2.89 15.68 -45.79
CA LEU C 641 2.58 16.81 -44.91
C LEU C 641 3.74 17.81 -44.90
N ASP C 642 4.95 17.30 -44.67
CA ASP C 642 6.14 18.16 -44.62
C ASP C 642 6.36 18.94 -45.90
N ASN C 643 6.37 18.25 -47.03
CA ASN C 643 6.61 18.88 -48.32
C ASN C 643 5.34 19.47 -48.93
N ASN C 644 4.26 19.47 -48.15
CA ASN C 644 2.98 20.02 -48.60
C ASN C 644 2.59 19.46 -49.97
N LYS C 645 2.37 18.16 -50.05
CA LYS C 645 2.01 17.53 -51.31
C LYS C 645 0.55 17.12 -51.45
N SER C 646 -0.33 17.66 -50.60
CA SER C 646 -1.75 17.35 -50.66
C SER C 646 -2.42 18.18 -51.75
N PRO C 647 -3.60 17.74 -52.23
CA PRO C 647 -4.33 18.47 -53.28
C PRO C 647 -4.54 19.95 -52.95
N ALA C 648 -4.72 20.76 -53.99
CA ALA C 648 -4.94 22.19 -53.82
C ALA C 648 -6.39 22.59 -54.10
N ARG C 649 -6.57 23.72 -54.78
CA ARG C 649 -7.90 24.20 -55.10
C ARG C 649 -8.15 24.49 -56.58
N LYS C 650 -7.26 25.26 -57.19
CA LYS C 650 -7.43 25.62 -58.59
C LYS C 650 -6.57 24.83 -59.59
N VAL C 651 -7.08 24.74 -60.81
CA VAL C 651 -6.43 24.04 -61.90
C VAL C 651 -4.98 24.47 -62.09
N GLY C 652 -4.19 23.59 -62.70
CA GLY C 652 -2.79 23.89 -62.93
C GLY C 652 -1.88 23.16 -61.98
N GLU C 653 -2.11 23.35 -60.68
CA GLU C 653 -1.30 22.71 -59.66
C GLU C 653 -1.78 21.30 -59.34
N ILE C 654 -1.08 20.66 -58.42
CA ILE C 654 -1.39 19.29 -57.99
C ILE C 654 -2.82 19.08 -57.49
N ASP C 655 -3.43 17.99 -57.93
CA ASP C 655 -4.79 17.65 -57.51
C ASP C 655 -4.69 16.26 -56.86
N ASN C 656 -5.81 15.62 -56.59
CA ASN C 656 -5.80 14.31 -55.95
C ASN C 656 -4.80 13.34 -56.59
N ARG C 657 -4.73 13.35 -57.91
CA ARG C 657 -3.82 12.47 -58.65
C ARG C 657 -2.35 12.80 -58.40
N GLY C 658 -2.05 14.09 -58.29
CA GLY C 658 -0.68 14.50 -58.03
C GLY C 658 -0.21 14.05 -56.65
N SER C 659 -1.10 14.13 -55.67
CA SER C 659 -0.75 13.73 -54.31
C SER C 659 -0.43 12.24 -54.27
N HIS C 660 -1.18 11.46 -55.04
CA HIS C 660 -0.97 10.01 -55.09
C HIS C 660 0.42 9.70 -55.64
N PHE C 661 0.87 10.50 -56.60
CA PHE C 661 2.18 10.30 -57.17
C PHE C 661 3.25 10.53 -56.10
N TYR C 662 3.14 11.64 -55.39
CA TYR C 662 4.13 11.92 -54.35
C TYR C 662 4.11 10.88 -53.26
N LEU C 663 2.93 10.34 -52.95
CA LEU C 663 2.85 9.30 -51.93
C LEU C 663 3.66 8.12 -52.45
N ALA C 664 3.50 7.82 -53.73
CA ALA C 664 4.21 6.72 -54.38
C ALA C 664 5.71 7.00 -54.36
N LEU C 665 6.07 8.22 -54.77
CA LEU C 665 7.47 8.63 -54.80
C LEU C 665 8.11 8.46 -53.42
N TYR C 666 7.57 9.18 -52.43
CA TYR C 666 8.08 9.13 -51.07
C TYR C 666 8.07 7.73 -50.46
N TRP C 667 7.03 6.96 -50.73
CA TRP C 667 6.92 5.61 -50.20
C TRP C 667 7.99 4.71 -50.82
N ALA C 668 8.15 4.82 -52.14
CA ALA C 668 9.14 4.03 -52.87
C ALA C 668 10.55 4.38 -52.44
N GLN C 669 10.78 5.66 -52.15
CA GLN C 669 12.11 6.11 -51.74
C GLN C 669 12.41 5.61 -50.33
N ALA C 670 11.42 5.70 -49.44
CA ALA C 670 11.59 5.24 -48.07
C ALA C 670 11.90 3.75 -48.07
N LEU C 671 11.22 3.01 -48.93
CA LEU C 671 11.42 1.56 -49.04
C LEU C 671 12.79 1.24 -49.61
N ALA C 672 13.29 2.10 -50.48
CA ALA C 672 14.60 1.90 -51.09
C ALA C 672 15.71 2.34 -50.15
N ALA C 673 15.37 3.21 -49.20
CA ALA C 673 16.33 3.72 -48.25
C ALA C 673 16.49 2.80 -47.03
N GLN C 674 15.39 2.17 -46.62
CA GLN C 674 15.43 1.28 -45.46
C GLN C 674 16.11 -0.04 -45.81
N THR C 675 16.66 -0.70 -44.79
CA THR C 675 17.34 -1.98 -44.98
C THR C 675 16.74 -3.06 -44.08
N GLU C 676 15.71 -2.71 -43.32
CA GLU C 676 15.05 -3.66 -42.42
C GLU C 676 14.74 -4.92 -43.20
N ASP C 677 14.43 -4.74 -44.48
CA ASP C 677 14.13 -5.85 -45.38
C ASP C 677 14.88 -5.57 -46.68
N LYS C 678 16.07 -6.13 -46.80
CA LYS C 678 16.90 -5.94 -47.99
C LYS C 678 16.14 -6.33 -49.25
N GLU C 679 15.32 -7.36 -49.15
CA GLU C 679 14.53 -7.82 -50.30
C GLU C 679 13.64 -6.68 -50.81
N LEU C 680 12.90 -6.06 -49.91
CA LEU C 680 12.02 -4.96 -50.27
C LEU C 680 12.84 -3.79 -50.81
N GLN C 681 13.94 -3.49 -50.13
CA GLN C 681 14.84 -2.41 -50.54
C GLN C 681 15.28 -2.62 -51.99
N ALA C 682 15.82 -3.81 -52.25
CA ALA C 682 16.30 -4.14 -53.58
C ALA C 682 15.18 -4.02 -54.61
N GLN C 683 13.98 -4.39 -54.21
CA GLN C 683 12.83 -4.34 -55.11
C GLN C 683 12.39 -2.93 -55.49
N PHE C 684 12.32 -2.04 -54.51
CA PHE C 684 11.89 -0.67 -54.77
C PHE C 684 13.00 0.29 -55.18
N THR C 685 14.20 -0.24 -55.41
CA THR C 685 15.32 0.60 -55.81
C THR C 685 15.04 1.18 -57.19
N GLY C 686 14.77 0.30 -58.16
CA GLY C 686 14.48 0.74 -59.50
C GLY C 686 13.24 1.61 -59.55
N ILE C 687 12.23 1.21 -58.78
CA ILE C 687 10.98 1.95 -58.72
C ILE C 687 11.22 3.36 -58.20
N ALA C 688 11.90 3.44 -57.06
CA ALA C 688 12.21 4.72 -56.44
C ALA C 688 12.94 5.64 -57.42
N LYS C 689 13.93 5.10 -58.10
CA LYS C 689 14.70 5.87 -59.07
C LYS C 689 13.83 6.32 -60.25
N ALA C 690 13.04 5.39 -60.76
CA ALA C 690 12.16 5.68 -61.89
C ALA C 690 11.26 6.87 -61.58
N LEU C 691 10.62 6.85 -60.42
CA LEU C 691 9.72 7.92 -60.01
C LEU C 691 10.46 9.21 -59.70
N THR C 692 11.66 9.09 -59.12
CA THR C 692 12.46 10.25 -58.78
C THR C 692 12.89 11.04 -60.01
N ASP C 693 13.45 10.34 -60.99
CA ASP C 693 13.91 11.00 -62.21
C ASP C 693 12.80 11.52 -63.10
N ASN C 694 11.61 10.94 -63.00
CA ASN C 694 10.48 11.35 -63.83
C ASN C 694 9.45 12.22 -63.12
N GLU C 695 9.85 12.84 -62.01
CA GLU C 695 8.95 13.69 -61.23
C GLU C 695 8.32 14.80 -62.06
N THR C 696 9.16 15.65 -62.64
CA THR C 696 8.69 16.77 -63.45
C THR C 696 7.82 16.31 -64.61
N LYS C 697 8.26 15.27 -65.31
CA LYS C 697 7.51 14.76 -66.46
C LYS C 697 6.13 14.26 -66.02
N ILE C 698 6.10 13.45 -64.97
CA ILE C 698 4.84 12.91 -64.45
C ILE C 698 3.90 14.02 -63.96
N VAL C 699 4.38 14.85 -63.05
CA VAL C 699 3.55 15.94 -62.53
C VAL C 699 3.04 16.81 -63.67
N GLY C 700 3.84 16.92 -64.73
CA GLY C 700 3.43 17.72 -65.88
C GLY C 700 2.34 16.99 -66.66
N GLU C 701 2.48 15.68 -66.79
CA GLU C 701 1.51 14.87 -67.50
C GLU C 701 0.17 14.90 -66.76
N LEU C 702 0.21 14.79 -65.44
CA LEU C 702 -1.01 14.83 -64.64
C LEU C 702 -1.67 16.20 -64.75
N ALA C 703 -0.86 17.25 -64.70
CA ALA C 703 -1.36 18.62 -64.78
C ALA C 703 -2.06 18.85 -66.12
N ALA C 704 -1.54 18.22 -67.17
CA ALA C 704 -2.10 18.37 -68.50
C ALA C 704 -3.52 17.81 -68.59
N ALA C 705 -3.89 16.97 -67.62
CA ALA C 705 -5.21 16.36 -67.61
C ALA C 705 -6.26 17.29 -66.99
N GLN C 706 -5.79 18.43 -66.49
CA GLN C 706 -6.66 19.42 -65.86
C GLN C 706 -7.15 20.47 -66.86
N GLY C 707 -8.09 21.30 -66.42
CA GLY C 707 -8.61 22.36 -67.27
C GLY C 707 -9.56 21.93 -68.37
N LYS C 708 -9.77 20.63 -68.53
CA LYS C 708 -10.66 20.13 -69.57
C LYS C 708 -11.86 19.37 -68.98
N PRO C 709 -13.04 19.52 -69.60
CA PRO C 709 -14.23 18.83 -69.11
C PRO C 709 -14.02 17.32 -69.22
N VAL C 710 -14.51 16.57 -68.24
CA VAL C 710 -14.35 15.13 -68.24
C VAL C 710 -15.70 14.41 -68.35
N ASP C 711 -15.76 13.42 -69.22
CA ASP C 711 -16.98 12.65 -69.42
C ASP C 711 -16.69 11.18 -69.12
N ILE C 712 -17.32 10.65 -68.08
CA ILE C 712 -17.12 9.26 -67.72
C ILE C 712 -18.38 8.42 -67.96
N ALA C 713 -19.29 8.97 -68.76
CA ALA C 713 -20.53 8.28 -69.10
C ALA C 713 -21.34 7.82 -67.89
N GLY C 714 -21.61 8.75 -66.99
CA GLY C 714 -22.37 8.41 -65.79
C GLY C 714 -21.91 9.19 -64.57
N TYR C 715 -22.50 8.89 -63.42
CA TYR C 715 -22.17 9.56 -62.17
C TYR C 715 -22.15 8.52 -61.04
N TYR C 716 -23.31 7.93 -60.78
CA TYR C 716 -23.42 6.93 -59.72
C TYR C 716 -22.88 5.58 -60.20
N HIS C 717 -22.91 5.38 -61.51
CA HIS C 717 -22.43 4.13 -62.11
C HIS C 717 -21.77 4.44 -63.45
N PRO C 718 -20.67 5.21 -63.42
CA PRO C 718 -19.94 5.59 -64.64
C PRO C 718 -19.21 4.46 -65.35
N ASN C 719 -18.80 4.72 -66.59
CA ASN C 719 -18.07 3.73 -67.36
C ASN C 719 -16.72 3.57 -66.66
N THR C 720 -16.44 2.36 -66.17
CA THR C 720 -15.20 2.09 -65.45
C THR C 720 -13.93 2.31 -66.26
N ASP C 721 -14.00 2.06 -67.56
CA ASP C 721 -12.83 2.24 -68.42
C ASP C 721 -12.51 3.73 -68.61
N LEU C 722 -13.54 4.51 -68.91
CA LEU C 722 -13.34 5.94 -69.11
C LEU C 722 -12.88 6.61 -67.82
N THR C 723 -13.42 6.15 -66.70
CA THR C 723 -13.07 6.69 -65.40
C THR C 723 -11.62 6.35 -65.03
N SER C 724 -11.21 5.12 -65.29
CA SER C 724 -9.86 4.69 -64.99
C SER C 724 -8.84 5.47 -65.82
N LYS C 725 -9.17 5.71 -67.08
CA LYS C 725 -8.27 6.44 -67.98
C LYS C 725 -8.15 7.91 -67.57
N ALA C 726 -9.25 8.49 -67.11
CA ALA C 726 -9.23 9.88 -66.68
C ALA C 726 -8.46 10.05 -65.38
N MET C 727 -8.59 9.07 -64.48
CA MET C 727 -7.90 9.14 -63.19
C MET C 727 -6.44 8.71 -63.27
N ARG C 728 -6.04 8.19 -64.42
CA ARG C 728 -4.66 7.76 -64.60
C ARG C 728 -4.17 8.27 -65.96
N PRO C 729 -4.12 9.60 -66.12
CA PRO C 729 -3.69 10.27 -67.35
C PRO C 729 -2.18 10.35 -67.62
N SER C 730 -1.38 9.89 -66.68
CA SER C 730 0.08 9.93 -66.87
C SER C 730 0.62 8.60 -67.37
N ALA C 731 1.02 8.58 -68.64
CA ALA C 731 1.57 7.36 -69.24
C ALA C 731 2.89 6.99 -68.56
N THR C 732 3.69 8.00 -68.24
CA THR C 732 4.98 7.78 -67.60
C THR C 732 4.81 7.14 -66.23
N PHE C 733 3.92 7.72 -65.42
CA PHE C 733 3.67 7.19 -64.08
C PHE C 733 3.15 5.76 -64.17
N ASN C 734 2.18 5.52 -65.04
CA ASN C 734 1.63 4.18 -65.19
C ASN C 734 2.74 3.23 -65.61
N ALA C 735 3.62 3.71 -66.49
CA ALA C 735 4.73 2.91 -66.98
C ALA C 735 5.69 2.54 -65.86
N ALA C 736 6.05 3.53 -65.03
CA ALA C 736 6.99 3.32 -63.93
C ALA C 736 6.53 2.27 -62.93
N LEU C 737 5.22 2.09 -62.81
CA LEU C 737 4.67 1.11 -61.87
C LEU C 737 4.37 -0.22 -62.54
N ALA C 738 4.42 -0.25 -63.86
CA ALA C 738 4.14 -1.45 -64.64
C ALA C 738 4.88 -2.69 -64.12
N PRO C 739 6.20 -2.59 -63.91
CA PRO C 739 6.99 -3.72 -63.43
C PRO C 739 6.42 -4.38 -62.16
N LEU C 740 5.62 -3.62 -61.42
CA LEU C 740 5.02 -4.13 -60.19
C LEU C 740 3.67 -4.79 -60.47
N SER D 2 -26.93 -45.69 11.87
CA SER D 2 -26.28 -45.75 13.22
C SER D 2 -25.43 -44.50 13.47
N THR D 3 -25.11 -43.77 12.40
CA THR D 3 -24.32 -42.55 12.52
C THR D 3 -25.16 -41.47 13.21
N PRO D 4 -24.60 -40.82 14.24
CA PRO D 4 -25.34 -39.77 14.94
C PRO D 4 -25.79 -38.73 13.92
N LYS D 5 -27.06 -38.30 14.01
CA LYS D 5 -27.54 -37.32 13.06
C LYS D 5 -28.04 -36.03 13.69
N ILE D 6 -27.91 -34.95 12.92
CA ILE D 6 -28.39 -33.64 13.35
C ILE D 6 -29.40 -33.27 12.28
N ILE D 7 -30.60 -32.89 12.71
CA ILE D 7 -31.63 -32.51 11.75
C ILE D 7 -31.61 -31.01 11.55
N TYR D 8 -31.47 -30.59 10.29
CA TYR D 8 -31.44 -29.18 9.95
C TYR D 8 -32.77 -28.87 9.25
N THR D 9 -33.53 -27.93 9.81
CA THR D 9 -34.82 -27.57 9.23
C THR D 9 -34.72 -26.65 8.01
N LEU D 10 -35.39 -27.05 6.93
CA LEU D 10 -35.44 -26.23 5.72
C LEU D 10 -36.70 -25.40 5.97
N THR D 11 -36.56 -24.08 5.93
CA THR D 11 -37.71 -23.23 6.20
C THR D 11 -38.15 -22.35 5.05
N ASP D 12 -38.37 -21.07 5.35
CA ASP D 12 -38.84 -20.11 4.35
C ASP D 12 -37.96 -18.89 4.14
N GLU D 13 -38.23 -18.24 3.02
CA GLU D 13 -37.59 -16.99 2.65
C GLU D 13 -36.08 -16.82 2.92
N ALA D 14 -35.70 -15.81 3.69
CA ALA D 14 -34.28 -15.53 3.97
C ALA D 14 -33.45 -16.68 4.54
N PRO D 15 -33.89 -17.25 5.68
CA PRO D 15 -33.15 -18.36 6.29
C PRO D 15 -33.01 -19.52 5.30
N ALA D 16 -34.07 -19.77 4.54
CA ALA D 16 -34.05 -20.84 3.56
C ALA D 16 -32.98 -20.58 2.50
N LEU D 17 -32.86 -19.33 2.05
CA LEU D 17 -31.86 -18.97 1.06
C LEU D 17 -30.46 -19.16 1.63
N ALA D 18 -30.25 -18.63 2.83
CA ALA D 18 -28.96 -18.73 3.51
C ALA D 18 -28.54 -20.19 3.67
N THR D 19 -29.51 -21.07 3.92
CA THR D 19 -29.24 -22.48 4.11
C THR D 19 -28.62 -23.15 2.86
N TYR D 20 -28.97 -22.70 1.66
CA TYR D 20 -28.38 -23.29 0.46
C TYR D 20 -26.86 -23.10 0.42
N SER D 21 -26.40 -22.02 1.06
CA SER D 21 -24.97 -21.73 1.11
C SER D 21 -24.28 -22.35 2.32
N LEU D 22 -24.94 -22.24 3.47
CA LEU D 22 -24.34 -22.75 4.70
C LEU D 22 -24.38 -24.26 4.91
N LEU D 23 -25.48 -24.90 4.52
CA LEU D 23 -25.61 -26.35 4.72
C LEU D 23 -24.50 -27.17 4.06
N PRO D 24 -24.12 -26.84 2.82
CA PRO D 24 -23.06 -27.61 2.16
C PRO D 24 -21.78 -27.48 2.97
N ILE D 25 -21.56 -26.30 3.53
CA ILE D 25 -20.38 -26.05 4.33
C ILE D 25 -20.41 -26.90 5.60
N ILE D 26 -21.54 -26.92 6.28
CA ILE D 26 -21.71 -27.69 7.50
C ILE D 26 -21.46 -29.18 7.24
N LYS D 27 -22.07 -29.70 6.19
CA LYS D 27 -21.90 -31.11 5.85
C LYS D 27 -20.44 -31.42 5.57
N ALA D 28 -19.78 -30.55 4.82
CA ALA D 28 -18.37 -30.76 4.48
C ALA D 28 -17.48 -30.79 5.72
N PHE D 29 -17.72 -29.88 6.65
CA PHE D 29 -16.90 -29.82 7.87
C PHE D 29 -17.16 -30.91 8.89
N THR D 30 -18.36 -31.47 8.90
CA THR D 30 -18.72 -32.50 9.87
C THR D 30 -18.59 -33.93 9.39
N GLY D 31 -18.51 -34.13 8.08
CA GLY D 31 -18.40 -35.46 7.52
C GLY D 31 -17.35 -36.39 8.13
N SER D 32 -16.12 -35.92 8.22
CA SER D 32 -15.03 -36.73 8.77
C SER D 32 -15.18 -37.07 10.24
N SER D 33 -16.16 -36.48 10.91
CA SER D 33 -16.34 -36.74 12.33
C SER D 33 -17.41 -37.77 12.67
N GLY D 34 -17.91 -38.45 11.65
CA GLY D 34 -18.94 -39.46 11.89
C GLY D 34 -20.25 -38.82 12.27
N ILE D 35 -20.57 -37.70 11.63
CA ILE D 35 -21.80 -37.00 11.90
C ILE D 35 -22.60 -36.90 10.62
N ALA D 36 -23.89 -37.16 10.72
CA ALA D 36 -24.78 -37.10 9.56
C ALA D 36 -25.73 -35.93 9.75
N VAL D 37 -25.88 -35.11 8.71
CA VAL D 37 -26.79 -33.98 8.79
C VAL D 37 -27.90 -34.22 7.80
N GLU D 38 -29.12 -34.38 8.31
CA GLU D 38 -30.28 -34.62 7.47
C GLU D 38 -31.20 -33.42 7.53
N THR D 39 -31.96 -33.20 6.47
CA THR D 39 -32.88 -32.10 6.42
C THR D 39 -34.32 -32.56 6.57
N ARG D 40 -35.16 -31.66 7.07
CA ARG D 40 -36.58 -31.90 7.23
C ARG D 40 -37.23 -30.62 6.72
N ASP D 41 -38.19 -30.77 5.83
CA ASP D 41 -38.87 -29.63 5.23
C ASP D 41 -40.07 -29.16 6.03
N ILE D 42 -39.96 -27.99 6.65
CA ILE D 42 -41.07 -27.43 7.40
C ILE D 42 -41.44 -26.07 6.81
N SER D 43 -41.06 -25.85 5.56
CA SER D 43 -41.39 -24.61 4.87
C SER D 43 -42.90 -24.58 4.71
N LEU D 44 -43.47 -23.40 4.53
CA LEU D 44 -44.91 -23.28 4.36
C LEU D 44 -45.37 -24.13 3.17
N ALA D 45 -44.66 -24.02 2.05
CA ALA D 45 -45.01 -24.78 0.86
C ALA D 45 -44.94 -26.27 1.14
N GLY D 46 -43.87 -26.70 1.80
CA GLY D 46 -43.70 -28.10 2.11
C GLY D 46 -44.80 -28.64 3.01
N ARG D 47 -45.17 -27.89 4.03
CA ARG D 47 -46.22 -28.36 4.93
C ARG D 47 -47.55 -28.43 4.19
N LEU D 48 -47.73 -27.55 3.20
CA LEU D 48 -48.96 -27.55 2.39
C LEU D 48 -49.02 -28.81 1.52
N ILE D 49 -47.94 -29.06 0.79
CA ILE D 49 -47.83 -30.22 -0.08
C ILE D 49 -48.03 -31.53 0.67
N ALA D 50 -47.43 -31.62 1.86
CA ALA D 50 -47.53 -32.84 2.65
C ALA D 50 -48.93 -33.16 3.16
N THR D 51 -49.77 -32.13 3.25
CA THR D 51 -51.12 -32.29 3.78
C THR D 51 -52.20 -32.77 2.80
N PHE D 52 -51.96 -32.56 1.51
CA PHE D 52 -52.94 -32.95 0.51
C PHE D 52 -52.44 -33.94 -0.55
N PRO D 53 -51.91 -35.10 -0.12
CA PRO D 53 -51.39 -36.14 -1.02
C PRO D 53 -52.39 -36.59 -2.08
N GLU D 54 -53.67 -36.66 -1.72
CA GLU D 54 -54.69 -37.12 -2.66
C GLU D 54 -54.92 -36.22 -3.86
N TYR D 55 -54.43 -34.99 -3.79
CA TYR D 55 -54.57 -34.06 -4.89
C TYR D 55 -53.32 -34.01 -5.76
N LEU D 56 -52.33 -34.81 -5.39
CA LEU D 56 -51.03 -34.81 -6.09
C LEU D 56 -50.61 -36.06 -6.85
N THR D 57 -49.66 -35.87 -7.77
CA THR D 57 -49.11 -36.97 -8.56
C THR D 57 -48.12 -37.68 -7.66
N ASP D 58 -47.77 -38.92 -8.01
CA ASP D 58 -46.81 -39.67 -7.20
C ASP D 58 -45.48 -38.96 -6.99
N THR D 59 -45.05 -38.16 -7.97
CA THR D 59 -43.78 -37.46 -7.84
C THR D 59 -43.86 -36.13 -7.09
N GLN D 60 -45.08 -35.62 -6.90
CA GLN D 60 -45.26 -34.35 -6.18
C GLN D 60 -45.35 -34.55 -4.68
N LYS D 61 -45.72 -35.76 -4.26
CA LYS D 61 -45.88 -36.07 -2.84
C LYS D 61 -44.56 -36.03 -2.08
N ILE D 62 -44.63 -35.55 -0.84
CA ILE D 62 -43.44 -35.48 0.01
C ILE D 62 -43.86 -35.92 1.41
N SER D 63 -42.90 -36.38 2.19
CA SER D 63 -43.16 -36.84 3.55
C SER D 63 -43.61 -35.67 4.42
N ASP D 64 -44.39 -35.97 5.45
CA ASP D 64 -44.88 -34.98 6.38
C ASP D 64 -43.81 -34.79 7.44
N ASP D 65 -42.81 -33.96 7.13
CA ASP D 65 -41.69 -33.73 8.04
C ASP D 65 -42.04 -33.06 9.37
N LEU D 66 -43.12 -32.29 9.41
CA LEU D 66 -43.49 -31.64 10.66
C LEU D 66 -43.90 -32.71 11.66
N ALA D 67 -44.71 -33.66 11.19
CA ALA D 67 -45.16 -34.76 12.03
C ALA D 67 -43.98 -35.63 12.46
N GLU D 68 -43.05 -35.87 11.54
CA GLU D 68 -41.89 -36.69 11.88
C GLU D 68 -41.02 -36.00 12.93
N LEU D 69 -40.79 -34.70 12.79
CA LEU D 69 -39.98 -33.96 13.75
C LEU D 69 -40.66 -34.03 15.12
N GLY D 70 -41.98 -33.93 15.12
CA GLY D 70 -42.72 -34.00 16.36
C GLY D 70 -42.44 -35.31 17.09
N LYS D 71 -42.40 -36.40 16.33
CA LYS D 71 -42.14 -37.70 16.93
C LYS D 71 -40.69 -37.74 17.40
N LEU D 72 -39.78 -37.25 16.57
CA LEU D 72 -38.36 -37.23 16.92
C LEU D 72 -38.10 -36.46 18.21
N ALA D 73 -38.82 -35.36 18.40
CA ALA D 73 -38.64 -34.52 19.58
C ALA D 73 -38.89 -35.26 20.88
N THR D 74 -39.59 -36.39 20.82
CA THR D 74 -39.87 -37.16 22.03
C THR D 74 -38.95 -38.36 22.17
N THR D 75 -37.85 -38.37 21.42
CA THR D 75 -36.87 -39.45 21.49
C THR D 75 -35.59 -38.86 22.06
N PRO D 76 -34.80 -39.68 22.78
CA PRO D 76 -33.54 -39.24 23.40
C PRO D 76 -32.47 -38.77 22.42
N ASP D 77 -32.47 -39.33 21.22
CA ASP D 77 -31.47 -39.00 20.23
C ASP D 77 -31.76 -37.76 19.37
N ALA D 78 -32.88 -37.11 19.60
CA ALA D 78 -33.20 -35.91 18.80
C ALA D 78 -32.16 -34.82 18.97
N ASN D 79 -31.73 -34.25 17.86
CA ASN D 79 -30.79 -33.13 17.86
C ASN D 79 -31.27 -32.35 16.65
N ILE D 80 -32.03 -31.29 16.91
CA ILE D 80 -32.64 -30.49 15.86
C ILE D 80 -32.24 -29.03 15.85
N ILE D 81 -31.86 -28.52 14.69
CA ILE D 81 -31.52 -27.12 14.54
C ILE D 81 -32.70 -26.51 13.79
N LYS D 82 -33.44 -25.63 14.47
CA LYS D 82 -34.64 -24.99 13.93
C LYS D 82 -34.44 -23.54 13.56
N LEU D 83 -34.61 -23.23 12.27
CA LEU D 83 -34.45 -21.88 11.76
C LEU D 83 -35.81 -21.18 11.73
N PRO D 84 -35.80 -19.84 11.73
CA PRO D 84 -37.07 -19.10 11.71
C PRO D 84 -37.94 -19.56 10.53
N ASN D 85 -39.25 -19.59 10.74
CA ASN D 85 -40.15 -19.99 9.66
C ASN D 85 -41.42 -19.15 9.68
N ILE D 86 -42.23 -19.31 8.64
CA ILE D 86 -43.45 -18.54 8.54
C ILE D 86 -44.63 -19.07 9.35
N SER D 87 -45.31 -18.15 10.04
CA SER D 87 -46.53 -18.45 10.77
C SER D 87 -47.47 -17.72 9.82
N ALA D 88 -47.93 -18.44 8.81
CA ALA D 88 -48.75 -17.86 7.75
C ALA D 88 -50.04 -17.15 8.10
N SER D 89 -50.18 -15.95 7.54
CA SER D 89 -51.40 -15.17 7.68
C SER D 89 -52.23 -15.76 6.55
N VAL D 90 -53.52 -15.41 6.46
CA VAL D 90 -54.33 -15.95 5.38
C VAL D 90 -53.76 -15.52 4.03
N PRO D 91 -53.34 -14.25 3.89
CA PRO D 91 -52.79 -13.84 2.58
C PRO D 91 -51.56 -14.66 2.16
N GLN D 92 -50.69 -14.99 3.11
CA GLN D 92 -49.49 -15.77 2.79
C GLN D 92 -49.89 -17.19 2.38
N LEU D 93 -50.85 -17.75 3.10
CA LEU D 93 -51.34 -19.09 2.81
C LEU D 93 -51.89 -19.13 1.38
N LYS D 94 -52.68 -18.13 1.03
CA LYS D 94 -53.26 -18.05 -0.32
C LYS D 94 -52.18 -17.89 -1.38
N ALA D 95 -51.19 -17.05 -1.08
CA ALA D 95 -50.09 -16.80 -2.01
C ALA D 95 -49.29 -18.06 -2.28
N ALA D 96 -49.10 -18.87 -1.25
CA ALA D 96 -48.37 -20.12 -1.37
C ALA D 96 -49.19 -21.14 -2.16
N ILE D 97 -50.49 -21.18 -1.90
CA ILE D 97 -51.35 -22.12 -2.62
C ILE D 97 -51.32 -21.77 -4.09
N LYS D 98 -51.42 -20.48 -4.40
CA LYS D 98 -51.42 -20.02 -5.79
C LYS D 98 -50.10 -20.38 -6.50
N GLU D 99 -48.98 -20.13 -5.84
CA GLU D 99 -47.68 -20.43 -6.43
C GLU D 99 -47.59 -21.92 -6.78
N LEU D 100 -48.00 -22.77 -5.86
CA LEU D 100 -47.96 -24.21 -6.06
C LEU D 100 -48.87 -24.63 -7.22
N GLN D 101 -50.07 -24.05 -7.28
CA GLN D 101 -51.00 -24.38 -8.36
C GLN D 101 -50.37 -24.00 -9.69
N GLN D 102 -49.70 -22.84 -9.72
CA GLN D 102 -49.07 -22.38 -10.95
C GLN D 102 -47.93 -23.31 -11.31
N GLN D 103 -47.41 -24.02 -10.31
CA GLN D 103 -46.32 -24.97 -10.53
C GLN D 103 -46.84 -26.36 -10.85
N GLY D 104 -48.16 -26.52 -10.91
CA GLY D 104 -48.71 -27.82 -11.25
C GLY D 104 -49.27 -28.65 -10.11
N TYR D 105 -49.20 -28.14 -8.88
CA TYR D 105 -49.75 -28.85 -7.74
C TYR D 105 -51.22 -28.46 -7.67
N LYS D 106 -52.10 -29.39 -8.02
CA LYS D 106 -53.54 -29.14 -8.03
C LYS D 106 -54.17 -29.05 -6.66
N LEU D 107 -53.60 -28.20 -5.81
CA LEU D 107 -54.14 -28.03 -4.46
C LEU D 107 -55.47 -27.31 -4.53
N PRO D 108 -56.40 -27.63 -3.63
CA PRO D 108 -57.71 -26.97 -3.63
C PRO D 108 -57.57 -25.53 -3.14
N ASP D 109 -58.46 -24.65 -3.61
CA ASP D 109 -58.39 -23.26 -3.16
C ASP D 109 -58.72 -23.21 -1.68
N TYR D 110 -58.36 -22.11 -1.03
CA TYR D 110 -58.66 -21.93 0.38
C TYR D 110 -60.05 -21.31 0.42
N PRO D 111 -61.03 -22.02 0.99
CA PRO D 111 -62.39 -21.48 1.06
C PRO D 111 -62.61 -20.73 2.37
N GLU D 112 -62.70 -19.41 2.29
CA GLU D 112 -62.89 -18.59 3.47
C GLU D 112 -64.26 -18.80 4.10
N GLU D 113 -65.26 -19.11 3.27
CA GLU D 113 -66.61 -19.37 3.76
C GLU D 113 -67.13 -20.65 3.11
N PRO D 114 -66.73 -21.82 3.66
CA PRO D 114 -67.12 -23.13 3.16
C PRO D 114 -68.63 -23.36 3.21
N LYS D 115 -69.18 -23.92 2.13
CA LYS D 115 -70.60 -24.20 2.07
C LYS D 115 -70.86 -25.61 1.55
N THR D 116 -69.79 -26.37 1.30
CA THR D 116 -69.90 -27.74 0.81
C THR D 116 -69.03 -28.63 1.68
N ASP D 117 -69.36 -29.92 1.72
CA ASP D 117 -68.61 -30.87 2.51
C ASP D 117 -67.12 -30.82 2.18
N THR D 118 -66.82 -30.73 0.88
CA THR D 118 -65.45 -30.66 0.40
C THR D 118 -64.73 -29.41 0.90
N GLU D 119 -65.37 -28.25 0.77
CA GLU D 119 -64.75 -27.00 1.22
C GLU D 119 -64.53 -27.01 2.73
N LYS D 120 -65.46 -27.58 3.47
CA LYS D 120 -65.35 -27.63 4.93
C LYS D 120 -64.16 -28.49 5.33
N ASP D 121 -63.97 -29.60 4.63
CA ASP D 121 -62.84 -30.48 4.90
C ASP D 121 -61.55 -29.75 4.56
N VAL D 122 -61.51 -29.12 3.39
CA VAL D 122 -60.33 -28.39 2.93
C VAL D 122 -59.93 -27.26 3.87
N LYS D 123 -60.89 -26.40 4.21
CA LYS D 123 -60.61 -25.27 5.10
C LYS D 123 -60.07 -25.73 6.44
N ALA D 124 -60.72 -26.73 7.04
CA ALA D 124 -60.29 -27.24 8.34
C ALA D 124 -58.83 -27.70 8.27
N ARG D 125 -58.47 -28.38 7.18
CA ARG D 125 -57.10 -28.84 7.04
C ARG D 125 -56.11 -27.71 6.82
N TYR D 126 -56.47 -26.74 5.98
CA TYR D 126 -55.61 -25.60 5.72
C TYR D 126 -55.42 -24.76 6.99
N ASP D 127 -56.48 -24.68 7.80
CA ASP D 127 -56.43 -23.89 9.03
C ASP D 127 -55.42 -24.42 10.04
N LYS D 128 -55.12 -25.71 9.98
CA LYS D 128 -54.14 -26.29 10.90
C LYS D 128 -52.74 -26.00 10.40
N ILE D 129 -52.64 -25.58 9.13
CA ILE D 129 -51.34 -25.29 8.53
C ILE D 129 -50.94 -23.83 8.72
N LYS D 130 -51.91 -22.92 8.74
CA LYS D 130 -51.60 -21.51 8.90
C LYS D 130 -51.34 -21.18 10.36
N GLY D 131 -50.87 -19.96 10.62
CA GLY D 131 -50.59 -19.55 11.98
C GLY D 131 -49.34 -20.20 12.55
N SER D 132 -49.20 -20.12 13.87
CA SER D 132 -48.06 -20.68 14.58
C SER D 132 -48.23 -22.19 14.72
N ALA D 133 -47.95 -22.91 13.65
CA ALA D 133 -48.10 -24.36 13.62
C ALA D 133 -46.87 -25.17 13.95
N VAL D 134 -45.68 -24.58 13.80
CA VAL D 134 -44.47 -25.34 14.05
C VAL D 134 -43.99 -25.40 15.50
N ASN D 135 -43.95 -24.25 16.18
CA ASN D 135 -43.48 -24.22 17.56
C ASN D 135 -44.20 -25.17 18.53
N PRO D 136 -45.54 -25.28 18.43
CA PRO D 136 -46.28 -26.16 19.34
C PRO D 136 -45.90 -27.64 19.18
N VAL D 137 -45.36 -28.00 18.02
CA VAL D 137 -44.97 -29.37 17.76
C VAL D 137 -43.53 -29.67 18.22
N LEU D 138 -42.62 -28.73 18.00
CA LEU D 138 -41.23 -28.93 18.36
C LEU D 138 -40.85 -28.62 19.81
N ARG D 139 -41.55 -27.69 20.43
CA ARG D 139 -41.20 -27.30 21.79
C ARG D 139 -41.62 -28.27 22.88
N GLU D 140 -40.99 -29.44 22.89
CA GLU D 140 -41.27 -30.47 23.89
C GLU D 140 -40.20 -30.39 24.98
N GLY D 141 -39.96 -29.16 25.44
CA GLY D 141 -38.98 -28.91 26.48
C GLY D 141 -39.10 -27.45 26.87
N ASN D 142 -38.34 -27.04 27.87
CA ASN D 142 -38.40 -25.66 28.32
C ASN D 142 -37.34 -24.79 27.64
N SER D 143 -37.36 -23.50 27.95
CA SER D 143 -36.47 -22.55 27.29
C SER D 143 -35.29 -21.98 28.07
N ASP D 144 -34.12 -22.09 27.45
CA ASP D 144 -32.86 -21.53 27.99
C ASP D 144 -32.46 -20.57 26.88
N ARG D 145 -32.92 -19.33 26.97
CA ARG D 145 -32.64 -18.33 25.95
C ARG D 145 -31.74 -17.24 26.53
N ARG D 146 -30.58 -17.04 25.89
CA ARG D 146 -29.61 -16.05 26.35
C ARG D 146 -28.59 -15.73 25.26
N ALA D 147 -28.01 -14.54 25.33
CA ALA D 147 -27.01 -14.15 24.36
C ALA D 147 -25.67 -14.73 24.79
N PRO D 148 -24.84 -15.13 23.82
CA PRO D 148 -23.52 -15.70 24.13
C PRO D 148 -22.62 -14.61 24.69
N LEU D 149 -21.67 -14.98 25.54
CA LEU D 149 -20.76 -14.01 26.10
C LEU D 149 -20.06 -13.25 24.98
N SER D 150 -19.80 -13.93 23.87
CA SER D 150 -19.14 -13.30 22.73
C SER D 150 -19.95 -12.14 22.19
N VAL D 151 -21.26 -12.32 22.10
CA VAL D 151 -22.15 -11.28 21.59
C VAL D 151 -22.29 -10.12 22.58
N LYS D 152 -22.38 -10.45 23.86
CA LYS D 152 -22.50 -9.44 24.90
C LYS D 152 -21.24 -8.58 24.95
N ASN D 153 -20.08 -9.22 25.04
CA ASN D 153 -18.82 -8.48 25.10
C ASN D 153 -18.66 -7.63 23.86
N TYR D 154 -19.15 -8.12 22.72
CA TYR D 154 -19.06 -7.36 21.48
C TYR D 154 -19.91 -6.10 21.57
N ALA D 155 -21.11 -6.24 22.10
CA ALA D 155 -22.03 -5.10 22.24
C ALA D 155 -21.42 -4.04 23.15
N ARG D 156 -20.82 -4.49 24.25
CA ARG D 156 -20.19 -3.59 25.21
C ARG D 156 -19.14 -2.71 24.54
N LYS D 157 -18.36 -3.32 23.66
CA LYS D 157 -17.29 -2.62 22.95
C LYS D 157 -17.79 -1.82 21.75
N HIS D 158 -18.95 -2.19 21.24
CA HIS D 158 -19.52 -1.52 20.08
C HIS D 158 -21.00 -1.24 20.32
N PRO D 159 -21.29 -0.30 21.24
CA PRO D 159 -22.63 0.14 21.63
C PRO D 159 -23.52 0.54 20.47
N HIS D 160 -24.74 0.00 20.47
CA HIS D 160 -25.73 0.32 19.46
C HIS D 160 -26.44 1.58 19.93
N LYS D 161 -27.14 2.27 19.03
CA LYS D 161 -27.82 3.50 19.42
C LYS D 161 -29.05 3.25 20.30
N MET D 162 -29.18 4.07 21.34
CA MET D 162 -30.29 4.00 22.28
C MET D 162 -30.90 5.40 22.37
N GLY D 163 -32.18 5.51 22.01
CA GLY D 163 -32.85 6.80 22.06
C GLY D 163 -32.79 7.39 23.46
N ALA D 164 -32.50 8.69 23.55
CA ALA D 164 -32.42 9.36 24.84
C ALA D 164 -33.82 9.43 25.46
N TRP D 165 -33.89 9.38 26.79
CA TRP D 165 -35.15 9.45 27.50
C TRP D 165 -35.30 10.73 28.30
N SER D 166 -36.50 11.29 28.28
CA SER D 166 -36.80 12.52 29.03
C SER D 166 -37.68 12.19 30.22
N ALA D 167 -37.42 12.84 31.34
CA ALA D 167 -38.22 12.61 32.54
C ALA D 167 -39.62 13.15 32.32
N ASP D 168 -39.77 14.02 31.31
CA ASP D 168 -41.06 14.61 31.00
C ASP D 168 -41.81 13.86 29.90
N SER D 169 -41.37 12.63 29.62
CA SER D 169 -42.03 11.82 28.60
C SER D 169 -43.47 11.55 29.03
N LYS D 170 -44.38 11.57 28.07
CA LYS D 170 -45.79 11.31 28.35
C LYS D 170 -46.15 9.86 28.03
N SER D 171 -45.14 9.08 27.64
CA SER D 171 -45.35 7.67 27.29
C SER D 171 -45.64 6.80 28.49
N HIS D 172 -46.52 5.82 28.30
CA HIS D 172 -46.89 4.90 29.36
C HIS D 172 -47.71 3.76 28.81
N VAL D 173 -47.88 2.72 29.61
CA VAL D 173 -48.69 1.57 29.23
C VAL D 173 -50.07 1.83 29.86
N ALA D 174 -51.13 1.62 29.08
CA ALA D 174 -52.48 1.79 29.59
C ALA D 174 -53.11 0.41 29.65
N HIS D 175 -53.60 0.04 30.82
CA HIS D 175 -54.22 -1.26 31.02
C HIS D 175 -55.51 -1.12 31.82
N MET D 176 -56.31 -2.19 31.83
CA MET D 176 -57.57 -2.19 32.55
C MET D 176 -57.35 -2.24 34.06
N ASP D 177 -58.33 -1.77 34.83
CA ASP D 177 -58.24 -1.77 36.29
C ASP D 177 -59.02 -2.91 36.90
N ASN D 178 -59.92 -3.48 36.10
CA ASN D 178 -60.75 -4.59 36.52
C ASN D 178 -61.48 -5.12 35.29
N GLY D 179 -62.12 -6.27 35.42
CA GLY D 179 -62.84 -6.85 34.31
C GLY D 179 -61.97 -7.54 33.28
N ASP D 180 -60.69 -7.74 33.60
CA ASP D 180 -59.76 -8.40 32.69
C ASP D 180 -59.46 -9.84 33.11
N PHE D 181 -58.62 -10.54 32.35
CA PHE D 181 -58.26 -11.92 32.67
C PHE D 181 -57.59 -11.99 34.03
N TYR D 182 -56.67 -11.05 34.28
CA TYR D 182 -55.93 -10.98 35.53
C TYR D 182 -56.89 -10.94 36.73
N GLY D 183 -57.85 -10.04 36.67
CA GLY D 183 -58.79 -9.89 37.78
C GLY D 183 -59.81 -11.00 38.03
N SER D 184 -59.97 -11.92 37.08
CA SER D 184 -60.95 -12.98 37.25
C SER D 184 -60.35 -14.38 37.24
N GLU D 185 -59.03 -14.48 37.27
CA GLU D 185 -58.41 -15.78 37.22
C GLU D 185 -58.73 -16.65 38.44
N LYS D 186 -59.01 -17.91 38.17
CA LYS D 186 -59.32 -18.90 39.20
C LYS D 186 -58.60 -20.17 38.77
N ALA D 187 -58.03 -20.90 39.72
CA ALA D 187 -57.28 -22.10 39.36
C ALA D 187 -57.62 -23.29 40.23
N ALA D 188 -57.27 -24.48 39.73
CA ALA D 188 -57.51 -25.73 40.43
C ALA D 188 -56.35 -26.67 40.18
N LEU D 189 -56.00 -27.44 41.20
CA LEU D 189 -54.92 -28.42 41.09
C LEU D 189 -55.60 -29.77 40.95
N ILE D 190 -55.36 -30.43 39.83
CA ILE D 190 -55.98 -31.73 39.55
C ILE D 190 -55.38 -32.83 40.43
N GLY D 191 -56.25 -33.57 41.11
CA GLY D 191 -55.80 -34.63 41.99
C GLY D 191 -55.42 -35.91 41.30
N ALA D 192 -56.31 -36.42 40.45
CA ALA D 192 -56.05 -37.66 39.75
C ALA D 192 -56.33 -37.53 38.25
N PRO D 193 -55.76 -38.44 37.44
CA PRO D 193 -55.94 -38.43 35.99
C PRO D 193 -57.42 -38.49 35.64
N GLY D 194 -57.79 -37.88 34.51
CA GLY D 194 -59.17 -37.88 34.08
C GLY D 194 -59.40 -36.85 32.99
N SER D 195 -60.52 -36.15 33.07
CA SER D 195 -60.85 -35.12 32.09
C SER D 195 -61.90 -34.18 32.64
N VAL D 196 -62.01 -33.00 32.04
CA VAL D 196 -62.98 -32.02 32.47
C VAL D 196 -63.88 -31.61 31.31
N LYS D 197 -65.06 -31.15 31.67
CA LYS D 197 -66.06 -30.69 30.73
C LYS D 197 -66.26 -29.20 30.96
N ILE D 198 -66.38 -28.44 29.88
CA ILE D 198 -66.59 -27.00 29.95
C ILE D 198 -67.96 -26.70 29.35
N GLU D 199 -68.88 -26.20 30.16
CA GLU D 199 -70.19 -25.92 29.65
C GLU D 199 -70.74 -24.61 30.20
N LEU D 200 -71.60 -23.97 29.40
CA LEU D 200 -72.20 -22.72 29.78
C LEU D 200 -73.64 -22.94 30.24
N ILE D 201 -73.95 -22.48 31.45
CA ILE D 201 -75.31 -22.59 31.97
C ILE D 201 -75.86 -21.19 31.77
N ALA D 202 -76.71 -21.03 30.77
CA ALA D 202 -77.28 -19.73 30.46
C ALA D 202 -78.39 -19.31 31.42
N LYS D 203 -78.70 -18.01 31.40
CA LYS D 203 -79.75 -17.45 32.24
C LYS D 203 -81.06 -18.11 31.86
N ASP D 204 -81.25 -18.29 30.55
CA ASP D 204 -82.47 -18.89 30.03
C ASP D 204 -82.65 -20.34 30.48
N GLY D 205 -81.70 -20.83 31.27
CA GLY D 205 -81.77 -22.19 31.77
C GLY D 205 -81.04 -23.22 30.94
N SER D 206 -80.96 -22.99 29.63
CA SER D 206 -80.28 -23.92 28.75
C SER D 206 -78.82 -24.10 29.11
N SER D 207 -78.24 -25.18 28.60
CA SER D 207 -76.84 -25.50 28.84
C SER D 207 -76.19 -25.72 27.48
N THR D 208 -74.99 -25.20 27.31
CA THR D 208 -74.27 -25.36 26.06
C THR D 208 -72.87 -25.87 26.36
N VAL D 209 -72.53 -27.05 25.84
CA VAL D 209 -71.21 -27.61 26.08
C VAL D 209 -70.22 -26.90 25.15
N LEU D 210 -69.26 -26.18 25.74
CA LEU D 210 -68.28 -25.46 24.95
C LEU D 210 -67.17 -26.38 24.46
N LYS D 211 -66.82 -27.34 25.32
CA LYS D 211 -65.78 -28.33 25.02
C LYS D 211 -66.06 -29.53 25.92
N ALA D 212 -66.58 -30.59 25.32
CA ALA D 212 -66.95 -31.79 26.06
C ALA D 212 -65.82 -32.47 26.84
N LYS D 213 -64.63 -32.56 26.25
CA LYS D 213 -63.55 -33.24 26.94
C LYS D 213 -62.16 -32.66 26.77
N THR D 214 -61.47 -32.48 27.89
CA THR D 214 -60.11 -31.99 27.93
C THR D 214 -59.41 -32.87 28.96
N SER D 215 -58.52 -33.74 28.50
CA SER D 215 -57.81 -34.63 29.41
C SER D 215 -56.91 -33.84 30.35
N VAL D 216 -56.87 -34.26 31.61
CA VAL D 216 -56.03 -33.60 32.60
C VAL D 216 -55.23 -34.67 33.35
N GLN D 217 -54.01 -34.33 33.74
CA GLN D 217 -53.15 -35.26 34.45
C GLN D 217 -53.13 -34.98 35.94
N ALA D 218 -52.64 -35.96 36.71
CA ALA D 218 -52.53 -35.79 38.14
C ALA D 218 -51.49 -34.68 38.34
N GLY D 219 -51.77 -33.75 39.25
CA GLY D 219 -50.84 -32.67 39.51
C GLY D 219 -50.85 -31.53 38.51
N GLU D 220 -51.71 -31.61 37.50
CA GLU D 220 -51.78 -30.55 36.50
C GLU D 220 -52.53 -29.34 37.04
N ILE D 221 -52.13 -28.16 36.58
CA ILE D 221 -52.79 -26.93 37.01
C ILE D 221 -53.65 -26.39 35.88
N ILE D 222 -54.92 -26.13 36.18
CA ILE D 222 -55.81 -25.57 35.18
C ILE D 222 -56.40 -24.29 35.77
N ASP D 223 -56.60 -23.29 34.92
CA ASP D 223 -57.17 -22.04 35.39
C ASP D 223 -58.04 -21.39 34.33
N SER D 224 -59.06 -20.68 34.79
CA SER D 224 -59.96 -20.00 33.89
C SER D 224 -59.96 -18.52 34.23
N SER D 225 -60.28 -17.70 33.26
CA SER D 225 -60.34 -16.26 33.45
C SER D 225 -61.19 -15.72 32.32
N VAL D 226 -61.69 -14.50 32.47
CA VAL D 226 -62.54 -13.94 31.44
C VAL D 226 -62.30 -12.45 31.24
N MET D 227 -62.27 -12.05 29.98
CA MET D 227 -62.09 -10.64 29.61
C MET D 227 -63.52 -10.12 29.38
N SER D 228 -63.97 -9.22 30.25
CA SER D 228 -65.31 -8.67 30.13
C SER D 228 -65.43 -7.69 28.96
N LYS D 229 -66.42 -7.93 28.10
CA LYS D 229 -66.63 -7.06 26.94
C LYS D 229 -67.00 -5.64 27.36
N ASN D 230 -67.88 -5.52 28.34
CA ASN D 230 -68.28 -4.18 28.81
C ASN D 230 -67.09 -3.44 29.41
N ALA D 231 -66.30 -4.12 30.23
CA ALA D 231 -65.13 -3.51 30.86
C ALA D 231 -64.11 -3.05 29.81
N LEU D 232 -63.81 -3.93 28.87
CA LEU D 232 -62.86 -3.60 27.81
C LEU D 232 -63.32 -2.40 27.01
N ARG D 233 -64.59 -2.38 26.61
CA ARG D 233 -65.12 -1.25 25.83
C ARG D 233 -65.03 0.06 26.61
N ASN D 234 -65.39 0.02 27.89
CA ASN D 234 -65.34 1.24 28.70
C ASN D 234 -63.88 1.68 28.92
N PHE D 235 -62.98 0.71 29.01
CA PHE D 235 -61.56 1.01 29.16
C PHE D 235 -61.06 1.68 27.87
N ILE D 236 -61.33 1.05 26.73
CA ILE D 236 -60.88 1.61 25.44
C ILE D 236 -61.45 3.01 25.21
N ALA D 237 -62.73 3.21 25.52
CA ALA D 237 -63.34 4.52 25.34
C ALA D 237 -62.60 5.57 26.15
N ALA D 238 -62.31 5.27 27.42
CA ALA D 238 -61.61 6.20 28.29
C ALA D 238 -60.19 6.50 27.83
N GLU D 239 -59.45 5.46 27.42
CA GLU D 239 -58.08 5.64 26.97
C GLU D 239 -58.01 6.42 25.67
N ILE D 240 -59.00 6.24 24.81
CA ILE D 240 -59.03 6.97 23.55
C ILE D 240 -59.16 8.45 23.92
N GLU D 241 -60.07 8.76 24.84
CA GLU D 241 -60.29 10.13 25.27
C GLU D 241 -59.05 10.73 25.90
N ASP D 242 -58.40 9.97 26.77
CA ASP D 242 -57.21 10.44 27.46
C ASP D 242 -56.03 10.66 26.52
N ALA D 243 -55.89 9.79 25.52
CA ALA D 243 -54.81 9.93 24.55
C ALA D 243 -54.95 11.26 23.82
N LYS D 244 -56.18 11.58 23.42
CA LYS D 244 -56.44 12.83 22.72
C LYS D 244 -56.14 14.02 23.64
N LYS D 245 -56.61 13.95 24.88
CA LYS D 245 -56.39 15.00 25.86
C LYS D 245 -54.92 15.29 26.09
N GLN D 246 -54.13 14.24 26.31
CA GLN D 246 -52.70 14.40 26.54
C GLN D 246 -51.89 14.66 25.27
N GLY D 247 -52.51 14.42 24.13
CA GLY D 247 -51.82 14.64 22.87
C GLY D 247 -50.77 13.59 22.56
N VAL D 248 -51.08 12.33 22.84
CA VAL D 248 -50.13 11.26 22.55
C VAL D 248 -50.72 10.29 21.53
N LEU D 249 -49.85 9.52 20.89
CA LEU D 249 -50.27 8.54 19.90
C LEU D 249 -50.90 7.35 20.60
N LEU D 250 -52.01 6.87 20.07
CA LEU D 250 -52.65 5.71 20.64
C LEU D 250 -52.09 4.49 19.91
N SER D 251 -51.54 3.54 20.66
CA SER D 251 -51.00 2.32 20.06
C SER D 251 -51.62 1.11 20.77
N VAL D 252 -51.61 -0.03 20.10
CA VAL D 252 -52.19 -1.26 20.64
C VAL D 252 -51.18 -2.39 20.49
N HIS D 253 -50.89 -3.05 21.59
CA HIS D 253 -49.88 -4.10 21.58
C HIS D 253 -50.41 -5.46 22.01
N LEU D 254 -50.75 -6.28 21.01
CA LEU D 254 -51.28 -7.62 21.23
C LEU D 254 -50.41 -8.68 20.55
N LYS D 255 -50.81 -9.94 20.70
CA LYS D 255 -50.09 -11.07 20.11
C LYS D 255 -51.11 -11.83 19.26
N ALA D 256 -51.68 -11.14 18.27
CA ALA D 256 -52.73 -11.69 17.40
C ALA D 256 -52.47 -12.98 16.63
N THR D 257 -51.30 -13.14 16.04
CA THR D 257 -51.04 -14.35 15.27
C THR D 257 -51.04 -15.62 16.12
N MET D 258 -50.33 -15.59 17.24
CA MET D 258 -50.25 -16.77 18.10
C MET D 258 -51.50 -16.94 18.98
N MET D 259 -51.94 -15.85 19.62
CA MET D 259 -53.15 -15.92 20.45
C MET D 259 -54.30 -15.71 19.47
N LYS D 260 -54.42 -16.66 18.55
CA LYS D 260 -55.39 -16.64 17.47
C LYS D 260 -56.89 -16.50 17.80
N VAL D 261 -57.28 -16.77 19.05
CA VAL D 261 -58.69 -16.61 19.38
C VAL D 261 -58.96 -15.32 20.15
N SER D 262 -58.29 -15.15 21.29
CA SER D 262 -58.50 -13.99 22.14
C SER D 262 -58.08 -12.63 21.61
N ASP D 263 -56.85 -12.54 21.09
CA ASP D 263 -56.36 -11.25 20.64
C ASP D 263 -57.07 -10.64 19.44
N PRO D 264 -57.48 -11.46 18.46
CA PRO D 264 -58.17 -10.81 17.34
C PRO D 264 -59.52 -10.24 17.84
N ILE D 265 -60.13 -10.91 18.82
CA ILE D 265 -61.41 -10.43 19.36
C ILE D 265 -61.19 -9.11 20.09
N MET D 266 -60.16 -9.05 20.94
CA MET D 266 -59.87 -7.82 21.66
C MET D 266 -59.51 -6.72 20.68
N PHE D 267 -58.70 -7.06 19.67
CA PHE D 267 -58.31 -6.08 18.66
C PHE D 267 -59.57 -5.51 17.99
N GLY D 268 -60.49 -6.40 17.66
CA GLY D 268 -61.74 -6.00 17.02
C GLY D 268 -62.60 -5.08 17.88
N GLN D 269 -62.58 -5.29 19.18
CA GLN D 269 -63.35 -4.44 20.08
C GLN D 269 -62.74 -3.05 20.12
N ILE D 270 -61.42 -2.97 20.00
CA ILE D 270 -60.75 -1.69 19.99
C ILE D 270 -61.10 -0.99 18.68
N VAL D 271 -61.04 -1.73 17.58
CA VAL D 271 -61.38 -1.18 16.27
C VAL D 271 -62.84 -0.70 16.29
N SER D 272 -63.73 -1.52 16.83
CA SER D 272 -65.15 -1.16 16.90
C SER D 272 -65.42 0.16 17.64
N GLU D 273 -64.77 0.35 18.77
CA GLU D 273 -64.99 1.56 19.56
C GLU D 273 -64.33 2.78 18.90
N PHE D 274 -63.13 2.59 18.37
CA PHE D 274 -62.42 3.69 17.73
C PHE D 274 -63.20 4.29 16.55
N TYR D 275 -63.64 3.42 15.64
CA TYR D 275 -64.36 3.86 14.44
C TYR D 275 -65.88 3.72 14.55
N LYS D 276 -66.40 3.60 15.77
CA LYS D 276 -67.82 3.41 15.96
C LYS D 276 -68.77 4.33 15.18
N ASP D 277 -68.44 5.60 15.05
CA ASP D 277 -69.30 6.53 14.33
C ASP D 277 -69.55 6.08 12.89
N ALA D 278 -68.48 5.63 12.23
CA ALA D 278 -68.54 5.18 10.86
C ALA D 278 -69.08 3.77 10.72
N LEU D 279 -68.66 2.88 11.62
CA LEU D 279 -69.11 1.49 11.57
C LEU D 279 -70.61 1.37 11.86
N THR D 280 -71.11 2.18 12.80
CA THR D 280 -72.52 2.15 13.14
C THR D 280 -73.34 2.66 11.96
N LYS D 281 -72.95 3.83 11.45
CA LYS D 281 -73.65 4.43 10.32
C LYS D 281 -73.77 3.45 9.15
N HIS D 282 -72.67 2.80 8.81
CA HIS D 282 -72.65 1.87 7.68
C HIS D 282 -72.78 0.40 8.08
N ALA D 283 -73.42 0.14 9.21
CA ALA D 283 -73.60 -1.23 9.71
C ALA D 283 -74.18 -2.22 8.70
N GLU D 284 -75.33 -1.91 8.13
CA GLU D 284 -75.95 -2.82 7.18
C GLU D 284 -75.08 -3.20 5.99
N VAL D 285 -74.54 -2.22 5.28
CA VAL D 285 -73.71 -2.52 4.12
C VAL D 285 -72.42 -3.23 4.49
N LEU D 286 -71.87 -2.92 5.66
CA LEU D 286 -70.64 -3.57 6.11
C LEU D 286 -70.92 -5.04 6.40
N LYS D 287 -72.12 -5.32 6.90
CA LYS D 287 -72.51 -6.69 7.19
C LYS D 287 -72.72 -7.39 5.85
N GLN D 288 -73.30 -6.67 4.91
CA GLN D 288 -73.56 -7.21 3.58
C GLN D 288 -72.28 -7.63 2.86
N ILE D 289 -71.21 -6.86 3.03
CA ILE D 289 -69.94 -7.20 2.38
C ILE D 289 -69.08 -8.12 3.22
N GLY D 290 -69.60 -8.52 4.38
CA GLY D 290 -68.88 -9.45 5.24
C GLY D 290 -67.69 -8.91 6.00
N PHE D 291 -67.73 -7.63 6.35
CA PHE D 291 -66.65 -7.02 7.10
C PHE D 291 -66.38 -7.80 8.38
N ASP D 292 -65.11 -8.05 8.67
CA ASP D 292 -64.73 -8.76 9.89
C ASP D 292 -63.85 -7.81 10.72
N VAL D 293 -64.47 -7.11 11.66
CA VAL D 293 -63.76 -6.15 12.48
C VAL D 293 -62.54 -6.74 13.20
N ASN D 294 -62.58 -8.05 13.47
CA ASN D 294 -61.47 -8.71 14.14
C ASN D 294 -60.26 -8.80 13.22
N ASN D 295 -60.44 -8.47 11.94
CA ASN D 295 -59.33 -8.52 10.99
C ASN D 295 -58.80 -7.11 10.72
N GLY D 296 -59.19 -6.16 11.56
CA GLY D 296 -58.73 -4.78 11.42
C GLY D 296 -59.50 -3.93 10.43
N ILE D 297 -59.28 -2.62 10.46
CA ILE D 297 -59.98 -1.72 9.55
C ILE D 297 -59.52 -1.97 8.11
N GLY D 298 -58.36 -2.59 7.96
CA GLY D 298 -57.87 -2.88 6.62
C GLY D 298 -58.84 -3.81 5.91
N ASP D 299 -59.56 -4.60 6.70
CA ASP D 299 -60.54 -5.55 6.16
C ASP D 299 -61.70 -4.79 5.52
N LEU D 300 -62.00 -3.61 6.06
CA LEU D 300 -63.07 -2.78 5.53
C LEU D 300 -62.65 -2.20 4.17
N TYR D 301 -61.44 -1.65 4.12
CA TYR D 301 -60.95 -1.06 2.87
C TYR D 301 -60.89 -2.06 1.71
N ALA D 302 -60.59 -3.31 2.02
CA ALA D 302 -60.51 -4.34 0.99
C ALA D 302 -61.89 -4.72 0.48
N ARG D 303 -62.82 -4.93 1.41
CA ARG D 303 -64.18 -5.32 1.06
C ARG D 303 -65.09 -4.25 0.47
N ILE D 304 -64.81 -2.96 0.72
CA ILE D 304 -65.67 -1.93 0.17
C ILE D 304 -65.42 -1.70 -1.32
N LYS D 305 -64.38 -2.32 -1.85
CA LYS D 305 -64.05 -2.19 -3.26
C LYS D 305 -65.10 -2.82 -4.17
N THR D 306 -66.00 -3.61 -3.60
CA THR D 306 -67.05 -4.26 -4.36
C THR D 306 -68.30 -3.39 -4.41
N LEU D 307 -68.29 -2.28 -3.69
CA LEU D 307 -69.44 -1.38 -3.64
C LEU D 307 -69.31 -0.24 -4.66
N PRO D 308 -70.41 0.46 -4.94
CA PRO D 308 -70.39 1.57 -5.90
C PRO D 308 -69.43 2.64 -5.39
N GLU D 309 -68.66 3.23 -6.29
CA GLU D 309 -67.69 4.24 -5.89
C GLU D 309 -68.27 5.34 -5.02
N ALA D 310 -69.53 5.68 -5.23
CA ALA D 310 -70.17 6.72 -4.43
C ALA D 310 -70.21 6.27 -2.98
N LYS D 311 -70.59 5.01 -2.77
CA LYS D 311 -70.67 4.46 -1.42
C LYS D 311 -69.28 4.37 -0.82
N GLN D 312 -68.31 4.00 -1.63
CA GLN D 312 -66.92 3.89 -1.16
C GLN D 312 -66.42 5.25 -0.70
N LYS D 313 -66.73 6.28 -1.49
CA LYS D 313 -66.30 7.63 -1.18
C LYS D 313 -66.88 8.10 0.15
N GLU D 314 -68.15 7.82 0.36
CA GLU D 314 -68.84 8.20 1.59
C GLU D 314 -68.23 7.52 2.81
N ILE D 315 -68.09 6.20 2.73
CA ILE D 315 -67.51 5.43 3.83
C ILE D 315 -66.12 5.97 4.18
N GLU D 316 -65.29 6.15 3.15
CA GLU D 316 -63.94 6.66 3.37
C GLU D 316 -63.97 8.05 3.99
N ALA D 317 -64.94 8.85 3.61
CA ALA D 317 -65.05 10.20 4.14
C ALA D 317 -65.46 10.14 5.61
N ASP D 318 -66.37 9.22 5.94
CA ASP D 318 -66.81 9.09 7.33
C ASP D 318 -65.71 8.59 8.24
N ILE D 319 -64.81 7.79 7.69
CA ILE D 319 -63.70 7.28 8.49
C ILE D 319 -62.72 8.42 8.75
N GLN D 320 -62.50 9.25 7.73
CA GLN D 320 -61.61 10.39 7.88
C GLN D 320 -62.19 11.32 8.94
N ALA D 321 -63.51 11.40 8.99
CA ALA D 321 -64.17 12.25 9.97
C ALA D 321 -63.88 11.72 11.38
N VAL D 322 -63.77 10.40 11.50
CA VAL D 322 -63.46 9.77 12.79
C VAL D 322 -62.05 10.16 13.22
N TYR D 323 -61.11 10.08 12.29
CA TYR D 323 -59.72 10.42 12.61
C TYR D 323 -59.61 11.85 13.14
N ALA D 324 -60.46 12.73 12.64
CA ALA D 324 -60.44 14.13 13.06
C ALA D 324 -60.98 14.33 14.48
N GLN D 325 -61.75 13.37 14.95
CA GLN D 325 -62.35 13.47 16.29
C GLN D 325 -61.61 12.65 17.34
N ARG D 326 -60.81 11.69 16.88
CA ARG D 326 -60.04 10.82 17.75
C ARG D 326 -58.58 11.22 17.86
N PRO D 327 -57.84 10.62 18.79
CA PRO D 327 -56.41 10.97 18.93
C PRO D 327 -55.72 10.31 17.74
N GLN D 328 -54.47 10.67 17.49
CA GLN D 328 -53.74 10.08 16.38
C GLN D 328 -53.26 8.70 16.77
N LEU D 329 -53.18 7.82 15.78
CA LEU D 329 -52.74 6.44 15.98
C LEU D 329 -51.29 6.26 15.60
N ALA D 330 -50.61 5.32 16.27
CA ALA D 330 -49.24 5.00 15.92
C ALA D 330 -49.37 4.41 14.51
N MET D 331 -48.39 4.62 13.66
CA MET D 331 -48.46 4.14 12.29
C MET D 331 -47.49 3.00 11.98
N VAL D 332 -47.92 2.09 11.10
CA VAL D 332 -47.06 0.99 10.67
C VAL D 332 -46.31 1.52 9.45
N ASN D 333 -47.02 2.29 8.64
CA ASN D 333 -46.46 2.91 7.45
C ASN D 333 -47.19 4.23 7.25
N SER D 334 -46.60 5.31 7.74
CA SER D 334 -47.20 6.63 7.62
C SER D 334 -47.39 7.08 6.17
N ASP D 335 -46.48 6.70 5.30
CA ASP D 335 -46.59 7.09 3.89
C ASP D 335 -47.83 6.53 3.22
N LYS D 336 -48.19 5.30 3.55
CA LYS D 336 -49.37 4.67 2.95
C LYS D 336 -50.61 4.75 3.82
N GLY D 337 -50.51 5.47 4.94
CA GLY D 337 -51.65 5.62 5.83
C GLY D 337 -52.06 4.35 6.57
N ILE D 338 -51.13 3.41 6.73
CA ILE D 338 -51.42 2.17 7.43
C ILE D 338 -51.23 2.39 8.93
N THR D 339 -52.34 2.35 9.67
CA THR D 339 -52.29 2.56 11.12
C THR D 339 -52.10 1.26 11.90
N ASN D 340 -51.97 1.43 13.20
CA ASN D 340 -51.80 0.34 14.16
C ASN D 340 -53.08 -0.52 14.18
N LEU D 341 -54.18 0.04 13.68
CA LEU D 341 -55.45 -0.68 13.67
C LEU D 341 -55.85 -1.29 12.34
N HIS D 342 -54.99 -1.18 11.33
CA HIS D 342 -55.31 -1.74 10.02
C HIS D 342 -55.24 -3.26 9.97
N VAL D 343 -54.14 -3.82 10.49
CA VAL D 343 -53.96 -5.28 10.48
C VAL D 343 -53.55 -5.78 11.87
N PRO D 344 -54.34 -6.68 12.47
CA PRO D 344 -54.06 -7.23 13.80
C PRO D 344 -52.64 -7.77 14.00
N SER D 345 -52.11 -8.44 12.99
CA SER D 345 -50.78 -9.04 13.09
C SER D 345 -49.59 -8.12 12.85
N ASP D 346 -49.84 -6.89 12.41
CA ASP D 346 -48.75 -5.95 12.15
C ASP D 346 -47.91 -5.62 13.39
N VAL D 347 -48.56 -5.18 14.45
CA VAL D 347 -47.85 -4.83 15.67
C VAL D 347 -47.90 -5.98 16.67
N ILE D 348 -46.75 -6.58 16.95
CA ILE D 348 -46.67 -7.71 17.87
C ILE D 348 -45.98 -7.29 19.16
N VAL D 349 -46.72 -7.38 20.26
CA VAL D 349 -46.24 -6.97 21.57
C VAL D 349 -44.81 -7.35 21.99
N ASP D 350 -44.42 -8.61 21.84
CA ASP D 350 -43.07 -8.98 22.27
C ASP D 350 -41.98 -8.16 21.59
N ALA D 351 -42.22 -7.75 20.35
CA ALA D 351 -41.22 -6.96 19.63
C ALA D 351 -41.50 -5.46 19.62
N SER D 352 -42.77 -5.09 19.56
CA SER D 352 -43.14 -3.69 19.51
C SER D 352 -42.88 -2.88 20.78
N MET D 353 -43.05 -3.48 21.95
CA MET D 353 -42.82 -2.73 23.18
C MET D 353 -41.33 -2.44 23.40
N PRO D 354 -40.47 -3.45 23.18
CA PRO D 354 -39.04 -3.17 23.38
C PRO D 354 -38.55 -2.14 22.36
N ALA D 355 -39.08 -2.20 21.14
CA ALA D 355 -38.70 -1.26 20.08
C ALA D 355 -39.10 0.16 20.46
N MET D 356 -40.28 0.30 21.05
CA MET D 356 -40.77 1.60 21.46
C MET D 356 -39.95 2.12 22.63
N ILE D 357 -39.68 1.25 23.60
CA ILE D 357 -38.90 1.63 24.78
C ILE D 357 -37.48 2.05 24.39
N ARG D 358 -36.87 1.31 23.46
CA ARG D 358 -35.53 1.64 23.03
C ARG D 358 -35.51 2.98 22.31
N ASP D 359 -36.52 3.22 21.48
CA ASP D 359 -36.57 4.48 20.73
C ASP D 359 -37.23 5.62 21.51
N SER D 360 -36.65 5.96 22.64
CA SER D 360 -37.12 7.05 23.49
C SER D 360 -38.59 6.93 23.92
N GLY D 361 -39.14 5.73 23.88
CA GLY D 361 -40.53 5.54 24.28
C GLY D 361 -41.50 6.12 23.26
N LYS D 362 -41.07 6.21 22.01
CA LYS D 362 -41.92 6.78 20.97
C LYS D 362 -42.25 5.80 19.85
N MET D 363 -43.29 6.15 19.08
CA MET D 363 -43.70 5.36 17.94
C MET D 363 -44.01 6.38 16.85
N TRP D 364 -44.17 5.91 15.61
CA TRP D 364 -44.42 6.83 14.49
C TRP D 364 -45.84 7.34 14.39
N GLY D 365 -45.97 8.64 14.13
CA GLY D 365 -47.28 9.25 14.00
C GLY D 365 -47.63 9.44 12.54
N PRO D 366 -48.85 9.94 12.24
CA PRO D 366 -49.30 10.17 10.87
C PRO D 366 -48.40 11.13 10.09
N ASP D 367 -47.63 11.95 10.80
CA ASP D 367 -46.74 12.92 10.15
C ASP D 367 -45.36 12.33 9.86
N GLY D 368 -45.23 11.01 10.04
CA GLY D 368 -43.96 10.36 9.79
C GLY D 368 -42.85 10.73 10.77
N LYS D 369 -43.23 11.19 11.96
CA LYS D 369 -42.24 11.55 12.98
C LYS D 369 -42.52 10.76 14.25
N LEU D 370 -41.53 10.71 15.14
CA LEU D 370 -41.69 10.00 16.41
C LEU D 370 -42.44 10.86 17.41
N HIS D 371 -43.27 10.23 18.24
CA HIS D 371 -44.04 10.94 19.24
C HIS D 371 -44.27 10.03 20.43
N ASP D 372 -44.52 10.61 21.61
CA ASP D 372 -44.79 9.83 22.79
C ASP D 372 -46.08 9.04 22.51
N THR D 373 -46.28 7.94 23.23
CA THR D 373 -47.48 7.14 22.98
C THR D 373 -48.07 6.47 24.21
N LYS D 374 -49.40 6.31 24.17
CA LYS D 374 -50.11 5.60 25.21
C LYS D 374 -50.17 4.20 24.59
N ALA D 375 -49.41 3.26 25.14
CA ALA D 375 -49.38 1.90 24.63
C ALA D 375 -50.43 1.05 25.33
N VAL D 376 -51.47 0.69 24.59
CA VAL D 376 -52.54 -0.11 25.14
C VAL D 376 -52.26 -1.60 25.22
N ILE D 377 -52.27 -2.12 26.45
CA ILE D 377 -52.07 -3.53 26.74
C ILE D 377 -53.19 -3.75 27.74
N PRO D 378 -54.39 -4.11 27.25
CA PRO D 378 -55.57 -4.32 28.08
C PRO D 378 -55.45 -5.10 29.38
N ASP D 379 -54.96 -6.34 29.30
CA ASP D 379 -54.84 -7.18 30.49
C ASP D 379 -53.64 -6.88 31.39
N ARG D 380 -53.90 -6.89 32.69
CA ARG D 380 -52.89 -6.60 33.70
C ARG D 380 -51.82 -7.66 33.95
N CYS D 381 -51.99 -8.87 33.46
CA CYS D 381 -50.99 -9.90 33.72
C CYS D 381 -49.56 -9.47 33.43
N TYR D 382 -49.33 -8.88 32.26
CA TYR D 382 -47.97 -8.49 31.90
C TYR D 382 -47.74 -7.02 31.61
N ALA D 383 -48.83 -6.25 31.52
CA ALA D 383 -48.73 -4.83 31.25
C ALA D 383 -47.83 -4.10 32.24
N GLY D 384 -47.88 -4.51 33.50
CA GLY D 384 -47.08 -3.86 34.53
C GLY D 384 -45.59 -3.92 34.33
N VAL D 385 -45.11 -5.03 33.78
CA VAL D 385 -43.68 -5.20 33.54
C VAL D 385 -43.16 -4.10 32.63
N TYR D 386 -43.87 -3.87 31.52
CA TYR D 386 -43.47 -2.83 30.58
C TYR D 386 -43.55 -1.43 31.18
N GLN D 387 -44.56 -1.19 32.02
CA GLN D 387 -44.71 0.12 32.65
C GLN D 387 -43.51 0.39 33.56
N VAL D 388 -43.07 -0.62 34.29
CA VAL D 388 -41.93 -0.46 35.18
C VAL D 388 -40.69 -0.03 34.40
N VAL D 389 -40.45 -0.68 33.27
CA VAL D 389 -39.30 -0.37 32.43
C VAL D 389 -39.39 1.07 31.93
N ILE D 390 -40.58 1.48 31.53
CA ILE D 390 -40.80 2.83 31.02
C ILE D 390 -40.52 3.85 32.13
N GLU D 391 -41.04 3.58 33.32
CA GLU D 391 -40.82 4.49 34.45
C GLU D 391 -39.34 4.51 34.80
N ASP D 392 -38.69 3.35 34.65
CA ASP D 392 -37.28 3.23 34.95
C ASP D 392 -36.44 4.13 34.04
N CYS D 393 -36.77 4.14 32.75
CA CYS D 393 -36.04 4.96 31.80
C CYS D 393 -36.32 6.45 31.99
N LYS D 394 -37.53 6.78 32.42
CA LYS D 394 -37.90 8.17 32.65
C LYS D 394 -37.07 8.72 33.82
N GLN D 395 -36.90 7.88 34.84
CA GLN D 395 -36.15 8.27 36.03
C GLN D 395 -34.64 8.15 35.89
N HIS D 396 -34.15 7.14 35.19
CA HIS D 396 -32.71 6.93 35.05
C HIS D 396 -32.11 7.15 33.67
N GLY D 397 -32.95 7.47 32.68
CA GLY D 397 -32.44 7.67 31.34
C GLY D 397 -32.30 6.36 30.60
N ALA D 398 -31.86 6.43 29.35
CA ALA D 398 -31.70 5.23 28.53
C ALA D 398 -30.68 4.27 29.12
N PHE D 399 -30.83 2.99 28.80
CA PHE D 399 -29.90 1.99 29.29
C PHE D 399 -28.56 2.21 28.60
N ASP D 400 -27.47 1.91 29.29
CA ASP D 400 -26.13 2.05 28.75
C ASP D 400 -25.58 0.67 28.39
N PRO D 401 -25.57 0.34 27.10
CA PRO D 401 -25.06 -0.96 26.66
C PRO D 401 -23.59 -1.22 27.03
N THR D 402 -22.84 -0.14 27.29
CA THR D 402 -21.42 -0.29 27.62
C THR D 402 -21.17 -0.80 29.05
N THR D 403 -22.12 -0.58 29.94
CA THR D 403 -21.93 -1.02 31.33
C THR D 403 -23.03 -1.86 31.93
N MET D 404 -24.21 -1.88 31.32
CA MET D 404 -25.33 -2.63 31.86
C MET D 404 -25.10 -4.14 31.96
N GLY D 405 -25.76 -4.75 32.94
CA GLY D 405 -25.65 -6.18 33.13
C GLY D 405 -26.52 -6.93 32.14
N SER D 406 -26.85 -8.17 32.48
CA SER D 406 -27.66 -8.99 31.60
C SER D 406 -28.73 -9.78 32.34
N VAL D 407 -29.87 -9.99 31.68
CA VAL D 407 -30.95 -10.75 32.28
C VAL D 407 -31.40 -11.85 31.31
N PRO D 408 -30.86 -13.07 31.50
CA PRO D 408 -31.19 -14.24 30.68
C PRO D 408 -32.54 -14.76 31.13
N ASN D 409 -33.06 -15.74 30.43
CA ASN D 409 -34.36 -16.30 30.80
C ASN D 409 -34.42 -17.80 30.74
N VAL D 410 -35.13 -18.37 31.71
CA VAL D 410 -35.38 -19.79 31.82
C VAL D 410 -36.91 -19.80 31.77
N GLY D 411 -37.46 -20.24 30.65
CA GLY D 411 -38.91 -20.22 30.49
C GLY D 411 -39.67 -21.52 30.41
N LEU D 412 -40.85 -21.52 31.03
CA LEU D 412 -41.72 -22.67 31.05
C LEU D 412 -42.54 -22.69 29.76
N MET D 413 -42.37 -23.71 28.93
CA MET D 413 -43.15 -23.80 27.71
C MET D 413 -43.44 -25.23 27.24
N ALA D 414 -42.79 -26.21 27.87
CA ALA D 414 -42.99 -27.60 27.48
C ALA D 414 -44.47 -27.99 27.46
N GLN D 415 -44.86 -28.62 26.36
CA GLN D 415 -46.25 -29.07 26.19
C GLN D 415 -47.28 -27.95 26.14
N LYS D 416 -47.05 -26.95 25.30
CA LYS D 416 -47.99 -25.84 25.13
C LYS D 416 -48.46 -25.30 26.48
N ALA D 417 -47.50 -25.02 27.36
CA ALA D 417 -47.81 -24.54 28.69
C ALA D 417 -48.50 -23.19 28.75
N GLU D 418 -49.46 -23.09 29.67
CA GLU D 418 -50.17 -21.83 29.90
C GLU D 418 -50.87 -21.25 28.67
N GLU D 419 -50.80 -19.93 28.48
CA GLU D 419 -51.48 -19.28 27.36
C GLU D 419 -51.25 -19.93 25.99
N TYR D 420 -50.07 -20.47 25.76
CA TYR D 420 -49.75 -21.07 24.47
C TYR D 420 -50.63 -22.26 24.08
N GLY D 421 -51.30 -22.88 25.04
CA GLY D 421 -52.16 -24.00 24.71
C GLY D 421 -53.61 -23.70 25.03
N SER D 422 -53.94 -22.41 25.18
CA SER D 422 -55.29 -21.99 25.54
C SER D 422 -56.28 -21.79 24.40
N HIS D 423 -55.78 -21.76 23.17
CA HIS D 423 -56.61 -21.51 22.01
C HIS D 423 -57.87 -22.35 21.85
N ASP D 424 -57.75 -23.67 21.96
CA ASP D 424 -58.91 -24.54 21.80
C ASP D 424 -59.79 -24.55 23.04
N LYS D 425 -59.46 -23.70 24.01
CA LYS D 425 -60.23 -23.60 25.25
C LYS D 425 -60.64 -22.14 25.47
N THR D 426 -60.65 -21.37 24.40
CA THR D 426 -61.03 -19.96 24.47
C THR D 426 -62.34 -19.78 23.70
N PHE D 427 -63.33 -19.19 24.33
CA PHE D 427 -64.63 -19.01 23.68
C PHE D 427 -65.24 -17.64 23.93
N GLN D 428 -65.83 -17.05 22.89
CA GLN D 428 -66.52 -15.79 23.08
C GLN D 428 -67.91 -16.25 23.51
N ILE D 429 -68.32 -15.84 24.70
CA ILE D 429 -69.58 -16.24 25.30
C ILE D 429 -70.83 -15.82 24.53
N PRO D 430 -71.68 -16.81 24.18
CA PRO D 430 -72.93 -16.67 23.44
C PRO D 430 -74.04 -15.93 24.20
N ALA D 431 -74.12 -16.16 25.51
CA ALA D 431 -75.15 -15.53 26.31
C ALA D 431 -74.76 -15.42 27.78
N ASP D 432 -75.47 -14.57 28.52
CA ASP D 432 -75.18 -14.38 29.93
C ASP D 432 -75.37 -15.70 30.67
N GLY D 433 -74.57 -15.91 31.71
CA GLY D 433 -74.68 -17.14 32.47
C GLY D 433 -73.45 -17.37 33.31
N VAL D 434 -73.08 -18.64 33.45
CA VAL D 434 -71.92 -19.03 34.21
C VAL D 434 -71.26 -20.20 33.50
N VAL D 435 -69.94 -20.15 33.40
CA VAL D 435 -69.20 -21.24 32.76
C VAL D 435 -68.69 -22.13 33.88
N ARG D 436 -68.93 -23.43 33.74
CA ARG D 436 -68.50 -24.38 34.75
C ARG D 436 -67.57 -25.44 34.17
N VAL D 437 -66.52 -25.75 34.92
CA VAL D 437 -65.56 -26.77 34.51
C VAL D 437 -65.70 -27.87 35.55
N THR D 438 -66.13 -29.05 35.10
CA THR D 438 -66.34 -30.19 35.99
C THR D 438 -65.57 -31.41 35.51
N ASP D 439 -65.11 -32.24 36.45
CA ASP D 439 -64.38 -33.44 36.07
C ASP D 439 -65.32 -34.61 35.87
N GLU D 440 -64.78 -35.77 35.49
CA GLU D 440 -65.59 -36.95 35.25
C GLU D 440 -66.53 -37.34 36.38
N SER D 441 -66.12 -37.10 37.62
CA SER D 441 -66.96 -37.45 38.77
C SER D 441 -68.07 -36.42 38.98
N GLY D 442 -68.03 -35.35 38.19
CA GLY D 442 -69.05 -34.32 38.32
C GLY D 442 -68.70 -33.23 39.31
N LYS D 443 -67.47 -33.24 39.82
CA LYS D 443 -67.04 -32.23 40.77
C LYS D 443 -66.77 -30.87 40.09
N LEU D 444 -67.26 -29.80 40.70
CA LEU D 444 -67.07 -28.46 40.15
C LEU D 444 -65.69 -27.94 40.52
N LEU D 445 -64.84 -27.75 39.51
CA LEU D 445 -63.48 -27.27 39.73
C LEU D 445 -63.34 -25.76 39.55
N LEU D 446 -63.94 -25.23 38.49
CA LEU D 446 -63.87 -23.80 38.21
C LEU D 446 -65.25 -23.28 37.82
N GLU D 447 -65.60 -22.11 38.32
CA GLU D 447 -66.90 -21.50 38.01
C GLU D 447 -66.68 -20.01 37.77
N GLN D 448 -67.22 -19.51 36.66
CA GLN D 448 -67.07 -18.11 36.30
C GLN D 448 -68.32 -17.51 35.67
N SER D 449 -68.83 -16.44 36.28
CA SER D 449 -70.00 -15.78 35.74
C SER D 449 -69.53 -15.05 34.50
N VAL D 450 -70.35 -15.06 33.45
CA VAL D 450 -70.00 -14.40 32.20
C VAL D 450 -71.20 -13.69 31.58
N GLU D 451 -70.89 -12.78 30.66
CA GLU D 451 -71.90 -12.03 29.93
C GLU D 451 -71.65 -12.26 28.45
N ALA D 452 -72.70 -12.12 27.64
CA ALA D 452 -72.60 -12.31 26.20
C ALA D 452 -71.50 -11.41 25.65
N GLY D 453 -70.63 -11.95 24.80
CA GLY D 453 -69.58 -11.15 24.22
C GLY D 453 -68.24 -11.29 24.93
N ASP D 454 -68.27 -11.77 26.18
CA ASP D 454 -67.05 -11.94 26.95
C ASP D 454 -66.13 -12.99 26.34
N ILE D 455 -64.85 -12.91 26.66
CA ILE D 455 -63.88 -13.88 26.19
C ILE D 455 -63.47 -14.72 27.41
N TRP D 456 -63.89 -15.97 27.42
CA TRP D 456 -63.55 -16.87 28.52
C TRP D 456 -62.49 -17.83 28.02
N ARG D 457 -61.49 -18.12 28.85
CA ARG D 457 -60.44 -19.02 28.44
C ARG D 457 -59.98 -19.90 29.61
N MET D 458 -59.38 -21.04 29.28
CA MET D 458 -58.83 -21.94 30.28
C MET D 458 -57.42 -22.29 29.84
N CYS D 459 -56.51 -22.33 30.79
CA CYS D 459 -55.11 -22.66 30.53
C CYS D 459 -54.71 -23.91 31.30
N GLN D 460 -53.69 -24.60 30.80
CA GLN D 460 -53.18 -25.81 31.42
C GLN D 460 -51.66 -25.70 31.56
N ALA D 461 -51.13 -26.26 32.65
CA ALA D 461 -49.69 -26.26 32.91
C ALA D 461 -49.43 -27.56 33.66
N LYS D 462 -48.70 -28.47 33.02
CA LYS D 462 -48.41 -29.79 33.58
C LYS D 462 -47.24 -29.85 34.56
N ASP D 463 -47.29 -30.82 35.45
CA ASP D 463 -46.27 -30.96 36.48
C ASP D 463 -44.87 -31.32 36.01
N ALA D 464 -44.73 -32.27 35.09
CA ALA D 464 -43.41 -32.67 34.60
C ALA D 464 -42.69 -31.43 34.02
N PRO D 465 -43.38 -30.65 33.17
CA PRO D 465 -42.74 -29.45 32.60
C PRO D 465 -42.25 -28.51 33.70
N ILE D 466 -43.07 -28.33 34.73
CA ILE D 466 -42.71 -27.45 35.84
C ILE D 466 -41.48 -27.96 36.60
N GLN D 467 -41.41 -29.26 36.86
CA GLN D 467 -40.26 -29.80 37.57
C GLN D 467 -39.00 -29.61 36.74
N ASP D 468 -39.14 -29.82 35.43
CA ASP D 468 -38.00 -29.67 34.52
C ASP D 468 -37.56 -28.22 34.49
N TRP D 469 -38.54 -27.33 34.51
CA TRP D 469 -38.31 -25.89 34.48
C TRP D 469 -37.54 -25.45 35.74
N VAL D 470 -37.89 -26.04 36.88
CA VAL D 470 -37.21 -25.71 38.13
C VAL D 470 -35.77 -26.21 38.04
N LYS D 471 -35.61 -27.45 37.57
CA LYS D 471 -34.29 -28.06 37.42
C LYS D 471 -33.39 -27.19 36.56
N LEU D 472 -33.93 -26.70 35.45
CA LEU D 472 -33.16 -25.86 34.54
C LEU D 472 -32.75 -24.54 35.19
N ALA D 473 -33.64 -23.95 35.98
CA ALA D 473 -33.33 -22.69 36.64
C ALA D 473 -32.18 -22.88 37.64
N VAL D 474 -32.23 -23.97 38.40
CA VAL D 474 -31.17 -24.25 39.36
C VAL D 474 -29.86 -24.53 38.62
N ASN D 475 -29.98 -25.21 37.48
CA ASN D 475 -28.83 -25.54 36.66
C ASN D 475 -28.13 -24.26 36.19
N ARG D 476 -28.92 -23.32 35.67
CA ARG D 476 -28.36 -22.06 35.18
C ARG D 476 -27.78 -21.22 36.31
N ALA D 477 -28.48 -21.20 37.44
CA ALA D 477 -28.05 -20.43 38.60
C ALA D 477 -26.68 -20.90 39.06
N ARG D 478 -26.55 -22.21 39.23
CA ARG D 478 -25.28 -22.80 39.68
C ARG D 478 -24.15 -22.60 38.67
N ALA D 479 -24.43 -22.87 37.40
CA ALA D 479 -23.43 -22.75 36.35
C ALA D 479 -22.85 -21.34 36.21
N THR D 480 -23.68 -20.33 36.46
CA THR D 480 -23.21 -18.96 36.30
C THR D 480 -23.07 -18.24 37.64
N ASN D 481 -23.38 -18.93 38.72
CA ASN D 481 -23.30 -18.33 40.06
C ASN D 481 -23.92 -16.94 40.02
N THR D 482 -25.11 -16.86 39.42
CA THR D 482 -25.86 -15.61 39.29
C THR D 482 -27.20 -15.77 39.98
N PRO D 483 -27.67 -14.73 40.67
CA PRO D 483 -28.97 -14.82 41.37
C PRO D 483 -30.09 -15.14 40.39
N ALA D 484 -31.06 -15.92 40.83
CA ALA D 484 -32.18 -16.28 39.98
C ALA D 484 -33.49 -15.86 40.64
N VAL D 485 -34.36 -15.24 39.85
CA VAL D 485 -35.65 -14.79 40.36
C VAL D 485 -36.83 -15.40 39.59
N PHE D 486 -37.73 -16.07 40.32
CA PHE D 486 -38.93 -16.62 39.70
C PHE D 486 -39.93 -15.47 39.71
N TRP D 487 -40.46 -15.15 38.54
CA TRP D 487 -41.44 -14.06 38.40
C TRP D 487 -42.85 -14.63 38.56
N LEU D 488 -43.37 -14.67 39.78
CA LEU D 488 -44.70 -15.20 40.02
C LEU D 488 -45.50 -14.30 40.96
N ASP D 489 -46.74 -13.99 40.56
CA ASP D 489 -47.62 -13.13 41.33
C ASP D 489 -48.53 -13.91 42.26
N PRO D 490 -48.32 -13.76 43.58
CA PRO D 490 -49.13 -14.47 44.57
C PRO D 490 -50.63 -14.17 44.41
N ALA D 491 -50.93 -13.02 43.82
CA ALA D 491 -52.30 -12.59 43.62
C ALA D 491 -53.02 -13.36 42.51
N ARG D 492 -52.26 -13.92 41.57
CA ARG D 492 -52.87 -14.71 40.51
C ARG D 492 -53.08 -16.13 40.99
N ALA D 493 -54.29 -16.66 40.81
CA ALA D 493 -54.59 -18.02 41.23
C ALA D 493 -53.67 -19.01 40.52
N HIS D 494 -53.34 -18.72 39.27
CA HIS D 494 -52.46 -19.62 38.52
C HIS D 494 -51.05 -19.58 39.10
N ASP D 495 -50.50 -18.37 39.24
CA ASP D 495 -49.15 -18.21 39.78
C ASP D 495 -49.03 -18.80 41.18
N ALA D 496 -50.06 -18.62 42.00
CA ALA D 496 -50.03 -19.15 43.36
C ALA D 496 -49.82 -20.67 43.33
N GLN D 497 -50.52 -21.34 42.42
CA GLN D 497 -50.39 -22.79 42.29
C GLN D 497 -48.98 -23.15 41.85
N VAL D 498 -48.40 -22.35 40.95
CA VAL D 498 -47.06 -22.61 40.47
C VAL D 498 -46.03 -22.35 41.58
N ILE D 499 -46.30 -21.33 42.40
CA ILE D 499 -45.42 -20.98 43.51
C ILE D 499 -45.33 -22.16 44.46
N ALA D 500 -46.48 -22.77 44.74
CA ALA D 500 -46.54 -23.92 45.62
C ALA D 500 -45.63 -25.03 45.10
N LYS D 501 -45.64 -25.26 43.79
CA LYS D 501 -44.81 -26.30 43.20
C LYS D 501 -43.33 -25.93 43.25
N VAL D 502 -43.01 -24.69 42.89
CA VAL D 502 -41.63 -24.23 42.89
C VAL D 502 -40.98 -24.35 44.28
N GLU D 503 -41.70 -23.88 45.30
CA GLU D 503 -41.18 -23.94 46.66
C GLU D 503 -40.86 -25.39 47.04
N ARG D 504 -41.72 -26.31 46.63
CA ARG D 504 -41.52 -27.72 46.94
C ARG D 504 -40.38 -28.37 46.16
N TYR D 505 -40.35 -28.15 44.85
CA TYR D 505 -39.33 -28.75 44.02
C TYR D 505 -37.94 -28.18 44.23
N LEU D 506 -37.85 -26.91 44.65
CA LEU D 506 -36.55 -26.31 44.91
C LEU D 506 -35.86 -27.07 46.04
N LYS D 507 -36.65 -27.79 46.83
CA LYS D 507 -36.11 -28.57 47.94
C LYS D 507 -35.44 -29.85 47.47
N ASP D 508 -35.60 -30.17 46.18
CA ASP D 508 -35.00 -31.38 45.62
C ASP D 508 -33.56 -31.14 45.20
N TYR D 509 -33.07 -29.93 45.39
CA TYR D 509 -31.70 -29.59 45.01
C TYR D 509 -30.95 -28.89 46.11
N ASP D 510 -29.62 -28.97 46.04
CA ASP D 510 -28.76 -28.31 47.00
C ASP D 510 -28.56 -26.89 46.47
N THR D 511 -29.26 -25.93 47.06
CA THR D 511 -29.16 -24.54 46.62
C THR D 511 -28.29 -23.75 47.58
N SER D 512 -27.60 -24.49 48.46
CA SER D 512 -26.72 -23.92 49.48
C SER D 512 -26.12 -22.54 49.18
N GLY D 513 -25.24 -22.47 48.18
CA GLY D 513 -24.61 -21.21 47.86
C GLY D 513 -25.27 -20.40 46.75
N LEU D 514 -26.53 -20.72 46.46
CA LEU D 514 -27.26 -20.01 45.40
C LEU D 514 -28.15 -18.91 45.97
N ASP D 515 -28.52 -17.97 45.11
CA ASP D 515 -29.39 -16.87 45.50
C ASP D 515 -30.66 -16.97 44.65
N ILE D 516 -31.67 -17.65 45.18
CA ILE D 516 -32.92 -17.83 44.47
C ILE D 516 -34.09 -17.25 45.24
N ARG D 517 -34.95 -16.50 44.56
CA ARG D 517 -36.10 -15.90 45.22
C ARG D 517 -37.31 -15.85 44.29
N ILE D 518 -38.47 -15.66 44.89
CA ILE D 518 -39.71 -15.56 44.14
C ILE D 518 -40.28 -14.16 44.34
N LEU D 519 -40.51 -13.44 43.26
CA LEU D 519 -41.06 -12.09 43.33
C LEU D 519 -42.16 -11.92 42.30
N SER D 520 -43.04 -10.95 42.52
CA SER D 520 -44.12 -10.67 41.58
C SER D 520 -43.43 -10.09 40.34
N PRO D 521 -44.08 -10.20 39.17
CA PRO D 521 -43.47 -9.66 37.95
C PRO D 521 -43.01 -8.21 38.09
N VAL D 522 -43.82 -7.36 38.71
CA VAL D 522 -43.45 -5.97 38.90
C VAL D 522 -42.21 -5.84 39.80
N GLU D 523 -42.20 -6.57 40.92
CA GLU D 523 -41.06 -6.52 41.84
C GLU D 523 -39.81 -7.09 41.19
N ALA D 524 -39.98 -8.23 40.51
CA ALA D 524 -38.87 -8.89 39.85
C ALA D 524 -38.25 -7.95 38.81
N THR D 525 -39.11 -7.21 38.12
CA THR D 525 -38.64 -6.27 37.09
C THR D 525 -37.80 -5.14 37.70
N ARG D 526 -38.28 -4.56 38.79
CA ARG D 526 -37.56 -3.47 39.44
C ARG D 526 -36.22 -3.97 39.98
N PHE D 527 -36.26 -5.14 40.61
CA PHE D 527 -35.06 -5.75 41.18
C PHE D 527 -34.04 -6.06 40.07
N SER D 528 -34.52 -6.60 38.96
CA SER D 528 -33.65 -6.93 37.84
C SER D 528 -33.06 -5.69 37.17
N LEU D 529 -33.87 -4.64 37.06
CA LEU D 529 -33.39 -3.41 36.44
C LEU D 529 -32.38 -2.69 37.32
N ALA D 530 -32.61 -2.73 38.63
CA ALA D 530 -31.69 -2.08 39.54
C ALA D 530 -30.32 -2.73 39.37
N ARG D 531 -30.32 -4.07 39.38
CA ARG D 531 -29.09 -4.82 39.22
C ARG D 531 -28.46 -4.61 37.85
N ILE D 532 -29.28 -4.57 36.80
CA ILE D 532 -28.75 -4.41 35.44
C ILE D 532 -28.06 -3.06 35.21
N ARG D 533 -28.58 -1.99 35.81
CA ARG D 533 -27.95 -0.68 35.62
C ARG D 533 -26.63 -0.54 36.36
N GLU D 534 -26.39 -1.40 37.35
CA GLU D 534 -25.12 -1.36 38.08
C GLU D 534 -24.14 -2.39 37.53
N GLY D 535 -24.50 -3.00 36.41
CA GLY D 535 -23.63 -3.98 35.77
C GLY D 535 -23.71 -5.40 36.29
N LYS D 536 -24.78 -5.71 37.02
CA LYS D 536 -24.95 -7.06 37.55
C LYS D 536 -26.00 -7.84 36.77
N ASP D 537 -25.87 -9.17 36.79
CA ASP D 537 -26.81 -10.02 36.08
C ASP D 537 -27.84 -10.63 37.01
N THR D 538 -28.98 -11.00 36.43
CA THR D 538 -30.05 -11.62 37.18
C THR D 538 -30.77 -12.56 36.22
N ILE D 539 -30.90 -13.82 36.59
CA ILE D 539 -31.60 -14.78 35.75
C ILE D 539 -33.09 -14.64 36.02
N SER D 540 -33.89 -14.52 34.97
CA SER D 540 -35.33 -14.42 35.14
C SER D 540 -35.89 -15.80 34.83
N VAL D 541 -36.66 -16.35 35.76
CA VAL D 541 -37.27 -17.65 35.59
C VAL D 541 -38.76 -17.34 35.49
N THR D 542 -39.31 -17.51 34.29
CA THR D 542 -40.71 -17.15 34.07
C THR D 542 -41.58 -18.16 33.33
N GLY D 543 -42.85 -17.81 33.24
CA GLY D 543 -43.81 -18.64 32.54
C GLY D 543 -43.65 -18.42 31.05
N ASN D 544 -44.50 -19.06 30.26
CA ASN D 544 -44.43 -18.99 28.81
C ASN D 544 -44.46 -17.62 28.15
N VAL D 545 -45.45 -16.79 28.52
CA VAL D 545 -45.56 -15.47 27.92
C VAL D 545 -44.41 -14.55 28.33
N LEU D 546 -44.07 -14.52 29.61
CA LEU D 546 -42.97 -13.68 30.05
C LEU D 546 -41.67 -14.11 29.38
N ARG D 547 -41.54 -15.41 29.09
CA ARG D 547 -40.35 -15.93 28.40
C ARG D 547 -40.28 -15.19 27.06
N ASP D 548 -41.40 -15.16 26.36
CA ASP D 548 -41.50 -14.50 25.08
C ASP D 548 -41.17 -13.01 25.20
N TYR D 549 -41.81 -12.34 26.15
CA TYR D 549 -41.58 -10.90 26.32
C TYR D 549 -40.16 -10.52 26.73
N LEU D 550 -39.66 -11.16 27.78
CA LEU D 550 -38.33 -10.86 28.29
C LEU D 550 -37.16 -11.22 27.39
N THR D 551 -37.32 -12.23 26.53
CA THR D 551 -36.21 -12.61 25.65
C THR D 551 -36.11 -11.71 24.44
N ASP D 552 -37.03 -10.76 24.32
CA ASP D 552 -36.96 -9.78 23.25
C ASP D 552 -36.49 -8.49 23.92
N LEU D 553 -37.14 -8.16 25.03
CA LEU D 553 -36.86 -6.95 25.79
C LEU D 553 -35.41 -6.71 26.17
N PHE D 554 -34.83 -7.62 26.96
CA PHE D 554 -33.46 -7.44 27.39
C PHE D 554 -32.43 -7.53 26.27
N PRO D 555 -32.59 -8.47 25.33
CA PRO D 555 -31.60 -8.51 24.26
C PRO D 555 -31.62 -7.22 23.45
N ILE D 556 -32.82 -6.66 23.22
CA ILE D 556 -32.93 -5.41 22.47
C ILE D 556 -32.18 -4.28 23.18
N MET D 557 -32.35 -4.18 24.50
CA MET D 557 -31.69 -3.11 25.26
C MET D 557 -30.17 -3.33 25.32
N GLU D 558 -29.78 -4.58 25.57
CA GLU D 558 -28.38 -4.93 25.68
C GLU D 558 -27.57 -5.03 24.39
N LEU D 559 -28.20 -5.51 23.33
CA LEU D 559 -27.51 -5.72 22.05
C LEU D 559 -28.15 -5.02 20.86
N GLY D 560 -29.28 -4.35 21.09
CA GLY D 560 -29.96 -3.67 20.00
C GLY D 560 -30.60 -4.67 19.04
N THR D 561 -30.59 -5.94 19.42
CA THR D 561 -31.17 -6.97 18.59
C THR D 561 -31.41 -8.24 19.37
N SER D 562 -32.40 -9.00 18.93
CA SER D 562 -32.73 -10.25 19.58
C SER D 562 -32.48 -11.38 18.59
N ALA D 563 -31.73 -11.07 17.54
CA ALA D 563 -31.41 -12.04 16.51
C ALA D 563 -30.00 -12.63 16.62
N LYS D 564 -29.32 -12.34 17.72
CA LYS D 564 -27.97 -12.86 17.91
C LYS D 564 -27.88 -13.55 19.27
N MET D 565 -28.47 -14.74 19.38
CA MET D 565 -28.42 -15.41 20.66
C MET D 565 -28.76 -16.88 20.64
N LEU D 566 -28.63 -17.48 21.82
CA LEU D 566 -28.91 -18.90 22.00
C LEU D 566 -30.34 -19.11 22.46
N SER D 567 -30.99 -20.08 21.84
CA SER D 567 -32.34 -20.45 22.20
C SER D 567 -32.27 -21.97 22.26
N ILE D 568 -31.81 -22.45 23.40
CA ILE D 568 -31.63 -23.87 23.65
C ILE D 568 -32.84 -24.49 24.32
N VAL D 569 -33.29 -25.60 23.77
CA VAL D 569 -34.44 -26.30 24.32
C VAL D 569 -34.05 -27.71 24.72
N PRO D 570 -33.74 -27.91 26.02
CA PRO D 570 -33.37 -29.25 26.50
C PRO D 570 -34.65 -30.08 26.45
N LEU D 571 -34.85 -30.81 25.36
CA LEU D 571 -36.05 -31.63 25.22
C LEU D 571 -36.16 -32.56 26.42
N MET D 572 -37.35 -32.64 26.98
CA MET D 572 -37.58 -33.47 28.14
C MET D 572 -37.33 -34.97 27.93
N SER D 573 -37.30 -35.41 26.68
CA SER D 573 -37.04 -36.82 26.40
C SER D 573 -35.54 -37.09 26.39
N GLY D 574 -34.74 -36.03 26.58
CA GLY D 574 -33.30 -36.19 26.60
C GLY D 574 -32.57 -35.58 25.42
N GLY D 575 -33.30 -35.26 24.36
CA GLY D 575 -32.67 -34.68 23.19
C GLY D 575 -32.46 -33.18 23.27
N GLY D 576 -32.05 -32.59 22.14
CA GLY D 576 -31.82 -31.16 22.12
C GLY D 576 -32.43 -30.52 20.89
N LEU D 577 -33.01 -29.33 21.10
CA LEU D 577 -33.61 -28.55 20.02
C LEU D 577 -32.92 -27.20 20.11
N PHE D 578 -32.37 -26.74 19.00
CA PHE D 578 -31.67 -25.47 18.99
C PHE D 578 -32.25 -24.50 17.97
N GLU D 579 -32.98 -23.50 18.46
CA GLU D 579 -33.61 -22.51 17.60
C GLU D 579 -32.62 -21.40 17.32
N THR D 580 -32.35 -21.17 16.04
CA THR D 580 -31.38 -20.16 15.62
C THR D 580 -31.87 -18.73 15.71
N GLY D 581 -33.19 -18.55 15.81
CA GLY D 581 -33.73 -17.21 15.88
C GLY D 581 -35.15 -17.22 16.40
N ALA D 582 -35.57 -16.11 17.00
CA ALA D 582 -36.90 -16.00 17.56
C ALA D 582 -37.86 -15.16 16.71
N GLY D 583 -37.36 -14.57 15.63
CA GLY D 583 -38.20 -13.75 14.78
C GLY D 583 -38.71 -14.41 13.51
N GLY D 584 -39.06 -13.59 12.52
CA GLY D 584 -39.57 -14.10 11.26
C GLY D 584 -38.51 -14.43 10.23
N SER D 585 -38.94 -14.80 9.03
CA SER D 585 -38.02 -15.17 7.97
C SER D 585 -37.65 -14.04 7.00
N ALA D 586 -37.91 -12.80 7.42
CA ALA D 586 -37.56 -11.60 6.66
C ALA D 586 -37.88 -11.55 5.17
N PRO D 587 -39.14 -11.27 4.81
CA PRO D 587 -39.54 -11.20 3.40
C PRO D 587 -38.74 -10.13 2.66
N LYS D 588 -38.45 -9.02 3.33
CA LYS D 588 -37.71 -7.93 2.72
C LYS D 588 -36.29 -8.30 2.31
N HIS D 589 -35.68 -9.24 3.03
CA HIS D 589 -34.34 -9.67 2.66
C HIS D 589 -34.40 -10.44 1.35
N VAL D 590 -35.48 -11.21 1.17
CA VAL D 590 -35.64 -11.97 -0.06
C VAL D 590 -35.83 -11.03 -1.25
N GLN D 591 -36.63 -9.99 -1.03
CA GLN D 591 -36.90 -9.00 -2.07
C GLN D 591 -35.60 -8.39 -2.59
N GLN D 592 -34.74 -7.94 -1.69
CA GLN D 592 -33.47 -7.35 -2.11
C GLN D 592 -32.65 -8.39 -2.88
N PHE D 593 -32.65 -9.63 -2.41
CA PHE D 593 -31.89 -10.67 -3.08
C PHE D 593 -32.38 -10.88 -4.52
N LEU D 594 -33.70 -10.91 -4.70
CA LEU D 594 -34.26 -11.11 -6.04
C LEU D 594 -34.07 -9.85 -6.89
N GLU D 595 -34.11 -8.68 -6.26
CA GLU D 595 -33.94 -7.44 -7.01
C GLU D 595 -32.50 -7.11 -7.40
N GLU D 596 -31.56 -7.33 -6.49
CA GLU D 596 -30.16 -7.02 -6.79
C GLU D 596 -29.11 -8.05 -6.36
N GLY D 597 -29.54 -9.28 -6.11
CA GLY D 597 -28.62 -10.33 -5.72
C GLY D 597 -27.79 -10.10 -4.47
N TYR D 598 -28.40 -9.49 -3.46
CA TYR D 598 -27.70 -9.23 -2.20
C TYR D 598 -28.60 -9.71 -1.07
N LEU D 599 -28.10 -10.65 -0.26
CA LEU D 599 -28.85 -11.20 0.86
C LEU D 599 -28.23 -10.69 2.17
N ARG D 600 -28.96 -9.85 2.90
CA ARG D 600 -28.44 -9.28 4.13
C ARG D 600 -28.74 -10.08 5.40
N TRP D 601 -29.41 -11.22 5.25
CA TRP D 601 -29.73 -12.06 6.39
C TRP D 601 -28.48 -12.40 7.21
N ASP D 602 -28.56 -12.26 8.52
CA ASP D 602 -27.42 -12.56 9.41
C ASP D 602 -27.56 -14.00 9.89
N SER D 603 -26.61 -14.86 9.52
CA SER D 603 -26.65 -16.27 9.92
C SER D 603 -26.00 -16.56 11.26
N LEU D 604 -25.61 -15.53 12.01
CA LEU D 604 -24.94 -15.74 13.30
C LEU D 604 -25.72 -16.73 14.19
N GLY D 605 -27.03 -16.58 14.24
CA GLY D 605 -27.83 -17.47 15.06
C GLY D 605 -27.67 -18.93 14.64
N GLU D 606 -27.44 -19.15 13.36
CA GLU D 606 -27.24 -20.50 12.86
C GLU D 606 -25.87 -21.00 13.34
N PHE D 607 -24.86 -20.14 13.25
CA PHE D 607 -23.52 -20.53 13.70
C PHE D 607 -23.56 -20.91 15.18
N LEU D 608 -24.23 -20.08 15.97
CA LEU D 608 -24.35 -20.31 17.41
C LEU D 608 -25.06 -21.62 17.76
N ALA D 609 -26.19 -21.88 17.10
CA ALA D 609 -26.95 -23.10 17.35
C ALA D 609 -26.17 -24.34 16.92
N LEU D 610 -25.42 -24.23 15.82
CA LEU D 610 -24.65 -25.36 15.32
C LEU D 610 -23.58 -25.79 16.33
N ALA D 611 -22.92 -24.82 16.95
CA ALA D 611 -21.89 -25.11 17.94
C ALA D 611 -22.51 -25.80 19.15
N ALA D 612 -23.71 -25.36 19.54
CA ALA D 612 -24.40 -25.96 20.67
C ALA D 612 -24.84 -27.38 20.31
N SER D 613 -25.28 -27.54 19.07
CA SER D 613 -25.72 -28.84 18.57
C SER D 613 -24.56 -29.83 18.55
N LEU D 614 -23.43 -29.38 18.05
CA LEU D 614 -22.24 -30.22 17.97
C LEU D 614 -21.75 -30.64 19.34
N GLU D 615 -21.79 -29.72 20.30
CA GLU D 615 -21.36 -30.02 21.66
C GLU D 615 -22.30 -31.04 22.29
N HIS D 616 -23.59 -30.87 22.05
CA HIS D 616 -24.59 -31.78 22.59
C HIS D 616 -24.36 -33.18 22.04
N LEU D 617 -24.08 -33.26 20.74
CA LEU D 617 -23.82 -34.56 20.10
C LEU D 617 -22.53 -35.15 20.64
N GLY D 618 -21.50 -34.33 20.73
CA GLY D 618 -20.21 -34.79 21.24
C GLY D 618 -20.32 -35.40 22.63
N ASN D 619 -21.09 -34.77 23.50
CA ASN D 619 -21.27 -35.27 24.86
C ASN D 619 -22.18 -36.49 24.90
N ALA D 620 -23.27 -36.44 24.13
CA ALA D 620 -24.24 -37.53 24.09
C ALA D 620 -23.64 -38.83 23.56
N TYR D 621 -22.80 -38.72 22.54
CA TYR D 621 -22.20 -39.89 21.92
C TYR D 621 -20.72 -40.11 22.23
N LYS D 622 -20.15 -39.31 23.12
CA LYS D 622 -18.74 -39.44 23.45
C LYS D 622 -17.94 -39.37 22.16
N ASN D 623 -18.23 -38.34 21.36
CA ASN D 623 -17.54 -38.12 20.09
C ASN D 623 -16.58 -36.95 20.27
N PRO D 624 -15.28 -37.24 20.46
CA PRO D 624 -14.24 -36.22 20.65
C PRO D 624 -14.11 -35.25 19.50
N LYS D 625 -14.26 -35.75 18.28
CA LYS D 625 -14.15 -34.90 17.10
C LYS D 625 -15.27 -33.86 17.05
N ALA D 626 -16.45 -34.26 17.49
CA ALA D 626 -17.59 -33.34 17.50
C ALA D 626 -17.34 -32.19 18.46
N LEU D 627 -16.66 -32.48 19.57
CA LEU D 627 -16.34 -31.46 20.55
C LEU D 627 -15.30 -30.49 20.01
N VAL D 628 -14.35 -31.00 19.23
CA VAL D 628 -13.33 -30.14 18.64
C VAL D 628 -13.99 -29.29 17.57
N LEU D 629 -14.90 -29.88 16.80
CA LEU D 629 -15.60 -29.14 15.76
C LEU D 629 -16.36 -27.99 16.43
N ALA D 630 -16.95 -28.28 17.58
CA ALA D 630 -17.70 -27.26 18.32
C ALA D 630 -16.81 -26.15 18.86
N SER D 631 -15.68 -26.52 19.45
CA SER D 631 -14.77 -25.53 20.02
C SER D 631 -14.21 -24.62 18.93
N THR D 632 -13.77 -25.21 17.82
CA THR D 632 -13.22 -24.41 16.74
C THR D 632 -14.27 -23.52 16.10
N LEU D 633 -15.51 -24.02 16.05
CA LEU D 633 -16.61 -23.24 15.48
C LEU D 633 -16.83 -22.01 16.38
N ASP D 634 -16.71 -22.22 17.69
CA ASP D 634 -16.86 -21.13 18.65
C ASP D 634 -15.85 -20.04 18.30
N GLN D 635 -14.61 -20.45 18.06
CA GLN D 635 -13.55 -19.49 17.71
C GLN D 635 -13.83 -18.79 16.40
N ALA D 636 -14.27 -19.55 15.40
CA ALA D 636 -14.58 -18.97 14.10
C ALA D 636 -15.68 -17.91 14.23
N THR D 637 -16.69 -18.22 15.02
CA THR D 637 -17.80 -17.31 15.22
C THR D 637 -17.31 -16.05 15.93
N GLY D 638 -16.40 -16.23 16.87
CA GLY D 638 -15.85 -15.09 17.59
C GLY D 638 -15.12 -14.17 16.63
N LYS D 639 -14.44 -14.75 15.64
CA LYS D 639 -13.73 -13.94 14.66
C LYS D 639 -14.70 -13.26 13.68
N ILE D 640 -15.84 -13.89 13.42
CA ILE D 640 -16.84 -13.29 12.55
C ILE D 640 -17.19 -11.95 13.19
N LEU D 641 -17.37 -11.97 14.52
CA LEU D 641 -17.70 -10.77 15.26
C LEU D 641 -16.52 -9.80 15.34
N ASP D 642 -15.40 -10.29 15.88
CA ASP D 642 -14.21 -9.46 16.04
C ASP D 642 -13.65 -8.85 14.77
N ASN D 643 -13.71 -9.58 13.66
CA ASN D 643 -13.20 -9.06 12.39
C ASN D 643 -14.29 -8.45 11.53
N ASN D 644 -15.47 -8.27 12.12
CA ASN D 644 -16.62 -7.68 11.44
C ASN D 644 -16.89 -8.30 10.07
N LYS D 645 -17.17 -9.61 10.06
CA LYS D 645 -17.42 -10.31 8.81
C LYS D 645 -18.88 -10.71 8.57
N SER D 646 -19.80 -10.00 9.21
CA SER D 646 -21.23 -10.24 9.03
C SER D 646 -21.68 -9.45 7.80
N PRO D 647 -22.86 -9.77 7.25
CA PRO D 647 -23.34 -9.03 6.07
C PRO D 647 -23.17 -7.53 6.27
N ALA D 648 -22.49 -6.88 5.34
CA ALA D 648 -22.24 -5.45 5.42
C ALA D 648 -23.46 -4.58 5.12
N ARG D 649 -24.52 -5.22 4.62
CA ARG D 649 -25.74 -4.50 4.28
C ARG D 649 -25.48 -3.40 3.25
N LYS D 650 -24.92 -3.77 2.10
CA LYS D 650 -24.63 -2.83 1.03
C LYS D 650 -24.01 -3.53 -0.18
N VAL D 651 -24.68 -3.44 -1.33
CA VAL D 651 -24.18 -4.07 -2.55
C VAL D 651 -22.72 -3.70 -2.76
N GLY D 652 -21.89 -4.70 -3.08
CA GLY D 652 -20.48 -4.45 -3.30
C GLY D 652 -19.68 -5.08 -2.17
N GLU D 653 -20.21 -4.94 -0.94
CA GLU D 653 -19.57 -5.50 0.24
C GLU D 653 -20.06 -6.93 0.43
N ILE D 654 -19.49 -7.64 1.41
CA ILE D 654 -19.90 -9.02 1.63
C ILE D 654 -21.34 -9.12 2.09
N ASP D 655 -22.03 -10.15 1.61
CA ASP D 655 -23.41 -10.37 2.01
C ASP D 655 -23.44 -11.69 2.77
N ASN D 656 -24.63 -12.28 2.92
CA ASN D 656 -24.75 -13.53 3.65
C ASN D 656 -23.76 -14.60 3.18
N ARG D 657 -23.58 -14.72 1.87
CA ARG D 657 -22.67 -15.72 1.32
C ARG D 657 -21.22 -15.43 1.70
N GLY D 658 -20.87 -14.14 1.72
CA GLY D 658 -19.52 -13.76 2.09
C GLY D 658 -19.25 -14.14 3.53
N SER D 659 -20.22 -13.88 4.41
CA SER D 659 -20.05 -14.20 5.82
C SER D 659 -19.82 -15.70 6.02
N HIS D 660 -20.46 -16.51 5.18
CA HIS D 660 -20.29 -17.96 5.26
C HIS D 660 -18.88 -18.33 4.84
N PHE D 661 -18.35 -17.62 3.85
CA PHE D 661 -16.99 -17.92 3.42
C PHE D 661 -16.06 -17.66 4.59
N TYR D 662 -16.23 -16.52 5.27
CA TYR D 662 -15.37 -16.21 6.39
C TYR D 662 -15.52 -17.21 7.52
N LEU D 663 -16.74 -17.71 7.73
CA LEU D 663 -16.94 -18.71 8.78
C LEU D 663 -16.10 -19.94 8.44
N ALA D 664 -16.18 -20.38 7.18
CA ALA D 664 -15.43 -21.53 6.72
C ALA D 664 -13.93 -21.27 6.83
N LEU D 665 -13.52 -20.07 6.44
CA LEU D 665 -12.11 -19.69 6.51
C LEU D 665 -11.58 -19.80 7.94
N TYR D 666 -12.24 -19.12 8.86
CA TYR D 666 -11.83 -19.12 10.26
C TYR D 666 -11.99 -20.48 10.93
N TRP D 667 -13.02 -21.22 10.53
CA TRP D 667 -13.27 -22.53 11.12
C TRP D 667 -12.16 -23.49 10.69
N ALA D 668 -11.83 -23.47 9.39
CA ALA D 668 -10.76 -24.32 8.87
C ALA D 668 -9.41 -23.92 9.45
N GLN D 669 -9.18 -22.62 9.61
CA GLN D 669 -7.92 -22.16 10.18
C GLN D 669 -7.80 -22.62 11.63
N ALA D 670 -8.90 -22.54 12.37
CA ALA D 670 -8.91 -22.97 13.77
C ALA D 670 -8.69 -24.48 13.86
N LEU D 671 -9.32 -25.22 12.95
CA LEU D 671 -9.18 -26.67 12.94
C LEU D 671 -7.76 -27.10 12.58
N ALA D 672 -7.11 -26.32 11.73
CA ALA D 672 -5.74 -26.62 11.31
C ALA D 672 -4.74 -26.24 12.39
N ALA D 673 -5.16 -25.37 13.31
CA ALA D 673 -4.26 -24.90 14.36
C ALA D 673 -4.45 -25.53 15.74
N GLN D 674 -5.57 -26.20 15.96
CA GLN D 674 -5.83 -26.81 17.27
C GLN D 674 -4.96 -28.04 17.53
N THR D 675 -4.64 -28.25 18.80
CA THR D 675 -3.79 -29.35 19.20
C THR D 675 -4.49 -30.47 20.00
N GLU D 676 -5.78 -30.69 19.74
CA GLU D 676 -6.49 -31.75 20.45
C GLU D 676 -6.75 -33.00 19.61
N ASP D 677 -6.94 -32.80 18.30
CA ASP D 677 -7.19 -33.93 17.40
C ASP D 677 -6.28 -33.84 16.17
N LYS D 678 -5.30 -34.71 16.10
CA LYS D 678 -4.36 -34.71 14.99
C LYS D 678 -4.98 -34.99 13.63
N GLU D 679 -5.99 -35.86 13.59
CA GLU D 679 -6.63 -36.19 12.33
C GLU D 679 -7.34 -34.99 11.73
N LEU D 680 -8.02 -34.22 12.56
CA LEU D 680 -8.73 -33.04 12.07
C LEU D 680 -7.70 -31.98 11.67
N GLN D 681 -6.62 -31.88 12.43
CA GLN D 681 -5.60 -30.88 12.10
C GLN D 681 -5.03 -31.15 10.72
N ALA D 682 -4.72 -32.42 10.44
CA ALA D 682 -4.15 -32.78 9.15
C ALA D 682 -5.16 -32.57 8.02
N GLN D 683 -6.39 -33.04 8.25
CA GLN D 683 -7.44 -32.91 7.25
C GLN D 683 -7.70 -31.47 6.83
N PHE D 684 -7.78 -30.56 7.81
CA PHE D 684 -8.06 -29.16 7.49
C PHE D 684 -6.87 -28.27 7.18
N THR D 685 -5.66 -28.82 7.23
CA THR D 685 -4.47 -28.03 6.91
C THR D 685 -4.55 -27.58 5.45
N GLY D 686 -4.89 -28.51 4.57
CA GLY D 686 -5.00 -28.19 3.15
C GLY D 686 -6.19 -27.28 2.88
N ILE D 687 -7.29 -27.55 3.57
CA ILE D 687 -8.50 -26.76 3.40
C ILE D 687 -8.22 -25.32 3.83
N ALA D 688 -7.61 -25.15 4.99
CA ALA D 688 -7.30 -23.81 5.49
C ALA D 688 -6.40 -23.07 4.50
N LYS D 689 -5.39 -23.76 3.97
CA LYS D 689 -4.48 -23.12 3.02
C LYS D 689 -5.21 -22.64 1.78
N ALA D 690 -6.03 -23.51 1.20
CA ALA D 690 -6.77 -23.15 0.00
C ALA D 690 -7.66 -21.92 0.25
N LEU D 691 -8.42 -21.97 1.34
CA LEU D 691 -9.31 -20.84 1.66
C LEU D 691 -8.52 -19.56 1.92
N THR D 692 -7.41 -19.70 2.66
CA THR D 692 -6.58 -18.54 2.97
C THR D 692 -5.95 -17.93 1.72
N ASP D 693 -5.32 -18.76 0.88
CA ASP D 693 -4.67 -18.26 -0.32
C ASP D 693 -5.65 -17.69 -1.34
N ASN D 694 -6.89 -18.14 -1.29
CA ASN D 694 -7.91 -17.68 -2.24
C ASN D 694 -8.95 -16.72 -1.65
N GLU D 695 -8.65 -16.13 -0.50
CA GLU D 695 -9.60 -15.21 0.13
C GLU D 695 -10.12 -14.14 -0.84
N THR D 696 -9.21 -13.31 -1.33
CA THR D 696 -9.58 -12.24 -2.24
C THR D 696 -10.32 -12.75 -3.47
N LYS D 697 -9.81 -13.82 -4.06
CA LYS D 697 -10.45 -14.39 -5.24
C LYS D 697 -11.88 -14.84 -4.96
N ILE D 698 -12.08 -15.52 -3.84
CA ILE D 698 -13.40 -16.01 -3.47
C ILE D 698 -14.36 -14.85 -3.16
N VAL D 699 -13.93 -13.91 -2.34
CA VAL D 699 -14.77 -12.75 -2.01
C VAL D 699 -15.14 -12.04 -3.30
N GLY D 700 -14.18 -11.95 -4.22
CA GLY D 700 -14.44 -11.31 -5.49
C GLY D 700 -15.49 -12.06 -6.30
N GLU D 701 -15.38 -13.38 -6.36
CA GLU D 701 -16.36 -14.17 -7.11
C GLU D 701 -17.73 -14.05 -6.48
N LEU D 702 -17.79 -13.98 -5.15
CA LEU D 702 -19.08 -13.85 -4.47
C LEU D 702 -19.67 -12.48 -4.74
N ALA D 703 -18.82 -11.45 -4.76
CA ALA D 703 -19.25 -10.08 -5.00
C ALA D 703 -19.78 -9.90 -6.42
N ALA D 704 -19.18 -10.63 -7.37
CA ALA D 704 -19.59 -10.53 -8.76
C ALA D 704 -21.02 -11.02 -8.96
N ALA D 705 -21.52 -11.78 -7.99
CA ALA D 705 -22.88 -12.31 -8.07
C ALA D 705 -23.91 -11.26 -7.65
N GLN D 706 -23.43 -10.16 -7.08
CA GLN D 706 -24.31 -9.08 -6.64
C GLN D 706 -24.50 -8.03 -7.72
N GLY D 707 -25.50 -7.17 -7.55
CA GLY D 707 -25.74 -6.10 -8.48
C GLY D 707 -26.59 -6.48 -9.68
N LYS D 708 -27.24 -7.63 -9.61
CA LYS D 708 -28.10 -8.10 -10.69
C LYS D 708 -29.32 -8.80 -10.12
N PRO D 709 -30.43 -8.81 -10.89
CA PRO D 709 -31.64 -9.48 -10.41
C PRO D 709 -31.41 -10.98 -10.39
N VAL D 710 -32.10 -11.69 -9.51
CA VAL D 710 -31.97 -13.14 -9.43
C VAL D 710 -33.33 -13.80 -9.62
N ASP D 711 -33.39 -14.77 -10.51
CA ASP D 711 -34.63 -15.49 -10.78
C ASP D 711 -34.51 -16.93 -10.33
N ILE D 712 -35.27 -17.30 -9.30
CA ILE D 712 -35.24 -18.65 -8.78
C ILE D 712 -36.54 -19.39 -9.09
N ALA D 713 -37.31 -18.81 -10.01
CA ALA D 713 -38.57 -19.39 -10.45
C ALA D 713 -39.50 -19.77 -9.31
N GLY D 714 -39.73 -18.83 -8.41
CA GLY D 714 -40.60 -19.11 -7.28
C GLY D 714 -40.28 -18.22 -6.10
N TYR D 715 -40.99 -18.43 -5.00
CA TYR D 715 -40.80 -17.65 -3.79
C TYR D 715 -40.99 -18.56 -2.58
N TYR D 716 -42.16 -19.15 -2.47
CA TYR D 716 -42.43 -20.05 -1.36
C TYR D 716 -41.93 -21.46 -1.66
N HIS D 717 -41.80 -21.77 -2.95
CA HIS D 717 -41.37 -23.10 -3.39
C HIS D 717 -40.56 -22.91 -4.67
N PRO D 718 -39.40 -22.26 -4.57
CA PRO D 718 -38.52 -22.00 -5.72
C PRO D 718 -37.85 -23.25 -6.30
N ASN D 719 -37.27 -23.08 -7.47
CA ASN D 719 -36.56 -24.16 -8.14
C ASN D 719 -35.26 -24.36 -7.35
N THR D 720 -35.12 -25.53 -6.74
CA THR D 720 -33.94 -25.81 -5.93
C THR D 720 -32.60 -25.75 -6.66
N ASP D 721 -32.60 -26.05 -7.95
CA ASP D 721 -31.35 -25.99 -8.70
C ASP D 721 -30.96 -24.54 -8.93
N LEU D 722 -31.92 -23.71 -9.29
CA LEU D 722 -31.66 -22.31 -9.53
C LEU D 722 -31.27 -21.62 -8.24
N THR D 723 -31.93 -21.99 -7.14
CA THR D 723 -31.63 -21.38 -5.86
C THR D 723 -30.21 -21.76 -5.42
N SER D 724 -29.90 -23.04 -5.50
CA SER D 724 -28.57 -23.52 -5.12
C SER D 724 -27.50 -22.79 -5.93
N LYS D 725 -27.70 -22.70 -7.24
CA LYS D 725 -26.76 -22.03 -8.13
C LYS D 725 -26.51 -20.60 -7.70
N ALA D 726 -27.59 -19.88 -7.44
CA ALA D 726 -27.51 -18.48 -7.02
C ALA D 726 -26.81 -18.29 -5.69
N MET D 727 -27.06 -19.20 -4.75
CA MET D 727 -26.46 -19.07 -3.42
C MET D 727 -25.03 -19.62 -3.31
N ARG D 728 -24.55 -20.26 -4.36
CA ARG D 728 -23.20 -20.82 -4.38
C ARG D 728 -22.57 -20.45 -5.73
N PRO D 729 -22.33 -19.15 -5.95
CA PRO D 729 -21.74 -18.66 -7.19
C PRO D 729 -20.21 -18.67 -7.32
N SER D 730 -19.50 -19.07 -6.28
CA SER D 730 -18.04 -19.08 -6.35
C SER D 730 -17.45 -20.45 -6.67
N ALA D 731 -16.97 -20.62 -7.90
CA ALA D 731 -16.40 -21.90 -8.30
C ALA D 731 -15.15 -22.19 -7.48
N THR D 732 -14.41 -21.15 -7.13
CA THR D 732 -13.18 -21.33 -6.35
C THR D 732 -13.48 -21.82 -4.94
N PHE D 733 -14.53 -21.28 -4.33
CA PHE D 733 -14.91 -21.67 -2.98
C PHE D 733 -15.43 -23.10 -3.00
N ASN D 734 -16.28 -23.43 -3.98
CA ASN D 734 -16.81 -24.79 -4.07
C ASN D 734 -15.67 -25.79 -4.23
N ALA D 735 -14.72 -25.47 -5.11
CA ALA D 735 -13.58 -26.36 -5.36
C ALA D 735 -12.69 -26.47 -4.13
N ALA D 736 -12.57 -25.39 -3.36
CA ALA D 736 -11.74 -25.39 -2.17
C ALA D 736 -12.21 -26.41 -1.14
N LEU D 737 -13.51 -26.67 -1.07
CA LEU D 737 -14.03 -27.62 -0.10
C LEU D 737 -14.20 -29.03 -0.66
N ALA D 738 -13.91 -29.18 -1.96
CA ALA D 738 -14.05 -30.48 -2.64
C ALA D 738 -13.37 -31.66 -1.95
N PRO D 739 -12.14 -31.48 -1.44
CA PRO D 739 -11.46 -32.60 -0.78
C PRO D 739 -12.23 -33.14 0.42
N LEU D 740 -13.12 -32.32 0.98
CA LEU D 740 -13.89 -32.73 2.14
C LEU D 740 -15.04 -33.68 1.82
N ALA D 741 -15.53 -33.65 0.58
CA ALA D 741 -16.62 -34.54 0.21
C ALA D 741 -16.18 -36.00 0.37
#